data_8WWU
#
_entry.id   8WWU
#
_cell.length_a   123.685
_cell.length_b   140.567
_cell.length_c   217.028
_cell.angle_alpha   90.00
_cell.angle_beta   90.00
_cell.angle_gamma   90.00
#
_symmetry.space_group_name_H-M   'P 21 21 21'
#
loop_
_entity.id
_entity.type
_entity.pdbx_description
1 polymer 'Glutamine synthetase'
2 non-polymer 'PHOSPHOAMINOPHOSPHONIC ACID-ADENYLATE ESTER'
3 non-polymer 'MANGANESE (II) ION'
4 non-polymer 'MAGNESIUM ION'
5 water water
#
_entity_poly.entity_id   1
_entity_poly.type   'polypeptide(L)'
_entity_poly.pdbx_seq_one_letter_code
;WSHPQFEKENLYFQGMSRKFDFITKNNLWTNEQRDAADKVLAEIDSLGLEMIRLSWADQYGLLRGKSLTVASLKSAFKEG
SEVAIGPFFFDLVSSMVFNLFTTAGDFEDELSGNPTVVMVPDPTTFKVLPWADKTGWMLADLHWKSGEPFPLCPRGIMKK
AVKSLSDEGYLFKCGIELEWYLTKIVDRSLSPESLGAPGVQPDAIQVQPVAQGYSVLLEHHLDQVDDIMSKVRKGLLELN
LPLRSIEDEWAPSQMETTFDVMEGLEAADAALLIKSAIKQICSRHGYHATFMCKPAINGFFASGWHMHQSLVDKDTRKNL
FIPSEGEVLSPLGRAYAGGLLANGSAASSFTTPTVNGYRRRQPYSLAPDRRAWAKDNKAAMVRVVSATGDPASRIENRIG
EPGANPYLYMASQIVSGLDGIKNKKDPGELQESPYDAQVPMLPTTLAEALDALEHDSELFRSCFGDTFIKYWLQLRRSEW
ARFLDAEGAEAAEPTGAVTQWEQKEYFNLL
;
_entity_poly.pdbx_strand_id   A,B,C,D,E,F
#
# COMPACT_ATOMS: atom_id res chain seq x y z
N LYS A 19 40.68 23.86 27.92
CA LYS A 19 39.36 24.23 28.49
C LYS A 19 39.44 24.28 30.01
N PHE A 20 38.66 25.16 30.63
CA PHE A 20 38.64 25.32 32.09
C PHE A 20 38.02 24.07 32.74
N ASP A 21 38.70 23.51 33.73
CA ASP A 21 38.20 22.29 34.41
C ASP A 21 37.43 22.67 35.66
N PHE A 22 36.18 23.14 35.49
CA PHE A 22 35.29 23.47 36.63
C PHE A 22 35.11 22.26 37.57
N ILE A 23 35.02 21.05 37.01
CA ILE A 23 34.72 19.86 37.85
C ILE A 23 35.88 19.57 38.79
N THR A 24 37.09 19.48 38.27
CA THR A 24 38.29 19.20 39.09
C THR A 24 38.52 20.32 40.11
N LYS A 25 38.47 21.58 39.67
CA LYS A 25 38.70 22.75 40.56
C LYS A 25 37.72 22.74 41.73
N ASN A 26 36.48 22.30 41.50
CA ASN A 26 35.46 22.37 42.56
C ASN A 26 35.28 21.00 43.21
N ASN A 27 36.14 20.04 42.88
CA ASN A 27 36.07 18.69 43.47
C ASN A 27 34.66 18.11 43.34
N LEU A 28 34.07 18.16 42.16
CA LEU A 28 32.67 17.71 41.98
C LEU A 28 32.58 16.23 41.57
N TRP A 29 33.70 15.57 41.24
CA TRP A 29 33.65 14.17 40.87
C TRP A 29 34.45 13.31 41.85
N THR A 30 33.84 12.24 42.33
CA THR A 30 34.60 11.21 43.04
C THR A 30 35.47 10.43 42.06
N ASN A 31 36.39 9.63 42.61
CA ASN A 31 37.21 8.76 41.78
C ASN A 31 36.33 7.78 41.01
N GLU A 32 35.28 7.28 41.68
CA GLU A 32 34.30 6.44 41.02
C GLU A 32 33.69 7.13 39.81
N GLN A 33 33.24 8.37 39.99
CA GLN A 33 32.65 9.11 38.88
C GLN A 33 33.65 9.33 37.76
N ARG A 34 34.92 9.60 38.08
CA ARG A 34 35.92 9.82 37.04
C ARG A 34 36.16 8.55 36.22
N ASP A 35 36.31 7.41 36.90
CA ASP A 35 36.43 6.13 36.19
C ASP A 35 35.21 5.90 35.31
N ALA A 36 34.02 6.17 35.85
CA ALA A 36 32.80 5.99 35.07
C ALA A 36 32.81 6.89 33.84
N ALA A 37 33.34 8.12 33.98
CA ALA A 37 33.41 9.01 32.83
C ALA A 37 34.25 8.41 31.71
N ASP A 38 35.40 7.85 32.08
CA ASP A 38 36.22 7.16 31.08
C ASP A 38 35.41 6.06 30.39
N LYS A 39 34.76 5.21 31.19
CA LYS A 39 34.01 4.09 30.61
C LYS A 39 32.86 4.58 29.72
N VAL A 40 32.21 5.67 30.13
CA VAL A 40 31.10 6.24 29.36
C VAL A 40 31.59 6.71 28.00
N LEU A 41 32.71 7.45 27.97
CA LEU A 41 33.24 7.89 26.69
C LEU A 41 33.61 6.69 25.82
N ALA A 42 34.18 5.65 26.43
CA ALA A 42 34.52 4.45 25.65
C ALA A 42 33.28 3.81 25.05
N GLU A 43 32.19 3.73 25.83
CA GLU A 43 30.97 3.15 25.29
C GLU A 43 30.36 4.02 24.19
N ILE A 44 30.41 5.34 24.38
CA ILE A 44 29.92 6.24 23.33
C ILE A 44 30.66 5.98 22.03
N ASP A 45 31.98 5.85 22.11
CA ASP A 45 32.76 5.60 20.90
C ASP A 45 32.46 4.23 20.31
N SER A 46 32.43 3.19 21.15
CA SER A 46 32.21 1.84 20.66
C SER A 46 30.85 1.71 19.99
N LEU A 47 29.82 2.36 20.54
CA LEU A 47 28.47 2.27 19.98
C LEU A 47 28.22 3.26 18.85
N GLY A 48 29.13 4.19 18.59
CA GLY A 48 28.91 5.17 17.55
C GLY A 48 27.76 6.12 17.82
N LEU A 49 27.52 6.45 19.09
CA LEU A 49 26.47 7.40 19.42
C LEU A 49 26.80 8.78 18.87
N GLU A 50 25.74 9.53 18.54
CA GLU A 50 25.87 10.86 17.96
C GLU A 50 25.41 11.97 18.90
N MET A 51 24.46 11.68 19.79
CA MET A 51 23.92 12.64 20.74
C MET A 51 23.95 12.03 22.13
N ILE A 52 24.14 12.88 23.13
CA ILE A 52 24.00 12.50 24.53
C ILE A 52 23.17 13.58 25.20
N ARG A 53 21.99 13.20 25.69
CA ARG A 53 21.16 14.14 26.41
C ARG A 53 21.74 14.39 27.80
N LEU A 54 21.80 15.65 28.19
CA LEU A 54 22.16 16.06 29.54
C LEU A 54 20.91 16.67 30.15
N SER A 55 20.36 16.02 31.18
CA SER A 55 19.08 16.41 31.74
C SER A 55 19.12 16.44 33.27
N TRP A 56 18.13 17.11 33.84
CA TRP A 56 17.92 17.23 35.28
C TRP A 56 16.44 17.48 35.52
N ALA A 57 15.94 17.00 36.66
CA ALA A 57 14.53 17.18 37.01
C ALA A 57 14.30 18.58 37.58
N ASP A 58 13.24 19.24 37.11
CA ASP A 58 12.83 20.51 37.68
C ASP A 58 11.95 20.27 38.91
N GLN A 59 11.31 21.33 39.41
CA GLN A 59 10.57 21.20 40.67
C GLN A 59 9.40 20.23 40.54
N TYR A 60 8.90 20.04 39.31
CA TYR A 60 7.81 19.12 39.03
C TYR A 60 8.26 17.71 38.71
N GLY A 61 9.56 17.44 38.72
CA GLY A 61 10.03 16.14 38.30
C GLY A 61 10.14 15.95 36.80
N LEU A 62 10.00 17.01 36.02
CA LEU A 62 10.07 16.90 34.56
C LEU A 62 11.51 17.15 34.09
N LEU A 63 11.92 16.41 33.08
CA LEU A 63 13.31 16.42 32.62
C LEU A 63 13.57 17.61 31.71
N ARG A 64 14.51 18.46 32.10
CA ARG A 64 14.96 19.58 31.28
C ARG A 64 16.45 19.46 31.01
N GLY A 65 16.90 20.10 29.94
CA GLY A 65 18.31 20.13 29.67
C GLY A 65 18.61 20.41 28.21
N LYS A 66 19.63 19.74 27.69
CA LYS A 66 20.03 19.89 26.30
C LYS A 66 20.38 18.52 25.75
N SER A 67 20.48 18.42 24.43
CA SER A 67 21.12 17.29 23.79
C SER A 67 22.44 17.78 23.22
N LEU A 68 23.54 17.13 23.60
CA LEU A 68 24.88 17.52 23.20
C LEU A 68 25.41 16.51 22.19
N THR A 69 26.35 16.96 21.37
CA THR A 69 27.09 16.03 20.54
C THR A 69 28.21 15.40 21.36
N VAL A 70 28.88 14.41 20.76
CA VAL A 70 29.99 13.75 21.44
C VAL A 70 31.07 14.76 21.82
N ALA A 71 31.45 15.63 20.89
CA ALA A 71 32.50 16.61 21.19
C ALA A 71 32.06 17.53 22.32
N SER A 72 30.82 17.99 22.28
CA SER A 72 30.31 18.89 23.32
C SER A 72 30.24 18.18 24.66
N LEU A 73 29.88 16.89 24.68
CA LEU A 73 29.86 16.17 25.94
C LEU A 73 31.26 16.02 26.51
N LYS A 74 32.24 15.72 25.65
CA LYS A 74 33.62 15.65 26.13
C LYS A 74 34.04 16.96 26.77
N SER A 75 33.65 18.09 26.16
CA SER A 75 33.96 19.38 26.77
C SER A 75 33.22 19.56 28.11
N ALA A 76 31.96 19.12 28.17
CA ALA A 76 31.19 19.24 29.41
C ALA A 76 31.78 18.40 30.53
N PHE A 77 32.52 17.35 30.19
CA PHE A 77 33.19 16.55 31.21
C PHE A 77 34.32 17.30 31.89
N LYS A 78 34.69 18.48 31.41
CA LYS A 78 35.62 19.37 32.10
C LYS A 78 34.93 20.63 32.61
N GLU A 79 34.20 21.33 31.75
CA GLU A 79 33.68 22.65 32.06
C GLU A 79 32.22 22.66 32.50
N GLY A 80 31.54 21.51 32.49
CA GLY A 80 30.10 21.54 32.69
C GLY A 80 29.42 22.15 31.47
N SER A 81 28.11 22.36 31.60
CA SER A 81 27.31 22.93 30.52
C SER A 81 26.37 23.98 31.10
N GLU A 82 26.46 25.20 30.59
CA GLU A 82 25.71 26.32 31.16
C GLU A 82 24.22 26.24 30.80
N VAL A 83 23.37 26.58 31.76
CA VAL A 83 21.92 26.65 31.55
C VAL A 83 21.35 27.76 32.43
N ALA A 84 20.23 28.31 32.01
CA ALA A 84 19.53 29.31 32.79
C ALA A 84 18.58 28.61 33.77
N ILE A 85 18.28 29.29 34.88
CA ILE A 85 17.40 28.71 35.88
C ILE A 85 15.93 28.89 35.56
N GLY A 86 15.61 29.48 34.40
CA GLY A 86 14.25 29.77 33.98
C GLY A 86 13.19 28.78 34.44
N PRO A 87 13.37 27.50 34.09
CA PRO A 87 12.33 26.51 34.44
C PRO A 87 11.94 26.54 35.91
N PHE A 88 12.87 26.84 36.81
CA PHE A 88 12.53 26.87 38.24
C PHE A 88 11.56 27.99 38.56
N PHE A 89 11.58 29.09 37.79
CA PHE A 89 10.73 30.25 38.06
C PHE A 89 9.44 30.24 37.24
N PHE A 90 9.23 29.22 36.40
CA PHE A 90 7.99 29.00 35.66
C PHE A 90 7.15 27.93 36.33
N ASP A 91 5.83 28.03 36.20
CA ASP A 91 4.97 26.89 36.52
C ASP A 91 4.81 26.03 35.26
N LEU A 92 3.90 25.05 35.30
CA LEU A 92 3.79 24.08 34.21
C LEU A 92 3.38 24.70 32.88
N VAL A 93 2.74 25.87 32.90
CA VAL A 93 2.32 26.57 31.69
C VAL A 93 3.14 27.85 31.47
N SER A 94 4.26 27.99 32.19
CA SER A 94 5.16 29.13 32.03
C SER A 94 4.52 30.46 32.47
N SER A 95 3.63 30.43 33.45
CA SER A 95 3.42 31.63 34.24
C SER A 95 4.76 32.05 34.84
N MET A 96 5.04 33.35 34.83
CA MET A 96 6.27 33.83 35.49
C MET A 96 5.95 34.12 36.95
N VAL A 97 6.29 33.19 37.83
CA VAL A 97 5.93 33.31 39.27
C VAL A 97 6.99 34.18 39.96
N PHE A 98 8.21 34.14 39.46
CA PHE A 98 9.31 34.94 40.04
C PHE A 98 9.92 35.80 38.94
N ASN A 99 10.18 37.06 39.24
CA ASN A 99 10.67 38.02 38.24
C ASN A 99 12.05 37.63 37.70
N LEU A 100 12.07 37.14 36.46
CA LEU A 100 13.36 36.75 35.83
C LEU A 100 14.17 37.98 35.44
N PHE A 101 13.53 39.14 35.39
CA PHE A 101 14.23 40.35 34.90
C PHE A 101 14.93 41.11 36.04
N THR A 102 14.48 40.95 37.28
CA THR A 102 15.06 41.77 38.37
C THR A 102 16.33 41.09 38.91
N PHE A 107 20.21 36.38 46.23
CA PHE A 107 19.29 35.53 45.44
C PHE A 107 18.40 34.75 46.39
N GLU A 108 19.01 34.05 47.34
CA GLU A 108 18.24 33.21 48.28
C GLU A 108 17.26 34.11 49.04
N ASP A 109 17.64 35.35 49.31
CA ASP A 109 16.73 36.31 49.98
C ASP A 109 15.58 36.73 49.07
N GLU A 110 15.85 37.15 47.83
CA GLU A 110 14.79 37.73 46.98
C GLU A 110 14.13 36.75 45.99
N LEU A 111 14.76 35.62 45.67
CA LEU A 111 14.24 34.67 44.62
C LEU A 111 13.83 35.39 43.33
N SER A 112 14.80 36.02 42.68
CA SER A 112 14.56 36.83 41.46
C SER A 112 15.75 36.72 40.52
N GLY A 113 15.58 37.13 39.27
CA GLY A 113 16.68 37.11 38.30
C GLY A 113 16.76 35.86 37.44
N ASN A 114 17.70 35.82 36.50
CA ASN A 114 17.92 34.65 35.63
C ASN A 114 19.43 34.34 35.67
N PRO A 115 20.07 33.97 36.81
CA PRO A 115 21.49 33.64 36.77
C PRO A 115 21.75 32.36 35.98
N THR A 116 22.98 32.26 35.48
CA THR A 116 23.43 31.06 34.78
C THR A 116 24.02 30.08 35.79
N VAL A 117 23.59 28.83 35.71
CA VAL A 117 24.17 27.75 36.50
C VAL A 117 24.83 26.75 35.56
N VAL A 118 25.61 25.85 36.15
CA VAL A 118 26.39 24.86 35.42
C VAL A 118 25.80 23.48 35.71
N MET A 119 25.34 22.80 34.66
CA MET A 119 25.03 21.38 34.74
C MET A 119 26.34 20.61 34.72
N VAL A 120 26.66 19.91 35.80
CA VAL A 120 27.84 19.05 35.84
C VAL A 120 27.35 17.61 35.68
N PRO A 121 27.70 16.95 34.59
CA PRO A 121 27.17 15.60 34.32
C PRO A 121 27.55 14.62 35.43
N ASP A 122 26.64 13.69 35.71
CA ASP A 122 26.90 12.60 36.64
C ASP A 122 27.12 11.34 35.81
N PRO A 123 28.37 10.93 35.56
CA PRO A 123 28.61 9.84 34.61
C PRO A 123 28.09 8.50 35.08
N THR A 124 27.86 8.31 36.38
CA THR A 124 27.32 7.06 36.87
C THR A 124 25.87 6.85 36.44
N THR A 125 25.22 7.87 35.88
CA THR A 125 23.83 7.77 35.47
C THR A 125 23.64 7.47 33.99
N PHE A 126 24.72 7.28 33.25
CA PHE A 126 24.64 7.20 31.78
C PHE A 126 23.77 6.03 31.33
N LYS A 127 22.94 6.28 30.31
CA LYS A 127 22.14 5.24 29.68
C LYS A 127 22.11 5.46 28.18
N VAL A 128 21.98 4.36 27.43
CA VAL A 128 21.66 4.43 26.01
C VAL A 128 20.15 4.30 25.87
N LEU A 129 19.53 5.27 25.21
CA LEU A 129 18.07 5.28 25.06
C LEU A 129 17.64 4.41 23.88
N PRO A 130 16.99 3.27 24.14
CA PRO A 130 16.72 2.31 23.05
C PRO A 130 15.77 2.82 21.98
N TRP A 131 14.86 3.73 22.32
CA TRP A 131 13.83 4.17 21.38
C TRP A 131 14.31 5.32 20.49
N ALA A 132 15.52 5.82 20.69
CA ALA A 132 16.00 6.97 19.95
C ALA A 132 17.16 6.57 19.05
N ASP A 133 17.46 7.42 18.08
CA ASP A 133 18.53 7.16 17.12
C ASP A 133 19.87 7.57 17.72
N LYS A 134 20.72 6.58 17.99
CA LYS A 134 22.12 6.78 18.38
C LYS A 134 22.24 7.85 19.46
N THR A 135 21.47 7.69 20.54
CA THR A 135 21.36 8.71 21.59
C THR A 135 21.61 8.11 22.96
N GLY A 136 22.54 8.72 23.71
CA GLY A 136 22.74 8.44 25.11
C GLY A 136 22.03 9.45 25.99
N TRP A 137 22.17 9.27 27.31
CA TRP A 137 21.39 10.04 28.26
C TRP A 137 22.11 10.06 29.60
N MET A 138 22.07 11.21 30.27
CA MET A 138 22.79 11.38 31.53
C MET A 138 22.11 12.47 32.34
N LEU A 139 22.12 12.32 33.65
CA LEU A 139 21.65 13.35 34.56
C LEU A 139 22.79 14.29 34.91
N ALA A 140 22.43 15.52 35.28
CA ALA A 140 23.41 16.53 35.70
C ALA A 140 22.97 17.17 37.01
N ASP A 141 23.95 17.56 37.81
CA ASP A 141 23.69 18.33 39.02
C ASP A 141 23.94 19.82 38.74
N LEU A 142 23.07 20.68 39.27
CA LEU A 142 23.15 22.11 39.01
C LEU A 142 24.00 22.78 40.08
N HIS A 143 24.98 23.56 39.63
CA HIS A 143 25.86 24.28 40.56
C HIS A 143 26.04 25.73 40.13
N TRP A 144 26.14 26.63 41.09
CA TRP A 144 26.51 28.03 40.77
C TRP A 144 27.90 27.99 40.14
N LYS A 145 28.29 29.05 39.44
CA LYS A 145 29.64 29.14 38.85
C LYS A 145 30.68 29.29 39.99
N SER A 146 30.22 29.57 41.20
CA SER A 146 31.09 29.63 42.39
C SER A 146 31.45 28.20 42.82
N GLY A 147 30.69 27.20 42.37
CA GLY A 147 30.99 25.80 42.69
C GLY A 147 30.01 25.21 43.69
N GLU A 148 29.19 26.05 44.28
CA GLU A 148 28.21 25.59 45.28
C GLU A 148 26.97 25.01 44.60
N PRO A 149 26.33 23.99 45.18
CA PRO A 149 25.10 23.44 44.64
C PRO A 149 23.96 24.45 44.56
N PHE A 150 23.22 24.42 43.47
CA PHE A 150 22.04 25.28 43.33
C PHE A 150 21.00 24.83 44.36
N PRO A 151 20.55 25.72 45.25
CA PRO A 151 19.66 25.33 46.34
C PRO A 151 18.29 24.75 45.94
N LEU A 152 17.81 25.05 44.74
CA LEU A 152 16.48 24.58 44.36
C LEU A 152 16.51 23.22 43.66
N CYS A 153 17.68 22.62 43.48
CA CYS A 153 17.79 21.43 42.66
C CYS A 153 17.23 20.25 43.45
N PRO A 154 16.14 19.60 42.99
CA PRO A 154 15.53 18.54 43.81
C PRO A 154 16.43 17.33 44.01
N ARG A 155 17.22 16.97 43.00
CA ARG A 155 18.17 15.88 43.19
C ARG A 155 19.16 16.20 44.30
N GLY A 156 19.58 17.46 44.41
CA GLY A 156 20.45 17.83 45.53
C GLY A 156 19.77 17.66 46.87
N ILE A 157 18.46 17.88 46.94
CA ILE A 157 17.73 17.66 48.19
C ILE A 157 17.70 16.19 48.54
N MET A 158 17.57 15.32 47.55
CA MET A 158 17.64 13.84 47.79
C MET A 158 19.03 13.49 48.30
N LYS A 159 20.07 14.08 47.70
CA LYS A 159 21.46 13.82 48.13
C LYS A 159 21.64 14.19 49.61
N LYS A 160 21.10 15.32 50.01
CA LYS A 160 21.21 15.75 51.43
C LYS A 160 20.51 14.72 52.33
N ALA A 161 19.33 14.27 51.94
CA ALA A 161 18.57 13.26 52.71
C ALA A 161 19.38 11.98 52.82
N VAL A 162 19.95 11.54 51.70
CA VAL A 162 20.76 10.29 51.69
C VAL A 162 21.96 10.42 52.63
N LYS A 163 22.61 11.58 52.64
CA LYS A 163 23.80 11.79 53.51
C LYS A 163 23.36 11.81 54.97
N SER A 164 22.30 12.55 55.27
CA SER A 164 21.76 12.58 56.65
C SER A 164 21.52 11.14 57.12
N LEU A 165 20.97 10.31 56.24
CA LEU A 165 20.65 8.91 56.63
C LEU A 165 21.95 8.11 56.74
N SER A 166 22.88 8.29 55.80
CA SER A 166 24.20 7.63 55.90
C SER A 166 24.81 8.02 57.25
N ASP A 167 24.91 9.30 57.55
CA ASP A 167 25.51 9.77 58.83
C ASP A 167 24.96 9.01 60.05
N GLU A 168 23.72 8.52 59.99
CA GLU A 168 23.10 7.78 61.12
C GLU A 168 23.32 6.27 61.02
N GLY A 169 23.96 5.80 59.96
CA GLY A 169 24.21 4.37 59.82
C GLY A 169 23.26 3.62 58.89
N TYR A 170 22.53 4.31 57.98
CA TYR A 170 21.47 3.60 57.30
C TYR A 170 21.47 3.89 55.80
N LEU A 171 20.97 2.91 55.05
CA LEU A 171 20.69 3.07 53.63
C LEU A 171 19.18 2.93 53.41
N PHE A 172 18.66 3.75 52.51
CA PHE A 172 17.25 3.79 52.18
C PHE A 172 17.00 2.81 51.03
N LYS A 173 16.18 1.79 51.28
CA LYS A 173 15.80 0.78 50.30
C LYS A 173 14.36 1.03 49.91
N CYS A 174 14.10 1.09 48.60
CA CYS A 174 12.81 1.54 48.09
C CYS A 174 12.29 0.66 46.96
N GLY A 175 11.06 0.23 47.11
CA GLY A 175 10.34 -0.51 46.08
C GLY A 175 9.35 0.41 45.39
N ILE A 176 9.56 0.56 44.08
CA ILE A 176 8.79 1.47 43.23
C ILE A 176 7.59 0.73 42.65
N GLU A 177 6.39 1.21 42.95
CA GLU A 177 5.15 0.64 42.48
C GLU A 177 4.34 1.77 41.86
N LEU A 178 4.28 1.82 40.52
CA LEU A 178 3.67 2.94 39.81
C LEU A 178 2.42 2.49 39.07
N GLU A 179 1.32 3.20 39.28
CA GLU A 179 0.13 3.06 38.45
C GLU A 179 0.08 4.21 37.46
N TRP A 180 -0.45 3.95 36.26
CA TRP A 180 -0.49 4.97 35.22
C TRP A 180 -1.53 4.59 34.18
N TYR A 181 -1.84 5.52 33.29
CA TYR A 181 -2.81 5.24 32.23
C TYR A 181 -2.14 5.15 30.88
N LEU A 182 -2.57 4.16 30.10
CA LEU A 182 -2.10 3.93 28.74
C LEU A 182 -3.27 4.19 27.79
N THR A 183 -3.11 5.19 26.91
CA THR A 183 -4.17 5.59 26.00
C THR A 183 -3.59 5.71 24.60
N LYS A 184 -4.45 5.67 23.59
CA LYS A 184 -4.02 5.82 22.21
C LYS A 184 -4.33 7.24 21.73
N ILE A 185 -3.37 7.84 21.03
CA ILE A 185 -3.51 9.23 20.62
C ILE A 185 -4.51 9.35 19.47
N VAL A 186 -5.48 10.25 19.62
CA VAL A 186 -6.39 10.65 18.57
C VAL A 186 -5.96 11.95 17.90
N ASP A 187 -5.51 12.92 18.71
CA ASP A 187 -5.11 14.22 18.19
C ASP A 187 -4.09 14.84 19.15
N ARG A 188 -2.93 15.21 18.62
CA ARG A 188 -1.87 15.75 19.45
C ARG A 188 -2.07 17.22 19.79
N SER A 189 -3.16 17.85 19.32
CA SER A 189 -3.49 19.23 19.68
C SER A 189 -2.36 20.19 19.31
N LEU A 190 -1.95 20.14 18.05
CA LEU A 190 -0.83 20.93 17.56
C LEU A 190 -1.27 22.16 16.76
N SER A 191 -2.57 22.37 16.58
CA SER A 191 -3.00 23.54 15.84
C SER A 191 -2.64 24.81 16.59
N PRO A 192 -2.26 25.89 15.89
CA PRO A 192 -1.85 27.12 16.60
C PRO A 192 -2.86 27.59 17.62
N GLU A 193 -4.15 27.43 17.34
CA GLU A 193 -5.18 27.85 18.29
C GLU A 193 -5.20 27.01 19.55
N SER A 194 -4.50 25.87 19.58
CA SER A 194 -4.47 24.99 20.74
C SER A 194 -3.23 25.19 21.61
N LEU A 195 -2.32 26.09 21.22
CA LEU A 195 -1.01 26.15 21.84
C LEU A 195 -0.98 26.95 23.14
N GLY A 196 -2.07 27.61 23.50
CA GLY A 196 -2.03 28.40 24.72
C GLY A 196 -1.08 29.58 24.59
N ALA A 197 -0.46 29.94 25.71
CA ALA A 197 0.46 31.07 25.80
C ALA A 197 1.12 31.03 27.17
N PRO A 198 2.16 31.83 27.43
CA PRO A 198 2.70 31.89 28.80
C PRO A 198 1.57 32.13 29.79
N GLY A 199 1.43 31.24 30.78
CA GLY A 199 0.36 31.36 31.75
C GLY A 199 -0.99 30.89 31.28
N VAL A 200 -1.09 30.31 30.08
CA VAL A 200 -2.36 29.88 29.52
C VAL A 200 -2.20 28.42 29.08
N GLN A 201 -2.99 27.54 29.67
CA GLN A 201 -2.85 26.12 29.38
C GLN A 201 -3.13 25.82 27.91
N PRO A 202 -2.30 25.04 27.24
CA PRO A 202 -2.67 24.56 25.90
C PRO A 202 -3.66 23.41 26.01
N ASP A 203 -4.23 23.05 24.87
CA ASP A 203 -5.22 21.98 24.83
C ASP A 203 -4.60 20.67 25.27
N ALA A 204 -5.37 19.89 26.03
CA ALA A 204 -4.96 18.51 26.31
C ALA A 204 -4.92 17.72 25.00
N ILE A 205 -3.98 16.77 24.93
CA ILE A 205 -4.00 15.77 23.88
C ILE A 205 -5.32 14.99 23.94
N GLN A 206 -5.89 14.69 22.79
CA GLN A 206 -7.10 13.86 22.71
C GLN A 206 -6.71 12.40 22.57
N VAL A 207 -7.35 11.53 23.35
CA VAL A 207 -6.96 10.13 23.39
C VAL A 207 -8.18 9.24 23.45
N GLN A 208 -7.94 7.95 23.28
CA GLN A 208 -8.91 6.86 23.34
C GLN A 208 -8.41 5.77 24.27
N PRO A 209 -9.28 5.21 25.12
CA PRO A 209 -8.85 4.04 25.91
C PRO A 209 -8.39 2.90 25.01
N VAL A 210 -7.53 2.06 25.57
CA VAL A 210 -6.97 0.92 24.85
C VAL A 210 -7.63 -0.40 25.25
N ALA A 211 -8.45 -0.40 26.29
CA ALA A 211 -9.09 -1.62 26.77
C ALA A 211 -10.22 -1.22 27.71
N GLN A 212 -11.23 -2.10 27.81
CA GLN A 212 -12.23 -1.96 28.85
C GLN A 212 -11.60 -2.35 30.19
N GLY A 213 -12.35 -2.17 31.26
CA GLY A 213 -11.81 -2.37 32.60
C GLY A 213 -12.81 -2.93 33.58
N TYR A 214 -12.65 -2.54 34.85
CA TYR A 214 -13.44 -3.08 35.96
C TYR A 214 -13.45 -4.61 35.91
N SER A 215 -12.30 -5.16 35.50
CA SER A 215 -12.06 -6.61 35.52
C SER A 215 -10.59 -6.75 35.92
N VAL A 216 -10.34 -6.68 37.24
CA VAL A 216 -9.00 -6.41 37.73
C VAL A 216 -8.09 -7.61 37.49
N LEU A 217 -6.82 -7.31 37.18
CA LEU A 217 -5.78 -8.31 37.00
C LEU A 217 -6.11 -9.32 35.90
N LEU A 218 -6.91 -8.94 34.91
CA LEU A 218 -7.34 -9.87 33.87
C LEU A 218 -6.20 -10.12 32.87
N GLU A 219 -5.78 -11.38 32.74
CA GLU A 219 -4.68 -11.69 31.82
C GLU A 219 -5.00 -11.26 30.39
N HIS A 220 -6.24 -11.44 29.94
CA HIS A 220 -6.57 -11.07 28.57
C HIS A 220 -6.37 -9.58 28.34
N HIS A 221 -6.57 -8.76 29.36
CA HIS A 221 -6.24 -7.34 29.23
C HIS A 221 -4.74 -7.16 28.98
N LEU A 222 -3.90 -7.89 29.71
CA LEU A 222 -2.47 -7.82 29.47
C LEU A 222 -2.14 -8.16 28.03
N ASP A 223 -2.74 -9.23 27.50
CA ASP A 223 -2.45 -9.60 26.12
C ASP A 223 -2.95 -8.56 25.13
N GLN A 224 -4.14 -8.01 25.37
CA GLN A 224 -4.72 -7.07 24.42
C GLN A 224 -3.86 -5.82 24.23
N VAL A 225 -3.13 -5.40 25.26
CA VAL A 225 -2.32 -4.19 25.18
C VAL A 225 -0.84 -4.49 24.94
N ASP A 226 -0.48 -5.77 24.74
CA ASP A 226 0.94 -6.06 24.74
C ASP A 226 1.65 -5.70 23.44
N ASP A 227 0.94 -5.34 22.38
CA ASP A 227 1.66 -4.88 21.19
C ASP A 227 2.49 -3.64 21.52
N ILE A 228 1.94 -2.72 22.32
CA ILE A 228 2.73 -1.56 22.77
C ILE A 228 3.39 -1.83 24.11
N MET A 229 2.71 -2.53 25.03
CA MET A 229 3.30 -2.77 26.34
C MET A 229 4.58 -3.59 26.23
N SER A 230 4.68 -4.49 25.25
CA SER A 230 5.93 -5.22 25.04
C SER A 230 7.07 -4.27 24.70
N LYS A 231 6.78 -3.19 23.97
CA LYS A 231 7.82 -2.21 23.66
C LYS A 231 8.21 -1.44 24.91
N VAL A 232 7.22 -1.08 25.72
CA VAL A 232 7.54 -0.46 27.02
C VAL A 232 8.42 -1.39 27.85
N ARG A 233 8.03 -2.66 27.93
CA ARG A 233 8.76 -3.66 28.69
C ARG A 233 10.20 -3.78 28.21
N LYS A 234 10.38 -3.92 26.90
CA LYS A 234 11.73 -4.05 26.35
C LYS A 234 12.56 -2.81 26.62
N GLY A 235 11.96 -1.62 26.49
CA GLY A 235 12.70 -0.41 26.77
C GLY A 235 13.17 -0.34 28.21
N LEU A 236 12.30 -0.72 29.14
CA LEU A 236 12.70 -0.71 30.56
C LEU A 236 13.79 -1.74 30.83
N LEU A 237 13.65 -2.95 30.29
CA LEU A 237 14.67 -3.97 30.52
C LEU A 237 16.01 -3.57 29.91
N GLU A 238 15.99 -2.99 28.71
CA GLU A 238 17.23 -2.60 28.05
C GLU A 238 17.90 -1.42 28.74
N LEU A 239 17.15 -0.62 29.49
CA LEU A 239 17.72 0.40 30.36
C LEU A 239 18.28 -0.19 31.64
N ASN A 240 18.28 -1.51 31.79
CA ASN A 240 18.76 -2.19 33.00
C ASN A 240 17.97 -1.74 34.23
N LEU A 241 16.70 -1.43 34.04
CA LEU A 241 15.89 -1.15 35.22
C LEU A 241 15.28 -2.45 35.75
N PRO A 242 15.21 -2.61 37.08
CA PRO A 242 14.77 -3.91 37.65
C PRO A 242 13.26 -4.09 37.59
N LEU A 243 12.71 -4.10 36.38
CA LEU A 243 11.28 -4.35 36.20
C LEU A 243 10.91 -5.66 36.88
N ARG A 244 9.82 -5.63 37.65
CA ARG A 244 9.36 -6.76 38.43
C ARG A 244 8.04 -7.31 37.93
N SER A 245 7.05 -6.46 37.68
CA SER A 245 5.76 -6.93 37.23
C SER A 245 5.10 -5.87 36.35
N ILE A 246 4.27 -6.34 35.43
CA ILE A 246 3.30 -5.53 34.70
C ILE A 246 1.93 -6.13 35.01
N GLU A 247 0.99 -5.27 35.41
CA GLU A 247 -0.28 -5.74 35.93
C GLU A 247 -1.42 -4.90 35.38
N ASP A 248 -2.59 -5.52 35.28
CA ASP A 248 -3.81 -4.86 34.84
C ASP A 248 -4.53 -4.30 36.06
N GLU A 249 -4.56 -2.97 36.18
CA GLU A 249 -5.23 -2.36 37.31
C GLU A 249 -6.73 -2.28 37.04
N TRP A 250 -7.47 -1.77 38.03
CA TRP A 250 -8.92 -1.95 38.06
C TRP A 250 -9.61 -1.20 36.92
N ALA A 251 -9.27 0.08 36.72
CA ALA A 251 -10.02 0.91 35.80
C ALA A 251 -9.63 0.61 34.35
N PRO A 252 -10.48 0.95 33.39
CA PRO A 252 -10.13 0.75 31.98
C PRO A 252 -8.83 1.45 31.62
N SER A 253 -7.94 0.71 30.97
CA SER A 253 -6.66 1.21 30.47
C SER A 253 -5.72 1.63 31.59
N GLN A 254 -6.03 1.30 32.84
CA GLN A 254 -5.15 1.58 33.96
C GLN A 254 -4.15 0.44 34.13
N MET A 255 -2.86 0.77 34.14
CA MET A 255 -1.77 -0.17 34.24
C MET A 255 -1.02 0.03 35.55
N GLU A 256 -0.29 -1.01 35.94
CA GLU A 256 0.63 -0.92 37.06
C GLU A 256 1.92 -1.63 36.70
N THR A 257 3.04 -0.99 37.05
CA THR A 257 4.37 -1.55 36.87
C THR A 257 5.12 -1.43 38.19
N THR A 258 5.67 -2.54 38.65
CA THR A 258 6.44 -2.54 39.87
C THR A 258 7.88 -2.92 39.56
N PHE A 259 8.77 -2.58 40.50
CA PHE A 259 10.19 -2.79 40.31
C PHE A 259 10.79 -3.37 41.56
N ASP A 260 11.86 -4.14 41.41
CA ASP A 260 12.57 -4.67 42.56
C ASP A 260 13.24 -3.54 43.34
N VAL A 261 13.64 -3.86 44.58
CA VAL A 261 14.14 -2.85 45.49
C VAL A 261 15.38 -2.19 44.91
N MET A 262 15.44 -0.86 45.04
CA MET A 262 16.63 -0.07 44.71
C MET A 262 16.99 0.81 45.90
N GLU A 263 18.15 1.47 45.80
CA GLU A 263 18.71 2.22 46.96
C GLU A 263 18.91 3.72 46.73
N GLY A 264 18.50 4.54 47.69
CA GLY A 264 18.73 5.99 47.69
C GLY A 264 18.61 6.73 46.38
N LEU A 265 19.65 7.50 46.04
CA LEU A 265 19.62 8.37 44.83
C LEU A 265 19.36 7.53 43.58
N GLU A 266 19.95 6.35 43.51
CA GLU A 266 19.74 5.43 42.36
C GLU A 266 18.24 5.16 42.18
N ALA A 267 17.52 4.86 43.26
CA ALA A 267 16.07 4.60 43.19
C ALA A 267 15.34 5.82 42.65
N ALA A 268 15.70 7.00 43.14
CA ALA A 268 15.06 8.26 42.70
C ALA A 268 15.37 8.49 41.22
N ASP A 269 16.64 8.34 40.83
CA ASP A 269 17.05 8.50 39.42
C ASP A 269 16.28 7.46 38.58
N ALA A 270 16.14 6.26 39.11
CA ALA A 270 15.46 5.19 38.38
C ALA A 270 13.99 5.51 38.18
N ALA A 271 13.30 5.92 39.25
CA ALA A 271 11.89 6.30 39.10
C ALA A 271 11.73 7.42 38.08
N LEU A 272 12.63 8.41 38.11
CA LEU A 272 12.58 9.50 37.14
C LEU A 272 12.70 8.96 35.71
N LEU A 273 13.72 8.12 35.47
CA LEU A 273 13.94 7.58 34.14
C LEU A 273 12.80 6.66 33.72
N ILE A 274 12.24 5.91 34.67
CA ILE A 274 11.15 4.99 34.37
C ILE A 274 9.96 5.75 33.80
N LYS A 275 9.57 6.83 34.48
CA LYS A 275 8.44 7.60 33.98
C LYS A 275 8.75 8.22 32.62
N SER A 276 9.99 8.73 32.46
CA SER A 276 10.36 9.35 31.20
C SER A 276 10.32 8.33 30.06
N ALA A 277 10.86 7.13 30.29
CA ALA A 277 10.92 6.11 29.27
C ALA A 277 9.54 5.62 28.87
N ILE A 278 8.66 5.41 29.86
CA ILE A 278 7.31 4.96 29.52
C ILE A 278 6.63 5.99 28.62
N LYS A 279 6.73 7.27 28.99
CA LYS A 279 6.05 8.29 28.19
C LYS A 279 6.65 8.39 26.79
N GLN A 280 7.99 8.38 26.69
CA GLN A 280 8.62 8.56 25.38
C GLN A 280 8.35 7.38 24.45
N ILE A 281 8.47 6.15 24.95
CA ILE A 281 8.18 4.98 24.11
C ILE A 281 6.74 5.04 23.61
N CYS A 282 5.80 5.33 24.52
CA CYS A 282 4.40 5.36 24.15
C CYS A 282 4.14 6.39 23.05
N SER A 283 4.71 7.58 23.21
CA SER A 283 4.56 8.62 22.20
C SER A 283 5.20 8.21 20.87
N ARG A 284 6.34 7.54 20.93
CA ARG A 284 6.97 7.09 19.70
C ARG A 284 6.03 6.20 18.90
N HIS A 285 5.14 5.48 19.56
CA HIS A 285 4.26 4.60 18.81
C HIS A 285 2.82 5.10 18.74
N GLY A 286 2.58 6.40 18.92
CA GLY A 286 1.24 6.92 18.80
C GLY A 286 0.38 6.67 20.02
N TYR A 287 0.98 6.39 21.17
CA TYR A 287 0.25 6.25 22.42
C TYR A 287 0.65 7.36 23.37
N HIS A 288 -0.19 7.60 24.37
CA HIS A 288 0.05 8.57 25.42
C HIS A 288 -0.06 7.87 26.77
N ALA A 289 1.04 7.83 27.50
CA ALA A 289 1.06 7.40 28.88
C ALA A 289 0.95 8.62 29.77
N THR A 290 0.18 8.52 30.85
CA THR A 290 0.13 9.63 31.79
C THR A 290 0.17 9.16 33.23
N PHE A 291 0.95 9.88 34.02
CA PHE A 291 1.02 9.72 35.46
C PHE A 291 0.19 10.77 36.19
N MET A 292 -0.62 11.52 35.46
CA MET A 292 -1.65 12.33 36.09
C MET A 292 -2.53 11.42 36.94
N CYS A 293 -2.80 11.85 38.17
CA CYS A 293 -3.41 10.95 39.15
C CYS A 293 -4.77 10.45 38.66
N LYS A 294 -5.64 11.36 38.22
CA LYS A 294 -6.99 11.02 37.79
C LYS A 294 -7.40 11.88 36.61
N PRO A 295 -7.15 11.39 35.38
CA PRO A 295 -7.52 12.18 34.20
C PRO A 295 -9.02 12.41 34.12
N ALA A 296 -9.40 13.49 33.43
CA ALA A 296 -10.81 13.82 33.19
C ALA A 296 -11.32 13.04 31.96
N ILE A 297 -11.37 11.72 32.12
CA ILE A 297 -11.88 10.81 31.10
C ILE A 297 -12.85 9.87 31.77
N ASN A 298 -14.05 9.73 31.21
CA ASN A 298 -15.09 8.94 31.85
C ASN A 298 -14.57 7.56 32.21
N GLY A 299 -14.79 7.14 33.44
CA GLY A 299 -14.43 5.82 33.89
C GLY A 299 -13.04 5.69 34.50
N PHE A 300 -12.19 6.71 34.38
CA PHE A 300 -10.84 6.63 34.89
C PHE A 300 -10.82 6.94 36.39
N PHE A 301 -10.35 5.97 37.19
CA PHE A 301 -10.18 6.15 38.62
C PHE A 301 -8.76 6.61 38.94
N ALA A 302 -8.59 7.11 40.16
CA ALA A 302 -7.30 7.67 40.56
C ALA A 302 -6.22 6.60 40.56
N SER A 303 -5.01 7.00 40.15
CA SER A 303 -3.82 6.19 40.20
C SER A 303 -2.97 6.61 41.40
N GLY A 304 -2.30 5.63 42.00
CA GLY A 304 -1.46 5.93 43.16
C GLY A 304 0.00 5.54 43.01
N TRP A 305 0.87 6.13 43.82
CA TRP A 305 2.27 5.74 43.91
C TRP A 305 2.57 5.38 45.36
N HIS A 306 2.38 4.10 45.71
CA HIS A 306 2.74 3.60 47.02
C HIS A 306 4.25 3.41 47.10
N MET A 307 4.87 3.92 48.15
CA MET A 307 6.32 3.88 48.30
C MET A 307 6.69 2.83 49.33
N HIS A 308 7.31 1.73 48.89
CA HIS A 308 7.77 0.70 49.82
C HIS A 308 9.16 1.05 50.33
N GLN A 309 9.36 0.99 51.65
CA GLN A 309 10.56 1.52 52.28
C GLN A 309 11.05 0.59 53.38
N SER A 310 12.37 0.37 53.38
CA SER A 310 13.08 -0.23 54.49
C SER A 310 14.42 0.49 54.65
N LEU A 311 14.99 0.37 55.85
CA LEU A 311 16.34 0.84 56.12
C LEU A 311 17.25 -0.35 56.35
N VAL A 312 18.43 -0.31 55.76
CA VAL A 312 19.43 -1.39 55.97
C VAL A 312 20.69 -0.80 56.63
N ASP A 313 21.39 -1.63 57.37
CA ASP A 313 22.66 -1.20 58.02
C ASP A 313 23.70 -0.98 56.93
N LYS A 314 24.37 0.17 56.95
CA LYS A 314 25.40 0.51 55.94
C LYS A 314 26.47 -0.57 55.87
N ASP A 315 26.76 -1.24 56.99
CA ASP A 315 27.87 -2.22 57.04
C ASP A 315 27.33 -3.65 56.93
N THR A 316 26.36 -4.03 57.73
CA THR A 316 25.90 -5.44 57.75
C THR A 316 24.92 -5.69 56.61
N ARG A 317 24.38 -4.62 56.01
CA ARG A 317 23.45 -4.77 54.90
C ARG A 317 22.21 -5.57 55.28
N LYS A 318 21.86 -5.58 56.56
CA LYS A 318 20.65 -6.28 57.00
C LYS A 318 19.50 -5.27 57.08
N ASN A 319 18.30 -5.78 56.80
CA ASN A 319 17.09 -4.97 56.88
C ASN A 319 16.76 -4.75 58.35
N LEU A 320 16.86 -3.50 58.82
CA LEU A 320 16.72 -3.18 60.23
C LEU A 320 15.27 -3.02 60.66
N PHE A 321 14.30 -3.16 59.75
CA PHE A 321 12.89 -3.13 60.09
C PHE A 321 12.35 -4.49 60.51
N ILE A 322 13.10 -5.56 60.27
CA ILE A 322 12.57 -6.91 60.47
C ILE A 322 12.15 -7.08 61.92
N PRO A 323 10.92 -7.51 62.19
CA PRO A 323 10.48 -7.66 63.57
C PRO A 323 10.78 -9.03 64.16
N SER A 324 10.88 -9.02 65.47
CA SER A 324 10.79 -10.29 66.16
C SER A 324 9.33 -10.57 66.46
N GLU A 325 9.13 -11.76 67.02
CA GLU A 325 7.83 -12.32 67.32
C GLU A 325 7.15 -11.38 68.35
N GLY A 326 5.85 -11.09 68.18
CA GLY A 326 5.21 -10.12 69.04
C GLY A 326 5.42 -8.65 68.67
N GLU A 327 6.00 -8.38 67.50
CA GLU A 327 6.19 -7.06 66.94
C GLU A 327 5.63 -7.07 65.53
N VAL A 328 5.20 -5.90 65.06
CA VAL A 328 4.93 -5.74 63.63
C VAL A 328 6.13 -5.12 62.93
N LEU A 329 6.97 -4.38 63.65
CA LEU A 329 8.23 -3.86 63.15
C LEU A 329 9.23 -3.82 64.29
N SER A 330 10.52 -3.81 63.93
CA SER A 330 11.54 -3.54 64.92
C SER A 330 11.27 -2.19 65.58
N PRO A 331 11.87 -1.93 66.74
CA PRO A 331 11.76 -0.58 67.32
C PRO A 331 12.18 0.53 66.36
N LEU A 332 13.28 0.32 65.62
CA LEU A 332 13.70 1.34 64.66
C LEU A 332 12.64 1.58 63.60
N GLY A 333 12.09 0.49 63.04
CA GLY A 333 11.03 0.66 62.06
C GLY A 333 9.79 1.31 62.64
N ARG A 334 9.47 0.99 63.89
CA ARG A 334 8.33 1.61 64.54
C ARG A 334 8.53 3.11 64.69
N ALA A 335 9.75 3.54 65.04
CA ALA A 335 10.02 4.97 65.13
C ALA A 335 9.98 5.63 63.75
N TYR A 336 10.50 4.95 62.73
CA TYR A 336 10.40 5.46 61.38
C TYR A 336 8.94 5.71 60.99
N ALA A 337 8.08 4.72 61.24
CA ALA A 337 6.66 4.89 60.99
C ALA A 337 6.09 6.08 61.77
N GLY A 338 6.50 6.21 63.04
CA GLY A 338 6.07 7.37 63.81
C GLY A 338 6.42 8.68 63.13
N GLY A 339 7.63 8.75 62.57
CA GLY A 339 8.03 9.95 61.84
C GLY A 339 7.19 10.18 60.60
N LEU A 340 6.89 9.10 59.87
CA LEU A 340 6.04 9.24 58.69
C LEU A 340 4.68 9.80 59.07
N LEU A 341 4.07 9.24 60.13
CA LEU A 341 2.76 9.71 60.56
C LEU A 341 2.80 11.15 61.05
N ALA A 342 3.75 11.47 61.93
CA ALA A 342 3.78 12.81 62.51
C ALA A 342 3.94 13.89 61.46
N ASN A 343 4.69 13.60 60.39
CA ASN A 343 5.00 14.61 59.38
C ASN A 343 4.18 14.45 58.11
N GLY A 344 3.17 13.57 58.11
CA GLY A 344 2.46 13.27 56.88
C GLY A 344 1.73 14.47 56.29
N SER A 345 1.25 15.39 57.14
CA SER A 345 0.55 16.56 56.63
C SER A 345 1.52 17.58 56.05
N ALA A 346 2.61 17.86 56.76
CA ALA A 346 3.60 18.81 56.27
C ALA A 346 4.25 18.34 54.97
N ALA A 347 4.42 17.03 54.81
CA ALA A 347 5.02 16.47 53.60
C ALA A 347 4.02 16.28 52.46
N SER A 348 2.75 16.62 52.68
CA SER A 348 1.71 16.26 51.72
C SER A 348 1.97 16.88 50.35
N SER A 349 2.42 18.13 50.29
CA SER A 349 2.66 18.76 48.99
C SER A 349 3.81 18.11 48.25
N PHE A 350 4.70 17.41 48.95
CA PHE A 350 5.79 16.71 48.29
C PHE A 350 5.39 15.32 47.80
N THR A 351 4.65 14.57 48.62
CA THR A 351 4.16 13.27 48.18
C THR A 351 3.03 13.43 47.16
N THR A 352 2.30 14.54 47.22
CA THR A 352 1.08 14.75 46.45
C THR A 352 1.07 16.18 45.94
N PRO A 353 1.92 16.49 44.96
CA PRO A 353 2.12 17.91 44.58
C PRO A 353 1.03 18.49 43.69
N THR A 354 0.24 17.69 42.99
CA THR A 354 -0.70 18.25 42.02
C THR A 354 -2.05 18.47 42.68
N VAL A 355 -2.77 19.50 42.20
CA VAL A 355 -4.14 19.71 42.63
C VAL A 355 -4.93 18.42 42.48
N ASN A 356 -4.76 17.75 41.33
CA ASN A 356 -5.53 16.59 40.95
C ASN A 356 -5.26 15.39 41.84
N GLY A 357 -4.05 15.33 42.43
CA GLY A 357 -3.71 14.21 43.30
C GLY A 357 -4.57 14.11 44.54
N TYR A 358 -5.21 15.21 44.96
CA TYR A 358 -6.05 15.18 46.15
C TYR A 358 -7.43 14.59 45.87
N ARG A 359 -7.72 14.22 44.63
CA ARG A 359 -8.94 13.46 44.39
C ARG A 359 -8.92 12.12 45.13
N ARG A 360 -7.74 11.66 45.55
CA ARG A 360 -7.58 10.42 46.31
C ARG A 360 -7.77 10.59 47.81
N ARG A 361 -7.98 11.82 48.31
CA ARG A 361 -8.10 12.04 49.75
C ARG A 361 -9.58 11.91 50.12
N GLN A 362 -10.02 10.65 50.22
CA GLN A 362 -11.40 10.33 50.52
C GLN A 362 -11.44 8.92 51.08
N PRO A 363 -12.46 8.58 51.87
CA PRO A 363 -12.51 7.26 52.51
C PRO A 363 -12.99 6.19 51.54
N TYR A 364 -12.79 4.94 51.95
CA TYR A 364 -13.26 3.76 51.21
C TYR A 364 -12.71 3.76 49.78
N SER A 365 -11.45 4.15 49.65
CA SER A 365 -10.78 4.27 48.37
C SER A 365 -9.56 3.37 48.26
N LEU A 366 -9.14 2.72 49.35
CA LEU A 366 -7.84 2.08 49.43
C LEU A 366 -6.70 3.07 49.25
N ALA A 367 -7.05 4.34 49.49
CA ALA A 367 -6.08 5.45 49.52
C ALA A 367 -6.27 6.11 50.89
N PRO A 368 -5.25 6.76 51.51
CA PRO A 368 -5.42 7.32 52.84
C PRO A 368 -6.09 8.69 52.98
N ASP A 369 -6.89 8.85 54.04
CA ASP A 369 -7.54 10.15 54.33
C ASP A 369 -7.04 10.66 55.69
N ARG A 370 -6.24 9.86 56.38
CA ARG A 370 -5.76 10.24 57.74
C ARG A 370 -4.42 9.61 58.09
N ARG A 371 -3.74 10.19 59.09
CA ARG A 371 -2.40 9.73 59.51
C ARG A 371 -2.55 8.55 60.45
N ALA A 372 -2.70 7.37 59.88
CA ALA A 372 -2.89 6.15 60.67
C ALA A 372 -1.98 5.07 60.13
N TRP A 373 -1.45 4.25 61.02
CA TRP A 373 -0.69 3.09 60.56
C TRP A 373 -1.50 1.83 60.86
N ALA A 374 -1.26 0.78 60.10
CA ALA A 374 -1.96 -0.47 60.33
C ALA A 374 -1.16 -1.61 59.71
N LYS A 375 -1.45 -2.83 60.17
CA LYS A 375 -0.84 -4.03 59.62
C LYS A 375 -1.69 -4.51 58.46
N ASP A 376 -1.09 -4.50 57.26
CA ASP A 376 -1.66 -5.00 56.00
C ASP A 376 -2.97 -4.36 55.59
N ASN A 377 -3.45 -3.36 56.32
CA ASN A 377 -4.76 -2.78 55.99
C ASN A 377 -4.55 -1.66 54.99
N LYS A 378 -5.19 -1.79 53.82
CA LYS A 378 -4.95 -0.91 52.69
C LYS A 378 -5.75 0.39 52.79
N ALA A 379 -6.43 0.64 53.90
CA ALA A 379 -7.03 1.94 54.17
C ALA A 379 -6.10 2.87 54.93
N ALA A 380 -4.97 2.37 55.40
CA ALA A 380 -4.08 3.18 56.21
C ALA A 380 -3.15 4.00 55.32
N MET A 381 -2.63 5.08 55.89
CA MET A 381 -1.56 5.81 55.22
C MET A 381 -0.27 5.01 55.23
N VAL A 382 0.08 4.45 56.39
CA VAL A 382 1.28 3.64 56.58
C VAL A 382 0.83 2.20 56.79
N ARG A 383 1.01 1.37 55.78
CA ARG A 383 0.65 -0.04 55.82
C ARG A 383 1.92 -0.86 56.03
N VAL A 384 1.97 -1.61 57.12
CA VAL A 384 3.13 -2.44 57.43
C VAL A 384 2.92 -3.80 56.78
N VAL A 385 3.95 -4.30 56.09
CA VAL A 385 3.93 -5.65 55.57
C VAL A 385 5.13 -6.36 56.16
N SER A 386 4.90 -7.33 57.03
CA SER A 386 6.02 -7.91 57.75
C SER A 386 5.65 -9.27 58.29
N ALA A 387 6.71 -9.99 58.67
CA ALA A 387 6.65 -11.26 59.37
C ALA A 387 7.99 -11.44 60.03
N THR A 388 8.00 -12.17 61.12
CA THR A 388 9.23 -12.42 61.87
C THR A 388 10.31 -12.98 60.95
N GLY A 389 11.48 -12.33 60.97
CA GLY A 389 12.62 -12.76 60.18
C GLY A 389 12.48 -12.62 58.68
N ASP A 390 11.43 -11.99 58.18
CA ASP A 390 11.23 -11.87 56.75
C ASP A 390 11.90 -10.62 56.23
N PRO A 391 12.89 -10.72 55.33
CA PRO A 391 13.54 -9.52 54.78
C PRO A 391 12.64 -8.68 53.90
N ALA A 392 11.45 -9.14 53.53
CA ALA A 392 10.51 -8.28 52.83
C ALA A 392 9.78 -7.33 53.77
N SER A 393 10.01 -7.45 55.08
CA SER A 393 9.34 -6.59 56.04
C SER A 393 9.63 -5.14 55.73
N ARG A 394 8.59 -4.31 55.74
CA ARG A 394 8.71 -2.98 55.18
C ARG A 394 7.52 -2.14 55.58
N ILE A 395 7.65 -0.83 55.35
CA ILE A 395 6.55 0.11 55.44
C ILE A 395 6.16 0.50 54.02
N GLU A 396 4.87 0.51 53.74
CA GLU A 396 4.36 1.05 52.48
C GLU A 396 3.59 2.32 52.80
N ASN A 397 4.05 3.44 52.29
CA ASN A 397 3.31 4.69 52.41
C ASN A 397 2.44 4.83 51.17
N ARG A 398 1.12 4.78 51.36
CA ARG A 398 0.19 4.76 50.24
C ARG A 398 -0.25 6.15 49.81
N ILE A 399 0.37 7.21 50.35
CA ILE A 399 -0.14 8.56 50.16
C ILE A 399 0.29 9.18 48.83
N GLY A 400 1.39 8.72 48.23
CA GLY A 400 1.93 9.40 47.06
C GLY A 400 1.11 9.20 45.81
N GLU A 401 1.27 10.14 44.86
CA GLU A 401 0.65 10.07 43.54
C GLU A 401 1.71 9.83 42.46
N PRO A 402 1.35 9.15 41.37
CA PRO A 402 2.38 8.81 40.36
C PRO A 402 3.10 10.01 39.80
N GLY A 403 2.45 11.17 39.74
CA GLY A 403 3.09 12.35 39.20
C GLY A 403 4.00 13.07 40.15
N ALA A 404 4.28 12.50 41.32
CA ALA A 404 5.18 13.15 42.26
C ALA A 404 6.59 13.23 41.66
N ASN A 405 7.31 14.26 42.07
CA ASN A 405 8.73 14.39 41.77
C ASN A 405 9.48 13.32 42.56
N PRO A 406 10.14 12.37 41.92
CA PRO A 406 10.74 11.26 42.69
C PRO A 406 11.69 11.71 43.79
N TYR A 407 12.48 12.75 43.52
CA TYR A 407 13.44 13.22 44.53
C TYR A 407 12.71 13.79 45.73
N LEU A 408 11.66 14.59 45.50
CA LEU A 408 10.98 15.20 46.64
C LEU A 408 10.17 14.17 47.42
N TYR A 409 9.54 13.23 46.73
CA TYR A 409 8.82 12.15 47.40
C TYR A 409 9.75 11.35 48.29
N MET A 410 10.81 10.79 47.70
CA MET A 410 11.72 9.95 48.46
C MET A 410 12.42 10.74 49.57
N ALA A 411 12.82 11.98 49.31
CA ALA A 411 13.46 12.79 50.34
C ALA A 411 12.50 13.10 51.47
N SER A 412 11.23 13.34 51.17
CA SER A 412 10.26 13.56 52.25
C SER A 412 10.12 12.33 53.11
N GLN A 413 10.16 11.15 52.49
CA GLN A 413 10.06 9.92 53.26
C GLN A 413 11.28 9.74 54.17
N ILE A 414 12.48 9.93 53.62
CA ILE A 414 13.70 9.80 54.42
C ILE A 414 13.69 10.79 55.57
N VAL A 415 13.36 12.06 55.28
CA VAL A 415 13.41 13.09 56.30
C VAL A 415 12.39 12.79 57.41
N SER A 416 11.17 12.40 57.03
CA SER A 416 10.14 12.09 58.02
C SER A 416 10.54 10.90 58.88
N GLY A 417 10.95 9.80 58.25
CA GLY A 417 11.29 8.61 59.00
C GLY A 417 12.49 8.82 59.92
N LEU A 418 13.50 9.53 59.42
CA LEU A 418 14.67 9.84 60.24
C LEU A 418 14.29 10.76 61.40
N ASP A 419 13.39 11.72 61.16
CA ASP A 419 12.91 12.54 62.27
C ASP A 419 12.24 11.68 63.33
N GLY A 420 11.47 10.68 62.90
CA GLY A 420 10.86 9.78 63.85
C GLY A 420 11.89 8.99 64.65
N ILE A 421 12.98 8.59 64.03
CA ILE A 421 13.99 7.77 64.76
C ILE A 421 14.74 8.66 65.77
N LYS A 422 15.16 9.85 65.35
CA LYS A 422 15.97 10.75 66.19
C LYS A 422 15.16 11.23 67.40
N ASN A 423 13.87 11.47 67.22
CA ASN A 423 13.02 12.02 68.30
C ASN A 423 12.23 10.90 68.96
N LYS A 424 12.55 9.65 68.63
CA LYS A 424 11.87 8.45 69.20
C LYS A 424 10.35 8.62 69.16
N LYS A 425 9.81 8.94 67.99
CA LYS A 425 8.36 9.20 67.89
C LYS A 425 7.59 7.89 67.93
N ASP A 426 6.39 7.93 68.47
CA ASP A 426 5.56 6.71 68.64
C ASP A 426 4.40 6.81 67.66
N PRO A 427 4.25 5.82 66.78
CA PRO A 427 3.17 5.80 65.80
C PRO A 427 1.78 5.60 66.41
N GLY A 428 1.76 5.22 67.69
CA GLY A 428 0.47 5.00 68.36
C GLY A 428 0.00 3.59 68.10
N GLU A 429 -1.31 3.41 68.19
CA GLU A 429 -1.80 2.02 68.08
C GLU A 429 -2.10 1.69 66.63
N LEU A 430 -1.86 0.45 66.24
CA LEU A 430 -2.23 -0.01 64.89
C LEU A 430 -3.75 0.11 64.77
N GLN A 431 -4.23 0.69 63.68
CA GLN A 431 -5.68 0.87 63.51
C GLN A 431 -6.29 -0.32 62.81
N GLU A 432 -7.37 -0.87 63.35
CA GLU A 432 -8.06 -2.02 62.73
C GLU A 432 -9.02 -1.50 61.66
N SER A 433 -9.62 -0.33 61.89
CA SER A 433 -10.48 0.32 60.87
C SER A 433 -9.87 1.69 60.56
N PRO A 434 -8.85 1.84 59.67
CA PRO A 434 -8.26 3.16 59.45
C PRO A 434 -9.28 4.25 59.09
N TYR A 435 -10.34 3.92 58.37
CA TYR A 435 -11.33 4.94 58.00
C TYR A 435 -12.23 5.35 59.17
N ASP A 436 -12.09 4.73 60.34
CA ASP A 436 -12.74 5.17 61.58
C ASP A 436 -11.75 5.65 62.63
N ALA A 437 -10.45 5.67 62.30
CA ALA A 437 -9.42 5.96 63.29
C ALA A 437 -9.50 7.40 63.78
N GLN A 438 -9.39 7.54 65.10
CA GLN A 438 -9.43 8.78 65.84
C GLN A 438 -8.04 9.41 65.79
N VAL A 439 -7.61 9.73 64.56
CA VAL A 439 -6.28 10.30 64.34
C VAL A 439 -6.38 11.51 63.41
N PRO A 440 -5.33 12.33 63.29
CA PRO A 440 -5.44 13.53 62.44
C PRO A 440 -5.73 13.18 60.99
N MET A 441 -6.64 13.94 60.39
CA MET A 441 -6.95 13.83 58.98
C MET A 441 -5.81 14.38 58.12
N LEU A 442 -5.67 13.85 56.92
CA LEU A 442 -4.72 14.39 55.96
C LEU A 442 -5.33 15.57 55.22
N PRO A 443 -4.50 16.47 54.70
CA PRO A 443 -5.01 17.56 53.85
C PRO A 443 -5.89 17.03 52.73
N THR A 444 -7.00 17.74 52.49
CA THR A 444 -7.93 17.37 51.43
C THR A 444 -7.74 18.15 50.15
N THR A 445 -6.90 19.18 50.16
CA THR A 445 -6.59 19.97 48.98
C THR A 445 -5.11 20.36 49.02
N LEU A 446 -4.57 20.71 47.85
CA LEU A 446 -3.20 21.20 47.79
C LEU A 446 -3.03 22.43 48.68
N ALA A 447 -4.03 23.31 48.71
CA ALA A 447 -3.94 24.48 49.56
C ALA A 447 -3.82 24.09 51.02
N GLU A 448 -4.63 23.10 51.46
CA GLU A 448 -4.52 22.62 52.83
C GLU A 448 -3.13 22.03 53.09
N ALA A 449 -2.57 21.33 52.11
CA ALA A 449 -1.24 20.76 52.25
C ALA A 449 -0.18 21.86 52.41
N LEU A 450 -0.29 22.92 51.63
CA LEU A 450 0.66 24.02 51.75
C LEU A 450 0.50 24.73 53.09
N ASP A 451 -0.75 24.90 53.54
CA ASP A 451 -0.97 25.46 54.87
C ASP A 451 -0.32 24.60 55.95
N ALA A 452 -0.48 23.28 55.84
CA ALA A 452 0.11 22.37 56.82
C ALA A 452 1.63 22.52 56.84
N LEU A 453 2.24 22.63 55.66
CA LEU A 453 3.69 22.81 55.59
C LEU A 453 4.11 24.13 56.22
N GLU A 454 3.39 25.21 55.89
CA GLU A 454 3.73 26.53 56.42
C GLU A 454 3.62 26.56 57.93
N HIS A 455 2.57 25.94 58.49
CA HIS A 455 2.36 25.97 59.93
C HIS A 455 3.23 24.97 60.68
N ASP A 456 3.93 24.07 59.98
CA ASP A 456 4.82 23.10 60.61
C ASP A 456 6.02 22.90 59.68
N SER A 457 6.86 23.94 59.58
CA SER A 457 7.88 24.03 58.55
C SER A 457 9.28 23.70 59.03
N GLU A 458 9.49 23.54 60.34
CA GLU A 458 10.84 23.50 60.89
C GLU A 458 11.65 22.32 60.32
N LEU A 459 11.08 21.11 60.33
CA LEU A 459 11.84 19.95 59.87
C LEU A 459 12.24 20.10 58.40
N PHE A 460 11.28 20.45 57.55
CA PHE A 460 11.59 20.52 56.13
C PHE A 460 12.40 21.78 55.78
N ARG A 461 12.26 22.86 56.54
CA ARG A 461 13.22 23.95 56.37
C ARG A 461 14.62 23.48 56.70
N SER A 462 14.78 22.76 57.81
CA SER A 462 16.09 22.29 58.24
C SER A 462 16.71 21.32 57.25
N CYS A 463 15.89 20.44 56.66
CA CYS A 463 16.42 19.37 55.81
C CYS A 463 16.41 19.71 54.32
N PHE A 464 15.32 20.32 53.81
CA PHE A 464 15.27 20.73 52.42
C PHE A 464 15.94 22.08 52.19
N GLY A 465 15.97 22.92 53.21
CA GLY A 465 16.57 24.25 53.12
C GLY A 465 15.52 25.34 53.18
N ASP A 466 15.82 26.40 53.93
CA ASP A 466 14.88 27.52 54.07
C ASP A 466 14.57 28.15 52.71
N THR A 467 15.59 28.37 51.90
CA THR A 467 15.37 29.00 50.59
C THR A 467 14.41 28.13 49.76
N PHE A 468 14.63 26.82 49.75
CA PHE A 468 13.76 25.95 48.97
C PHE A 468 12.33 26.00 49.47
N ILE A 469 12.11 25.99 50.78
CA ILE A 469 10.75 25.97 51.30
C ILE A 469 10.03 27.28 50.97
N LYS A 470 10.73 28.41 51.12
CA LYS A 470 10.16 29.69 50.71
C LYS A 470 9.75 29.67 49.24
N TYR A 471 10.66 29.21 48.38
CA TYR A 471 10.39 29.12 46.95
C TYR A 471 9.20 28.20 46.66
N TRP A 472 9.18 27.02 47.28
CA TRP A 472 8.14 26.03 47.06
C TRP A 472 6.77 26.60 47.44
N LEU A 473 6.68 27.20 48.64
CA LEU A 473 5.41 27.77 49.08
C LEU A 473 4.92 28.81 48.09
N GLN A 474 5.78 29.75 47.71
CA GLN A 474 5.33 30.79 46.78
C GLN A 474 4.83 30.18 45.46
N LEU A 475 5.63 29.30 44.87
CA LEU A 475 5.27 28.71 43.58
C LEU A 475 3.94 27.95 43.65
N ARG A 476 3.86 26.96 44.55
CA ARG A 476 2.66 26.14 44.58
C ARG A 476 1.43 26.97 44.93
N ARG A 477 1.59 27.99 45.78
CA ARG A 477 0.44 28.85 46.08
C ARG A 477 -0.04 29.59 44.83
N SER A 478 0.90 30.05 43.99
CA SER A 478 0.46 30.69 42.75
C SER A 478 -0.32 29.72 41.87
N GLU A 479 0.10 28.45 41.84
CA GLU A 479 -0.65 27.48 41.04
C GLU A 479 -2.06 27.26 41.61
N TRP A 480 -2.14 27.12 42.94
CA TRP A 480 -3.46 26.97 43.54
C TRP A 480 -4.35 28.16 43.21
N ALA A 481 -3.79 29.37 43.23
CA ALA A 481 -4.57 30.56 42.89
C ALA A 481 -5.10 30.48 41.47
N ARG A 482 -4.28 30.00 40.54
CA ARG A 482 -4.76 29.83 39.17
C ARG A 482 -5.94 28.84 39.13
N PHE A 483 -5.80 27.70 39.81
CA PHE A 483 -6.88 26.71 39.82
C PHE A 483 -8.17 27.31 40.40
N LEU A 484 -8.04 27.97 41.55
CA LEU A 484 -9.19 28.60 42.20
C LEU A 484 -9.87 29.58 41.26
N ASP A 485 -9.08 30.42 40.58
CA ASP A 485 -9.64 31.41 39.68
C ASP A 485 -10.37 30.74 38.51
N ALA A 486 -9.86 29.61 38.02
CA ALA A 486 -10.47 29.00 36.85
C ALA A 486 -11.69 28.15 37.18
N GLU A 487 -11.73 27.51 38.35
CA GLU A 487 -12.79 26.54 38.63
C GLU A 487 -13.62 26.85 39.87
N GLY A 488 -13.16 27.70 40.77
CA GLY A 488 -13.92 28.02 41.97
C GLY A 488 -13.64 27.05 43.11
N ALA A 489 -13.98 27.50 44.32
CA ALA A 489 -13.64 26.73 45.52
C ALA A 489 -14.42 25.43 45.59
N GLU A 490 -15.71 25.45 45.20
CA GLU A 490 -16.53 24.26 45.28
C GLU A 490 -15.88 23.07 44.56
N ALA A 491 -15.18 23.34 43.46
CA ALA A 491 -14.63 22.27 42.64
C ALA A 491 -13.47 21.54 43.31
N ALA A 492 -12.88 22.11 44.36
CA ALA A 492 -11.74 21.47 45.00
C ALA A 492 -12.13 20.27 45.87
N GLU A 493 -13.41 20.14 46.22
CA GLU A 493 -13.87 19.02 47.01
C GLU A 493 -13.37 17.72 46.40
N PRO A 494 -12.65 16.88 47.15
CA PRO A 494 -12.01 15.70 46.56
C PRO A 494 -12.96 14.79 45.76
N THR A 495 -14.20 14.61 46.22
CA THR A 495 -15.12 13.73 45.51
C THR A 495 -15.75 14.39 44.28
N GLY A 496 -15.51 15.67 44.05
CA GLY A 496 -16.04 16.30 42.87
C GLY A 496 -15.40 15.76 41.60
N ALA A 497 -16.06 16.03 40.48
CA ALA A 497 -15.53 15.59 39.20
C ALA A 497 -14.23 16.30 38.89
N VAL A 498 -13.37 15.61 38.13
CA VAL A 498 -12.11 16.22 37.69
C VAL A 498 -12.43 17.38 36.73
N THR A 499 -11.78 18.52 36.96
CA THR A 499 -12.04 19.73 36.19
C THR A 499 -11.21 19.77 34.91
N GLN A 500 -11.65 20.62 33.98
CA GLN A 500 -10.85 20.86 32.78
C GLN A 500 -9.51 21.51 33.11
N TRP A 501 -9.46 22.33 34.17
CA TRP A 501 -8.19 22.91 34.58
C TRP A 501 -7.17 21.82 34.90
N GLU A 502 -7.57 20.80 35.65
CA GLU A 502 -6.66 19.69 35.97
C GLU A 502 -6.18 18.98 34.71
N GLN A 503 -7.12 18.67 33.81
CA GLN A 503 -6.75 18.00 32.56
C GLN A 503 -5.74 18.81 31.76
N LYS A 504 -5.98 20.13 31.66
CA LYS A 504 -5.11 20.98 30.85
C LYS A 504 -3.84 21.38 31.58
N GLU A 505 -3.75 21.12 32.89
CA GLU A 505 -2.52 21.34 33.63
C GLU A 505 -1.61 20.12 33.61
N TYR A 506 -2.17 18.91 33.75
CA TYR A 506 -1.35 17.74 34.06
C TYR A 506 -1.33 16.65 33.01
N PHE A 507 -2.37 16.53 32.17
CA PHE A 507 -2.52 15.34 31.34
C PHE A 507 -1.36 15.19 30.35
N ASN A 508 -0.98 16.28 29.69
CA ASN A 508 0.03 16.18 28.62
C ASN A 508 1.43 15.91 29.18
N LEU A 509 1.81 16.60 30.26
CA LEU A 509 3.21 16.62 30.69
C LEU A 509 3.54 15.59 31.77
N LEU A 510 2.59 15.26 32.64
CA LEU A 510 2.87 14.31 33.72
C LEU A 510 2.57 12.89 33.26
N LYS B 19 -7.52 -43.55 -28.93
CA LYS B 19 -6.66 -44.52 -29.55
C LYS B 19 -7.05 -44.81 -31.00
N PHE B 20 -8.25 -44.33 -31.37
CA PHE B 20 -8.72 -44.39 -32.74
C PHE B 20 -8.00 -43.31 -33.54
N ASP B 21 -7.14 -43.72 -34.47
CA ASP B 21 -6.27 -42.77 -35.19
C ASP B 21 -7.03 -42.24 -36.40
N PHE B 22 -7.94 -41.31 -36.12
CA PHE B 22 -8.68 -40.59 -37.16
C PHE B 22 -7.74 -39.93 -38.17
N ILE B 23 -6.66 -39.32 -37.67
CA ILE B 23 -5.78 -38.52 -38.52
C ILE B 23 -5.02 -39.39 -39.51
N THR B 24 -4.46 -40.51 -39.04
CA THR B 24 -3.77 -41.42 -39.95
C THR B 24 -4.74 -42.07 -40.92
N LYS B 25 -5.89 -42.55 -40.42
CA LYS B 25 -6.83 -43.27 -41.27
C LYS B 25 -7.28 -42.41 -42.45
N ASN B 26 -7.34 -41.09 -42.27
CA ASN B 26 -7.75 -40.18 -43.33
C ASN B 26 -6.59 -39.42 -43.95
N ASN B 27 -5.35 -39.80 -43.62
CA ASN B 27 -4.17 -39.21 -44.23
C ASN B 27 -4.21 -37.68 -44.16
N LEU B 28 -4.53 -37.16 -42.97
CA LEU B 28 -4.69 -35.72 -42.83
C LEU B 28 -3.40 -34.99 -42.47
N TRP B 29 -2.33 -35.72 -42.15
CA TRP B 29 -1.05 -35.11 -41.80
C TRP B 29 0.00 -35.47 -42.84
N THR B 30 0.70 -34.47 -43.34
CA THR B 30 1.90 -34.69 -44.12
C THR B 30 3.03 -35.20 -43.22
N ASN B 31 4.09 -35.69 -43.85
CA ASN B 31 5.28 -36.07 -43.08
C ASN B 31 5.83 -34.87 -42.32
N GLU B 32 5.78 -33.70 -42.94
CA GLU B 32 6.18 -32.47 -42.28
C GLU B 32 5.38 -32.26 -41.01
N GLN B 33 4.04 -32.33 -41.11
CA GLN B 33 3.20 -32.12 -39.93
C GLN B 33 3.46 -33.19 -38.87
N ARG B 34 3.66 -34.44 -39.28
CA ARG B 34 3.90 -35.51 -38.31
C ARG B 34 5.20 -35.30 -37.54
N ASP B 35 6.28 -34.92 -38.23
CA ASP B 35 7.51 -34.55 -37.53
C ASP B 35 7.29 -33.37 -36.60
N ALA B 36 6.57 -32.35 -37.07
CA ALA B 36 6.31 -31.19 -36.24
C ALA B 36 5.55 -31.58 -34.97
N ALA B 37 4.66 -32.56 -35.07
CA ALA B 37 3.92 -33.00 -33.89
C ALA B 37 4.87 -33.55 -32.81
N ASP B 38 5.85 -34.35 -33.22
CA ASP B 38 6.88 -34.80 -32.29
C ASP B 38 7.58 -33.61 -31.65
N LYS B 39 7.98 -32.64 -32.47
CA LYS B 39 8.68 -31.47 -31.94
C LYS B 39 7.80 -30.73 -30.93
N VAL B 40 6.51 -30.62 -31.25
CA VAL B 40 5.58 -29.90 -30.39
C VAL B 40 5.44 -30.59 -29.04
N LEU B 41 5.28 -31.93 -29.05
CA LEU B 41 5.16 -32.65 -27.79
C LEU B 41 6.42 -32.52 -26.95
N ALA B 42 7.59 -32.61 -27.60
CA ALA B 42 8.85 -32.46 -26.85
C ALA B 42 8.95 -31.08 -26.21
N GLU B 43 8.58 -30.03 -26.95
CA GLU B 43 8.64 -28.69 -26.38
C GLU B 43 7.62 -28.51 -25.26
N ILE B 44 6.44 -29.10 -25.42
CA ILE B 44 5.43 -29.05 -24.37
C ILE B 44 6.00 -29.64 -23.08
N ASP B 45 6.67 -30.78 -23.18
CA ASP B 45 7.23 -31.39 -21.97
C ASP B 45 8.37 -30.56 -21.40
N SER B 46 9.32 -30.15 -22.25
CA SER B 46 10.48 -29.42 -21.74
C SER B 46 10.07 -28.12 -21.07
N LEU B 47 9.07 -27.42 -21.61
CA LEU B 47 8.64 -26.18 -21.01
C LEU B 47 7.67 -26.39 -19.86
N GLY B 48 7.21 -27.61 -19.62
CA GLY B 48 6.27 -27.83 -18.54
C GLY B 48 4.93 -27.15 -18.74
N LEU B 49 4.48 -27.02 -19.98
CA LEU B 49 3.18 -26.41 -20.25
C LEU B 49 2.07 -27.29 -19.68
N GLU B 50 0.97 -26.64 -19.29
CA GLU B 50 -0.17 -27.33 -18.69
C GLU B 50 -1.40 -27.34 -19.57
N MET B 51 -1.57 -26.33 -20.43
CA MET B 51 -2.72 -26.22 -21.33
C MET B 51 -2.22 -25.95 -22.73
N ILE B 52 -2.96 -26.44 -23.72
CA ILE B 52 -2.75 -26.12 -25.12
C ILE B 52 -4.10 -25.78 -25.72
N ARG B 53 -4.27 -24.54 -26.17
CA ARG B 53 -5.50 -24.16 -26.83
C ARG B 53 -5.54 -24.72 -28.24
N LEU B 54 -6.69 -25.29 -28.60
CA LEU B 54 -7.00 -25.74 -29.95
C LEU B 54 -8.08 -24.81 -30.48
N SER B 55 -7.75 -24.01 -31.50
CA SER B 55 -8.65 -22.98 -31.99
C SER B 55 -8.75 -23.00 -33.51
N TRP B 56 -9.79 -22.34 -34.00
CA TRP B 56 -10.04 -22.17 -35.42
C TRP B 56 -10.86 -20.90 -35.60
N ALA B 57 -10.66 -20.23 -36.74
CA ALA B 57 -11.41 -19.02 -37.03
C ALA B 57 -12.80 -19.38 -37.53
N ASP B 58 -13.81 -18.69 -37.01
CA ASP B 58 -15.17 -18.83 -37.53
C ASP B 58 -15.35 -17.88 -38.72
N GLN B 59 -16.60 -17.70 -39.17
CA GLN B 59 -16.85 -16.92 -40.37
C GLN B 59 -16.43 -15.46 -40.18
N TYR B 60 -16.41 -14.97 -38.95
CA TYR B 60 -16.00 -13.61 -38.64
C TYR B 60 -14.51 -13.48 -38.38
N GLY B 61 -13.75 -14.56 -38.47
CA GLY B 61 -12.35 -14.49 -38.11
C GLY B 61 -12.06 -14.57 -36.63
N LEU B 62 -13.05 -14.91 -35.81
CA LEU B 62 -12.86 -14.98 -34.37
C LEU B 62 -12.47 -16.40 -33.97
N LEU B 63 -11.57 -16.50 -32.98
CA LEU B 63 -11.01 -17.79 -32.61
C LEU B 63 -11.96 -18.51 -31.67
N ARG B 64 -12.40 -19.69 -32.07
CA ARG B 64 -13.24 -20.57 -31.26
C ARG B 64 -12.51 -21.88 -31.04
N GLY B 65 -12.86 -22.57 -29.97
CA GLY B 65 -12.30 -23.88 -29.74
C GLY B 65 -12.34 -24.31 -28.30
N LYS B 66 -11.30 -25.00 -27.86
CA LYS B 66 -11.20 -25.47 -26.48
C LYS B 66 -9.77 -25.24 -26.00
N SER B 67 -9.57 -25.33 -24.69
CA SER B 67 -8.24 -25.47 -24.12
C SER B 67 -8.13 -26.89 -23.58
N LEU B 68 -7.12 -27.62 -24.03
CA LEU B 68 -6.91 -29.02 -23.67
C LEU B 68 -5.72 -29.14 -22.73
N THR B 69 -5.71 -30.21 -21.95
CA THR B 69 -4.51 -30.53 -21.18
C THR B 69 -3.51 -31.28 -22.05
N VAL B 70 -2.32 -31.50 -21.49
CA VAL B 70 -1.27 -32.22 -22.22
C VAL B 70 -1.79 -33.60 -22.65
N ALA B 71 -2.42 -34.33 -21.73
CA ALA B 71 -2.92 -35.66 -22.07
C ALA B 71 -3.98 -35.59 -23.16
N SER B 72 -4.90 -34.63 -23.03
CA SER B 72 -5.95 -34.49 -24.03
C SER B 72 -5.38 -34.10 -25.39
N LEU B 73 -4.34 -33.24 -25.42
CA LEU B 73 -3.73 -32.90 -26.69
C LEU B 73 -3.04 -34.10 -27.32
N LYS B 74 -2.34 -34.91 -26.52
CA LYS B 74 -1.76 -36.12 -27.07
C LYS B 74 -2.82 -37.01 -27.70
N SER B 75 -3.98 -37.14 -27.03
CA SER B 75 -5.06 -37.92 -27.61
C SER B 75 -5.59 -37.29 -28.90
N ALA B 76 -5.73 -35.96 -28.93
CA ALA B 76 -6.23 -35.27 -30.11
C ALA B 76 -5.28 -35.44 -31.30
N PHE B 77 -4.00 -35.66 -31.02
CA PHE B 77 -3.06 -35.93 -32.11
C PHE B 77 -3.32 -37.26 -32.79
N LYS B 78 -4.24 -38.07 -32.26
CA LYS B 78 -4.72 -39.30 -32.88
C LYS B 78 -6.17 -39.18 -33.32
N GLU B 79 -7.05 -38.75 -32.42
CA GLU B 79 -8.49 -38.78 -32.65
C GLU B 79 -9.06 -37.45 -33.12
N GLY B 80 -8.27 -36.38 -33.12
CA GLY B 80 -8.88 -35.08 -33.26
C GLY B 80 -9.65 -34.79 -31.99
N SER B 81 -10.40 -33.68 -32.01
CA SER B 81 -11.21 -33.28 -30.87
C SER B 81 -12.58 -32.85 -31.38
N GLU B 82 -13.63 -33.46 -30.86
CA GLU B 82 -14.97 -33.22 -31.39
C GLU B 82 -15.48 -31.86 -30.96
N VAL B 83 -16.15 -31.17 -31.88
CA VAL B 83 -16.75 -29.87 -31.60
C VAL B 83 -18.00 -29.73 -32.43
N ALA B 84 -18.94 -28.93 -31.94
CA ALA B 84 -20.16 -28.65 -32.69
C ALA B 84 -19.95 -27.49 -33.64
N ILE B 85 -20.74 -27.46 -34.72
CA ILE B 85 -20.62 -26.37 -35.70
C ILE B 85 -21.37 -25.13 -35.27
N GLY B 86 -21.95 -25.12 -34.06
CA GLY B 86 -22.75 -24.03 -33.55
C GLY B 86 -22.34 -22.64 -33.99
N PRO B 87 -21.08 -22.26 -33.74
CA PRO B 87 -20.66 -20.91 -34.09
C PRO B 87 -20.96 -20.51 -35.53
N PHE B 88 -20.88 -21.44 -36.48
CA PHE B 88 -21.12 -21.09 -37.88
C PHE B 88 -22.57 -20.67 -38.12
N PHE B 89 -23.51 -21.18 -37.33
CA PHE B 89 -24.92 -20.87 -37.52
C PHE B 89 -25.39 -19.71 -36.64
N PHE B 90 -24.50 -19.13 -35.83
CA PHE B 90 -24.76 -17.94 -35.04
C PHE B 90 -24.16 -16.71 -35.71
N ASP B 91 -24.79 -15.56 -35.51
CA ASP B 91 -24.13 -14.30 -35.82
C ASP B 91 -23.38 -13.83 -34.56
N LEU B 92 -22.85 -12.60 -34.58
CA LEU B 92 -21.95 -12.16 -33.51
C LEU B 92 -22.63 -12.09 -32.16
N VAL B 93 -23.96 -11.97 -32.12
CA VAL B 93 -24.72 -11.90 -30.87
C VAL B 93 -25.55 -13.16 -30.64
N SER B 94 -25.31 -14.23 -31.40
CA SER B 94 -25.99 -15.51 -31.24
C SER B 94 -27.48 -15.45 -31.59
N SER B 95 -27.87 -14.58 -32.54
CA SER B 95 -29.08 -14.84 -33.30
C SER B 95 -28.95 -16.21 -33.94
N MET B 96 -30.00 -17.03 -33.89
CA MET B 96 -29.95 -18.33 -34.57
C MET B 96 -30.41 -18.11 -36.01
N VAL B 97 -29.45 -18.03 -36.93
CA VAL B 97 -29.77 -17.72 -38.31
C VAL B 97 -30.13 -18.96 -39.11
N PHE B 98 -29.57 -20.11 -38.75
CA PHE B 98 -29.93 -21.38 -39.35
C PHE B 98 -30.41 -22.30 -38.23
N ASN B 99 -31.40 -23.12 -38.52
CA ASN B 99 -32.05 -23.91 -37.47
C ASN B 99 -31.16 -25.05 -37.03
N LEU B 100 -30.60 -24.92 -35.83
CA LEU B 100 -29.73 -25.95 -35.26
C LEU B 100 -30.50 -27.20 -34.84
N PHE B 101 -31.82 -27.12 -34.79
CA PHE B 101 -32.62 -28.27 -34.25
C PHE B 101 -33.09 -29.24 -35.32
N THR B 102 -33.12 -28.83 -36.58
CA THR B 102 -33.68 -29.73 -37.61
C THR B 102 -32.56 -30.50 -38.29
N THR B 103 -32.42 -31.79 -37.98
CA THR B 103 -31.39 -32.64 -38.63
C THR B 103 -31.54 -32.54 -40.14
N ALA B 104 -30.45 -32.28 -40.85
CA ALA B 104 -30.49 -32.19 -42.32
C ALA B 104 -30.15 -33.56 -42.91
N GLY B 105 -30.88 -33.96 -43.95
CA GLY B 105 -30.53 -35.19 -44.67
C GLY B 105 -29.41 -34.86 -45.63
N ASP B 106 -29.45 -33.65 -46.19
CA ASP B 106 -28.33 -33.19 -47.04
C ASP B 106 -27.85 -31.85 -46.48
N PHE B 107 -26.73 -31.83 -45.77
CA PHE B 107 -26.28 -30.57 -45.11
C PHE B 107 -25.96 -29.51 -46.17
N GLU B 108 -25.26 -29.89 -47.21
CA GLU B 108 -24.88 -28.84 -48.18
C GLU B 108 -26.17 -28.32 -48.80
N ASP B 109 -27.16 -29.19 -48.97
CA ASP B 109 -28.44 -28.72 -49.49
C ASP B 109 -29.20 -27.92 -48.44
N GLU B 110 -29.41 -28.51 -47.25
CA GLU B 110 -30.18 -27.89 -46.18
C GLU B 110 -29.16 -27.32 -45.19
N LEU B 111 -29.14 -25.99 -45.06
CA LEU B 111 -28.20 -25.38 -44.12
C LEU B 111 -28.89 -25.38 -42.75
N SER B 112 -28.87 -26.54 -42.11
CA SER B 112 -29.57 -26.76 -40.84
C SER B 112 -28.89 -27.90 -40.09
N GLY B 113 -29.33 -28.09 -38.85
CA GLY B 113 -28.80 -29.12 -37.99
C GLY B 113 -27.64 -28.63 -37.14
N ASN B 114 -27.08 -29.54 -36.35
CA ASN B 114 -25.92 -29.27 -35.50
C ASN B 114 -25.01 -30.49 -35.45
N PRO B 115 -24.49 -30.93 -36.58
CA PRO B 115 -23.61 -32.10 -36.57
C PRO B 115 -22.30 -31.82 -35.86
N THR B 116 -21.67 -32.91 -35.40
CA THR B 116 -20.35 -32.85 -34.78
C THR B 116 -19.28 -32.96 -35.84
N VAL B 117 -18.31 -32.05 -35.82
CA VAL B 117 -17.14 -32.15 -36.68
C VAL B 117 -15.91 -32.37 -35.79
N VAL B 118 -14.79 -32.69 -36.43
CA VAL B 118 -13.54 -33.03 -35.76
C VAL B 118 -12.54 -31.92 -36.02
N MET B 119 -12.08 -31.28 -34.94
CA MET B 119 -10.92 -30.41 -34.98
C MET B 119 -9.67 -31.26 -35.12
N VAL B 120 -8.97 -31.09 -36.24
CA VAL B 120 -7.71 -31.79 -36.51
C VAL B 120 -6.58 -30.79 -36.30
N PRO B 121 -5.80 -30.92 -35.22
CA PRO B 121 -4.75 -29.93 -34.96
C PRO B 121 -3.74 -29.89 -36.10
N ASP B 122 -3.28 -28.68 -36.41
CA ASP B 122 -2.21 -28.49 -37.37
C ASP B 122 -0.94 -28.18 -36.58
N PRO B 123 -0.06 -29.16 -36.37
CA PRO B 123 1.06 -28.94 -35.45
C PRO B 123 2.07 -27.90 -35.93
N THR B 124 2.09 -27.57 -37.22
CA THR B 124 3.01 -26.55 -37.72
C THR B 124 2.65 -25.16 -37.21
N THR B 125 1.48 -24.97 -36.61
CA THR B 125 1.04 -23.66 -36.14
C THR B 125 1.28 -23.44 -34.65
N PHE B 126 1.92 -24.39 -33.97
CA PHE B 126 2.01 -24.34 -32.51
C PHE B 126 2.77 -23.10 -32.04
N LYS B 127 2.27 -22.47 -30.97
CA LYS B 127 2.94 -21.35 -30.32
C LYS B 127 2.78 -21.44 -28.81
N VAL B 128 3.76 -20.90 -28.10
CA VAL B 128 3.64 -20.65 -26.67
C VAL B 128 3.12 -19.23 -26.49
N LEU B 129 2.01 -19.07 -25.77
CA LEU B 129 1.42 -17.75 -25.59
C LEU B 129 2.11 -17.03 -24.42
N PRO B 130 2.86 -15.98 -24.71
CA PRO B 130 3.69 -15.36 -23.65
C PRO B 130 2.91 -14.73 -22.53
N TRP B 131 1.68 -14.27 -22.77
CA TRP B 131 0.92 -13.54 -21.77
C TRP B 131 0.09 -14.45 -20.87
N ALA B 132 0.10 -15.75 -21.11
CA ALA B 132 -0.73 -16.70 -20.37
C ALA B 132 0.13 -17.62 -19.52
N ASP B 133 -0.50 -18.25 -18.53
CA ASP B 133 0.22 -19.15 -17.62
C ASP B 133 0.35 -20.52 -18.26
N LYS B 134 1.58 -20.90 -18.61
CA LYS B 134 1.93 -22.24 -19.07
C LYS B 134 0.95 -22.76 -20.12
N THR B 135 0.72 -21.94 -21.16
CA THR B 135 -0.29 -22.24 -22.18
C THR B 135 0.32 -22.18 -23.57
N GLY B 136 0.13 -23.25 -24.34
CA GLY B 136 0.44 -23.28 -25.76
C GLY B 136 -0.81 -23.06 -26.60
N TRP B 137 -0.62 -23.07 -27.92
CA TRP B 137 -1.68 -22.65 -28.81
C TRP B 137 -1.47 -23.25 -30.19
N MET B 138 -2.56 -23.67 -30.83
CA MET B 138 -2.51 -24.34 -32.12
C MET B 138 -3.82 -24.10 -32.85
N LEU B 139 -3.74 -24.04 -34.17
CA LEU B 139 -4.92 -24.00 -35.02
C LEU B 139 -5.34 -25.41 -35.40
N ALA B 140 -6.63 -25.58 -35.71
CA ALA B 140 -7.16 -26.85 -36.15
C ALA B 140 -8.00 -26.67 -37.39
N ASP B 141 -8.00 -27.69 -38.25
CA ASP B 141 -8.86 -27.74 -39.41
C ASP B 141 -10.08 -28.59 -39.11
N LEU B 142 -11.25 -28.16 -39.58
CA LEU B 142 -12.50 -28.84 -39.29
C LEU B 142 -12.81 -29.86 -40.37
N HIS B 143 -13.11 -31.11 -39.96
CA HIS B 143 -13.45 -32.16 -40.90
C HIS B 143 -14.71 -32.88 -40.44
N TRP B 144 -15.49 -33.36 -41.41
CA TRP B 144 -16.63 -34.24 -41.04
C TRP B 144 -16.03 -35.53 -40.46
N LYS B 145 -16.83 -36.30 -39.72
CA LYS B 145 -16.35 -37.60 -39.18
C LYS B 145 -16.02 -38.56 -40.33
N SER B 146 -16.54 -38.31 -41.53
CA SER B 146 -16.20 -39.12 -42.72
C SER B 146 -14.77 -38.83 -43.18
N GLY B 147 -14.24 -37.65 -42.85
CA GLY B 147 -12.84 -37.33 -43.17
C GLY B 147 -12.72 -36.19 -44.15
N GLU B 148 -13.84 -35.77 -44.70
CA GLU B 148 -13.80 -34.70 -45.72
C GLU B 148 -13.74 -33.34 -45.01
N PRO B 149 -13.12 -32.32 -45.62
CA PRO B 149 -13.12 -30.99 -45.05
C PRO B 149 -14.52 -30.39 -44.85
N PHE B 150 -14.72 -29.69 -43.74
CA PHE B 150 -16.01 -28.99 -43.49
C PHE B 150 -16.11 -27.83 -44.47
N PRO B 151 -17.16 -27.78 -45.31
CA PRO B 151 -17.25 -26.77 -46.36
C PRO B 151 -17.27 -25.29 -45.95
N LEU B 152 -17.64 -25.00 -44.71
CA LEU B 152 -17.75 -23.61 -44.27
C LEU B 152 -16.48 -23.07 -43.62
N CYS B 153 -15.44 -23.90 -43.50
CA CYS B 153 -14.26 -23.53 -42.74
C CYS B 153 -13.41 -22.51 -43.51
N PRO B 154 -13.23 -21.28 -43.01
CA PRO B 154 -12.52 -20.26 -43.83
C PRO B 154 -11.06 -20.59 -44.09
N ARG B 155 -10.37 -21.20 -43.13
CA ARG B 155 -9.00 -21.63 -43.39
C ARG B 155 -8.95 -22.63 -44.55
N GLY B 156 -9.96 -23.52 -44.63
CA GLY B 156 -10.02 -24.42 -45.77
C GLY B 156 -10.19 -23.69 -47.09
N ILE B 157 -10.93 -22.59 -47.09
CA ILE B 157 -11.08 -21.79 -48.31
C ILE B 157 -9.75 -21.17 -48.69
N MET B 158 -9.01 -20.65 -47.72
CA MET B 158 -7.65 -20.18 -47.98
C MET B 158 -6.79 -21.30 -48.55
N LYS B 159 -6.88 -22.50 -47.99
CA LYS B 159 -6.09 -23.63 -48.48
C LYS B 159 -6.41 -23.90 -49.95
N LYS B 160 -7.69 -23.86 -50.32
CA LYS B 160 -8.07 -24.11 -51.71
C LYS B 160 -7.52 -23.02 -52.63
N ALA B 161 -7.57 -21.76 -52.18
CA ALA B 161 -7.01 -20.67 -52.98
C ALA B 161 -5.50 -20.85 -53.18
N VAL B 162 -4.79 -21.14 -52.10
CA VAL B 162 -3.35 -21.34 -52.17
C VAL B 162 -3.02 -22.49 -53.12
N LYS B 163 -3.83 -23.56 -53.09
CA LYS B 163 -3.60 -24.70 -53.96
C LYS B 163 -3.83 -24.35 -55.42
N SER B 164 -4.90 -23.61 -55.72
CA SER B 164 -5.11 -23.16 -57.10
C SER B 164 -3.90 -22.37 -57.60
N LEU B 165 -3.43 -21.44 -56.76
CA LEU B 165 -2.30 -20.61 -57.14
C LEU B 165 -1.06 -21.47 -57.36
N SER B 166 -0.80 -22.40 -56.45
CA SER B 166 0.33 -23.31 -56.61
C SER B 166 0.23 -24.13 -57.89
N ASP B 167 -0.98 -24.62 -58.20
CA ASP B 167 -1.18 -25.35 -59.45
C ASP B 167 -0.82 -24.50 -60.65
N GLU B 168 -0.93 -23.18 -60.54
CA GLU B 168 -0.50 -22.32 -61.64
C GLU B 168 0.96 -21.91 -61.54
N GLY B 169 1.69 -22.37 -60.53
CA GLY B 169 3.12 -22.12 -60.41
C GLY B 169 3.52 -20.95 -59.53
N TYR B 170 2.62 -20.42 -58.72
CA TYR B 170 2.87 -19.17 -58.01
C TYR B 170 2.65 -19.34 -56.52
N LEU B 171 3.37 -18.52 -55.75
CA LEU B 171 3.18 -18.37 -54.32
C LEU B 171 2.71 -16.95 -54.03
N PHE B 172 1.81 -16.83 -53.05
CA PHE B 172 1.22 -15.56 -52.64
C PHE B 172 2.09 -14.96 -51.53
N LYS B 173 2.68 -13.81 -51.80
CA LYS B 173 3.50 -13.09 -50.83
C LYS B 173 2.73 -11.88 -50.35
N CYS B 174 2.62 -11.71 -49.04
CA CYS B 174 1.69 -10.74 -48.46
C CYS B 174 2.35 -9.94 -47.34
N GLY B 175 2.23 -8.64 -47.43
CA GLY B 175 2.65 -7.72 -46.40
C GLY B 175 1.43 -7.21 -45.65
N ILE B 176 1.42 -7.46 -44.34
CA ILE B 176 0.31 -7.16 -43.44
C ILE B 176 0.51 -5.77 -42.85
N GLU B 177 -0.45 -4.88 -43.08
CA GLU B 177 -0.41 -3.52 -42.56
C GLU B 177 -1.73 -3.27 -41.85
N LEU B 178 -1.72 -3.27 -40.51
CA LEU B 178 -2.95 -3.19 -39.72
C LEU B 178 -3.02 -1.90 -38.93
N GLU B 179 -4.14 -1.19 -39.06
CA GLU B 179 -4.46 -0.07 -38.18
C GLU B 179 -5.46 -0.53 -37.13
N TRP B 180 -5.36 0.03 -35.93
CA TRP B 180 -6.25 -0.40 -34.85
C TRP B 180 -6.28 0.67 -33.78
N TYR B 181 -7.23 0.56 -32.84
CA TYR B 181 -7.31 1.53 -31.76
C TYR B 181 -6.91 0.90 -30.44
N LEU B 182 -6.15 1.66 -29.64
CA LEU B 182 -5.71 1.28 -28.31
C LEU B 182 -6.38 2.22 -27.30
N THR B 183 -7.17 1.64 -26.40
CA THR B 183 -7.92 2.43 -25.42
C THR B 183 -7.74 1.82 -24.03
N LYS B 184 -8.02 2.60 -23.00
CA LYS B 184 -7.94 2.11 -21.63
C LYS B 184 -9.34 1.78 -21.14
N ILE B 185 -9.49 0.62 -20.48
CA ILE B 185 -10.80 0.18 -20.05
C ILE B 185 -11.28 1.02 -18.88
N VAL B 186 -12.50 1.53 -18.98
CA VAL B 186 -13.17 2.19 -17.88
C VAL B 186 -14.15 1.26 -17.19
N ASP B 187 -14.89 0.46 -17.97
CA ASP B 187 -15.88 -0.46 -17.41
C ASP B 187 -16.07 -1.62 -18.39
N ARG B 188 -15.90 -2.84 -17.88
CA ARG B 188 -16.00 -4.01 -18.74
C ARG B 188 -17.45 -4.41 -19.03
N SER B 189 -18.42 -3.67 -18.51
CA SER B 189 -19.84 -3.88 -18.82
C SER B 189 -20.26 -5.32 -18.51
N LEU B 190 -20.01 -5.73 -17.27
CA LEU B 190 -20.26 -7.08 -16.82
C LEU B 190 -21.50 -7.21 -15.95
N SER B 191 -22.22 -6.11 -15.68
CA SER B 191 -23.42 -6.21 -14.89
C SER B 191 -24.47 -7.05 -15.62
N PRO B 192 -25.24 -7.86 -14.89
CA PRO B 192 -26.23 -8.73 -15.58
C PRO B 192 -27.12 -7.98 -16.57
N GLU B 193 -27.51 -6.75 -16.26
CA GLU B 193 -28.35 -5.96 -17.16
C GLU B 193 -27.62 -5.53 -18.44
N SER B 194 -26.31 -5.70 -18.51
CA SER B 194 -25.53 -5.33 -19.70
C SER B 194 -25.25 -6.50 -20.62
N LEU B 195 -25.69 -7.70 -20.26
CA LEU B 195 -25.24 -8.93 -20.92
C LEU B 195 -26.02 -9.25 -22.20
N GLY B 196 -27.09 -8.53 -22.50
CA GLY B 196 -27.84 -8.87 -23.70
C GLY B 196 -28.51 -10.23 -23.58
N ALA B 197 -28.62 -10.90 -24.71
CA ALA B 197 -29.29 -12.20 -24.83
C ALA B 197 -29.03 -12.74 -26.24
N PRO B 198 -29.34 -14.00 -26.51
CA PRO B 198 -29.24 -14.47 -27.90
C PRO B 198 -30.00 -13.54 -28.82
N GLY B 199 -29.33 -12.98 -29.83
CA GLY B 199 -29.96 -12.04 -30.73
C GLY B 199 -30.04 -10.62 -30.20
N VAL B 200 -29.50 -10.36 -29.02
CA VAL B 200 -29.58 -9.04 -28.38
C VAL B 200 -28.16 -8.62 -28.01
N GLN B 201 -27.70 -7.50 -28.58
CA GLN B 201 -26.32 -7.07 -28.37
C GLN B 201 -26.08 -6.72 -26.91
N PRO B 202 -24.99 -7.17 -26.32
CA PRO B 202 -24.61 -6.70 -24.97
C PRO B 202 -23.99 -5.31 -25.03
N ASP B 203 -23.84 -4.71 -23.86
CA ASP B 203 -23.28 -3.37 -23.79
C ASP B 203 -21.84 -3.36 -24.29
N ALA B 204 -21.49 -2.31 -25.02
CA ALA B 204 -20.09 -2.08 -25.35
C ALA B 204 -19.27 -1.85 -24.09
N ILE B 205 -18.03 -2.32 -24.11
CA ILE B 205 -17.07 -1.93 -23.09
C ILE B 205 -16.88 -0.42 -23.13
N GLN B 206 -16.76 0.21 -21.95
CA GLN B 206 -16.51 1.64 -21.86
C GLN B 206 -15.01 1.87 -21.79
N VAL B 207 -14.51 2.84 -22.55
CA VAL B 207 -13.07 3.06 -22.66
C VAL B 207 -12.78 4.56 -22.65
N GLN B 208 -11.50 4.86 -22.55
CA GLN B 208 -10.91 6.20 -22.58
C GLN B 208 -9.75 6.20 -23.56
N PRO B 209 -9.62 7.25 -24.38
CA PRO B 209 -8.42 7.35 -25.22
C PRO B 209 -7.14 7.37 -24.40
N VAL B 210 -6.05 6.92 -25.01
CA VAL B 210 -4.75 6.85 -24.35
C VAL B 210 -3.83 7.99 -24.75
N ALA B 211 -4.20 8.77 -25.76
CA ALA B 211 -3.35 9.87 -26.21
C ALA B 211 -4.20 10.78 -27.10
N GLN B 212 -3.79 12.05 -27.17
CA GLN B 212 -4.37 12.96 -28.14
C GLN B 212 -3.84 12.58 -29.53
N GLY B 213 -4.34 13.24 -30.56
CA GLY B 213 -4.00 12.86 -31.92
C GLY B 213 -3.94 14.03 -32.88
N TYR B 214 -4.30 13.75 -34.14
CA TYR B 214 -4.18 14.72 -35.23
C TYR B 214 -2.80 15.36 -35.25
N SER B 215 -1.80 14.53 -34.96
CA SER B 215 -0.37 14.89 -35.03
C SER B 215 0.33 13.62 -35.52
N VAL B 216 0.28 13.39 -36.84
CA VAL B 216 0.55 12.05 -37.35
C VAL B 216 2.03 11.71 -37.21
N LEU B 217 2.31 10.43 -36.94
CA LEU B 217 3.67 9.89 -36.83
C LEU B 217 4.49 10.57 -35.73
N LEU B 218 3.83 11.11 -34.70
CA LEU B 218 4.54 11.87 -33.67
C LEU B 218 5.27 10.92 -32.72
N GLU B 219 6.59 11.04 -32.66
CA GLU B 219 7.38 10.13 -31.83
C GLU B 219 6.94 10.16 -30.36
N HIS B 220 6.64 11.34 -29.83
CA HIS B 220 6.25 11.42 -28.43
C HIS B 220 4.96 10.66 -28.16
N HIS B 221 4.07 10.54 -29.16
CA HIS B 221 2.91 9.68 -29.00
C HIS B 221 3.34 8.23 -28.82
N LEU B 222 4.32 7.79 -29.60
CA LEU B 222 4.84 6.43 -29.43
C LEU B 222 5.37 6.24 -28.01
N ASP B 223 6.13 7.21 -27.51
CA ASP B 223 6.67 7.05 -26.16
C ASP B 223 5.56 7.05 -25.11
N GLN B 224 4.57 7.92 -25.27
CA GLN B 224 3.52 8.05 -24.26
C GLN B 224 2.73 6.75 -24.08
N VAL B 225 2.57 5.96 -25.14
CA VAL B 225 1.81 4.72 -25.04
C VAL B 225 2.71 3.50 -24.89
N ASP B 226 4.01 3.69 -24.73
CA ASP B 226 4.84 2.50 -24.81
C ASP B 226 4.83 1.66 -23.54
N ASP B 227 4.17 2.10 -22.44
CA ASP B 227 4.14 1.23 -21.27
C ASP B 227 3.43 -0.08 -21.64
N ILE B 228 2.33 0.06 -22.37
CA ILE B 228 1.56 -1.09 -22.84
C ILE B 228 2.02 -1.53 -24.22
N MET B 229 2.36 -0.58 -25.10
CA MET B 229 2.78 -0.99 -26.43
C MET B 229 4.05 -1.82 -26.38
N SER B 230 4.93 -1.57 -25.41
CA SER B 230 6.11 -2.44 -25.28
C SER B 230 5.72 -3.87 -24.98
N LYS B 231 4.63 -4.07 -24.24
CA LYS B 231 4.17 -5.43 -23.96
C LYS B 231 3.55 -6.06 -25.19
N VAL B 232 2.79 -5.29 -25.96
CA VAL B 232 2.29 -5.80 -27.25
C VAL B 232 3.46 -6.18 -28.15
N ARG B 233 4.46 -5.29 -28.25
CA ARG B 233 5.64 -5.52 -29.06
C ARG B 233 6.36 -6.80 -28.66
N LYS B 234 6.64 -6.95 -27.36
CA LYS B 234 7.32 -8.14 -26.88
C LYS B 234 6.49 -9.40 -27.15
N GLY B 235 5.17 -9.32 -26.98
CA GLY B 235 4.34 -10.47 -27.26
C GLY B 235 4.41 -10.89 -28.71
N LEU B 236 4.36 -9.93 -29.63
CA LEU B 236 4.46 -10.25 -31.04
C LEU B 236 5.82 -10.83 -31.40
N LEU B 237 6.90 -10.24 -30.85
CA LEU B 237 8.24 -10.75 -31.11
C LEU B 237 8.44 -12.15 -30.55
N GLU B 238 7.90 -12.42 -29.35
CA GLU B 238 8.06 -13.73 -28.72
C GLU B 238 7.27 -14.81 -29.46
N LEU B 239 6.20 -14.43 -30.15
CA LEU B 239 5.49 -15.35 -31.03
C LEU B 239 6.21 -15.55 -32.35
N ASN B 240 7.39 -14.96 -32.51
CA ASN B 240 8.17 -15.05 -33.74
C ASN B 240 7.41 -14.53 -34.94
N LEU B 241 6.56 -13.52 -34.73
CA LEU B 241 5.94 -12.87 -35.87
C LEU B 241 6.85 -11.76 -36.40
N PRO B 242 6.93 -11.58 -37.72
CA PRO B 242 7.91 -10.64 -38.30
C PRO B 242 7.47 -9.18 -38.18
N LEU B 243 7.31 -8.72 -36.95
CA LEU B 243 6.98 -7.31 -36.71
C LEU B 243 7.99 -6.42 -37.42
N ARG B 244 7.50 -5.40 -38.10
CA ARG B 244 8.30 -4.49 -38.91
C ARG B 244 8.32 -3.07 -38.34
N SER B 245 7.14 -2.51 -38.03
CA SER B 245 7.07 -1.16 -37.51
C SER B 245 5.86 -1.03 -36.59
N ILE B 246 5.99 -0.11 -35.64
CA ILE B 246 4.87 0.41 -34.87
C ILE B 246 4.81 1.91 -35.14
N GLU B 247 3.64 2.42 -35.47
CA GLU B 247 3.53 3.79 -35.95
C GLU B 247 2.33 4.48 -35.30
N ASP B 248 2.45 5.79 -35.15
CA ASP B 248 1.38 6.63 -34.63
C ASP B 248 0.53 7.11 -35.80
N GLU B 249 -0.68 6.58 -35.90
CA GLU B 249 -1.56 6.98 -36.99
C GLU B 249 -2.23 8.29 -36.64
N TRP B 250 -3.04 8.80 -37.58
CA TRP B 250 -3.49 10.18 -37.53
C TRP B 250 -4.41 10.45 -36.35
N ALA B 251 -5.40 9.60 -36.14
CA ALA B 251 -6.44 9.90 -35.16
C ALA B 251 -5.92 9.66 -33.74
N PRO B 252 -6.56 10.28 -32.74
CA PRO B 252 -6.18 10.03 -31.36
C PRO B 252 -6.29 8.54 -31.04
N SER B 253 -5.21 8.00 -30.45
CA SER B 253 -5.14 6.62 -30.00
C SER B 253 -5.19 5.62 -31.15
N GLN B 254 -5.07 6.07 -32.40
CA GLN B 254 -5.01 5.17 -33.55
C GLN B 254 -3.56 4.75 -33.78
N MET B 255 -3.34 3.44 -33.84
CA MET B 255 -2.03 2.83 -34.00
C MET B 255 -1.97 2.13 -35.34
N GLU B 256 -0.74 1.88 -35.79
CA GLU B 256 -0.51 1.04 -36.94
C GLU B 256 0.67 0.13 -36.66
N THR B 257 0.52 -1.14 -37.04
CA THR B 257 1.59 -2.13 -36.96
C THR B 257 1.69 -2.82 -38.31
N THR B 258 2.90 -2.86 -38.86
CA THR B 258 3.14 -3.53 -40.12
C THR B 258 4.10 -4.69 -39.89
N PHE B 259 4.11 -5.60 -40.85
CA PHE B 259 4.88 -6.83 -40.72
C PHE B 259 5.61 -7.09 -42.03
N ASP B 260 6.74 -7.78 -41.92
CA ASP B 260 7.48 -8.18 -43.11
C ASP B 260 6.69 -9.22 -43.90
N VAL B 261 7.11 -9.43 -45.16
CA VAL B 261 6.36 -10.27 -46.08
C VAL B 261 6.24 -11.69 -45.53
N MET B 262 5.04 -12.26 -45.65
CA MET B 262 4.80 -13.66 -45.34
C MET B 262 4.10 -14.32 -46.53
N GLU B 263 3.96 -15.64 -46.48
CA GLU B 263 3.54 -16.44 -47.62
C GLU B 263 2.25 -17.20 -47.33
N GLY B 264 1.28 -17.03 -48.22
CA GLY B 264 0.10 -17.89 -48.26
C GLY B 264 -0.61 -18.15 -46.94
N LEU B 265 -0.85 -19.44 -46.68
CA LEU B 265 -1.59 -19.85 -45.50
C LEU B 265 -0.91 -19.35 -44.23
N GLU B 266 0.42 -19.38 -44.20
CA GLU B 266 1.16 -18.92 -43.04
C GLU B 266 0.90 -17.43 -42.80
N ALA B 267 0.81 -16.64 -43.87
CA ALA B 267 0.47 -15.23 -43.71
C ALA B 267 -0.93 -15.06 -43.12
N ALA B 268 -1.89 -15.85 -43.59
CA ALA B 268 -3.24 -15.75 -43.04
C ALA B 268 -3.29 -16.14 -41.56
N ASP B 269 -2.67 -17.28 -41.22
CA ASP B 269 -2.60 -17.70 -39.82
C ASP B 269 -1.95 -16.61 -38.97
N ALA B 270 -0.91 -15.97 -39.52
CA ALA B 270 -0.19 -14.94 -38.77
C ALA B 270 -1.07 -13.73 -38.51
N ALA B 271 -1.79 -13.25 -39.53
CA ALA B 271 -2.70 -12.13 -39.31
C ALA B 271 -3.72 -12.46 -38.22
N LEU B 272 -4.25 -13.67 -38.27
CA LEU B 272 -5.21 -14.09 -37.24
C LEU B 272 -4.58 -14.02 -35.85
N LEU B 273 -3.39 -14.61 -35.70
CA LEU B 273 -2.72 -14.62 -34.40
C LEU B 273 -2.33 -13.23 -33.96
N ILE B 274 -1.91 -12.37 -34.89
CA ILE B 274 -1.53 -11.01 -34.58
C ILE B 274 -2.69 -10.27 -33.92
N LYS B 275 -3.87 -10.34 -34.54
CA LYS B 275 -5.01 -9.63 -33.98
C LYS B 275 -5.39 -10.22 -32.62
N SER B 276 -5.37 -11.55 -32.51
CA SER B 276 -5.72 -12.17 -31.23
C SER B 276 -4.75 -11.77 -30.12
N ALA B 277 -3.46 -11.76 -30.43
CA ALA B 277 -2.45 -11.45 -29.44
C ALA B 277 -2.54 -9.99 -28.99
N ILE B 278 -2.73 -9.08 -29.94
CA ILE B 278 -2.88 -7.67 -29.56
C ILE B 278 -4.05 -7.51 -28.60
N LYS B 279 -5.20 -8.11 -28.94
CA LYS B 279 -6.37 -7.94 -28.09
C LYS B 279 -6.17 -8.58 -26.71
N GLN B 280 -5.58 -9.78 -26.68
CA GLN B 280 -5.42 -10.47 -25.40
C GLN B 280 -4.42 -9.77 -24.48
N ILE B 281 -3.26 -9.37 -25.00
CA ILE B 281 -2.24 -8.64 -24.18
C ILE B 281 -2.85 -7.35 -23.61
N CYS B 282 -3.54 -6.60 -24.46
CA CYS B 282 -4.17 -5.35 -24.00
C CYS B 282 -5.14 -5.64 -22.83
N SER B 283 -6.07 -6.58 -22.99
CA SER B 283 -7.04 -6.93 -21.91
C SER B 283 -6.33 -7.31 -20.61
N ARG B 284 -5.24 -8.06 -20.72
CA ARG B 284 -4.44 -8.49 -19.54
C ARG B 284 -3.96 -7.27 -18.73
N HIS B 285 -3.74 -6.14 -19.40
CA HIS B 285 -3.21 -4.94 -18.70
C HIS B 285 -4.29 -3.85 -18.55
N GLY B 286 -5.56 -4.22 -18.70
CA GLY B 286 -6.66 -3.27 -18.52
C GLY B 286 -6.83 -2.33 -19.71
N TYR B 287 -6.36 -2.75 -20.87
CA TYR B 287 -6.55 -1.95 -22.10
C TYR B 287 -7.46 -2.73 -23.06
N HIS B 288 -8.08 -2.04 -23.99
CA HIS B 288 -8.93 -2.63 -25.02
C HIS B 288 -8.39 -2.21 -26.39
N ALA B 289 -7.94 -3.19 -27.15
CA ALA B 289 -7.58 -2.99 -28.55
C ALA B 289 -8.79 -3.36 -29.41
N THR B 290 -9.03 -2.58 -30.46
CA THR B 290 -10.12 -2.95 -31.36
C THR B 290 -9.74 -2.76 -32.82
N PHE B 291 -10.13 -3.75 -33.63
CA PHE B 291 -10.03 -3.70 -35.07
C PHE B 291 -11.35 -3.36 -35.72
N MET B 292 -12.33 -2.93 -34.93
CA MET B 292 -13.53 -2.32 -35.49
C MET B 292 -13.13 -1.12 -36.34
N CYS B 293 -13.71 -1.01 -37.53
CA CYS B 293 -13.20 -0.04 -38.50
C CYS B 293 -13.27 1.38 -37.94
N LYS B 294 -14.42 1.81 -37.44
CA LYS B 294 -14.60 3.18 -36.98
C LYS B 294 -15.48 3.18 -35.74
N PRO B 295 -14.87 3.11 -34.55
CA PRO B 295 -15.67 3.10 -33.32
C PRO B 295 -16.51 4.35 -33.17
N ALA B 296 -17.61 4.22 -32.42
CA ALA B 296 -18.46 5.35 -32.07
C ALA B 296 -17.88 6.08 -30.85
N ILE B 297 -16.71 6.67 -31.06
CA ILE B 297 -16.02 7.46 -30.07
C ILE B 297 -15.57 8.75 -30.74
N ASN B 298 -15.93 9.89 -30.14
CA ASN B 298 -15.69 11.17 -30.80
C ASN B 298 -14.23 11.28 -31.22
N GLY B 299 -14.03 11.67 -32.49
CA GLY B 299 -12.70 11.90 -33.01
C GLY B 299 -12.02 10.70 -33.63
N PHE B 300 -12.58 9.51 -33.48
CA PHE B 300 -11.94 8.31 -34.02
C PHE B 300 -12.27 8.21 -35.51
N PHE B 301 -11.23 8.21 -36.34
CA PHE B 301 -11.40 8.04 -37.77
C PHE B 301 -11.27 6.56 -38.14
N ALA B 302 -11.74 6.23 -39.34
CA ALA B 302 -11.75 4.85 -39.78
C ALA B 302 -10.34 4.30 -39.90
N SER B 303 -10.17 3.03 -39.52
CA SER B 303 -8.94 2.28 -39.67
C SER B 303 -9.05 1.37 -40.89
N GLY B 304 -7.92 1.16 -41.59
CA GLY B 304 -7.92 0.32 -42.76
C GLY B 304 -6.95 -0.84 -42.68
N TRP B 305 -7.16 -1.86 -43.51
CA TRP B 305 -6.23 -2.98 -43.66
C TRP B 305 -5.87 -3.07 -45.14
N HIS B 306 -4.79 -2.36 -45.52
CA HIS B 306 -4.26 -2.45 -46.88
C HIS B 306 -3.47 -3.74 -47.03
N MET B 307 -3.72 -4.49 -48.09
CA MET B 307 -3.09 -5.79 -48.30
C MET B 307 -2.03 -5.64 -49.38
N HIS B 308 -0.75 -5.75 -49.01
CA HIS B 308 0.32 -5.72 -50.00
C HIS B 308 0.55 -7.13 -50.54
N GLN B 309 0.59 -7.27 -51.87
CA GLN B 309 0.57 -8.55 -52.53
C GLN B 309 1.53 -8.58 -53.70
N SER B 310 2.28 -9.68 -53.81
CA SER B 310 3.03 -10.02 -55.01
C SER B 310 2.97 -11.53 -55.18
N LEU B 311 3.24 -11.99 -56.40
CA LEU B 311 3.37 -13.42 -56.69
C LEU B 311 4.82 -13.76 -56.97
N VAL B 312 5.30 -14.86 -56.39
CA VAL B 312 6.65 -15.34 -56.68
C VAL B 312 6.55 -16.69 -57.38
N ASP B 313 7.53 -16.95 -58.24
CA ASP B 313 7.63 -18.25 -58.91
C ASP B 313 8.00 -19.34 -57.91
N LYS B 314 7.22 -20.43 -57.91
CA LYS B 314 7.47 -21.50 -56.94
C LYS B 314 8.89 -22.06 -57.05
N ASP B 315 9.47 -22.04 -58.25
CA ASP B 315 10.80 -22.61 -58.47
C ASP B 315 11.90 -21.57 -58.36
N THR B 316 11.83 -20.51 -59.16
CA THR B 316 12.88 -19.50 -59.12
C THR B 316 12.76 -18.59 -57.91
N ARG B 317 11.59 -18.54 -57.26
CA ARG B 317 11.37 -17.71 -56.08
C ARG B 317 11.56 -16.23 -56.35
N LYS B 318 11.33 -15.82 -57.61
CA LYS B 318 11.46 -14.44 -58.04
C LYS B 318 10.12 -13.75 -57.91
N ASN B 319 10.13 -12.46 -57.62
CA ASN B 319 8.90 -11.67 -57.63
C ASN B 319 8.51 -11.43 -59.07
N LEU B 320 7.39 -12.04 -59.52
CA LEU B 320 6.98 -11.98 -60.92
C LEU B 320 6.21 -10.72 -61.28
N PHE B 321 5.99 -9.82 -60.32
CA PHE B 321 5.36 -8.53 -60.58
C PHE B 321 6.38 -7.46 -61.01
N ILE B 322 7.66 -7.71 -60.84
CA ILE B 322 8.68 -6.67 -61.05
C ILE B 322 8.59 -6.14 -62.48
N PRO B 323 8.48 -4.83 -62.68
CA PRO B 323 8.41 -4.29 -64.04
C PRO B 323 9.79 -4.01 -64.63
N SER B 324 9.84 -4.08 -65.95
CA SER B 324 10.97 -3.54 -66.71
C SER B 324 10.68 -2.09 -67.04
N GLU B 325 11.61 -1.43 -67.70
CA GLU B 325 11.42 -0.03 -68.06
C GLU B 325 10.19 0.12 -68.96
N GLY B 326 9.44 1.19 -68.72
CA GLY B 326 8.21 1.42 -69.47
C GLY B 326 7.01 0.66 -68.97
N GLU B 327 7.11 0.02 -67.80
CA GLU B 327 6.00 -0.69 -67.15
C GLU B 327 5.89 -0.24 -65.71
N VAL B 328 4.67 -0.32 -65.16
CA VAL B 328 4.53 -0.22 -63.71
C VAL B 328 4.45 -1.61 -63.07
N LEU B 329 4.05 -2.62 -63.84
CA LEU B 329 4.08 -4.01 -63.38
C LEU B 329 4.39 -4.89 -64.59
N SER B 330 4.95 -6.06 -64.31
CA SER B 330 5.07 -7.06 -65.35
C SER B 330 3.69 -7.33 -65.94
N PRO B 331 3.62 -7.91 -67.13
CA PRO B 331 2.31 -8.30 -67.66
C PRO B 331 1.51 -9.16 -66.68
N LEU B 332 2.16 -10.11 -66.01
CA LEU B 332 1.44 -10.96 -65.05
C LEU B 332 0.84 -10.12 -63.93
N GLY B 333 1.63 -9.19 -63.37
CA GLY B 333 1.10 -8.33 -62.33
C GLY B 333 -0.03 -7.46 -62.84
N ARG B 334 0.08 -7.00 -64.09
CA ARG B 334 -0.99 -6.18 -64.66
C ARG B 334 -2.28 -6.98 -64.79
N ALA B 335 -2.20 -8.25 -65.21
CA ALA B 335 -3.40 -9.07 -65.28
C ALA B 335 -3.96 -9.37 -63.89
N TYR B 336 -3.08 -9.60 -62.92
CA TYR B 336 -3.52 -9.77 -61.54
C TYR B 336 -4.32 -8.55 -61.06
N ALA B 337 -3.76 -7.35 -61.27
CA ALA B 337 -4.47 -6.13 -60.92
C ALA B 337 -5.82 -6.04 -61.63
N GLY B 338 -5.85 -6.39 -62.92
CA GLY B 338 -7.13 -6.42 -63.60
C GLY B 338 -8.13 -7.34 -62.93
N GLY B 339 -7.68 -8.50 -62.47
CA GLY B 339 -8.58 -9.39 -61.75
C GLY B 339 -9.05 -8.80 -60.44
N LEU B 340 -8.16 -8.10 -59.73
CA LEU B 340 -8.57 -7.45 -58.49
C LEU B 340 -9.67 -6.43 -58.76
N LEU B 341 -9.47 -5.59 -59.78
CA LEU B 341 -10.45 -4.56 -60.11
C LEU B 341 -11.77 -5.18 -60.55
N ALA B 342 -11.72 -6.15 -61.47
CA ALA B 342 -12.95 -6.69 -62.04
C ALA B 342 -13.84 -7.32 -60.98
N ASN B 343 -13.24 -7.94 -59.97
CA ASN B 343 -14.00 -8.67 -58.96
C ASN B 343 -14.13 -7.92 -57.66
N GLY B 344 -13.70 -6.65 -57.62
CA GLY B 344 -13.64 -5.92 -56.36
C GLY B 344 -15.00 -5.73 -55.72
N SER B 345 -16.05 -5.57 -56.53
CA SER B 345 -17.39 -5.40 -55.97
C SER B 345 -17.94 -6.73 -55.46
N ALA B 346 -17.78 -7.80 -56.23
CA ALA B 346 -18.23 -9.09 -55.76
C ALA B 346 -17.46 -9.53 -54.51
N ALA B 347 -16.20 -9.14 -54.40
CA ALA B 347 -15.39 -9.49 -53.24
C ALA B 347 -15.58 -8.55 -52.05
N SER B 348 -16.41 -7.51 -52.19
CA SER B 348 -16.48 -6.47 -51.16
C SER B 348 -16.90 -7.05 -49.81
N SER B 349 -17.79 -8.05 -49.81
CA SER B 349 -18.25 -8.64 -48.56
C SER B 349 -17.15 -9.37 -47.82
N PHE B 350 -16.11 -9.81 -48.53
CA PHE B 350 -15.01 -10.54 -47.91
C PHE B 350 -13.89 -9.62 -47.43
N THR B 351 -13.54 -8.61 -48.24
CA THR B 351 -12.54 -7.64 -47.79
C THR B 351 -13.10 -6.72 -46.72
N THR B 352 -14.41 -6.52 -46.73
CA THR B 352 -15.08 -5.51 -45.90
C THR B 352 -16.37 -6.12 -45.40
N PRO B 353 -16.28 -7.07 -44.47
CA PRO B 353 -17.47 -7.84 -44.07
C PRO B 353 -18.39 -7.09 -43.13
N THR B 354 -17.91 -6.03 -42.49
CA THR B 354 -18.64 -5.38 -41.42
C THR B 354 -19.52 -4.26 -41.96
N VAL B 355 -20.69 -4.08 -41.35
CA VAL B 355 -21.52 -2.93 -41.69
C VAL B 355 -20.72 -1.66 -41.55
N ASN B 356 -19.95 -1.57 -40.46
CA ASN B 356 -19.19 -0.39 -40.09
C ASN B 356 -18.03 -0.11 -41.05
N GLY B 357 -17.49 -1.14 -41.69
CA GLY B 357 -16.38 -0.93 -42.60
C GLY B 357 -16.73 -0.05 -43.79
N TYR B 358 -18.00 0.01 -44.15
CA TYR B 358 -18.40 0.84 -45.28
C TYR B 358 -18.41 2.31 -44.95
N ARG B 359 -18.13 2.67 -43.68
CA ARG B 359 -17.89 4.08 -43.43
C ARG B 359 -16.67 4.56 -44.19
N ARG B 360 -15.80 3.65 -44.68
CA ARG B 360 -14.65 4.05 -45.47
C ARG B 360 -14.94 4.24 -46.96
N ARG B 361 -16.16 3.99 -47.42
CA ARG B 361 -16.49 4.08 -48.85
C ARG B 361 -16.95 5.50 -49.17
N GLN B 362 -15.98 6.41 -49.27
CA GLN B 362 -16.27 7.81 -49.55
C GLN B 362 -15.03 8.45 -50.13
N PRO B 363 -15.17 9.53 -50.90
CA PRO B 363 -13.99 10.13 -51.55
C PRO B 363 -13.19 10.98 -50.57
N TYR B 364 -12.01 11.43 -51.00
CA TYR B 364 -11.16 12.33 -50.17
C TYR B 364 -10.91 11.72 -48.78
N SER B 365 -10.56 10.43 -48.76
CA SER B 365 -10.42 9.72 -47.48
C SER B 365 -9.13 8.92 -47.47
N LEU B 366 -8.47 8.83 -48.62
CA LEU B 366 -7.27 7.94 -48.76
C LEU B 366 -7.74 6.50 -48.66
N ALA B 367 -9.03 6.29 -48.85
CA ALA B 367 -9.61 4.94 -48.91
C ALA B 367 -10.34 4.82 -50.26
N PRO B 368 -10.53 3.64 -50.89
CA PRO B 368 -11.13 3.57 -52.23
C PRO B 368 -12.65 3.65 -52.21
N ASP B 369 -13.18 4.40 -53.17
CA ASP B 369 -14.60 4.41 -53.46
C ASP B 369 -14.92 3.89 -54.85
N ARG B 370 -13.90 3.50 -55.62
CA ARG B 370 -14.07 3.08 -57.00
C ARG B 370 -13.10 1.96 -57.33
N ARG B 371 -13.42 1.24 -58.40
CA ARG B 371 -12.55 0.19 -58.90
C ARG B 371 -11.56 0.83 -59.87
N ALA B 372 -10.62 1.57 -59.29
CA ALA B 372 -9.62 2.28 -60.06
C ALA B 372 -8.25 1.83 -59.61
N TRP B 373 -7.32 1.76 -60.54
CA TRP B 373 -5.95 1.44 -60.20
C TRP B 373 -5.02 2.57 -60.61
N ALA B 374 -3.91 2.71 -59.89
CA ALA B 374 -3.03 3.84 -60.14
C ALA B 374 -1.64 3.57 -59.58
N LYS B 375 -0.67 4.34 -60.07
CA LYS B 375 0.69 4.29 -59.60
C LYS B 375 0.83 5.24 -58.42
N ASP B 376 1.18 4.69 -57.26
CA ASP B 376 1.49 5.44 -56.04
C ASP B 376 0.36 6.30 -55.47
N ASN B 377 -0.79 6.35 -56.15
CA ASN B 377 -1.83 7.27 -55.72
C ASN B 377 -2.74 6.59 -54.69
N LYS B 378 -2.81 7.19 -53.51
CA LYS B 378 -3.47 6.61 -52.36
C LYS B 378 -4.97 6.82 -52.36
N ALA B 379 -5.52 7.36 -53.45
CA ALA B 379 -6.96 7.41 -53.67
C ALA B 379 -7.49 6.20 -54.42
N ALA B 380 -6.61 5.35 -54.96
CA ALA B 380 -7.02 4.22 -55.77
C ALA B 380 -7.37 3.02 -54.91
N MET B 381 -8.16 2.11 -55.47
CA MET B 381 -8.37 0.82 -54.83
C MET B 381 -7.11 -0.03 -54.92
N VAL B 382 -6.54 -0.10 -56.11
CA VAL B 382 -5.31 -0.85 -56.37
C VAL B 382 -4.20 0.16 -56.61
N ARG B 383 -3.31 0.30 -55.64
CA ARG B 383 -2.18 1.21 -55.70
C ARG B 383 -0.92 0.39 -55.97
N VAL B 384 -0.25 0.67 -57.08
CA VAL B 384 0.97 -0.03 -57.45
C VAL B 384 2.14 0.70 -56.83
N VAL B 385 3.03 -0.04 -56.18
CA VAL B 385 4.29 0.52 -55.70
C VAL B 385 5.40 -0.31 -56.33
N SER B 386 6.18 0.31 -57.23
CA SER B 386 7.12 -0.48 -57.99
C SER B 386 8.20 0.42 -58.59
N ALA B 387 9.29 -0.23 -59.01
CA ALA B 387 10.38 0.38 -59.74
C ALA B 387 11.08 -0.74 -60.50
N THR B 388 11.65 -0.38 -61.66
CA THR B 388 12.32 -1.39 -62.49
C THR B 388 13.32 -2.18 -61.69
N GLY B 389 13.21 -3.51 -61.73
CA GLY B 389 14.10 -4.40 -61.01
C GLY B 389 13.97 -4.38 -59.50
N ASP B 390 12.99 -3.68 -58.94
CA ASP B 390 12.85 -3.59 -57.49
C ASP B 390 11.97 -4.73 -56.98
N PRO B 391 12.50 -5.63 -56.14
CA PRO B 391 11.67 -6.72 -55.60
C PRO B 391 10.61 -6.27 -54.62
N ALA B 392 10.60 -5.00 -54.20
CA ALA B 392 9.47 -4.52 -53.40
C ALA B 392 8.26 -4.18 -54.26
N SER B 393 8.39 -4.29 -55.58
CA SER B 393 7.27 -3.99 -56.47
C SER B 393 6.08 -4.89 -56.13
N ARG B 394 4.90 -4.27 -56.05
CA ARG B 394 3.76 -4.96 -55.45
C ARG B 394 2.50 -4.18 -55.79
N ILE B 395 1.37 -4.84 -55.55
CA ILE B 395 0.06 -4.20 -55.55
C ILE B 395 -0.36 -4.05 -54.10
N GLU B 396 -0.85 -2.89 -53.73
CA GLU B 396 -1.50 -2.70 -52.45
C GLU B 396 -2.98 -2.49 -52.70
N ASN B 397 -3.80 -3.39 -52.18
CA ASN B 397 -5.25 -3.22 -52.25
C ASN B 397 -5.68 -2.53 -50.96
N ARG B 398 -6.19 -1.31 -51.08
CA ARG B 398 -6.50 -0.48 -49.93
C ARG B 398 -7.94 -0.64 -49.44
N ILE B 399 -8.67 -1.62 -49.97
CA ILE B 399 -10.10 -1.73 -49.71
C ILE B 399 -10.43 -2.41 -48.38
N GLY B 400 -9.53 -3.21 -47.83
CA GLY B 400 -9.86 -4.02 -46.68
C GLY B 400 -10.00 -3.21 -45.41
N GLU B 401 -10.74 -3.80 -44.44
CA GLU B 401 -10.90 -3.24 -43.10
C GLU B 401 -10.20 -4.14 -42.08
N PRO B 402 -9.68 -3.57 -40.99
CA PRO B 402 -8.88 -4.39 -40.06
C PRO B 402 -9.65 -5.56 -39.49
N GLY B 403 -10.96 -5.46 -39.36
CA GLY B 403 -11.75 -6.54 -38.81
C GLY B 403 -12.10 -7.66 -39.78
N ALA B 404 -11.51 -7.64 -40.98
CA ALA B 404 -11.78 -8.69 -41.95
C ALA B 404 -11.25 -10.02 -41.45
N ASN B 405 -11.92 -11.09 -41.87
CA ASN B 405 -11.42 -12.44 -41.65
C ASN B 405 -10.17 -12.65 -42.49
N PRO B 406 -9.00 -12.90 -41.88
CA PRO B 406 -7.78 -12.96 -42.70
C PRO B 406 -7.86 -13.97 -43.82
N TYR B 407 -8.48 -15.13 -43.57
CA TYR B 407 -8.57 -16.16 -44.59
C TYR B 407 -9.45 -15.70 -45.76
N LEU B 408 -10.59 -15.08 -45.45
CA LEU B 408 -11.49 -14.67 -46.53
C LEU B 408 -10.92 -13.48 -47.30
N TYR B 409 -10.29 -12.54 -46.61
CA TYR B 409 -9.64 -11.41 -47.28
C TYR B 409 -8.56 -11.90 -48.24
N MET B 410 -7.60 -12.66 -47.70
CA MET B 410 -6.49 -13.12 -48.54
C MET B 410 -6.96 -14.04 -49.65
N ALA B 411 -7.92 -14.93 -49.36
CA ALA B 411 -8.41 -15.83 -50.40
C ALA B 411 -9.15 -15.08 -51.49
N SER B 412 -9.91 -14.04 -51.12
CA SER B 412 -10.57 -13.24 -52.15
C SER B 412 -9.54 -12.56 -53.03
N GLN B 413 -8.41 -12.14 -52.45
CA GLN B 413 -7.36 -11.52 -53.25
C GLN B 413 -6.75 -12.52 -54.21
N ILE B 414 -6.38 -13.69 -53.70
CA ILE B 414 -5.80 -14.72 -54.55
C ILE B 414 -6.77 -15.10 -55.68
N VAL B 415 -8.03 -15.30 -55.33
CA VAL B 415 -9.01 -15.74 -56.33
C VAL B 415 -9.20 -14.67 -57.40
N SER B 416 -9.34 -13.41 -56.97
CA SER B 416 -9.53 -12.31 -57.93
C SER B 416 -8.32 -12.18 -58.85
N GLY B 417 -7.13 -12.13 -58.28
CA GLY B 417 -5.94 -11.93 -59.10
C GLY B 417 -5.68 -13.08 -60.05
N LEU B 418 -5.90 -14.31 -59.58
CA LEU B 418 -5.73 -15.47 -60.43
C LEU B 418 -6.74 -15.47 -61.57
N ASP B 419 -7.98 -15.06 -61.27
CA ASP B 419 -8.98 -14.92 -62.33
C ASP B 419 -8.52 -13.90 -63.37
N GLY B 420 -7.89 -12.81 -62.91
CA GLY B 420 -7.37 -11.85 -63.86
C GLY B 420 -6.27 -12.40 -64.76
N ILE B 421 -5.35 -13.16 -64.17
CA ILE B 421 -4.24 -13.75 -64.95
C ILE B 421 -4.80 -14.74 -65.96
N LYS B 422 -5.65 -15.65 -65.47
CA LYS B 422 -6.22 -16.75 -66.29
C LYS B 422 -7.09 -16.24 -67.45
N ASN B 423 -7.76 -15.11 -67.25
CA ASN B 423 -8.67 -14.58 -68.28
C ASN B 423 -8.02 -13.36 -68.94
N LYS B 424 -6.71 -13.19 -68.73
CA LYS B 424 -5.94 -12.08 -69.34
C LYS B 424 -6.74 -10.79 -69.21
N LYS B 425 -7.19 -10.46 -67.99
CA LYS B 425 -8.05 -9.28 -67.81
C LYS B 425 -7.20 -8.02 -67.85
N ASP B 426 -7.74 -6.95 -68.43
CA ASP B 426 -6.96 -5.71 -68.60
C ASP B 426 -7.38 -4.71 -67.53
N PRO B 427 -6.50 -4.19 -66.64
CA PRO B 427 -6.99 -3.22 -65.64
C PRO B 427 -7.40 -1.88 -66.23
N GLY B 428 -7.12 -1.62 -67.51
CA GLY B 428 -7.40 -0.31 -68.05
C GLY B 428 -6.29 0.67 -67.75
N GLU B 429 -6.64 1.96 -67.90
CA GLU B 429 -5.64 3.01 -67.78
C GLU B 429 -5.39 3.36 -66.32
N LEU B 430 -4.12 3.65 -66.00
CA LEU B 430 -3.77 4.16 -64.69
C LEU B 430 -4.47 5.48 -64.45
N GLN B 431 -5.09 5.64 -63.28
CA GLN B 431 -5.89 6.82 -62.99
C GLN B 431 -5.05 7.86 -62.24
N GLU B 432 -4.93 9.04 -62.84
CA GLU B 432 -4.27 10.19 -62.24
C GLU B 432 -5.06 10.86 -61.14
N SER B 433 -6.39 10.80 -61.18
CA SER B 433 -7.22 11.37 -60.16
C SER B 433 -8.26 10.31 -59.85
N PRO B 434 -7.93 9.35 -58.98
CA PRO B 434 -8.85 8.23 -58.77
C PRO B 434 -10.24 8.66 -58.35
N TYR B 435 -10.37 9.76 -57.62
CA TYR B 435 -11.68 10.22 -57.17
C TYR B 435 -12.49 10.88 -58.27
N ASP B 436 -11.94 11.04 -59.47
CA ASP B 436 -12.70 11.46 -60.64
C ASP B 436 -12.78 10.37 -61.70
N ALA B 437 -12.22 9.19 -61.45
CA ALA B 437 -12.11 8.17 -62.48
C ALA B 437 -13.49 7.65 -62.88
N GLN B 438 -13.72 7.58 -64.20
CA GLN B 438 -14.98 7.07 -64.75
C GLN B 438 -14.90 5.55 -64.83
N VAL B 439 -14.89 4.94 -63.65
CA VAL B 439 -14.83 3.49 -63.51
C VAL B 439 -15.93 3.07 -62.55
N PRO B 440 -16.27 1.78 -62.46
CA PRO B 440 -17.39 1.38 -61.61
C PRO B 440 -17.16 1.74 -60.15
N MET B 441 -18.22 2.24 -59.52
CA MET B 441 -18.20 2.54 -58.09
C MET B 441 -18.18 1.25 -57.28
N LEU B 442 -17.55 1.32 -56.10
CA LEU B 442 -17.60 0.19 -55.18
C LEU B 442 -18.88 0.24 -54.37
N PRO B 443 -19.35 -0.90 -53.84
CA PRO B 443 -20.51 -0.88 -52.95
C PRO B 443 -20.30 0.09 -51.81
N THR B 444 -21.37 0.82 -51.47
CA THR B 444 -21.30 1.79 -50.38
C THR B 444 -21.90 1.27 -49.07
N THR B 445 -22.55 0.11 -49.10
CA THR B 445 -23.09 -0.52 -47.89
C THR B 445 -22.89 -2.02 -47.98
N LEU B 446 -22.94 -2.69 -46.82
CA LEU B 446 -22.86 -4.13 -46.80
C LEU B 446 -23.94 -4.76 -47.67
N ALA B 447 -25.16 -4.20 -47.63
CA ALA B 447 -26.23 -4.72 -48.47
C ALA B 447 -25.86 -4.64 -49.94
N GLU B 448 -25.30 -3.51 -50.36
CA GLU B 448 -24.88 -3.37 -51.75
C GLU B 448 -23.79 -4.38 -52.09
N ALA B 449 -22.86 -4.63 -51.15
CA ALA B 449 -21.82 -5.62 -51.39
C ALA B 449 -22.39 -7.02 -51.57
N LEU B 450 -23.39 -7.38 -50.74
CA LEU B 450 -24.01 -8.69 -50.88
C LEU B 450 -24.77 -8.79 -52.19
N ASP B 451 -25.45 -7.71 -52.59
CA ASP B 451 -26.11 -7.69 -53.90
C ASP B 451 -25.09 -7.90 -55.01
N ALA B 452 -23.95 -7.22 -54.93
CA ALA B 452 -22.92 -7.37 -55.95
C ALA B 452 -22.43 -8.80 -56.05
N LEU B 453 -22.25 -9.46 -54.90
CA LEU B 453 -21.83 -10.85 -54.91
C LEU B 453 -22.88 -11.75 -55.52
N GLU B 454 -24.15 -11.58 -55.10
CA GLU B 454 -25.22 -12.43 -55.62
C GLU B 454 -25.38 -12.25 -57.12
N HIS B 455 -25.28 -11.01 -57.61
CA HIS B 455 -25.46 -10.73 -59.02
C HIS B 455 -24.25 -11.10 -59.87
N ASP B 456 -23.11 -11.41 -59.26
CA ASP B 456 -21.90 -11.80 -59.95
C ASP B 456 -21.18 -12.86 -59.10
N SER B 457 -21.76 -14.06 -59.02
CA SER B 457 -21.37 -15.06 -58.04
C SER B 457 -20.52 -16.19 -58.62
N GLU B 458 -20.35 -16.25 -59.93
CA GLU B 458 -19.78 -17.45 -60.55
C GLU B 458 -18.37 -17.74 -60.05
N LEU B 459 -17.49 -16.74 -60.05
CA LEU B 459 -16.11 -16.98 -59.65
C LEU B 459 -16.03 -17.43 -58.18
N PHE B 460 -16.72 -16.72 -57.29
CA PHE B 460 -16.59 -17.07 -55.88
C PHE B 460 -17.35 -18.34 -55.53
N ARG B 461 -18.44 -18.65 -56.23
CA ARG B 461 -19.04 -19.97 -56.07
C ARG B 461 -18.07 -21.06 -56.51
N SER B 462 -17.40 -20.85 -57.64
CA SER B 462 -16.48 -21.87 -58.15
C SER B 462 -15.30 -22.07 -57.21
N CYS B 463 -14.79 -20.98 -56.61
CA CYS B 463 -13.56 -21.06 -55.81
C CYS B 463 -13.82 -21.21 -54.31
N PHE B 464 -14.80 -20.48 -53.75
CA PHE B 464 -15.11 -20.65 -52.33
C PHE B 464 -16.04 -21.84 -52.10
N GLY B 465 -16.84 -22.21 -53.09
CA GLY B 465 -17.77 -23.32 -52.98
C GLY B 465 -19.18 -22.79 -52.97
N ASP B 466 -20.07 -23.48 -53.69
CA ASP B 466 -21.45 -23.02 -53.80
C ASP B 466 -22.14 -22.98 -52.43
N THR B 467 -22.00 -24.03 -51.63
CA THR B 467 -22.64 -24.04 -50.33
C THR B 467 -22.12 -22.91 -49.43
N PHE B 468 -20.82 -22.66 -49.45
CA PHE B 468 -20.32 -21.56 -48.64
C PHE B 468 -20.94 -20.24 -49.06
N ILE B 469 -21.08 -20.02 -50.37
CA ILE B 469 -21.63 -18.74 -50.82
C ILE B 469 -23.10 -18.61 -50.44
N LYS B 470 -23.87 -19.68 -50.62
CA LYS B 470 -25.27 -19.66 -50.17
C LYS B 470 -25.36 -19.33 -48.68
N TYR B 471 -24.55 -20.02 -47.87
CA TYR B 471 -24.50 -19.80 -46.43
C TYR B 471 -24.13 -18.34 -46.10
N TRP B 472 -23.07 -17.85 -46.75
CA TRP B 472 -22.59 -16.49 -46.50
C TRP B 472 -23.67 -15.47 -46.80
N LEU B 473 -24.31 -15.60 -47.97
CA LEU B 473 -25.36 -14.66 -48.34
C LEU B 473 -26.47 -14.65 -47.30
N GLN B 474 -26.97 -15.84 -46.92
CA GLN B 474 -28.05 -15.88 -45.94
C GLN B 474 -27.65 -15.21 -44.63
N LEU B 475 -26.48 -15.60 -44.09
CA LEU B 475 -26.03 -15.06 -42.81
C LEU B 475 -25.89 -13.54 -42.85
N ARG B 476 -25.08 -13.03 -43.78
CA ARG B 476 -24.82 -11.59 -43.78
C ARG B 476 -26.10 -10.80 -44.06
N ARG B 477 -27.00 -11.34 -44.88
CA ARG B 477 -28.26 -10.63 -45.11
C ARG B 477 -29.08 -10.53 -43.83
N SER B 478 -29.08 -11.59 -43.01
CA SER B 478 -29.78 -11.48 -41.73
C SER B 478 -29.15 -10.40 -40.84
N GLU B 479 -27.82 -10.29 -40.87
CA GLU B 479 -27.17 -9.24 -40.07
C GLU B 479 -27.57 -7.86 -40.56
N TRP B 480 -27.56 -7.66 -41.87
CA TRP B 480 -27.98 -6.37 -42.42
C TRP B 480 -29.42 -6.07 -42.03
N ALA B 481 -30.30 -7.07 -42.03
CA ALA B 481 -31.71 -6.86 -41.60
C ALA B 481 -31.76 -6.31 -40.17
N ARG B 482 -30.94 -6.87 -39.29
CA ARG B 482 -30.89 -6.41 -37.87
C ARG B 482 -30.47 -4.93 -37.80
N PHE B 483 -29.45 -4.54 -38.55
CA PHE B 483 -29.00 -3.13 -38.56
C PHE B 483 -30.14 -2.21 -39.01
N LEU B 484 -30.77 -2.53 -40.14
CA LEU B 484 -31.86 -1.68 -40.70
C LEU B 484 -33.01 -1.52 -39.72
N ASP B 485 -33.38 -2.60 -39.03
CA ASP B 485 -34.50 -2.55 -38.07
C ASP B 485 -34.15 -1.65 -36.89
N ALA B 486 -32.88 -1.67 -36.48
CA ALA B 486 -32.47 -0.86 -35.30
C ALA B 486 -32.15 0.58 -35.66
N GLU B 487 -31.65 0.83 -36.86
CA GLU B 487 -31.16 2.21 -37.17
C GLU B 487 -31.86 2.88 -38.35
N GLY B 488 -32.42 2.11 -39.29
CA GLY B 488 -33.05 2.73 -40.45
C GLY B 488 -32.09 2.89 -41.62
N ALA B 489 -32.67 3.07 -42.80
CA ALA B 489 -31.87 3.10 -44.01
C ALA B 489 -30.97 4.34 -44.12
N GLU B 490 -31.44 5.50 -43.72
CA GLU B 490 -30.64 6.74 -43.90
C GLU B 490 -29.33 6.67 -43.10
N ALA B 491 -29.31 5.88 -42.04
CA ALA B 491 -28.11 5.80 -41.16
C ALA B 491 -26.98 5.04 -41.85
N ALA B 492 -27.29 4.32 -42.93
CA ALA B 492 -26.26 3.52 -43.64
C ALA B 492 -25.38 4.39 -44.54
N GLU B 493 -25.80 5.61 -44.84
CA GLU B 493 -24.93 6.51 -45.65
C GLU B 493 -23.53 6.56 -45.02
N PRO B 494 -22.47 6.20 -45.77
CA PRO B 494 -21.11 6.21 -45.24
C PRO B 494 -20.64 7.45 -44.46
N THR B 495 -21.00 8.65 -44.90
CA THR B 495 -20.55 9.91 -44.26
C THR B 495 -21.30 10.11 -42.96
N GLY B 496 -22.31 9.27 -42.75
CA GLY B 496 -23.13 9.36 -41.53
C GLY B 496 -22.38 8.95 -40.29
N ALA B 497 -22.85 9.42 -39.16
CA ALA B 497 -22.26 9.08 -37.86
C ALA B 497 -22.33 7.58 -37.61
N VAL B 498 -21.33 7.06 -36.93
CA VAL B 498 -21.37 5.66 -36.53
C VAL B 498 -22.50 5.45 -35.55
N THR B 499 -23.31 4.42 -35.78
CA THR B 499 -24.48 4.18 -34.96
C THR B 499 -24.12 3.37 -33.71
N GLN B 500 -25.02 3.43 -32.73
CA GLN B 500 -24.86 2.58 -31.56
C GLN B 500 -24.94 1.10 -31.91
N TRP B 501 -25.72 0.75 -32.94
CA TRP B 501 -25.76 -0.64 -33.39
C TRP B 501 -24.37 -1.13 -33.78
N GLU B 502 -23.63 -0.32 -34.54
CA GLU B 502 -22.27 -0.70 -34.94
C GLU B 502 -21.37 -0.88 -33.73
N GLN B 503 -21.42 0.07 -32.79
CA GLN B 503 -20.60 -0.03 -31.59
C GLN B 503 -20.92 -1.30 -30.82
N LYS B 504 -22.20 -1.61 -30.65
CA LYS B 504 -22.60 -2.77 -29.86
C LYS B 504 -22.51 -4.08 -30.64
N GLU B 505 -22.28 -4.02 -31.95
CA GLU B 505 -22.04 -5.21 -32.73
C GLU B 505 -20.56 -5.56 -32.80
N TYR B 506 -19.68 -4.56 -32.95
CA TYR B 506 -18.29 -4.81 -33.33
C TYR B 506 -17.25 -4.42 -32.30
N PHE B 507 -17.53 -3.46 -31.42
CA PHE B 507 -16.45 -2.87 -30.61
C PHE B 507 -15.81 -3.91 -29.68
N ASN B 508 -16.61 -4.73 -29.01
CA ASN B 508 -16.08 -5.63 -27.99
C ASN B 508 -15.25 -6.77 -28.60
N LEU B 509 -15.76 -7.38 -29.67
CA LEU B 509 -15.21 -8.64 -30.17
C LEU B 509 -14.20 -8.49 -31.30
N LEU B 510 -14.32 -7.46 -32.13
CA LEU B 510 -13.41 -7.32 -33.27
C LEU B 510 -12.15 -6.56 -32.85
N PHE C 20 41.29 29.27 -21.20
CA PHE C 20 41.61 30.57 -20.61
C PHE C 20 41.66 30.50 -19.09
N ASP C 21 42.85 30.64 -18.52
CA ASP C 21 43.03 30.47 -17.07
C ASP C 21 42.92 31.82 -16.37
N PHE C 22 41.66 32.26 -16.23
CA PHE C 22 41.33 33.46 -15.47
C PHE C 22 41.90 33.40 -14.05
N ILE C 23 41.81 32.23 -13.41
CA ILE C 23 42.17 32.13 -11.99
C ILE C 23 43.68 32.28 -11.80
N THR C 24 44.47 31.58 -12.62
CA THR C 24 45.92 31.75 -12.54
C THR C 24 46.32 33.14 -12.99
N LYS C 25 45.75 33.61 -14.11
CA LYS C 25 46.15 34.90 -14.66
C LYS C 25 45.97 36.02 -13.64
N ASN C 26 44.99 35.89 -12.75
CA ASN C 26 44.73 36.88 -11.72
C ASN C 26 45.20 36.44 -10.34
N ASN C 27 45.94 35.34 -10.25
CA ASN C 27 46.54 34.89 -8.99
C ASN C 27 45.49 34.81 -7.89
N LEU C 28 44.34 34.22 -8.20
CA LEU C 28 43.22 34.21 -7.27
C LEU C 28 43.20 33.01 -6.33
N TRP C 29 44.06 32.02 -6.53
CA TRP C 29 44.12 30.85 -5.65
C TRP C 29 45.46 30.80 -4.94
N THR C 30 45.44 30.61 -3.63
CA THR C 30 46.64 30.28 -2.88
C THR C 30 47.10 28.86 -3.23
N ASN C 31 48.32 28.54 -2.82
CA ASN C 31 48.79 27.17 -2.95
C ASN C 31 47.87 26.21 -2.18
N GLU C 32 47.32 26.63 -1.04
CA GLU C 32 46.27 25.81 -0.39
C GLU C 32 45.17 25.49 -1.34
N GLN C 33 44.58 26.54 -1.91
CA GLN C 33 43.39 26.37 -2.71
C GLN C 33 43.72 25.49 -3.91
N ARG C 34 44.91 25.64 -4.49
CA ARG C 34 45.29 24.83 -5.64
C ARG C 34 45.36 23.35 -5.27
N ASP C 35 46.03 23.04 -4.15
CA ASP C 35 46.07 21.68 -3.65
C ASP C 35 44.67 21.15 -3.37
N ALA C 36 43.85 21.98 -2.72
CA ALA C 36 42.48 21.59 -2.41
C ALA C 36 41.68 21.28 -3.67
N ALA C 37 41.91 22.07 -4.74
CA ALA C 37 41.23 21.82 -6.00
C ALA C 37 41.60 20.45 -6.54
N ASP C 38 42.88 20.11 -6.46
CA ASP C 38 43.27 18.77 -6.87
C ASP C 38 42.49 17.72 -6.08
N LYS C 39 42.45 17.84 -4.75
CA LYS C 39 41.75 16.77 -4.05
C LYS C 39 40.26 16.81 -4.28
N VAL C 40 39.70 17.99 -4.50
CA VAL C 40 38.28 18.08 -4.78
C VAL C 40 37.94 17.31 -6.04
N LEU C 41 38.74 17.49 -7.09
CA LEU C 41 38.50 16.75 -8.33
C LEU C 41 38.64 15.26 -8.10
N ALA C 42 39.64 14.86 -7.30
CA ALA C 42 39.82 13.44 -7.02
C ALA C 42 38.62 12.86 -6.29
N GLU C 43 38.09 13.59 -5.31
CA GLU C 43 36.93 13.08 -4.56
C GLU C 43 35.69 13.04 -5.46
N ILE C 44 35.51 14.06 -6.31
CA ILE C 44 34.39 14.04 -7.24
C ILE C 44 34.45 12.80 -8.10
N ASP C 45 35.65 12.45 -8.57
CA ASP C 45 35.79 11.26 -9.41
C ASP C 45 35.53 9.99 -8.62
N SER C 46 36.15 9.86 -7.43
CA SER C 46 36.03 8.64 -6.64
C SER C 46 34.58 8.38 -6.21
N LEU C 47 33.84 9.43 -5.87
CA LEU C 47 32.46 9.24 -5.43
C LEU C 47 31.47 9.14 -6.59
N GLY C 48 31.92 9.40 -7.83
CA GLY C 48 31.00 9.35 -8.95
C GLY C 48 29.94 10.43 -8.91
N LEU C 49 30.25 11.59 -8.36
CA LEU C 49 29.30 12.68 -8.34
C LEU C 49 29.01 13.14 -9.76
N GLU C 50 27.79 13.63 -9.97
CA GLU C 50 27.35 14.07 -11.28
C GLU C 50 27.17 15.58 -11.40
N MET C 51 26.84 16.25 -10.30
CA MET C 51 26.64 17.68 -10.26
C MET C 51 27.45 18.28 -9.12
N ILE C 52 27.90 19.51 -9.31
CA ILE C 52 28.53 20.31 -8.26
C ILE C 52 27.89 21.70 -8.29
N ARG C 53 27.23 22.07 -7.20
CA ARG C 53 26.67 23.41 -7.09
C ARG C 53 27.76 24.43 -6.82
N LEU C 54 27.70 25.54 -7.53
CA LEU C 54 28.53 26.71 -7.29
C LEU C 54 27.61 27.81 -6.78
N SER C 55 27.80 28.21 -5.52
CA SER C 55 26.87 29.14 -4.89
C SER C 55 27.64 30.26 -4.20
N TRP C 56 26.92 31.35 -3.92
CA TRP C 56 27.43 32.50 -3.20
C TRP C 56 26.25 33.20 -2.54
N ALA C 57 26.50 33.84 -1.41
CA ALA C 57 25.46 34.55 -0.69
C ALA C 57 25.19 35.89 -1.36
N ASP C 58 23.92 36.21 -1.56
CA ASP C 58 23.53 37.52 -2.05
C ASP C 58 23.42 38.48 -0.85
N GLN C 59 22.87 39.67 -1.07
CA GLN C 59 22.82 40.67 -0.01
C GLN C 59 21.98 40.21 1.17
N TYR C 60 21.04 39.30 0.94
CA TYR C 60 20.18 38.76 1.99
C TYR C 60 20.75 37.52 2.64
N GLY C 61 21.94 37.07 2.23
CA GLY C 61 22.45 35.82 2.76
C GLY C 61 21.88 34.59 2.10
N LEU C 62 21.14 34.73 1.00
CA LEU C 62 20.53 33.61 0.32
C LEU C 62 21.47 33.07 -0.74
N LEU C 63 21.51 31.76 -0.89
CA LEU C 63 22.49 31.11 -1.76
C LEU C 63 21.99 31.17 -3.20
N ARG C 64 22.78 31.81 -4.06
CA ARG C 64 22.50 31.88 -5.49
C ARG C 64 23.64 31.23 -6.25
N GLY C 65 23.33 30.77 -7.46
CA GLY C 65 24.38 30.24 -8.30
C GLY C 65 23.89 29.32 -9.40
N LYS C 66 24.67 28.30 -9.69
CA LYS C 66 24.32 27.33 -10.73
C LYS C 66 24.69 25.94 -10.23
N SER C 67 24.17 24.92 -10.89
CA SER C 67 24.66 23.56 -10.72
C SER C 67 25.38 23.14 -12.00
N LEU C 68 26.64 22.74 -11.85
CA LEU C 68 27.50 22.39 -12.97
C LEU C 68 27.71 20.89 -13.02
N THR C 69 28.00 20.39 -14.21
CA THR C 69 28.44 19.01 -14.35
C THR C 69 29.93 18.91 -14.01
N VAL C 70 30.44 17.68 -13.89
CA VAL C 70 31.87 17.54 -13.57
C VAL C 70 32.72 18.20 -14.66
N ALA C 71 32.38 17.99 -15.94
CA ALA C 71 33.18 18.59 -17.00
C ALA C 71 33.17 20.12 -16.89
N SER C 72 31.99 20.69 -16.64
CA SER C 72 31.87 22.13 -16.51
C SER C 72 32.59 22.65 -15.27
N LEU C 73 32.53 21.91 -14.15
CA LEU C 73 33.27 22.35 -12.96
C LEU C 73 34.77 22.32 -13.21
N LYS C 74 35.25 21.29 -13.90
CA LYS C 74 36.67 21.25 -14.25
C LYS C 74 37.06 22.46 -15.07
N SER C 75 36.21 22.85 -16.03
CA SER C 75 36.50 24.08 -16.78
C SER C 75 36.48 25.31 -15.86
N ALA C 76 35.51 25.37 -14.96
CA ALA C 76 35.40 26.49 -14.03
C ALA C 76 36.61 26.60 -13.11
N PHE C 77 37.32 25.49 -12.87
CA PHE C 77 38.54 25.56 -12.09
C PHE C 77 39.67 26.28 -12.84
N LYS C 78 39.47 26.60 -14.12
CA LYS C 78 40.38 27.44 -14.89
C LYS C 78 39.77 28.79 -15.25
N GLU C 79 38.56 28.78 -15.82
CA GLU C 79 37.93 29.97 -16.38
C GLU C 79 36.98 30.67 -15.42
N GLY C 80 36.70 30.07 -14.26
CA GLY C 80 35.59 30.56 -13.47
C GLY C 80 34.30 30.23 -14.21
N SER C 81 33.19 30.73 -13.66
CA SER C 81 31.87 30.52 -14.25
C SER C 81 31.11 31.82 -14.24
N GLU C 82 30.67 32.27 -15.42
CA GLU C 82 30.08 33.59 -15.54
C GLU C 82 28.66 33.60 -14.97
N VAL C 83 28.31 34.70 -14.31
CA VAL C 83 26.97 34.86 -13.74
C VAL C 83 26.62 36.34 -13.79
N ALA C 84 25.32 36.62 -13.84
CA ALA C 84 24.85 38.00 -13.83
C ALA C 84 24.70 38.48 -12.39
N ILE C 85 24.87 39.79 -12.18
CA ILE C 85 24.76 40.36 -10.85
C ILE C 85 23.30 40.61 -10.51
N GLY C 86 22.40 40.19 -11.39
CA GLY C 86 20.98 40.38 -11.24
C GLY C 86 20.47 40.34 -9.81
N PRO C 87 20.76 39.26 -9.09
CA PRO C 87 20.24 39.13 -7.72
C PRO C 87 20.53 40.33 -6.81
N PHE C 88 21.66 41.00 -6.98
CA PHE C 88 21.99 42.15 -6.14
C PHE C 88 21.05 43.32 -6.39
N PHE C 89 20.51 43.46 -7.59
CA PHE C 89 19.64 44.58 -7.92
C PHE C 89 18.17 44.25 -7.75
N PHE C 90 17.84 43.04 -7.30
CA PHE C 90 16.48 42.64 -6.95
C PHE C 90 16.32 42.64 -5.44
N ASP C 91 15.10 42.90 -4.97
CA ASP C 91 14.77 42.61 -3.59
C ASP C 91 14.23 41.17 -3.53
N LEU C 92 13.70 40.77 -2.37
CA LEU C 92 13.33 39.37 -2.15
C LEU C 92 12.23 38.90 -3.08
N VAL C 93 11.41 39.80 -3.60
CA VAL C 93 10.34 39.46 -4.52
C VAL C 93 10.63 39.95 -5.93
N SER C 94 11.88 40.32 -6.21
CA SER C 94 12.33 40.75 -7.53
C SER C 94 11.67 42.06 -7.98
N SER C 95 11.36 42.96 -7.06
CA SER C 95 11.24 44.35 -7.45
C SER C 95 12.55 44.78 -8.10
N MET C 96 12.45 45.50 -9.21
CA MET C 96 13.66 46.01 -9.87
C MET C 96 14.01 47.36 -9.26
N VAL C 97 14.99 47.36 -8.36
CA VAL C 97 15.34 48.56 -7.61
C VAL C 97 16.37 49.43 -8.34
N PHE C 98 17.21 48.84 -9.18
CA PHE C 98 18.21 49.54 -9.98
C PHE C 98 18.01 49.22 -11.46
N ASN C 99 18.39 50.18 -12.32
CA ASN C 99 18.15 50.09 -13.76
C ASN C 99 19.07 49.01 -14.35
N LEU C 100 18.51 47.83 -14.62
CA LEU C 100 19.30 46.73 -15.16
C LEU C 100 19.67 46.91 -16.63
N PHE C 101 19.07 47.86 -17.33
CA PHE C 101 19.15 47.89 -18.79
C PHE C 101 20.16 48.89 -19.36
N THR C 102 20.63 49.85 -18.57
CA THR C 102 21.62 50.83 -19.03
C THR C 102 23.01 50.49 -18.48
N THR C 103 23.93 50.13 -19.37
CA THR C 103 25.32 49.94 -18.97
C THR C 103 25.89 51.23 -18.38
N ALA C 104 26.44 51.14 -17.17
CA ALA C 104 26.96 52.31 -16.50
C ALA C 104 28.34 52.69 -17.03
N GLY C 105 28.57 53.99 -17.19
CA GLY C 105 29.92 54.45 -17.50
C GLY C 105 30.89 54.11 -16.38
N ASP C 106 30.52 54.45 -15.15
CA ASP C 106 31.24 54.05 -13.95
C ASP C 106 30.26 53.28 -13.07
N PHE C 107 30.43 51.96 -12.95
CA PHE C 107 29.44 51.13 -12.22
C PHE C 107 29.27 51.61 -10.77
N GLU C 108 30.38 51.79 -10.07
CA GLU C 108 30.31 52.16 -8.62
C GLU C 108 29.57 53.48 -8.42
N ASP C 109 29.69 54.40 -9.37
CA ASP C 109 29.03 55.73 -9.23
C ASP C 109 27.56 55.65 -9.65
N GLU C 110 27.24 54.80 -10.61
CA GLU C 110 25.87 54.78 -11.18
C GLU C 110 25.00 53.63 -10.66
N LEU C 111 25.60 52.52 -10.28
CA LEU C 111 24.83 51.31 -9.85
C LEU C 111 23.72 51.01 -10.87
N SER C 112 24.12 50.65 -12.08
CA SER C 112 23.14 50.35 -13.14
C SER C 112 23.70 49.22 -14.02
N GLY C 113 22.85 48.63 -14.85
CA GLY C 113 23.30 47.56 -15.76
C GLY C 113 23.15 46.17 -15.17
N ASN C 114 23.39 45.15 -15.99
CA ASN C 114 23.38 43.75 -15.53
C ASN C 114 24.73 43.16 -15.96
N PRO C 115 25.92 43.68 -15.54
CA PRO C 115 27.20 43.17 -16.02
C PRO C 115 27.47 41.74 -15.54
N THR C 116 28.35 41.09 -16.29
CA THR C 116 28.79 39.74 -16.01
C THR C 116 29.96 39.75 -15.03
N VAL C 117 29.86 38.94 -13.98
CA VAL C 117 30.98 38.69 -13.11
C VAL C 117 31.34 37.20 -13.20
N VAL C 118 32.50 36.90 -12.67
CA VAL C 118 33.01 35.52 -12.72
C VAL C 118 32.96 34.89 -11.34
N MET C 119 32.27 33.76 -11.23
CA MET C 119 32.28 33.01 -9.97
C MET C 119 33.59 32.24 -9.93
N VAL C 120 34.45 32.54 -8.97
CA VAL C 120 35.72 31.81 -8.78
C VAL C 120 35.49 30.80 -7.65
N PRO C 121 35.41 29.51 -7.95
CA PRO C 121 35.19 28.49 -6.94
C PRO C 121 36.24 28.53 -5.81
N ASP C 122 35.81 28.38 -4.55
CA ASP C 122 36.78 28.29 -3.47
C ASP C 122 36.88 26.83 -3.07
N PRO C 123 37.89 26.09 -3.52
CA PRO C 123 37.88 24.64 -3.31
C PRO C 123 37.99 24.26 -1.85
N THR C 124 38.46 25.15 -0.97
CA THR C 124 38.53 24.81 0.44
C THR C 124 37.15 24.67 1.07
N THR C 125 36.08 25.08 0.38
CA THR C 125 34.73 25.02 0.90
C THR C 125 33.94 23.80 0.41
N PHE C 126 34.55 22.91 -0.35
CA PHE C 126 33.82 21.83 -1.00
C PHE C 126 33.13 20.92 0.01
N LYS C 127 31.88 20.55 -0.28
CA LYS C 127 31.14 19.58 0.51
C LYS C 127 30.33 18.67 -0.42
N VAL C 128 30.12 17.43 0.03
CA VAL C 128 29.15 16.54 -0.59
C VAL C 128 27.84 16.72 0.16
N LEU C 129 26.77 17.02 -0.57
CA LEU C 129 25.48 17.27 0.07
C LEU C 129 24.77 15.93 0.31
N PRO C 130 24.63 15.53 1.58
CA PRO C 130 24.14 14.17 1.86
C PRO C 130 22.69 13.92 1.42
N TRP C 131 21.86 14.96 1.37
CA TRP C 131 20.44 14.77 1.08
C TRP C 131 20.11 14.78 -0.41
N ALA C 132 21.08 15.04 -1.28
CA ALA C 132 20.84 15.17 -2.72
C ALA C 132 21.50 14.02 -3.47
N ASP C 133 21.08 13.85 -4.73
CA ASP C 133 21.58 12.76 -5.56
C ASP C 133 22.91 13.14 -6.19
N LYS C 134 23.99 12.49 -5.76
CA LYS C 134 25.31 12.61 -6.38
C LYS C 134 25.69 14.07 -6.63
N THR C 135 25.57 14.90 -5.60
CA THR C 135 25.77 16.34 -5.73
C THR C 135 26.79 16.85 -4.72
N GLY C 136 27.82 17.54 -5.22
CA GLY C 136 28.73 18.30 -4.40
C GLY C 136 28.36 19.79 -4.40
N TRP C 137 29.14 20.57 -3.63
CA TRP C 137 28.76 21.94 -3.36
C TRP C 137 29.99 22.75 -2.94
N MET C 138 30.07 23.99 -3.42
CA MET C 138 31.15 24.87 -2.99
C MET C 138 30.74 26.31 -3.21
N LEU C 139 31.32 27.20 -2.41
CA LEU C 139 31.11 28.63 -2.53
C LEU C 139 32.07 29.21 -3.56
N ALA C 140 31.67 30.35 -4.12
CA ALA C 140 32.49 31.06 -5.10
C ALA C 140 32.58 32.53 -4.72
N ASP C 141 33.71 33.13 -5.05
CA ASP C 141 33.92 34.57 -4.92
C ASP C 141 33.65 35.24 -6.26
N LEU C 142 33.00 36.40 -6.23
CA LEU C 142 32.62 37.11 -7.43
C LEU C 142 33.69 38.13 -7.80
N HIS C 143 34.13 38.10 -9.06
CA HIS C 143 35.15 39.01 -9.56
C HIS C 143 34.73 39.62 -10.88
N TRP C 144 35.06 40.89 -11.08
CA TRP C 144 34.95 41.43 -12.42
C TRP C 144 35.77 40.58 -13.39
N LYS C 145 35.42 40.65 -14.67
CA LYS C 145 36.27 39.97 -15.65
C LYS C 145 37.63 40.62 -15.77
N SER C 146 37.80 41.82 -15.21
CA SER C 146 39.11 42.44 -15.10
C SER C 146 39.97 41.78 -14.02
N GLY C 147 39.35 41.02 -13.13
CA GLY C 147 40.06 40.33 -12.07
C GLY C 147 39.84 40.92 -10.70
N GLU C 148 39.28 42.13 -10.62
CA GLU C 148 39.05 42.78 -9.34
C GLU C 148 37.84 42.18 -8.64
N PRO C 149 37.84 42.16 -7.31
CA PRO C 149 36.67 41.65 -6.58
C PRO C 149 35.45 42.51 -6.83
N PHE C 150 34.29 41.86 -6.92
CA PHE C 150 33.03 42.58 -7.09
C PHE C 150 32.69 43.30 -5.79
N PRO C 151 32.46 44.61 -5.82
CA PRO C 151 32.40 45.38 -4.55
C PRO C 151 31.16 45.12 -3.72
N LEU C 152 30.09 44.54 -4.27
CA LEU C 152 28.89 44.30 -3.48
C LEU C 152 28.87 42.91 -2.84
N CYS C 153 29.90 42.10 -3.05
CA CYS C 153 29.88 40.72 -2.64
C CYS C 153 30.06 40.62 -1.13
N PRO C 154 29.07 40.11 -0.37
CA PRO C 154 29.18 40.16 1.12
C PRO C 154 30.32 39.32 1.66
N ARG C 155 30.60 38.17 1.04
CA ARG C 155 31.74 37.37 1.47
C ARG C 155 33.04 38.18 1.35
N GLY C 156 33.16 38.98 0.29
CA GLY C 156 34.31 39.86 0.19
C GLY C 156 34.37 40.89 1.31
N ILE C 157 33.23 41.36 1.77
CA ILE C 157 33.23 42.32 2.92
C ILE C 157 33.78 41.64 4.18
N MET C 158 33.40 40.38 4.41
CA MET C 158 33.93 39.63 5.57
C MET C 158 35.44 39.50 5.43
N LYS C 159 35.90 39.15 4.23
CA LYS C 159 37.36 38.99 3.97
C LYS C 159 38.09 40.29 4.36
N LYS C 160 37.54 41.44 3.99
CA LYS C 160 38.18 42.73 4.31
C LYS C 160 38.23 42.92 5.83
N ALA C 161 37.13 42.60 6.51
CA ALA C 161 37.08 42.68 7.99
C ALA C 161 38.14 41.78 8.61
N VAL C 162 38.17 40.52 8.18
CA VAL C 162 39.15 39.54 8.70
C VAL C 162 40.56 40.11 8.43
N LYS C 163 40.78 40.65 7.23
CA LYS C 163 42.13 41.15 6.96
C LYS C 163 42.46 42.34 7.86
N SER C 164 41.54 43.28 8.02
CA SER C 164 41.78 44.40 8.93
C SER C 164 42.12 43.90 10.32
N LEU C 165 41.36 42.92 10.81
CA LEU C 165 41.60 42.39 12.15
C LEU C 165 42.97 41.72 12.22
N SER C 166 43.32 40.91 11.22
CA SER C 166 44.63 40.26 11.19
C SER C 166 45.76 41.29 11.18
N ASP C 167 45.59 42.38 10.45
CA ASP C 167 46.62 43.43 10.42
C ASP C 167 46.85 44.02 11.81
N GLU C 168 45.85 43.98 12.68
CA GLU C 168 46.04 44.45 14.05
C GLU C 168 46.49 43.36 14.99
N GLY C 169 46.68 42.14 14.47
CA GLY C 169 47.21 41.03 15.23
C GLY C 169 46.20 40.04 15.79
N TYR C 170 44.95 40.05 15.35
CA TYR C 170 43.91 39.28 16.00
C TYR C 170 43.16 38.38 15.02
N LEU C 171 42.63 37.27 15.56
CA LEU C 171 41.70 36.39 14.86
C LEU C 171 40.35 36.44 15.56
N PHE C 172 39.30 36.39 14.76
CA PHE C 172 37.91 36.42 15.27
C PHE C 172 37.41 35.01 15.59
N LYS C 173 37.05 34.75 16.84
CA LYS C 173 36.49 33.45 17.26
C LYS C 173 34.98 33.66 17.49
N CYS C 174 34.14 32.81 16.90
CA CYS C 174 32.68 32.98 16.97
C CYS C 174 31.95 31.66 17.30
N GLY C 175 31.09 31.70 18.29
CA GLY C 175 30.24 30.55 18.63
C GLY C 175 28.86 30.80 18.09
N ILE C 176 28.39 30.00 17.15
CA ILE C 176 27.09 30.22 16.46
C ILE C 176 25.95 29.63 17.29
N GLU C 177 24.98 30.45 17.63
CA GLU C 177 23.80 29.98 18.35
C GLU C 177 22.57 30.46 17.58
N LEU C 178 21.89 29.55 16.91
CA LEU C 178 20.77 29.93 16.04
C LEU C 178 19.46 29.35 16.56
N GLU C 179 18.49 30.21 16.73
CA GLU C 179 17.14 29.74 17.07
C GLU C 179 16.35 29.77 15.76
N TRP C 180 15.40 28.87 15.61
CA TRP C 180 14.64 28.77 14.35
C TRP C 180 13.34 27.99 14.60
N TYR C 181 12.42 28.04 13.64
CA TYR C 181 11.17 27.25 13.77
C TYR C 181 11.15 26.03 12.85
N LEU C 182 10.68 24.94 13.38
CA LEU C 182 10.49 23.69 12.65
C LEU C 182 8.99 23.43 12.57
N THR C 183 8.46 23.39 11.35
CA THR C 183 7.04 23.18 11.14
C THR C 183 6.85 22.12 10.06
N LYS C 184 5.65 21.55 10.01
CA LYS C 184 5.31 20.56 9.00
C LYS C 184 4.51 21.21 7.88
N ILE C 185 4.86 20.90 6.65
CA ILE C 185 4.20 21.54 5.51
C ILE C 185 2.79 21.01 5.35
N VAL C 186 1.83 21.93 5.27
CA VAL C 186 0.45 21.60 4.92
C VAL C 186 0.16 21.92 3.44
N ASP C 187 0.69 23.02 2.93
CA ASP C 187 0.47 23.40 1.53
C ASP C 187 1.64 24.26 1.06
N ARG C 188 2.26 23.84 -0.04
CA ARG C 188 3.44 24.54 -0.55
C ARG C 188 3.08 25.79 -1.35
N SER C 189 1.78 26.09 -1.49
CA SER C 189 1.32 27.33 -2.15
C SER C 189 1.87 27.44 -3.56
N LEU C 190 1.62 26.41 -4.37
CA LEU C 190 2.10 26.32 -5.74
C LEU C 190 1.03 26.59 -6.79
N SER C 191 -0.20 26.86 -6.38
CA SER C 191 -1.23 27.15 -7.38
C SER C 191 -0.88 28.45 -8.09
N PRO C 192 -1.16 28.55 -9.40
CA PRO C 192 -0.75 29.76 -10.14
C PRO C 192 -1.17 31.06 -9.48
N GLU C 193 -2.35 31.11 -8.86
CA GLU C 193 -2.80 32.33 -8.22
C GLU C 193 -1.97 32.69 -7.00
N SER C 194 -1.11 31.80 -6.52
CA SER C 194 -0.27 32.05 -5.36
C SER C 194 1.15 32.45 -5.70
N LEU C 195 1.51 32.52 -6.99
CA LEU C 195 2.90 32.66 -7.39
C LEU C 195 3.41 34.10 -7.41
N GLY C 196 2.52 35.07 -7.23
CA GLY C 196 2.98 36.45 -7.27
C GLY C 196 3.44 36.89 -8.65
N ALA C 197 4.41 37.79 -8.66
CA ALA C 197 4.95 38.38 -9.89
C ALA C 197 6.15 39.23 -9.52
N PRO C 198 6.91 39.74 -10.50
CA PRO C 198 7.98 40.69 -10.16
C PRO C 198 7.43 41.80 -9.29
N GLY C 199 8.01 41.99 -8.11
CA GLY C 199 7.54 43.00 -7.18
C GLY C 199 6.30 42.65 -6.40
N VAL C 200 5.78 41.43 -6.54
CA VAL C 200 4.53 41.02 -5.90
C VAL C 200 4.80 39.74 -5.11
N GLN C 201 4.60 39.81 -3.80
CA GLN C 201 4.92 38.68 -2.94
C GLN C 201 4.04 37.48 -3.27
N PRO C 202 4.61 36.28 -3.37
CA PRO C 202 3.79 35.07 -3.47
C PRO C 202 3.27 34.66 -2.09
N ASP C 203 2.32 33.74 -2.09
CA ASP C 203 1.71 33.28 -0.85
C ASP C 203 2.74 32.58 0.03
N ALA C 204 2.64 32.79 1.34
CA ALA C 204 3.41 31.99 2.27
C ALA C 204 3.00 30.53 2.19
N ILE C 205 3.97 29.64 2.37
CA ILE C 205 3.67 28.23 2.58
C ILE C 205 2.81 28.08 3.84
N GLN C 206 1.86 27.16 3.78
CA GLN C 206 1.02 26.85 4.94
C GLN C 206 1.65 25.72 5.73
N VAL C 207 1.67 25.86 7.06
CA VAL C 207 2.37 24.90 7.91
C VAL C 207 1.55 24.61 9.16
N GLN C 208 2.02 23.61 9.91
CA GLN C 208 1.48 23.16 11.18
C GLN C 208 2.61 23.02 12.19
N PRO C 209 2.40 23.46 13.43
CA PRO C 209 3.41 23.22 14.47
C PRO C 209 3.66 21.72 14.67
N VAL C 210 4.87 21.40 15.15
CA VAL C 210 5.24 20.00 15.37
C VAL C 210 5.17 19.57 16.83
N ALA C 211 4.97 20.50 17.75
CA ALA C 211 4.92 20.18 19.17
C ALA C 211 4.35 21.39 19.92
N GLN C 212 3.75 21.13 21.07
CA GLN C 212 3.39 22.24 21.94
C GLN C 212 4.65 22.84 22.56
N GLY C 213 4.48 23.93 23.29
CA GLY C 213 5.63 24.64 23.82
C GLY C 213 5.38 25.26 25.18
N TYR C 214 6.02 26.41 25.43
CA TYR C 214 5.99 27.08 26.74
C TYR C 214 6.33 26.09 27.86
N SER C 215 7.25 25.18 27.55
CA SER C 215 7.81 24.23 28.51
C SER C 215 9.28 24.10 28.11
N VAL C 216 10.08 25.08 28.53
CA VAL C 216 11.39 25.29 27.91
C VAL C 216 12.33 24.15 28.26
N LEU C 217 13.20 23.81 27.31
CA LEU C 217 14.24 22.79 27.49
C LEU C 217 13.67 21.42 27.85
N LEU C 218 12.44 21.13 27.45
CA LEU C 218 11.80 19.86 27.82
C LEU C 218 12.36 18.71 26.98
N GLU C 219 12.97 17.73 27.65
CA GLU C 219 13.58 16.61 26.93
C GLU C 219 12.56 15.88 26.05
N HIS C 220 11.34 15.69 26.57
CA HIS C 220 10.33 14.96 25.80
C HIS C 220 9.98 15.70 24.52
N HIS C 221 10.09 17.03 24.51
CA HIS C 221 9.95 17.77 23.26
C HIS C 221 11.05 17.39 22.27
N LEU C 222 12.29 17.30 22.75
CA LEU C 222 13.37 16.86 21.86
C LEU C 222 13.07 15.49 21.28
N ASP C 223 12.60 14.55 22.10
CA ASP C 223 12.32 13.22 21.55
C ASP C 223 11.16 13.25 20.57
N GLN C 224 10.12 14.05 20.86
CA GLN C 224 8.94 14.09 20.00
C GLN C 224 9.28 14.56 18.59
N VAL C 225 10.27 15.43 18.42
CA VAL C 225 10.62 15.94 17.09
C VAL C 225 11.83 15.23 16.50
N ASP C 226 12.34 14.20 17.17
CA ASP C 226 13.62 13.70 16.70
C ASP C 226 13.52 12.82 15.46
N ASP C 227 12.33 12.42 15.02
CA ASP C 227 12.28 11.69 13.76
C ASP C 227 12.83 12.53 12.60
N ILE C 228 12.50 13.82 12.56
CA ILE C 228 13.09 14.71 11.56
C ILE C 228 14.36 15.38 12.07
N MET C 229 14.39 15.78 13.35
CA MET C 229 15.57 16.45 13.88
C MET C 229 16.79 15.54 13.81
N SER C 230 16.61 14.22 13.94
CA SER C 230 17.74 13.32 13.77
C SER C 230 18.32 13.41 12.36
N LYS C 231 17.47 13.64 11.36
CA LYS C 231 17.97 13.79 9.99
C LYS C 231 18.73 15.11 9.83
N VAL C 232 18.21 16.18 10.44
CA VAL C 232 18.94 17.45 10.46
C VAL C 232 20.30 17.28 11.13
N ARG C 233 20.30 16.61 12.30
CA ARG C 233 21.52 16.35 13.06
C ARG C 233 22.54 15.60 12.22
N LYS C 234 22.10 14.50 11.59
CA LYS C 234 23.02 13.70 10.78
C LYS C 234 23.54 14.51 9.61
N GLY C 235 22.69 15.33 8.99
CA GLY C 235 23.15 16.15 7.88
C GLY C 235 24.22 17.14 8.29
N LEU C 236 24.03 17.80 9.42
CA LEU C 236 25.04 18.74 9.90
C LEU C 236 26.34 18.02 10.26
N LEU C 237 26.25 16.86 10.91
CA LEU C 237 27.45 16.11 11.28
C LEU C 237 28.21 15.61 10.05
N GLU C 238 27.48 15.15 9.03
CA GLU C 238 28.13 14.64 7.83
C GLU C 238 28.79 15.75 7.02
N LEU C 239 28.30 16.98 7.15
CA LEU C 239 28.98 18.14 6.57
C LEU C 239 30.19 18.57 7.39
N ASN C 240 30.50 17.84 8.45
CA ASN C 240 31.62 18.16 9.34
C ASN C 240 31.48 19.54 9.97
N LEU C 241 30.25 19.96 10.24
CA LEU C 241 30.02 21.18 10.98
C LEU C 241 30.05 20.89 12.48
N PRO C 242 30.65 21.77 13.28
CA PRO C 242 30.85 21.46 14.72
C PRO C 242 29.59 21.64 15.55
N LEU C 243 28.56 20.84 15.24
CA LEU C 243 27.34 20.86 16.03
C LEU C 243 27.67 20.64 17.49
N ARG C 244 27.08 21.47 18.36
CA ARG C 244 27.33 21.47 19.80
C ARG C 244 26.13 21.01 20.59
N SER C 245 24.95 21.59 20.32
CA SER C 245 23.76 21.22 21.05
C SER C 245 22.53 21.39 20.16
N ILE C 246 21.51 20.58 20.44
CA ILE C 246 20.15 20.80 19.95
C ILE C 246 19.26 20.99 21.18
N GLU C 247 18.44 22.04 21.17
CA GLU C 247 17.72 22.43 22.38
C GLU C 247 16.29 22.80 22.04
N ASP C 248 15.41 22.56 23.01
CA ASP C 248 13.99 22.90 22.89
C ASP C 248 13.80 24.33 23.42
N GLU C 249 13.53 25.26 22.51
CA GLU C 249 13.35 26.65 22.93
C GLU C 249 11.93 26.85 23.48
N TRP C 250 11.65 28.07 23.92
CA TRP C 250 10.48 28.33 24.75
C TRP C 250 9.18 28.12 23.98
N ALA C 251 9.08 28.71 22.79
CA ALA C 251 7.81 28.69 22.09
C ALA C 251 7.55 27.33 21.43
N PRO C 252 6.29 27.02 21.15
CA PRO C 252 5.98 25.78 20.43
C PRO C 252 6.73 25.70 19.12
N SER C 253 7.36 24.55 18.88
CA SER C 253 8.10 24.26 17.65
C SER C 253 9.33 25.14 17.48
N GLN C 254 9.71 25.89 18.51
CA GLN C 254 10.93 26.71 18.44
C GLN C 254 12.12 25.88 18.89
N MET C 255 13.13 25.80 18.04
CA MET C 255 14.33 25.03 18.25
C MET C 255 15.52 25.96 18.41
N GLU C 256 16.57 25.41 19.00
CA GLU C 256 17.86 26.10 19.05
C GLU C 256 18.95 25.07 18.74
N THR C 257 19.90 25.49 17.90
CA THR C 257 21.07 24.69 17.58
C THR C 257 22.29 25.57 17.78
N THR C 258 23.25 25.08 18.58
CA THR C 258 24.49 25.81 18.81
C THR C 258 25.65 25.01 18.24
N PHE C 259 26.76 25.71 18.05
CA PHE C 259 27.94 25.13 17.43
C PHE C 259 29.17 25.58 18.21
N ASP C 260 30.18 24.71 18.23
CA ASP C 260 31.44 25.07 18.86
C ASP C 260 32.14 26.16 18.05
N VAL C 261 33.13 26.79 18.69
CA VAL C 261 33.77 27.97 18.15
C VAL C 261 34.40 27.71 16.79
N MET C 262 34.20 28.64 15.86
CA MET C 262 34.88 28.66 14.57
C MET C 262 35.52 30.02 14.38
N GLU C 263 36.29 30.16 13.31
CA GLU C 263 37.17 31.31 13.13
C GLU C 263 36.83 32.07 11.86
N GLY C 264 36.64 33.38 11.99
CA GLY C 264 36.61 34.29 10.85
C GLY C 264 35.74 33.85 9.69
N LEU C 265 36.36 33.87 8.51
CA LEU C 265 35.64 33.57 7.27
C LEU C 265 35.02 32.17 7.34
N GLU C 266 35.74 31.22 7.92
CA GLU C 266 35.22 29.86 8.02
C GLU C 266 33.94 29.83 8.87
N ALA C 267 33.90 30.63 9.93
CA ALA C 267 32.69 30.70 10.74
C ALA C 267 31.53 31.27 9.93
N ALA C 268 31.79 32.32 9.14
CA ALA C 268 30.72 32.87 8.30
C ALA C 268 30.23 31.86 7.26
N ASP C 269 31.15 31.22 6.55
CA ASP C 269 30.76 30.19 5.59
C ASP C 269 29.93 29.11 6.25
N ALA C 270 30.32 28.73 7.48
CA ALA C 270 29.63 27.67 8.18
C ALA C 270 28.21 28.07 8.53
N ALA C 271 28.02 29.26 9.07
CA ALA C 271 26.66 29.70 9.38
C ALA C 271 25.78 29.68 8.14
N LEU C 272 26.34 30.13 7.00
CA LEU C 272 25.59 30.11 5.75
C LEU C 272 25.16 28.68 5.39
N LEU C 273 26.13 27.75 5.42
CA LEU C 273 25.81 26.37 5.07
C LEU C 273 24.86 25.74 6.07
N ILE C 274 24.99 26.07 7.36
CA ILE C 274 24.12 25.50 8.39
C ILE C 274 22.68 25.83 8.09
N LYS C 275 22.40 27.11 7.86
CA LYS C 275 21.02 27.49 7.58
C LYS C 275 20.52 26.83 6.30
N SER C 276 21.38 26.79 5.27
CA SER C 276 20.95 26.16 4.01
C SER C 276 20.63 24.68 4.19
N ALA C 277 21.48 23.96 4.92
CA ALA C 277 21.30 22.52 5.11
C ALA C 277 20.05 22.23 5.93
N ILE C 278 19.83 23.01 7.00
CA ILE C 278 18.62 22.79 7.79
C ILE C 278 17.38 22.95 6.92
N LYS C 279 17.34 24.04 6.13
CA LYS C 279 16.15 24.28 5.32
C LYS C 279 15.97 23.19 4.26
N GLN C 280 17.05 22.78 3.60
CA GLN C 280 16.92 21.79 2.53
C GLN C 280 16.53 20.42 3.07
N ILE C 281 17.16 19.97 4.15
CA ILE C 281 16.80 18.68 4.75
C ILE C 281 15.33 18.67 5.17
N CYS C 282 14.90 19.74 5.86
CA CYS C 282 13.53 19.78 6.33
C CYS C 282 12.55 19.72 5.16
N SER C 283 12.84 20.49 4.10
CA SER C 283 11.97 20.46 2.92
C SER C 283 11.96 19.08 2.26
N ARG C 284 13.13 18.43 2.22
CA ARG C 284 13.18 17.11 1.62
C ARG C 284 12.24 16.13 2.32
N HIS C 285 11.96 16.36 3.61
CA HIS C 285 11.06 15.45 4.32
C HIS C 285 9.69 16.06 4.61
N GLY C 286 9.28 17.08 3.86
CA GLY C 286 7.96 17.64 4.08
C GLY C 286 7.84 18.57 5.27
N TYR C 287 8.95 19.09 5.75
CA TYR C 287 8.94 20.09 6.82
C TYR C 287 9.48 21.40 6.27
N HIS C 288 9.16 22.48 6.99
CA HIS C 288 9.63 23.83 6.68
C HIS C 288 10.36 24.37 7.89
N ALA C 289 11.66 24.62 7.73
CA ALA C 289 12.43 25.33 8.72
C ALA C 289 12.49 26.80 8.35
N THR C 290 12.31 27.68 9.32
CA THR C 290 12.42 29.10 9.00
C THR C 290 13.25 29.85 10.02
N PHE C 291 14.10 30.73 9.51
CA PHE C 291 14.89 31.66 10.30
C PHE C 291 14.30 33.06 10.28
N MET C 292 13.08 33.19 9.75
CA MET C 292 12.32 34.41 9.94
C MET C 292 12.17 34.68 11.44
N CYS C 293 12.39 35.94 11.84
CA CYS C 293 12.52 36.24 13.27
C CYS C 293 11.26 35.86 14.04
N LYS C 294 10.10 36.30 13.58
CA LYS C 294 8.84 36.07 14.29
C LYS C 294 7.75 35.81 13.28
N PRO C 295 7.51 34.53 12.93
CA PRO C 295 6.46 34.23 11.95
C PRO C 295 5.09 34.67 12.44
N ALA C 296 4.20 34.95 11.50
CA ALA C 296 2.82 35.31 11.80
C ALA C 296 2.00 34.04 12.00
N ILE C 297 2.34 33.32 13.05
CA ILE C 297 1.65 32.09 13.45
C ILE C 297 1.39 32.19 14.94
N ASN C 298 0.13 31.98 15.33
CA ASN C 298 -0.25 32.17 16.74
C ASN C 298 0.67 31.39 17.66
N GLY C 299 1.15 32.06 18.70
CA GLY C 299 1.97 31.43 19.71
C GLY C 299 3.45 31.48 19.44
N PHE C 300 3.85 31.87 18.23
CA PHE C 300 5.26 31.90 17.86
C PHE C 300 5.90 33.18 18.37
N PHE C 301 6.91 33.05 19.23
CA PHE C 301 7.67 34.18 19.73
C PHE C 301 8.92 34.41 18.87
N ALA C 302 9.51 35.59 19.03
CA ALA C 302 10.67 35.96 18.22
C ALA C 302 11.85 35.03 18.48
N SER C 303 12.59 34.73 17.43
CA SER C 303 13.83 33.96 17.49
C SER C 303 15.02 34.91 17.38
N GLY C 304 16.10 34.59 18.09
CA GLY C 304 17.28 35.42 18.04
C GLY C 304 18.53 34.71 17.57
N TRP C 305 19.52 35.48 17.10
CA TRP C 305 20.84 34.96 16.76
C TRP C 305 21.84 35.74 17.60
N HIS C 306 22.11 35.25 18.80
CA HIS C 306 23.15 35.84 19.65
C HIS C 306 24.50 35.40 19.12
N MET C 307 25.41 36.35 18.95
CA MET C 307 26.72 36.09 18.35
C MET C 307 27.77 36.10 19.45
N HIS C 308 28.34 34.92 19.76
CA HIS C 308 29.41 34.86 20.75
C HIS C 308 30.76 35.15 20.09
N GLN C 309 31.55 36.04 20.69
CA GLN C 309 32.76 36.57 20.06
C GLN C 309 33.89 36.68 21.07
N SER C 310 35.08 36.24 20.65
CA SER C 310 36.32 36.54 21.34
C SER C 310 37.38 36.79 20.27
N LEU C 311 38.44 37.48 20.67
CA LEU C 311 39.60 37.67 19.80
C LEU C 311 40.77 36.85 20.35
N VAL C 312 41.48 36.18 19.47
CA VAL C 312 42.69 35.47 19.87
C VAL C 312 43.91 36.11 19.22
N ASP C 313 45.04 35.99 19.90
CA ASP C 313 46.30 36.45 19.35
C ASP C 313 46.64 35.58 18.14
N LYS C 314 46.88 36.21 16.99
CA LYS C 314 47.07 35.43 15.76
C LYS C 314 48.25 34.49 15.84
N ASP C 315 49.23 34.76 16.71
CA ASP C 315 50.43 33.89 16.84
C ASP C 315 50.28 32.86 17.97
N THR C 316 49.82 33.29 19.15
CA THR C 316 49.74 32.37 20.32
C THR C 316 48.43 31.58 20.29
N ARG C 317 47.42 32.11 19.62
CA ARG C 317 46.07 31.48 19.56
C ARG C 317 45.45 31.47 20.95
N LYS C 318 45.82 32.44 21.78
CA LYS C 318 45.24 32.53 23.14
C LYS C 318 44.14 33.58 23.16
N ASN C 319 43.10 33.34 23.96
CA ASN C 319 41.95 34.26 24.04
C ASN C 319 42.39 35.52 24.77
N LEU C 320 42.36 36.64 24.06
CA LEU C 320 42.81 37.91 24.62
C LEU C 320 41.72 38.64 25.39
N PHE C 321 40.51 38.09 25.49
CA PHE C 321 39.46 38.68 26.30
C PHE C 321 39.50 38.23 27.76
N ILE C 322 40.25 37.16 28.07
CA ILE C 322 40.18 36.54 29.41
C ILE C 322 40.49 37.57 30.47
N PRO C 323 39.65 37.74 31.52
CA PRO C 323 39.88 38.76 32.52
C PRO C 323 40.82 38.38 33.65
N SER C 324 41.43 39.39 34.25
CA SER C 324 42.23 39.14 35.47
C SER C 324 41.25 39.29 36.63
N GLU C 325 41.70 39.03 37.86
CA GLU C 325 40.82 39.25 39.02
C GLU C 325 40.45 40.72 39.05
N GLY C 326 39.18 41.04 39.28
CA GLY C 326 38.76 42.44 39.42
C GLY C 326 38.16 43.03 38.15
N GLU C 327 38.20 42.28 37.05
CA GLU C 327 37.59 42.77 35.79
C GLU C 327 36.70 41.68 35.17
N VAL C 328 35.72 42.09 34.35
CA VAL C 328 34.84 41.12 33.64
C VAL C 328 35.48 40.77 32.30
N LEU C 329 36.33 41.64 31.77
CA LEU C 329 37.07 41.37 30.53
C LEU C 329 38.43 42.06 30.63
N SER C 330 39.37 41.58 29.84
CA SER C 330 40.64 42.29 29.68
C SER C 330 40.37 43.72 29.20
N PRO C 331 41.35 44.61 29.35
CA PRO C 331 41.19 45.94 28.74
C PRO C 331 40.86 45.86 27.26
N LEU C 332 41.52 44.97 26.52
CA LEU C 332 41.22 44.83 25.09
C LEU C 332 39.76 44.42 24.88
N GLY C 333 39.28 43.44 25.64
CA GLY C 333 37.90 43.04 25.51
C GLY C 333 36.94 44.16 25.85
N ARG C 334 37.27 44.95 26.88
CA ARG C 334 36.42 46.07 27.24
C ARG C 334 36.36 47.11 26.12
N ALA C 335 37.49 47.36 25.47
CA ALA C 335 37.48 48.31 24.36
C ALA C 335 36.69 47.76 23.17
N TYR C 336 36.82 46.47 22.91
CA TYR C 336 36.01 45.82 21.88
C TYR C 336 34.52 46.02 22.19
N ALA C 337 34.12 45.75 23.43
CA ALA C 337 32.75 45.96 23.85
C ALA C 337 32.32 47.42 23.64
N GLY C 338 33.19 48.36 24.01
CA GLY C 338 32.89 49.76 23.77
C GLY C 338 32.61 50.05 22.30
N GLY C 339 33.40 49.45 21.42
CA GLY C 339 33.16 49.62 20.00
C GLY C 339 31.84 49.02 19.55
N LEU C 340 31.50 47.85 20.08
CA LEU C 340 30.21 47.24 19.76
C LEU C 340 29.07 48.16 20.17
N LEU C 341 29.15 48.71 21.38
CA LEU C 341 28.09 49.60 21.87
C LEU C 341 28.00 50.87 21.02
N ALA C 342 29.13 51.53 20.78
CA ALA C 342 29.10 52.84 20.11
C ALA C 342 28.53 52.74 18.70
N ASN C 343 28.77 51.63 18.01
CA ASN C 343 28.36 51.47 16.62
C ASN C 343 27.13 50.60 16.48
N GLY C 344 26.47 50.24 17.59
CA GLY C 344 25.38 49.29 17.55
C GLY C 344 24.17 49.78 16.78
N SER C 345 23.91 51.08 16.79
CA SER C 345 22.78 51.61 16.03
C SER C 345 23.11 51.67 14.55
N ALA C 346 24.30 52.14 14.21
CA ALA C 346 24.73 52.18 12.81
C ALA C 346 24.82 50.79 12.20
N ALA C 347 25.20 49.80 13.00
CA ALA C 347 25.30 48.42 12.51
C ALA C 347 23.96 47.69 12.52
N SER C 348 22.88 48.36 12.95
CA SER C 348 21.63 47.67 13.15
C SER C 348 21.12 47.02 11.87
N SER C 349 21.35 47.64 10.71
CA SER C 349 20.85 47.09 9.45
C SER C 349 21.50 45.76 9.12
N PHE C 350 22.72 45.53 9.61
CA PHE C 350 23.47 44.34 9.29
C PHE C 350 23.21 43.20 10.26
N THR C 351 23.12 43.51 11.56
CA THR C 351 22.77 42.47 12.53
C THR C 351 21.30 42.10 12.43
N THR C 352 20.45 43.02 12.00
CA THR C 352 19.00 42.87 12.03
C THR C 352 18.44 43.46 10.74
N PRO C 353 18.67 42.76 9.61
CA PRO C 353 18.35 43.36 8.31
C PRO C 353 16.88 43.34 7.97
N THR C 354 16.10 42.53 8.66
CA THR C 354 14.72 42.26 8.29
C THR C 354 13.78 43.26 8.95
N VAL C 355 12.71 43.63 8.25
CA VAL C 355 11.67 44.45 8.89
C VAL C 355 11.18 43.74 10.14
N ASN C 356 10.94 42.43 10.01
CA ASN C 356 10.34 41.59 11.04
C ASN C 356 11.26 41.43 12.25
N GLY C 357 12.58 41.53 12.04
CA GLY C 357 13.51 41.38 13.16
C GLY C 357 13.36 42.44 14.21
N TYR C 358 12.82 43.60 13.85
CA TYR C 358 12.68 44.66 14.83
C TYR C 358 11.52 44.40 15.78
N ARG C 359 10.78 43.32 15.55
CA ARG C 359 9.83 42.91 16.59
C ARG C 359 10.55 42.56 17.88
N ARG C 360 11.86 42.31 17.82
CA ARG C 360 12.61 42.02 19.03
C ARG C 360 13.08 43.27 19.78
N ARG C 361 12.85 44.47 19.25
CA ARG C 361 13.34 45.70 19.86
C ARG C 361 12.30 46.20 20.85
N GLN C 362 12.26 45.56 22.02
CA GLN C 362 11.32 45.91 23.07
C GLN C 362 11.86 45.39 24.39
N PRO C 363 11.48 45.99 25.51
CA PRO C 363 12.06 45.59 26.80
C PRO C 363 11.41 44.33 27.36
N TYR C 364 12.04 43.79 28.40
CA TYR C 364 11.53 42.63 29.14
C TYR C 364 11.30 41.45 28.20
N SER C 365 12.25 41.29 27.27
CA SER C 365 12.21 40.29 26.22
C SER C 365 13.39 39.34 26.26
N LEU C 366 14.41 39.62 27.07
CA LEU C 366 15.70 38.95 26.97
C LEU C 366 16.33 39.15 25.60
N ALA C 367 15.91 40.22 24.92
CA ALA C 367 16.55 40.78 23.74
C ALA C 367 16.84 42.25 23.99
N PRO C 368 17.83 42.83 23.30
CA PRO C 368 18.25 44.19 23.62
C PRO C 368 17.39 45.27 22.99
N ASP C 369 17.11 46.33 23.75
CA ASP C 369 16.47 47.52 23.24
C ASP C 369 17.32 48.77 23.33
N ARG C 370 18.53 48.71 23.90
CA ARG C 370 19.40 49.87 24.04
C ARG C 370 20.86 49.41 24.04
N ARG C 371 21.76 50.37 23.88
CA ARG C 371 23.19 50.09 23.79
C ARG C 371 23.80 50.04 25.20
N ALA C 372 23.56 48.93 25.88
CA ALA C 372 24.08 48.68 27.22
C ALA C 372 24.83 47.36 27.27
N TRP C 373 25.87 47.30 28.10
CA TRP C 373 26.57 46.05 28.34
C TRP C 373 26.46 45.68 29.81
N ALA C 374 26.57 44.39 30.10
CA ALA C 374 26.36 43.88 31.45
C ALA C 374 27.03 42.52 31.58
N LYS C 375 27.28 42.11 32.83
CA LYS C 375 27.84 40.80 33.12
C LYS C 375 26.70 39.79 33.31
N ASP C 376 26.66 38.79 32.43
CA ASP C 376 25.74 37.65 32.49
C ASP C 376 24.27 38.03 32.45
N ASN C 377 23.95 39.30 32.25
CA ASN C 377 22.56 39.76 32.30
C ASN C 377 21.96 39.73 30.89
N LYS C 378 20.89 38.96 30.72
CA LYS C 378 20.31 38.69 29.41
C LYS C 378 19.38 39.79 28.91
N ALA C 379 19.29 40.92 29.62
CA ALA C 379 18.58 42.08 29.12
C ALA C 379 19.48 43.03 28.33
N ALA C 380 20.78 42.82 28.36
CA ALA C 380 21.73 43.72 27.73
C ALA C 380 21.93 43.41 26.25
N MET C 381 22.38 44.41 25.50
CA MET C 381 22.81 44.17 24.14
C MET C 381 24.12 43.38 24.12
N VAL C 382 25.07 43.80 24.94
CA VAL C 382 26.37 43.16 25.06
C VAL C 382 26.43 42.48 26.42
N ARG C 383 26.31 41.15 26.43
CA ARG C 383 26.35 40.36 27.65
C ARG C 383 27.70 39.67 27.76
N VAL C 384 28.43 39.95 28.84
CA VAL C 384 29.74 39.35 29.07
C VAL C 384 29.56 38.03 29.79
N VAL C 385 30.24 36.99 29.31
CA VAL C 385 30.30 35.73 30.04
C VAL C 385 31.77 35.41 30.26
N SER C 386 32.20 35.43 31.53
CA SER C 386 33.64 35.30 31.78
C SER C 386 33.89 34.85 33.21
N ALA C 387 35.13 34.43 33.44
CA ALA C 387 35.67 34.11 34.76
C ALA C 387 37.19 34.18 34.65
N THR C 388 37.84 34.51 35.77
CA THR C 388 39.28 34.63 35.78
C THR C 388 39.95 33.38 35.21
N GLY C 389 40.82 33.58 34.22
CA GLY C 389 41.51 32.47 33.59
C GLY C 389 40.67 31.54 32.75
N ASP C 390 39.40 31.87 32.51
CA ASP C 390 38.50 31.00 31.74
C ASP C 390 38.60 31.32 30.26
N PRO C 391 39.09 30.40 29.41
CA PRO C 391 39.14 30.70 27.96
C PRO C 391 37.78 30.76 27.30
N ALA C 392 36.70 30.42 28.00
CA ALA C 392 35.36 30.64 27.44
C ALA C 392 34.90 32.09 27.60
N SER C 393 35.68 32.93 28.29
CA SER C 393 35.33 34.33 28.46
C SER C 393 35.12 34.97 27.11
N ARG C 394 34.04 35.73 26.97
CA ARG C 394 33.60 36.15 25.65
C ARG C 394 32.56 37.25 25.82
N ILE C 395 32.26 37.91 24.70
CA ILE C 395 31.16 38.83 24.58
C ILE C 395 30.07 38.12 23.80
N GLU C 396 28.83 38.20 24.26
CA GLU C 396 27.69 37.74 23.49
C GLU C 396 26.89 38.97 23.08
N ASN C 397 26.78 39.20 21.77
CA ASN C 397 25.93 40.26 21.28
C ASN C 397 24.57 39.66 20.96
N ARG C 398 23.56 40.07 21.70
CA ARG C 398 22.24 39.46 21.60
C ARG C 398 21.36 40.15 20.57
N ILE C 399 21.92 41.06 19.78
CA ILE C 399 21.12 41.93 18.92
C ILE C 399 20.68 41.26 17.63
N GLY C 400 21.42 40.27 17.15
CA GLY C 400 21.17 39.73 15.83
C GLY C 400 19.90 38.89 15.75
N GLU C 401 19.39 38.77 14.52
CA GLU C 401 18.26 37.92 14.20
C GLU C 401 18.71 36.75 13.35
N PRO C 402 18.06 35.59 13.45
CA PRO C 402 18.55 34.39 12.73
C PRO C 402 18.61 34.57 11.23
N GLY C 403 17.78 35.43 10.65
CA GLY C 403 17.79 35.66 9.22
C GLY C 403 18.85 36.62 8.74
N ALA C 404 19.77 37.04 9.62
CA ALA C 404 20.83 37.93 9.19
C ALA C 404 21.75 37.26 8.18
N ASN C 405 22.30 38.07 7.30
CA ASN C 405 23.37 37.60 6.40
C ASN C 405 24.61 37.32 7.24
N PRO C 406 25.11 36.07 7.27
CA PRO C 406 26.24 35.78 8.16
C PRO C 406 27.44 36.68 7.93
N TYR C 407 27.75 36.98 6.66
CA TYR C 407 28.92 37.81 6.37
C TYR C 407 28.73 39.22 6.89
N LEU C 408 27.55 39.80 6.70
CA LEU C 408 27.34 41.18 7.14
C LEU C 408 27.24 41.26 8.67
N TYR C 409 26.61 40.28 9.30
CA TYR C 409 26.55 40.25 10.76
C TYR C 409 27.96 40.16 11.36
N MET C 410 28.72 39.14 10.96
CA MET C 410 30.04 38.95 11.54
C MET C 410 30.97 40.12 11.20
N ALA C 411 30.92 40.63 9.96
CA ALA C 411 31.77 41.75 9.60
C ALA C 411 31.41 43.00 10.38
N SER C 412 30.12 43.24 10.63
CA SER C 412 29.74 44.38 11.44
C SER C 412 30.31 44.24 12.84
N GLN C 413 30.34 43.01 13.37
CA GLN C 413 30.90 42.81 14.70
C GLN C 413 32.39 43.11 14.71
N ILE C 414 33.13 42.53 13.75
CA ILE C 414 34.57 42.78 13.68
C ILE C 414 34.85 44.27 13.55
N VAL C 415 34.14 44.94 12.64
CA VAL C 415 34.42 46.34 12.37
C VAL C 415 34.13 47.19 13.61
N SER C 416 33.00 46.96 14.27
CA SER C 416 32.67 47.71 15.48
C SER C 416 33.68 47.47 16.59
N GLY C 417 33.98 46.20 16.87
CA GLY C 417 34.88 45.91 17.98
C GLY C 417 36.28 46.45 17.73
N LEU C 418 36.75 46.34 16.49
CA LEU C 418 38.06 46.89 16.15
C LEU C 418 38.05 48.41 16.26
N ASP C 419 36.94 49.05 15.89
CA ASP C 419 36.85 50.49 16.07
C ASP C 419 36.99 50.84 17.55
N GLY C 420 36.37 50.04 18.41
CA GLY C 420 36.52 50.27 19.85
C GLY C 420 37.95 50.08 20.33
N ILE C 421 38.65 49.09 19.82
CA ILE C 421 40.05 48.85 20.25
C ILE C 421 40.94 50.03 19.85
N LYS C 422 40.81 50.50 18.61
CA LYS C 422 41.70 51.57 18.09
C LYS C 422 41.41 52.90 18.77
N ASN C 423 40.15 53.14 19.12
CA ASN C 423 39.74 54.41 19.75
C ASN C 423 39.71 54.27 21.27
N LYS C 424 40.28 53.18 21.80
CA LYS C 424 40.33 52.94 23.27
C LYS C 424 38.97 53.27 23.87
N LYS C 425 37.90 52.74 23.29
CA LYS C 425 36.55 53.13 23.72
C LYS C 425 36.20 52.57 25.10
N ASP C 426 35.56 53.40 25.91
CA ASP C 426 35.18 52.98 27.25
C ASP C 426 33.71 52.65 27.22
N PRO C 427 33.33 51.40 27.50
CA PRO C 427 31.90 51.04 27.46
C PRO C 427 31.10 51.63 28.60
N GLY C 428 31.76 52.23 29.58
CA GLY C 428 31.09 52.71 30.77
C GLY C 428 30.88 51.59 31.77
N GLU C 429 30.02 51.86 32.74
CA GLU C 429 29.82 50.92 33.84
C GLU C 429 28.90 49.79 33.40
N LEU C 430 29.18 48.60 33.91
CA LEU C 430 28.28 47.48 33.70
C LEU C 430 26.92 47.81 34.27
N GLN C 431 25.86 47.51 33.52
CA GLN C 431 24.52 47.91 33.91
C GLN C 431 23.84 46.80 34.69
N GLU C 432 23.41 47.13 35.90
CA GLU C 432 22.64 46.17 36.68
C GLU C 432 21.23 45.94 36.20
N SER C 433 20.60 46.91 35.58
CA SER C 433 19.25 46.74 35.07
C SER C 433 19.24 47.33 33.67
N PRO C 434 19.64 46.53 32.66
CA PRO C 434 19.78 47.12 31.31
C PRO C 434 18.52 47.78 30.79
N TYR C 435 17.34 47.29 31.14
CA TYR C 435 16.11 47.91 30.65
C TYR C 435 15.79 49.22 31.38
N ASP C 436 16.60 49.61 32.36
CA ASP C 436 16.52 50.94 32.95
C ASP C 436 17.73 51.79 32.66
N ALA C 437 18.69 51.28 31.88
CA ALA C 437 19.94 52.01 31.66
C ALA C 437 19.69 53.27 30.85
N GLN C 438 20.25 54.39 31.31
CA GLN C 438 20.13 55.67 30.62
C GLN C 438 21.17 55.78 29.51
N VAL C 439 20.99 54.92 28.50
CA VAL C 439 21.91 54.87 27.36
C VAL C 439 21.08 54.97 26.08
N PRO C 440 21.71 55.21 24.93
CA PRO C 440 20.93 55.40 23.70
C PRO C 440 20.13 54.16 23.37
N MET C 441 18.87 54.38 23.01
CA MET C 441 18.02 53.30 22.55
C MET C 441 18.46 52.82 21.18
N LEU C 442 18.23 51.54 20.92
CA LEU C 442 18.51 51.00 19.59
C LEU C 442 17.36 51.34 18.66
N PRO C 443 17.61 51.38 17.35
CA PRO C 443 16.52 51.57 16.39
C PRO C 443 15.38 50.59 16.64
N THR C 444 14.15 51.09 16.54
CA THR C 444 12.96 50.26 16.70
C THR C 444 12.33 49.83 15.38
N THR C 445 12.80 50.34 14.25
CA THR C 445 12.31 49.91 12.94
C THR C 445 13.49 49.83 11.97
N LEU C 446 13.32 49.06 10.90
CA LEU C 446 14.35 49.00 9.88
C LEU C 446 14.66 50.39 9.34
N ALA C 447 13.64 51.22 9.15
CA ALA C 447 13.86 52.58 8.68
C ALA C 447 14.74 53.36 9.65
N GLU C 448 14.48 53.24 10.95
CA GLU C 448 15.32 53.92 11.94
C GLU C 448 16.75 53.40 11.87
N ALA C 449 16.93 52.10 11.63
CA ALA C 449 18.26 51.54 11.50
C ALA C 449 18.99 52.11 10.28
N LEU C 450 18.28 52.25 9.16
CA LEU C 450 18.90 52.80 7.96
C LEU C 450 19.25 54.27 8.18
N ASP C 451 18.37 55.01 8.85
CA ASP C 451 18.67 56.39 9.22
C ASP C 451 19.92 56.47 10.10
N ALA C 452 20.09 55.51 11.00
CA ALA C 452 21.26 55.51 11.91
C ALA C 452 22.54 55.32 11.10
N LEU C 453 22.50 54.42 10.12
CA LEU C 453 23.70 54.14 9.28
C LEU C 453 24.03 55.39 8.47
N GLU C 454 23.02 56.03 7.89
CA GLU C 454 23.25 57.21 7.03
C GLU C 454 23.82 58.36 7.89
N HIS C 455 23.29 58.55 9.09
CA HIS C 455 23.72 59.68 9.96
C HIS C 455 25.07 59.38 10.62
N ASP C 456 25.51 58.12 10.59
CA ASP C 456 26.80 57.73 11.20
C ASP C 456 27.41 56.69 10.26
N SER C 457 27.95 57.11 9.11
CA SER C 457 28.41 56.18 8.04
C SER C 457 29.91 56.01 7.92
N GLU C 458 30.72 56.88 8.50
CA GLU C 458 32.18 56.88 8.27
C GLU C 458 32.80 55.49 8.43
N LEU C 459 32.58 54.82 9.55
CA LEU C 459 33.25 53.53 9.80
C LEU C 459 32.85 52.47 8.78
N PHE C 460 31.56 52.36 8.51
CA PHE C 460 31.07 51.30 7.58
C PHE C 460 31.42 51.66 6.13
N ARG C 461 31.36 52.94 5.78
CA ARG C 461 31.82 53.35 4.43
C ARG C 461 33.30 53.00 4.34
N SER C 462 34.05 53.24 5.41
CA SER C 462 35.49 52.99 5.36
C SER C 462 35.81 51.49 5.25
N CYS C 463 35.06 50.64 5.97
CA CYS C 463 35.39 49.21 6.03
C CYS C 463 34.59 48.35 5.07
N PHE C 464 33.28 48.58 4.93
CA PHE C 464 32.48 47.83 3.97
C PHE C 464 32.63 48.38 2.56
N GLY C 465 32.94 49.65 2.43
CA GLY C 465 33.09 50.30 1.14
C GLY C 465 31.98 51.29 0.88
N ASP C 466 32.37 52.45 0.33
CA ASP C 466 31.40 53.51 0.06
C ASP C 466 30.32 53.05 -0.91
N THR C 467 30.71 52.36 -1.96
CA THR C 467 29.75 51.89 -2.96
C THR C 467 28.77 50.91 -2.33
N PHE C 468 29.25 49.97 -1.51
CA PHE C 468 28.35 49.02 -0.89
C PHE C 468 27.34 49.73 0.01
N ILE C 469 27.78 50.75 0.76
CA ILE C 469 26.86 51.43 1.69
C ILE C 469 25.81 52.21 0.91
N LYS C 470 26.22 52.92 -0.15
CA LYS C 470 25.25 53.60 -1.00
C LYS C 470 24.22 52.61 -1.56
N TYR C 471 24.71 51.51 -2.11
CA TYR C 471 23.83 50.46 -2.64
C TYR C 471 22.88 49.93 -1.57
N TRP C 472 23.43 49.61 -0.40
CA TRP C 472 22.65 49.03 0.69
C TRP C 472 21.53 49.96 1.12
N LEU C 473 21.87 51.24 1.35
CA LEU C 473 20.86 52.21 1.75
C LEU C 473 19.74 52.27 0.72
N GLN C 474 20.10 52.40 -0.57
CA GLN C 474 19.06 52.50 -1.58
C GLN C 474 18.14 51.28 -1.58
N LEU C 475 18.73 50.08 -1.62
CA LEU C 475 17.94 48.85 -1.67
C LEU C 475 17.02 48.71 -0.46
N ARG C 476 17.60 48.77 0.75
CA ARG C 476 16.78 48.51 1.93
C ARG C 476 15.70 49.57 2.07
N ARG C 477 15.99 50.83 1.70
CA ARG C 477 14.95 51.85 1.76
C ARG C 477 13.81 51.53 0.81
N SER C 478 14.10 50.99 -0.37
CA SER C 478 13.01 50.59 -1.26
C SER C 478 12.14 49.52 -0.60
N GLU C 479 12.77 48.59 0.11
CA GLU C 479 11.98 47.57 0.81
C GLU C 479 11.11 48.19 1.91
N TRP C 480 11.68 49.11 2.69
CA TRP C 480 10.88 49.79 3.71
C TRP C 480 9.69 50.49 3.09
N ALA C 481 9.89 51.13 1.93
CA ALA C 481 8.77 51.80 1.27
C ALA C 481 7.68 50.79 0.90
N ARG C 482 8.06 49.61 0.42
CA ARG C 482 7.06 48.59 0.11
C ARG C 482 6.28 48.21 1.37
N PHE C 483 6.98 47.97 2.47
CA PHE C 483 6.30 47.62 3.72
C PHE C 483 5.34 48.72 4.15
N LEU C 484 5.82 49.97 4.16
CA LEU C 484 5.02 51.11 4.58
C LEU C 484 3.75 51.23 3.74
N ASP C 485 3.88 51.09 2.41
CA ASP C 485 2.71 51.19 1.55
C ASP C 485 1.72 50.06 1.81
N ALA C 486 2.22 48.86 2.13
CA ALA C 486 1.29 47.75 2.29
C ALA C 486 0.61 47.73 3.66
N GLU C 487 1.29 48.16 4.72
CA GLU C 487 0.76 47.99 6.07
C GLU C 487 0.60 49.27 6.85
N GLY C 488 1.26 50.35 6.46
CA GLY C 488 1.14 51.60 7.17
C GLY C 488 2.12 51.71 8.33
N ALA C 489 2.31 52.94 8.79
CA ALA C 489 3.29 53.17 9.84
C ALA C 489 2.87 52.55 11.16
N GLU C 490 1.55 52.50 11.46
CA GLU C 490 1.13 52.10 12.81
C GLU C 490 1.69 50.71 13.08
N ALA C 491 1.79 49.92 12.02
CA ALA C 491 2.16 48.51 12.09
C ALA C 491 3.62 48.28 12.43
N ALA C 492 4.50 49.28 12.27
CA ALA C 492 5.93 49.01 12.52
C ALA C 492 6.24 48.94 14.01
N GLU C 493 5.32 49.34 14.87
CA GLU C 493 5.60 49.37 16.32
C GLU C 493 6.00 47.94 16.73
N PRO C 494 7.19 47.75 17.32
CA PRO C 494 7.66 46.42 17.67
C PRO C 494 6.70 45.48 18.41
N THR C 495 5.87 46.00 19.30
CA THR C 495 4.93 45.18 20.11
C THR C 495 3.67 44.85 19.30
N GLY C 496 3.54 45.46 18.13
CA GLY C 496 2.40 45.19 17.24
C GLY C 496 2.45 43.81 16.66
N ALA C 497 1.29 43.33 16.21
CA ALA C 497 1.20 41.97 15.66
C ALA C 497 1.97 41.87 14.35
N VAL C 498 2.52 40.70 14.10
CA VAL C 498 3.23 40.47 12.84
C VAL C 498 2.27 40.59 11.68
N THR C 499 2.65 41.36 10.66
CA THR C 499 1.80 41.65 9.53
C THR C 499 1.89 40.55 8.47
N GLN C 500 0.88 40.51 7.60
CA GLN C 500 0.92 39.59 6.47
C GLN C 500 2.05 39.95 5.51
N TRP C 501 2.39 41.24 5.39
CA TRP C 501 3.53 41.61 4.55
C TRP C 501 4.80 40.92 5.03
N GLU C 502 5.05 40.92 6.33
CA GLU C 502 6.24 40.26 6.86
C GLU C 502 6.23 38.77 6.56
N GLN C 503 5.10 38.11 6.78
CA GLN C 503 5.00 36.68 6.50
C GLN C 503 5.27 36.39 5.04
N LYS C 504 4.71 37.21 4.14
CA LYS C 504 4.87 36.96 2.71
C LYS C 504 6.20 37.46 2.17
N GLU C 505 6.95 38.23 2.95
CA GLU C 505 8.29 38.62 2.56
C GLU C 505 9.33 37.61 3.00
N TYR C 506 9.20 37.05 4.20
CA TYR C 506 10.31 36.33 4.82
C TYR C 506 10.08 34.84 5.09
N PHE C 507 8.83 34.41 5.27
CA PHE C 507 8.61 33.07 5.83
C PHE C 507 9.17 31.98 4.92
N ASN C 508 8.92 32.08 3.62
CA ASN C 508 9.32 31.00 2.69
C ASN C 508 10.83 30.94 2.51
N LEU C 509 11.50 32.09 2.34
CA LEU C 509 12.89 32.11 1.90
C LEU C 509 13.90 32.17 3.04
N LEU C 510 13.56 32.77 4.17
CA LEU C 510 14.54 32.89 5.26
C LEU C 510 14.50 31.65 6.16
N LYS D 19 -7.42 -47.78 20.18
CA LYS D 19 -6.93 -49.12 20.43
C LYS D 19 -7.95 -50.21 20.06
N PHE D 20 -9.24 -49.87 20.13
CA PHE D 20 -10.28 -50.79 19.68
C PHE D 20 -10.27 -50.85 18.15
N ASP D 21 -9.85 -51.97 17.57
CA ASP D 21 -9.70 -52.07 16.10
C ASP D 21 -11.01 -52.45 15.41
N PHE D 22 -11.94 -51.49 15.26
CA PHE D 22 -13.22 -51.70 14.56
C PHE D 22 -12.96 -52.18 13.13
N ILE D 23 -11.98 -51.58 12.45
CA ILE D 23 -11.75 -51.88 11.02
C ILE D 23 -11.31 -53.33 10.82
N THR D 24 -10.38 -53.78 11.64
CA THR D 24 -9.87 -55.17 11.53
C THR D 24 -10.96 -56.14 11.96
N LYS D 25 -11.67 -55.84 13.05
CA LYS D 25 -12.71 -56.75 13.59
C LYS D 25 -13.85 -56.94 12.58
N ASN D 26 -14.20 -55.89 11.84
CA ASN D 26 -15.34 -55.97 10.88
C ASN D 26 -14.85 -56.21 9.45
N ASN D 27 -13.56 -56.48 9.27
CA ASN D 27 -12.98 -56.78 7.93
C ASN D 27 -13.34 -55.66 6.94
N LEU D 28 -13.15 -54.41 7.34
CA LEU D 28 -13.58 -53.30 6.51
C LEU D 28 -12.53 -52.76 5.55
N TRP D 29 -11.29 -53.23 5.68
CA TRP D 29 -10.20 -52.77 4.78
C TRP D 29 -9.63 -53.94 3.98
N THR D 30 -9.42 -53.73 2.68
CA THR D 30 -8.73 -54.75 1.87
C THR D 30 -7.24 -54.61 2.12
N ASN D 31 -6.46 -55.54 1.61
CA ASN D 31 -4.99 -55.45 1.76
C ASN D 31 -4.55 -54.17 1.06
N GLU D 32 -5.16 -53.85 -0.07
CA GLU D 32 -4.84 -52.61 -0.83
C GLU D 32 -5.02 -51.41 0.09
N GLN D 33 -6.16 -51.33 0.75
CA GLN D 33 -6.48 -50.19 1.64
C GLN D 33 -5.51 -50.16 2.82
N ARG D 34 -5.20 -51.31 3.40
CA ARG D 34 -4.27 -51.38 4.56
C ARG D 34 -2.87 -50.93 4.14
N ASP D 35 -2.43 -51.31 2.95
CA ASP D 35 -1.11 -50.87 2.44
C ASP D 35 -1.14 -49.36 2.16
N ALA D 36 -2.25 -48.89 1.59
CA ALA D 36 -2.40 -47.46 1.27
C ALA D 36 -2.39 -46.65 2.58
N ALA D 37 -2.97 -47.23 3.63
CA ALA D 37 -2.96 -46.52 4.91
C ALA D 37 -1.52 -46.31 5.38
N ASP D 38 -0.69 -47.33 5.24
CA ASP D 38 0.73 -47.15 5.53
C ASP D 38 1.30 -45.99 4.72
N LYS D 39 1.02 -46.01 3.41
CA LYS D 39 1.56 -44.96 2.53
C LYS D 39 1.07 -43.58 2.94
N VAL D 40 -0.20 -43.48 3.31
CA VAL D 40 -0.80 -42.20 3.69
C VAL D 40 -0.14 -41.67 4.95
N LEU D 41 0.04 -42.51 5.96
CA LEU D 41 0.70 -42.05 7.17
C LEU D 41 2.12 -41.58 6.87
N ALA D 42 2.82 -42.31 6.00
CA ALA D 42 4.17 -41.89 5.64
C ALA D 42 4.17 -40.53 4.95
N GLU D 43 3.21 -40.30 4.05
CA GLU D 43 3.16 -39.02 3.35
C GLU D 43 2.77 -37.89 4.30
N ILE D 44 1.82 -38.15 5.21
CA ILE D 44 1.44 -37.16 6.20
C ILE D 44 2.66 -36.74 7.01
N ASP D 45 3.46 -37.72 7.41
CA ASP D 45 4.66 -37.43 8.19
C ASP D 45 5.68 -36.65 7.36
N SER D 46 5.93 -37.11 6.13
CA SER D 46 6.93 -36.49 5.27
C SER D 46 6.60 -35.04 4.94
N LEU D 47 5.32 -34.73 4.68
CA LEU D 47 4.93 -33.38 4.32
C LEU D 47 4.70 -32.48 5.52
N GLY D 48 4.72 -33.01 6.73
CA GLY D 48 4.44 -32.19 7.89
C GLY D 48 3.02 -31.67 7.94
N LEU D 49 2.07 -32.44 7.44
CA LEU D 49 0.67 -32.04 7.51
C LEU D 49 0.20 -31.99 8.95
N GLU D 50 -0.74 -31.08 9.22
CA GLU D 50 -1.27 -30.89 10.56
C GLU D 50 -2.73 -31.31 10.71
N MET D 51 -3.51 -31.23 9.63
CA MET D 51 -4.92 -31.60 9.63
C MET D 51 -5.18 -32.55 8.47
N ILE D 52 -6.12 -33.48 8.68
CA ILE D 52 -6.64 -34.35 7.63
C ILE D 52 -8.15 -34.35 7.73
N ARG D 53 -8.81 -33.84 6.70
CA ARG D 53 -10.25 -33.87 6.66
C ARG D 53 -10.75 -35.28 6.35
N LEU D 54 -11.75 -35.72 7.11
CA LEU D 54 -12.50 -36.94 6.86
C LEU D 54 -13.90 -36.50 6.44
N SER D 55 -14.27 -36.79 5.19
CA SER D 55 -15.52 -36.30 4.62
C SER D 55 -16.27 -37.44 3.94
N TRP D 56 -17.56 -37.21 3.73
CA TRP D 56 -18.44 -38.13 3.02
C TRP D 56 -19.59 -37.32 2.43
N ALA D 57 -20.10 -37.80 1.30
CA ALA D 57 -21.21 -37.13 0.65
C ALA D 57 -22.52 -37.46 1.38
N ASP D 58 -23.32 -36.44 1.64
CA ASP D 58 -24.66 -36.67 2.16
C ASP D 58 -25.62 -36.90 0.99
N GLN D 59 -26.93 -36.92 1.28
CA GLN D 59 -27.91 -37.26 0.26
C GLN D 59 -27.88 -36.25 -0.89
N TYR D 60 -27.43 -35.02 -0.63
CA TYR D 60 -27.33 -33.98 -1.63
C TYR D 60 -25.99 -33.97 -2.35
N GLY D 61 -25.07 -34.87 -1.99
CA GLY D 61 -23.74 -34.80 -2.57
C GLY D 61 -22.82 -33.78 -1.94
N LEU D 62 -23.20 -33.16 -0.83
CA LEU D 62 -22.37 -32.17 -0.18
C LEU D 62 -21.48 -32.86 0.86
N LEU D 63 -20.25 -32.38 0.97
CA LEU D 63 -19.24 -33.05 1.79
C LEU D 63 -19.41 -32.65 3.26
N ARG D 64 -19.64 -33.63 4.12
CA ARG D 64 -19.72 -33.43 5.56
C ARG D 64 -18.63 -34.24 6.23
N GLY D 65 -18.27 -33.82 7.45
CA GLY D 65 -17.33 -34.62 8.21
C GLY D 65 -16.64 -33.84 9.31
N LYS D 66 -15.36 -34.15 9.51
CA LYS D 66 -14.55 -33.48 10.51
C LYS D 66 -13.17 -33.22 9.94
N SER D 67 -12.42 -32.34 10.59
CA SER D 67 -10.99 -32.24 10.35
C SER D 67 -10.29 -32.78 11.58
N LEU D 68 -9.41 -33.76 11.39
CA LEU D 68 -8.71 -34.44 12.46
C LEU D 68 -7.25 -34.02 12.47
N THR D 69 -6.61 -34.12 13.63
CA THR D 69 -5.17 -33.95 13.67
C THR D 69 -4.49 -35.25 13.27
N VAL D 70 -3.15 -35.20 13.15
CA VAL D 70 -2.41 -36.41 12.79
C VAL D 70 -2.65 -37.52 13.81
N ALA D 71 -2.56 -37.19 15.10
CA ALA D 71 -2.75 -38.21 16.13
C ALA D 71 -4.17 -38.78 16.08
N SER D 72 -5.15 -37.90 15.92
CA SER D 72 -6.54 -38.35 15.84
C SER D 72 -6.78 -39.20 14.60
N LEU D 73 -6.14 -38.84 13.47
CA LEU D 73 -6.29 -39.68 12.27
C LEU D 73 -5.65 -41.05 12.47
N LYS D 74 -4.49 -41.09 13.10
CA LYS D 74 -3.87 -42.39 13.38
C LYS D 74 -4.81 -43.25 14.21
N SER D 75 -5.48 -42.66 15.20
CA SER D 75 -6.47 -43.41 15.97
C SER D 75 -7.64 -43.86 15.08
N ALA D 76 -8.10 -42.97 14.19
CA ALA D 76 -9.21 -43.32 13.31
C ALA D 76 -8.86 -44.45 12.38
N PHE D 77 -7.58 -44.68 12.12
CA PHE D 77 -7.15 -45.80 11.24
C PHE D 77 -7.36 -47.16 11.92
N LYS D 78 -7.78 -47.17 13.18
CA LYS D 78 -8.08 -48.42 13.89
C LYS D 78 -9.54 -48.41 14.34
N GLU D 79 -9.97 -47.35 15.01
CA GLU D 79 -11.33 -47.32 15.59
C GLU D 79 -12.34 -46.60 14.71
N GLY D 80 -11.89 -45.94 13.64
CA GLY D 80 -12.82 -45.10 12.87
C GLY D 80 -13.09 -43.81 13.63
N SER D 81 -13.97 -42.96 13.10
CA SER D 81 -14.33 -41.72 13.82
C SER D 81 -15.85 -41.59 13.89
N GLU D 82 -16.36 -41.43 15.08
CA GLU D 82 -17.81 -41.41 15.25
C GLU D 82 -18.39 -40.09 14.75
N VAL D 83 -19.56 -40.18 14.11
CA VAL D 83 -20.29 -39.01 13.63
C VAL D 83 -21.78 -39.33 13.71
N ALA D 84 -22.59 -38.30 13.87
CA ALA D 84 -24.03 -38.47 13.91
C ALA D 84 -24.61 -38.41 12.49
N ILE D 85 -25.76 -39.08 12.29
CA ILE D 85 -26.38 -39.13 10.97
C ILE D 85 -27.20 -37.87 10.74
N GLY D 86 -27.12 -36.92 11.67
CA GLY D 86 -27.89 -35.69 11.61
C GLY D 86 -28.16 -35.18 10.21
N PRO D 87 -27.09 -34.97 9.43
CA PRO D 87 -27.27 -34.40 8.08
C PRO D 87 -28.28 -35.15 7.20
N PHE D 88 -28.39 -36.47 7.33
CA PHE D 88 -29.34 -37.21 6.49
C PHE D 88 -30.78 -36.85 6.81
N PHE D 89 -31.07 -36.45 8.06
CA PHE D 89 -32.43 -36.14 8.46
C PHE D 89 -32.75 -34.65 8.35
N PHE D 90 -31.79 -33.83 7.91
CA PHE D 90 -31.96 -32.42 7.61
C PHE D 90 -32.09 -32.23 6.10
N ASP D 91 -32.85 -31.22 5.69
CA ASP D 91 -32.79 -30.77 4.30
C ASP D 91 -31.69 -29.70 4.19
N LEU D 92 -31.60 -29.03 3.03
CA LEU D 92 -30.48 -28.13 2.78
C LEU D 92 -30.45 -26.94 3.74
N VAL D 93 -31.58 -26.57 4.31
CA VAL D 93 -31.68 -25.45 5.24
C VAL D 93 -31.93 -25.92 6.66
N SER D 94 -31.75 -27.21 6.91
CA SER D 94 -31.90 -27.81 8.24
C SER D 94 -33.33 -27.75 8.75
N SER D 95 -34.33 -27.83 7.86
CA SER D 95 -35.63 -28.32 8.29
C SER D 95 -35.43 -29.69 8.91
N MET D 96 -36.10 -29.96 10.02
CA MET D 96 -36.04 -31.28 10.64
C MET D 96 -37.15 -32.14 10.05
N VAL D 97 -36.77 -33.00 9.10
CA VAL D 97 -37.76 -33.79 8.38
C VAL D 97 -38.10 -35.10 9.10
N PHE D 98 -37.16 -35.64 9.87
CA PHE D 98 -37.37 -36.86 10.66
C PHE D 98 -37.12 -36.58 12.14
N ASN D 99 -37.80 -37.34 13.00
CA ASN D 99 -37.76 -37.10 14.45
C ASN D 99 -36.40 -37.54 14.99
N LEU D 100 -35.54 -36.56 15.26
CA LEU D 100 -34.20 -36.84 15.76
C LEU D 100 -34.16 -37.29 17.22
N PHE D 101 -35.26 -37.16 17.95
CA PHE D 101 -35.20 -37.28 19.41
C PHE D 101 -35.67 -38.62 19.96
N THR D 102 -36.39 -39.44 19.17
CA THR D 102 -36.84 -40.75 19.61
C THR D 102 -35.98 -41.84 18.98
N THR D 103 -35.21 -42.56 19.81
CA THR D 103 -34.51 -43.75 19.34
C THR D 103 -35.50 -44.77 18.79
N ALA D 104 -35.28 -45.22 17.58
CA ALA D 104 -36.22 -46.14 16.94
C ALA D 104 -36.04 -47.56 17.46
N GLY D 105 -37.16 -48.29 17.54
CA GLY D 105 -37.08 -49.71 17.78
C GLY D 105 -36.36 -50.43 16.66
N ASP D 106 -36.82 -50.23 15.43
CA ASP D 106 -36.09 -50.62 14.23
C ASP D 106 -35.86 -49.38 13.40
N PHE D 107 -34.60 -49.02 13.22
CA PHE D 107 -34.27 -47.79 12.51
C PHE D 107 -34.82 -47.80 11.09
N GLU D 108 -34.55 -48.86 10.35
CA GLU D 108 -34.94 -48.89 8.91
C GLU D 108 -36.45 -48.76 8.76
N ASP D 109 -37.20 -49.23 9.75
CA ASP D 109 -38.68 -49.20 9.66
C ASP D 109 -39.20 -47.84 10.09
N GLU D 110 -38.62 -47.27 11.13
CA GLU D 110 -39.17 -46.02 11.71
C GLU D 110 -38.49 -44.73 11.20
N LEU D 111 -37.23 -44.81 10.80
CA LEU D 111 -36.43 -43.63 10.34
C LEU D 111 -36.54 -42.51 11.36
N SER D 112 -35.99 -42.74 12.55
CA SER D 112 -36.06 -41.75 13.65
C SER D 112 -34.77 -41.81 14.45
N GLY D 113 -34.55 -40.83 15.30
CA GLY D 113 -33.35 -40.82 16.16
C GLY D 113 -32.17 -40.10 15.56
N ASN D 114 -31.08 -40.01 16.31
CA ASN D 114 -29.81 -39.43 15.80
C ASN D 114 -28.70 -40.45 16.18
N PRO D 115 -28.75 -41.75 15.74
CA PRO D 115 -27.72 -42.71 16.16
C PRO D 115 -26.35 -42.35 15.65
N THR D 116 -25.35 -42.88 16.34
CA THR D 116 -23.96 -42.69 15.97
C THR D 116 -23.54 -43.74 14.94
N VAL D 117 -22.91 -43.28 13.87
CA VAL D 117 -22.28 -44.18 12.92
C VAL D 117 -20.78 -43.89 12.95
N VAL D 118 -20.02 -44.79 12.33
CA VAL D 118 -18.57 -44.76 12.33
C VAL D 118 -18.13 -44.42 10.92
N MET D 119 -17.41 -43.30 10.77
CA MET D 119 -16.67 -43.01 9.56
C MET D 119 -15.45 -43.91 9.51
N VAL D 120 -15.39 -44.76 8.49
CA VAL D 120 -14.25 -45.63 8.25
C VAL D 120 -13.46 -44.99 7.10
N PRO D 121 -12.30 -44.39 7.37
CA PRO D 121 -11.57 -43.72 6.29
C PRO D 121 -11.19 -44.71 5.20
N ASP D 122 -11.24 -44.24 3.96
CA ASP D 122 -10.80 -45.01 2.81
C ASP D 122 -9.44 -44.47 2.38
N PRO D 123 -8.33 -45.12 2.74
CA PRO D 123 -7.02 -44.52 2.48
C PRO D 123 -6.69 -44.42 1.01
N THR D 124 -7.38 -45.16 0.14
CA THR D 124 -7.13 -45.05 -1.29
C THR D 124 -7.58 -43.71 -1.86
N THR D 125 -8.33 -42.92 -1.10
CA THR D 125 -8.83 -41.63 -1.59
C THR D 125 -8.00 -40.45 -1.12
N PHE D 126 -6.90 -40.68 -0.40
CA PHE D 126 -6.18 -39.58 0.25
C PHE D 126 -5.67 -38.58 -0.77
N LYS D 127 -5.82 -37.29 -0.43
CA LYS D 127 -5.27 -36.19 -1.23
C LYS D 127 -4.72 -35.12 -0.30
N VAL D 128 -3.70 -34.42 -0.79
CA VAL D 128 -3.23 -33.18 -0.17
C VAL D 128 -3.95 -32.02 -0.85
N LEU D 129 -4.62 -31.19 -0.06
CA LEU D 129 -5.38 -30.08 -0.63
C LEU D 129 -4.45 -28.88 -0.87
N PRO D 130 -4.19 -28.54 -2.14
CA PRO D 130 -3.15 -27.53 -2.43
C PRO D 130 -3.50 -26.12 -1.96
N TRP D 131 -4.78 -25.78 -1.84
CA TRP D 131 -5.20 -24.43 -1.51
C TRP D 131 -5.29 -24.17 -0.01
N ALA D 132 -5.07 -25.18 0.82
CA ALA D 132 -5.22 -25.06 2.27
C ALA D 132 -3.87 -25.22 2.96
N ASP D 133 -3.83 -24.83 4.24
CA ASP D 133 -2.61 -24.88 5.02
C ASP D 133 -2.41 -26.27 5.61
N LYS D 134 -1.40 -26.98 5.12
CA LYS D 134 -0.94 -28.25 5.70
C LYS D 134 -2.11 -29.20 5.98
N THR D 135 -2.94 -29.42 4.97
CA THR D 135 -4.18 -30.17 5.12
C THR D 135 -4.27 -31.30 4.10
N GLY D 136 -4.50 -32.52 4.59
CA GLY D 136 -4.87 -33.64 3.75
C GLY D 136 -6.37 -33.88 3.78
N TRP D 137 -6.80 -34.91 3.03
CA TRP D 137 -8.23 -35.10 2.78
C TRP D 137 -8.48 -36.55 2.41
N MET D 138 -9.61 -37.09 2.89
CA MET D 138 -9.98 -38.48 2.66
C MET D 138 -11.50 -38.61 2.75
N LEU D 139 -12.04 -39.54 1.96
CA LEU D 139 -13.43 -39.93 2.07
C LEU D 139 -13.57 -41.05 3.09
N ALA D 140 -14.76 -41.17 3.67
CA ALA D 140 -15.05 -42.22 4.64
C ALA D 140 -16.36 -42.91 4.30
N ASP D 141 -16.43 -44.20 4.64
CA ASP D 141 -17.67 -44.95 4.52
C ASP D 141 -18.36 -45.02 5.89
N LEU D 142 -19.68 -44.88 5.90
CA LEU D 142 -20.43 -44.86 7.15
C LEU D 142 -20.92 -46.27 7.49
N HIS D 143 -20.65 -46.71 8.74
CA HIS D 143 -21.05 -48.03 9.21
C HIS D 143 -21.72 -47.92 10.57
N TRP D 144 -22.75 -48.73 10.80
CA TRP D 144 -23.23 -48.88 12.17
C TRP D 144 -22.07 -49.31 13.06
N LYS D 145 -22.20 -49.05 14.37
CA LYS D 145 -21.19 -49.56 15.27
C LYS D 145 -21.23 -51.08 15.38
N SER D 146 -22.29 -51.72 14.87
CA SER D 146 -22.32 -53.17 14.74
C SER D 146 -21.42 -53.66 13.62
N GLY D 147 -21.03 -52.78 12.70
CA GLY D 147 -20.15 -53.10 11.60
C GLY D 147 -20.84 -53.12 10.25
N GLU D 148 -22.16 -53.11 10.22
CA GLU D 148 -22.88 -53.13 8.96
C GLU D 148 -22.84 -51.76 8.29
N PRO D 149 -22.85 -51.72 6.96
CA PRO D 149 -22.88 -50.42 6.27
C PRO D 149 -24.18 -49.68 6.58
N PHE D 150 -24.07 -48.36 6.72
CA PHE D 150 -25.23 -47.52 6.96
C PHE D 150 -26.08 -47.43 5.70
N PRO D 151 -27.37 -47.78 5.75
CA PRO D 151 -28.14 -47.99 4.50
C PRO D 151 -28.44 -46.74 3.72
N LEU D 152 -28.32 -45.54 4.29
CA LEU D 152 -28.60 -44.32 3.56
C LEU D 152 -27.36 -43.74 2.88
N CYS D 153 -26.22 -44.40 3.01
CA CYS D 153 -24.95 -43.84 2.54
C CYS D 153 -24.89 -43.89 1.02
N PRO D 154 -24.85 -42.74 0.33
CA PRO D 154 -24.90 -42.78 -1.14
C PRO D 154 -23.68 -43.46 -1.77
N ARG D 155 -22.50 -43.29 -1.17
CA ARG D 155 -21.32 -43.99 -1.70
C ARG D 155 -21.52 -45.50 -1.62
N GLY D 156 -22.16 -45.98 -0.54
CA GLY D 156 -22.48 -47.40 -0.45
C GLY D 156 -23.42 -47.87 -1.54
N ILE D 157 -24.35 -47.00 -1.95
CA ILE D 157 -25.25 -47.33 -3.05
C ILE D 157 -24.47 -47.45 -4.36
N MET D 158 -23.54 -46.52 -4.59
CA MET D 158 -22.64 -46.66 -5.73
C MET D 158 -21.87 -47.97 -5.66
N LYS D 159 -21.34 -48.31 -4.48
CA LYS D 159 -20.61 -49.56 -4.33
C LYS D 159 -21.48 -50.75 -4.72
N LYS D 160 -22.76 -50.73 -4.32
CA LYS D 160 -23.65 -51.85 -4.65
C LYS D 160 -23.87 -51.94 -6.14
N ALA D 161 -24.06 -50.80 -6.81
CA ALA D 161 -24.22 -50.80 -8.26
C ALA D 161 -22.96 -51.34 -8.96
N VAL D 162 -21.80 -50.86 -8.53
CA VAL D 162 -20.54 -51.34 -9.11
C VAL D 162 -20.41 -52.84 -8.91
N LYS D 163 -20.82 -53.33 -7.75
CA LYS D 163 -20.74 -54.77 -7.48
C LYS D 163 -21.72 -55.55 -8.36
N SER D 164 -22.95 -55.06 -8.52
CA SER D 164 -23.88 -55.71 -9.42
C SER D 164 -23.31 -55.81 -10.82
N LEU D 165 -22.71 -54.71 -11.30
CA LEU D 165 -22.13 -54.70 -12.63
C LEU D 165 -20.98 -55.68 -12.74
N SER D 166 -20.11 -55.71 -11.71
CA SER D 166 -18.99 -56.65 -11.70
C SER D 166 -19.49 -58.09 -11.70
N ASP D 167 -20.56 -58.38 -10.95
CA ASP D 167 -21.06 -59.75 -10.95
C ASP D 167 -21.46 -60.21 -12.33
N GLU D 168 -21.81 -59.28 -13.24
CA GLU D 168 -22.12 -59.64 -14.62
C GLU D 168 -20.92 -59.57 -15.56
N GLY D 169 -19.73 -59.22 -15.07
CA GLY D 169 -18.54 -59.19 -15.88
C GLY D 169 -18.14 -57.83 -16.42
N TYR D 170 -18.69 -56.74 -15.90
CA TYR D 170 -18.54 -55.44 -16.53
C TYR D 170 -17.95 -54.41 -15.57
N LEU D 171 -17.23 -53.45 -16.17
CA LEU D 171 -16.76 -52.26 -15.49
C LEU D 171 -17.43 -51.04 -16.12
N PHE D 172 -17.77 -50.07 -15.27
CA PHE D 172 -18.45 -48.84 -15.68
C PHE D 172 -17.39 -47.79 -15.99
N LYS D 173 -17.35 -47.32 -17.25
CA LYS D 173 -16.42 -46.28 -17.69
C LYS D 173 -17.22 -45.01 -17.93
N CYS D 174 -16.75 -43.90 -17.35
CA CYS D 174 -17.55 -42.67 -17.31
C CYS D 174 -16.69 -41.46 -17.62
N GLY D 175 -17.17 -40.65 -18.55
CA GLY D 175 -16.53 -39.39 -18.90
C GLY D 175 -17.30 -38.24 -18.29
N ILE D 176 -16.62 -37.49 -17.44
CA ILE D 176 -17.26 -36.41 -16.67
C ILE D 176 -17.22 -35.12 -17.46
N GLU D 177 -18.40 -34.56 -17.74
CA GLU D 177 -18.55 -33.30 -18.48
C GLU D 177 -19.43 -32.38 -17.63
N LEU D 178 -18.83 -31.38 -16.99
CA LEU D 178 -19.53 -30.51 -16.05
C LEU D 178 -19.58 -29.08 -16.57
N GLU D 179 -20.78 -28.51 -16.61
CA GLU D 179 -20.96 -27.08 -16.83
C GLU D 179 -21.24 -26.42 -15.49
N TRP D 180 -20.78 -25.18 -15.35
CA TRP D 180 -20.95 -24.47 -14.07
C TRP D 180 -20.77 -22.98 -14.32
N TYR D 181 -21.09 -22.18 -13.30
CA TYR D 181 -20.92 -20.73 -13.41
C TYR D 181 -19.79 -20.26 -12.50
N LEU D 182 -19.00 -19.33 -13.04
CA LEU D 182 -17.91 -18.67 -12.32
C LEU D 182 -18.28 -17.21 -12.17
N THR D 183 -18.39 -16.74 -10.92
CA THR D 183 -18.81 -15.38 -10.65
C THR D 183 -17.87 -14.76 -9.62
N LYS D 184 -17.83 -13.43 -9.55
CA LYS D 184 -17.02 -12.72 -8.56
C LYS D 184 -17.89 -12.31 -7.39
N ILE D 185 -17.41 -12.55 -6.17
CA ILE D 185 -18.20 -12.26 -4.99
C ILE D 185 -18.28 -10.75 -4.78
N VAL D 186 -19.50 -10.25 -4.61
CA VAL D 186 -19.74 -8.88 -4.19
C VAL D 186 -20.04 -8.79 -2.71
N ASP D 187 -20.82 -9.74 -2.18
CA ASP D 187 -21.20 -9.73 -0.77
C ASP D 187 -21.47 -11.16 -0.33
N ARG D 188 -20.78 -11.59 0.72
CA ARG D 188 -20.92 -12.96 1.21
C ARG D 188 -22.18 -13.15 2.06
N SER D 189 -22.97 -12.10 2.26
CA SER D 189 -24.25 -12.20 2.97
C SER D 189 -24.06 -12.78 4.37
N LEU D 190 -23.18 -12.14 5.14
CA LEU D 190 -22.83 -12.60 6.48
C LEU D 190 -23.49 -11.80 7.60
N SER D 191 -24.28 -10.78 7.27
CA SER D 191 -24.95 -10.02 8.31
C SER D 191 -25.95 -10.91 9.05
N PRO D 192 -26.11 -10.72 10.36
CA PRO D 192 -27.02 -11.59 11.12
C PRO D 192 -28.42 -11.69 10.52
N GLU D 193 -28.95 -10.60 9.97
CA GLU D 193 -30.27 -10.63 9.36
C GLU D 193 -30.34 -11.49 8.11
N SER D 194 -29.20 -11.91 7.57
CA SER D 194 -29.14 -12.75 6.38
C SER D 194 -28.94 -14.23 6.67
N LEU D 195 -28.80 -14.62 7.94
CA LEU D 195 -28.34 -15.96 8.29
C LEU D 195 -29.45 -16.99 8.33
N GLY D 196 -30.72 -16.59 8.20
CA GLY D 196 -31.79 -17.56 8.28
C GLY D 196 -31.95 -18.17 9.66
N ALA D 197 -32.37 -19.43 9.67
CA ALA D 197 -32.66 -20.17 10.89
C ALA D 197 -32.97 -21.62 10.49
N PRO D 198 -33.09 -22.55 11.44
CA PRO D 198 -33.54 -23.89 11.07
C PRO D 198 -34.80 -23.83 10.23
N GLY D 199 -34.76 -24.39 9.02
CA GLY D 199 -35.90 -24.37 8.13
C GLY D 199 -36.13 -23.06 7.38
N VAL D 200 -35.23 -22.08 7.49
CA VAL D 200 -35.38 -20.79 6.85
C VAL D 200 -34.13 -20.49 6.05
N GLN D 201 -34.29 -20.34 4.73
CA GLN D 201 -33.14 -20.16 3.86
C GLN D 201 -32.39 -18.87 4.20
N PRO D 202 -31.07 -18.92 4.26
CA PRO D 202 -30.30 -17.68 4.39
C PRO D 202 -30.21 -16.98 3.04
N ASP D 203 -29.75 -15.73 3.08
CA ASP D 203 -29.63 -14.95 1.85
C ASP D 203 -28.61 -15.59 0.91
N ALA D 204 -28.91 -15.54 -0.39
CA ALA D 204 -27.91 -15.91 -1.38
C ALA D 204 -26.73 -14.95 -1.32
N ILE D 205 -25.53 -15.48 -1.58
CA ILE D 205 -24.37 -14.63 -1.83
C ILE D 205 -24.66 -13.74 -3.03
N GLN D 206 -24.20 -12.49 -2.96
CA GLN D 206 -24.33 -11.55 -4.07
C GLN D 206 -23.08 -11.63 -4.93
N VAL D 207 -23.25 -11.70 -6.25
CA VAL D 207 -22.12 -11.89 -7.16
C VAL D 207 -22.28 -11.00 -8.39
N GLN D 208 -21.22 -10.98 -9.19
CA GLN D 208 -21.12 -10.26 -10.45
C GLN D 208 -20.54 -11.19 -11.50
N PRO D 209 -21.07 -11.18 -12.73
CA PRO D 209 -20.46 -11.97 -13.81
C PRO D 209 -19.01 -11.59 -14.04
N VAL D 210 -18.24 -12.53 -14.61
CA VAL D 210 -16.83 -12.32 -14.87
C VAL D 210 -16.53 -12.05 -16.35
N ALA D 211 -17.50 -12.24 -17.23
CA ALA D 211 -17.30 -12.03 -18.66
C ALA D 211 -18.67 -11.97 -19.34
N GLN D 212 -18.72 -11.30 -20.49
CA GLN D 212 -19.91 -11.36 -21.32
C GLN D 212 -19.97 -12.74 -21.99
N GLY D 213 -21.06 -13.01 -22.71
CA GLY D 213 -21.30 -14.33 -23.26
C GLY D 213 -22.02 -14.33 -24.58
N TYR D 214 -22.81 -15.37 -24.81
CA TYR D 214 -23.49 -15.61 -26.08
C TYR D 214 -22.50 -15.49 -27.24
N SER D 215 -21.27 -15.95 -26.99
CA SER D 215 -20.20 -16.04 -27.99
C SER D 215 -19.45 -17.33 -27.67
N VAL D 216 -20.02 -18.46 -28.12
CA VAL D 216 -19.66 -19.76 -27.58
C VAL D 216 -18.25 -20.15 -28.01
N LEU D 217 -17.53 -20.84 -27.11
CA LEU D 217 -16.19 -21.36 -27.37
C LEU D 217 -15.20 -20.27 -27.74
N LEU D 218 -15.44 -19.03 -27.31
CA LEU D 218 -14.56 -17.93 -27.68
C LEU D 218 -13.25 -17.98 -26.91
N GLU D 219 -12.12 -18.07 -27.62
CA GLU D 219 -10.83 -18.17 -26.96
C GLU D 219 -10.56 -16.97 -26.04
N HIS D 220 -10.91 -15.77 -26.50
CA HIS D 220 -10.64 -14.59 -25.69
C HIS D 220 -11.41 -14.62 -24.37
N HIS D 221 -12.56 -15.29 -24.33
CA HIS D 221 -13.24 -15.50 -23.05
C HIS D 221 -12.38 -16.36 -22.13
N LEU D 222 -11.80 -17.43 -22.66
CA LEU D 222 -10.93 -18.27 -21.85
C LEU D 222 -9.77 -17.45 -21.28
N ASP D 223 -9.14 -16.63 -22.12
CA ASP D 223 -8.02 -15.84 -21.60
C ASP D 223 -8.48 -14.82 -20.58
N GLN D 224 -9.63 -14.19 -20.80
CA GLN D 224 -10.10 -13.14 -19.90
C GLN D 224 -10.34 -13.66 -18.49
N VAL D 225 -10.74 -14.93 -18.33
CA VAL D 225 -11.01 -15.47 -17.01
C VAL D 225 -9.86 -16.31 -16.46
N ASP D 226 -8.73 -16.38 -17.17
CA ASP D 226 -7.72 -17.34 -16.76
C ASP D 226 -6.91 -16.91 -15.55
N ASP D 227 -7.02 -15.68 -15.07
CA ASP D 227 -6.32 -15.36 -13.84
C ASP D 227 -6.81 -16.25 -12.69
N ILE D 228 -8.12 -16.49 -12.61
CA ILE D 228 -8.66 -17.41 -11.61
C ILE D 228 -8.77 -18.83 -12.16
N MET D 229 -9.18 -18.98 -13.42
CA MET D 229 -9.33 -20.31 -13.97
C MET D 229 -8.01 -21.07 -13.98
N SER D 230 -6.89 -20.37 -14.14
CA SER D 230 -5.58 -21.03 -14.04
C SER D 230 -5.36 -21.63 -12.66
N LYS D 231 -5.88 -20.97 -11.62
CA LYS D 231 -5.74 -21.53 -10.28
C LYS D 231 -6.63 -22.76 -10.11
N VAL D 232 -7.84 -22.72 -10.67
CA VAL D 232 -8.68 -23.92 -10.68
C VAL D 232 -7.99 -25.06 -11.42
N ARG D 233 -7.46 -24.76 -12.60
CA ARG D 233 -6.76 -25.75 -13.42
C ARG D 233 -5.61 -26.38 -12.65
N LYS D 234 -4.75 -25.54 -12.06
CA LYS D 234 -3.62 -26.06 -11.31
C LYS D 234 -4.07 -26.91 -10.12
N GLY D 235 -5.13 -26.49 -9.43
CA GLY D 235 -5.63 -27.29 -8.32
C GLY D 235 -6.10 -28.66 -8.75
N LEU D 236 -6.85 -28.72 -9.85
CA LEU D 236 -7.33 -30.02 -10.33
C LEU D 236 -6.17 -30.90 -10.78
N LEU D 237 -5.19 -30.33 -11.49
CA LEU D 237 -4.03 -31.11 -11.91
C LEU D 237 -3.23 -31.61 -10.72
N GLU D 238 -3.07 -30.77 -9.69
CA GLU D 238 -2.30 -31.17 -8.52
C GLU D 238 -3.00 -32.26 -7.71
N LEU D 239 -4.32 -32.33 -7.79
CA LEU D 239 -5.07 -33.44 -7.21
C LEU D 239 -5.02 -34.68 -8.08
N ASN D 240 -4.26 -34.66 -9.17
CA ASN D 240 -4.17 -35.80 -10.10
C ASN D 240 -5.54 -36.16 -10.68
N LEU D 241 -6.39 -35.16 -10.85
CA LEU D 241 -7.63 -35.47 -11.54
C LEU D 241 -7.41 -35.36 -13.05
N PRO D 242 -8.00 -36.25 -13.85
CA PRO D 242 -7.69 -36.31 -15.29
C PRO D 242 -8.38 -35.21 -16.08
N LEU D 243 -8.05 -33.96 -15.76
CA LEU D 243 -8.60 -32.83 -16.48
C LEU D 243 -8.35 -33.00 -17.97
N ARG D 244 -9.40 -32.78 -18.76
CA ARG D 244 -9.36 -32.97 -20.20
C ARG D 244 -9.51 -31.65 -20.93
N SER D 245 -10.52 -30.85 -20.57
CA SER D 245 -10.69 -29.59 -21.29
C SER D 245 -11.30 -28.54 -20.36
N ILE D 246 -10.97 -27.29 -20.66
CA ILE D 246 -11.66 -26.12 -20.14
C ILE D 246 -12.20 -25.36 -21.34
N GLU D 247 -13.49 -25.02 -21.29
CA GLU D 247 -14.20 -24.49 -22.44
C GLU D 247 -15.12 -23.35 -22.02
N ASP D 248 -15.33 -22.42 -22.94
CA ASP D 248 -16.25 -21.29 -22.76
C ASP D 248 -17.63 -21.72 -23.24
N GLU D 249 -18.57 -21.87 -22.32
CA GLU D 249 -19.93 -22.25 -22.69
C GLU D 249 -20.71 -21.01 -23.13
N TRP D 250 -21.96 -21.24 -23.53
CA TRP D 250 -22.70 -20.24 -24.30
C TRP D 250 -23.02 -19.00 -23.46
N ALA D 251 -23.55 -19.19 -22.26
CA ALA D 251 -24.03 -18.05 -21.49
C ALA D 251 -22.89 -17.27 -20.85
N PRO D 252 -23.11 -16.01 -20.51
CA PRO D 252 -22.06 -15.24 -19.83
C PRO D 252 -21.60 -15.93 -18.55
N SER D 253 -20.29 -16.03 -18.39
CA SER D 253 -19.66 -16.62 -17.21
C SER D 253 -19.95 -18.10 -17.04
N GLN D 254 -20.53 -18.75 -18.05
CA GLN D 254 -20.75 -20.18 -17.99
C GLN D 254 -19.52 -20.90 -18.53
N MET D 255 -18.97 -21.80 -17.73
CA MET D 255 -17.78 -22.56 -18.04
C MET D 255 -18.14 -24.03 -18.22
N GLU D 256 -17.25 -24.75 -18.86
CA GLU D 256 -17.35 -26.20 -18.94
C GLU D 256 -15.98 -26.79 -18.69
N THR D 257 -15.94 -27.85 -17.89
CA THR D 257 -14.72 -28.59 -17.64
C THR D 257 -15.02 -30.06 -17.88
N THR D 258 -14.22 -30.69 -18.73
CA THR D 258 -14.39 -32.10 -19.00
C THR D 258 -13.15 -32.86 -18.54
N PHE D 259 -13.34 -34.16 -18.34
CA PHE D 259 -12.31 -35.02 -17.77
C PHE D 259 -12.26 -36.31 -18.58
N ASP D 260 -11.07 -36.90 -18.65
CA ASP D 260 -10.92 -38.17 -19.32
C ASP D 260 -11.62 -39.28 -18.55
N VAL D 261 -11.80 -40.42 -19.23
CA VAL D 261 -12.60 -41.51 -18.70
C VAL D 261 -12.05 -41.99 -17.37
N MET D 262 -12.95 -42.22 -16.42
CA MET D 262 -12.63 -42.85 -15.15
C MET D 262 -13.58 -44.02 -14.93
N GLU D 263 -13.32 -44.81 -13.89
CA GLU D 263 -13.98 -46.09 -13.71
C GLU D 263 -14.76 -46.11 -12.39
N GLY D 264 -16.03 -46.49 -12.48
CA GLY D 264 -16.83 -46.85 -11.32
C GLY D 264 -16.72 -45.92 -10.14
N LEU D 265 -16.44 -46.54 -8.98
CA LEU D 265 -16.38 -45.79 -7.73
C LEU D 265 -15.37 -44.65 -7.79
N GLU D 266 -14.21 -44.89 -8.42
CA GLU D 266 -13.21 -43.83 -8.54
C GLU D 266 -13.78 -42.65 -9.32
N ALA D 267 -14.56 -42.93 -10.36
CA ALA D 267 -15.18 -41.85 -11.13
C ALA D 267 -16.14 -41.03 -10.26
N ALA D 268 -16.94 -41.71 -9.44
CA ALA D 268 -17.86 -40.98 -8.56
C ALA D 268 -17.11 -40.14 -7.54
N ASP D 269 -16.11 -40.74 -6.87
CA ASP D 269 -15.29 -39.99 -5.92
C ASP D 269 -14.65 -38.78 -6.58
N ALA D 270 -14.18 -38.95 -7.82
CA ALA D 270 -13.51 -37.86 -8.53
C ALA D 270 -14.48 -36.73 -8.83
N ALA D 271 -15.68 -37.05 -9.34
CA ALA D 271 -16.65 -35.99 -9.58
C ALA D 271 -16.94 -35.21 -8.29
N LEU D 272 -17.08 -35.92 -7.17
CA LEU D 272 -17.32 -35.25 -5.90
C LEU D 272 -16.19 -34.29 -5.56
N LEU D 273 -14.95 -34.77 -5.65
CA LEU D 273 -13.79 -33.95 -5.34
C LEU D 273 -13.64 -32.79 -6.32
N ILE D 274 -13.95 -33.02 -7.60
CA ILE D 274 -13.86 -31.97 -8.60
C ILE D 274 -14.74 -30.79 -8.22
N LYS D 275 -16.01 -31.07 -7.92
CA LYS D 275 -16.91 -29.98 -7.57
C LYS D 275 -16.46 -29.28 -6.29
N SER D 276 -16.04 -30.07 -5.30
CA SER D 276 -15.59 -29.45 -4.04
C SER D 276 -14.37 -28.56 -4.27
N ALA D 277 -13.41 -29.04 -5.06
CA ALA D 277 -12.18 -28.29 -5.29
C ALA D 277 -12.44 -27.01 -6.05
N ILE D 278 -13.29 -27.07 -7.09
CA ILE D 278 -13.61 -25.86 -7.83
C ILE D 278 -14.23 -24.82 -6.91
N LYS D 279 -15.19 -25.24 -6.08
CA LYS D 279 -15.84 -24.27 -5.20
C LYS D 279 -14.87 -23.69 -4.19
N GLN D 280 -14.03 -24.53 -3.59
CA GLN D 280 -13.13 -24.03 -2.54
C GLN D 280 -12.06 -23.11 -3.13
N ILE D 281 -11.42 -23.49 -4.24
CA ILE D 281 -10.41 -22.63 -4.84
C ILE D 281 -11.02 -21.27 -5.21
N CYS D 282 -12.18 -21.29 -5.87
CA CYS D 282 -12.78 -20.01 -6.24
C CYS D 282 -13.09 -19.14 -5.04
N SER D 283 -13.65 -19.74 -4.00
CA SER D 283 -13.92 -18.97 -2.80
C SER D 283 -12.65 -18.42 -2.16
N ARG D 284 -11.58 -19.23 -2.18
CA ARG D 284 -10.33 -18.76 -1.62
C ARG D 284 -9.88 -17.49 -2.29
N HIS D 285 -10.25 -17.28 -3.56
CA HIS D 285 -9.81 -16.07 -4.24
C HIS D 285 -10.93 -15.05 -4.46
N GLY D 286 -12.00 -15.11 -3.67
CA GLY D 286 -13.04 -14.11 -3.79
C GLY D 286 -14.00 -14.33 -4.94
N TYR D 287 -14.08 -15.56 -5.46
CA TYR D 287 -15.03 -15.93 -6.49
C TYR D 287 -15.99 -16.97 -5.94
N HIS D 288 -17.14 -17.12 -6.61
CA HIS D 288 -18.14 -18.12 -6.28
C HIS D 288 -18.40 -18.96 -7.52
N ALA D 289 -18.09 -20.25 -7.42
CA ALA D 289 -18.48 -21.21 -8.45
C ALA D 289 -19.78 -21.85 -8.02
N THR D 290 -20.70 -22.06 -8.98
CA THR D 290 -21.93 -22.75 -8.62
C THR D 290 -22.31 -23.78 -9.67
N PHE D 291 -22.72 -24.94 -9.16
CA PHE D 291 -23.29 -26.02 -9.96
C PHE D 291 -24.82 -26.04 -9.85
N MET D 292 -25.41 -25.00 -9.27
CA MET D 292 -26.84 -24.80 -9.39
C MET D 292 -27.19 -24.73 -10.87
N CYS D 293 -28.25 -25.46 -11.25
CA CYS D 293 -28.54 -25.65 -12.66
C CYS D 293 -28.75 -24.33 -13.39
N LYS D 294 -29.60 -23.47 -12.85
CA LYS D 294 -29.94 -22.21 -13.50
C LYS D 294 -30.12 -21.12 -12.44
N PRO D 295 -29.05 -20.39 -12.12
CA PRO D 295 -29.15 -19.32 -11.13
C PRO D 295 -30.15 -18.24 -11.56
N ALA D 296 -30.72 -17.57 -10.55
CA ALA D 296 -31.61 -16.44 -10.79
C ALA D 296 -30.80 -15.16 -11.00
N ILE D 297 -30.04 -15.15 -12.09
CA ILE D 297 -29.22 -14.01 -12.49
C ILE D 297 -29.51 -13.75 -13.96
N ASN D 298 -29.84 -12.49 -14.30
CA ASN D 298 -30.24 -12.18 -15.66
C ASN D 298 -29.19 -12.67 -16.64
N GLY D 299 -29.65 -13.39 -17.67
CA GLY D 299 -28.80 -13.88 -18.74
C GLY D 299 -28.23 -15.26 -18.53
N PHE D 300 -28.35 -15.84 -17.33
CA PHE D 300 -27.77 -17.15 -17.06
C PHE D 300 -28.70 -18.24 -17.57
N PHE D 301 -28.21 -19.06 -18.49
CA PHE D 301 -28.96 -20.20 -18.98
C PHE D 301 -28.61 -21.44 -18.19
N ALA D 302 -29.45 -22.46 -18.30
CA ALA D 302 -29.28 -23.68 -17.52
C ALA D 302 -27.95 -24.36 -17.86
N SER D 303 -27.32 -24.93 -16.84
CA SER D 303 -26.14 -25.76 -16.99
C SER D 303 -26.55 -27.23 -16.90
N GLY D 304 -25.85 -28.08 -17.65
CA GLY D 304 -26.13 -29.50 -17.64
C GLY D 304 -24.95 -30.37 -17.26
N TRP D 305 -25.23 -31.60 -16.82
CA TRP D 305 -24.20 -32.60 -16.55
C TRP D 305 -24.53 -33.83 -17.42
N HIS D 306 -23.99 -33.85 -18.64
CA HIS D 306 -24.13 -35.02 -19.52
C HIS D 306 -23.19 -36.10 -19.05
N MET D 307 -23.70 -37.31 -18.90
CA MET D 307 -22.93 -38.44 -18.39
C MET D 307 -22.62 -39.39 -19.54
N HIS D 308 -21.34 -39.45 -19.91
CA HIS D 308 -20.84 -40.37 -20.92
C HIS D 308 -20.49 -41.72 -20.28
N GLN D 309 -20.98 -42.80 -20.88
CA GLN D 309 -20.95 -44.12 -20.28
C GLN D 309 -20.63 -45.19 -21.32
N SER D 310 -19.74 -46.09 -20.96
CA SER D 310 -19.53 -47.35 -21.68
C SER D 310 -19.29 -48.45 -20.65
N LEU D 311 -19.47 -49.69 -21.07
CA LEU D 311 -19.11 -50.85 -20.26
C LEU D 311 -17.91 -51.53 -20.89
N VAL D 312 -16.92 -51.89 -20.07
CA VAL D 312 -15.79 -52.65 -20.57
C VAL D 312 -15.77 -54.03 -19.94
N ASP D 313 -15.25 -54.98 -20.72
CA ASP D 313 -15.10 -56.35 -20.24
C ASP D 313 -14.05 -56.41 -19.16
N LYS D 314 -14.45 -57.01 -18.05
CA LYS D 314 -13.69 -56.94 -16.81
C LYS D 314 -12.34 -57.67 -16.96
N ASP D 315 -12.24 -58.69 -17.83
CA ASP D 315 -10.98 -59.44 -18.10
C ASP D 315 -10.21 -58.89 -19.31
N THR D 316 -10.92 -58.72 -20.43
CA THR D 316 -10.31 -58.29 -21.72
C THR D 316 -10.06 -56.77 -21.81
N ARG D 317 -10.68 -55.96 -20.96
CA ARG D 317 -10.46 -54.49 -20.91
C ARG D 317 -10.97 -53.82 -22.20
N LYS D 318 -11.96 -54.42 -22.85
CA LYS D 318 -12.41 -53.85 -24.14
C LYS D 318 -13.80 -53.22 -23.99
N ASN D 319 -14.02 -52.11 -24.67
CA ASN D 319 -15.34 -51.45 -24.68
C ASN D 319 -16.33 -52.38 -25.38
N LEU D 320 -17.31 -52.88 -24.65
CA LEU D 320 -18.31 -53.82 -25.19
C LEU D 320 -19.47 -53.08 -25.84
N PHE D 321 -19.38 -51.77 -26.01
CA PHE D 321 -20.45 -50.99 -26.71
C PHE D 321 -20.05 -50.76 -28.17
N ILE D 322 -18.80 -51.06 -28.53
CA ILE D 322 -18.33 -50.71 -29.88
C ILE D 322 -19.22 -51.38 -30.93
N PRO D 323 -19.73 -50.64 -31.90
CA PRO D 323 -20.62 -51.21 -32.92
C PRO D 323 -19.88 -51.81 -34.11
N SER D 324 -20.57 -52.75 -34.77
CA SER D 324 -20.18 -53.23 -36.09
C SER D 324 -20.83 -52.36 -37.16
N GLU D 325 -20.49 -52.60 -38.43
CA GLU D 325 -21.13 -51.86 -39.51
C GLU D 325 -22.62 -52.14 -39.50
N GLY D 326 -23.42 -51.12 -39.76
CA GLY D 326 -24.87 -51.26 -39.71
C GLY D 326 -25.46 -51.20 -38.31
N GLU D 327 -24.65 -50.83 -37.31
CA GLU D 327 -25.09 -50.61 -35.93
C GLU D 327 -24.59 -49.25 -35.46
N VAL D 328 -25.31 -48.66 -34.51
CA VAL D 328 -24.76 -47.54 -33.76
C VAL D 328 -24.20 -48.01 -32.42
N LEU D 329 -24.66 -49.16 -31.90
CA LEU D 329 -24.09 -49.78 -30.72
C LEU D 329 -24.18 -51.29 -30.88
N SER D 330 -23.29 -52.00 -30.20
CA SER D 330 -23.43 -53.44 -30.08
C SER D 330 -24.79 -53.77 -29.45
N PRO D 331 -25.25 -55.01 -29.58
CA PRO D 331 -26.48 -55.40 -28.88
C PRO D 331 -26.43 -55.09 -27.39
N LEU D 332 -25.29 -55.33 -26.73
CA LEU D 332 -25.20 -55.01 -25.30
C LEU D 332 -25.42 -53.53 -25.06
N GLY D 333 -24.78 -52.68 -25.88
CA GLY D 333 -24.99 -51.25 -25.74
C GLY D 333 -26.42 -50.85 -26.02
N ARG D 334 -27.05 -51.51 -27.00
CA ARG D 334 -28.45 -51.22 -27.31
C ARG D 334 -29.36 -51.57 -26.14
N ALA D 335 -29.10 -52.70 -25.48
CA ALA D 335 -29.91 -53.09 -24.33
C ALA D 335 -29.68 -52.13 -23.17
N TYR D 336 -28.43 -51.71 -22.98
CA TYR D 336 -28.12 -50.71 -21.96
C TYR D 336 -28.93 -49.44 -22.21
N ALA D 337 -28.91 -48.94 -23.45
CA ALA D 337 -29.71 -47.77 -23.79
C ALA D 337 -31.19 -48.01 -23.53
N GLY D 338 -31.69 -49.18 -23.89
CA GLY D 338 -33.08 -49.50 -23.59
C GLY D 338 -33.38 -49.39 -22.11
N GLY D 339 -32.47 -49.88 -21.28
CA GLY D 339 -32.65 -49.77 -19.83
C GLY D 339 -32.63 -48.33 -19.36
N LEU D 340 -31.74 -47.51 -19.93
CA LEU D 340 -31.72 -46.09 -19.57
C LEU D 340 -33.07 -45.45 -19.91
N LEU D 341 -33.58 -45.73 -21.12
CA LEU D 341 -34.83 -45.12 -21.55
C LEU D 341 -36.00 -45.56 -20.68
N ALA D 342 -36.14 -46.87 -20.45
CA ALA D 342 -37.32 -47.39 -19.75
C ALA D 342 -37.43 -46.85 -18.33
N ASN D 343 -36.30 -46.62 -17.67
CA ASN D 343 -36.28 -46.20 -16.27
C ASN D 343 -35.99 -44.72 -16.10
N GLY D 344 -35.96 -43.96 -17.20
CA GLY D 344 -35.51 -42.58 -17.13
C GLY D 344 -36.38 -41.69 -16.27
N SER D 345 -37.68 -41.94 -16.23
CA SER D 345 -38.58 -41.14 -15.41
C SER D 345 -38.43 -41.48 -13.93
N ALA D 346 -38.38 -42.78 -13.63
CA ALA D 346 -38.19 -43.22 -12.24
C ALA D 346 -36.85 -42.77 -11.68
N ALA D 347 -35.83 -42.70 -12.53
CA ALA D 347 -34.51 -42.24 -12.14
C ALA D 347 -34.37 -40.72 -12.12
N SER D 348 -35.44 -39.99 -12.47
CA SER D 348 -35.32 -38.56 -12.70
C SER D 348 -34.86 -37.80 -11.46
N SER D 349 -35.38 -38.16 -10.28
CA SER D 349 -35.01 -37.44 -9.07
C SER D 349 -33.55 -37.65 -8.69
N PHE D 350 -32.91 -38.71 -9.18
CA PHE D 350 -31.51 -38.96 -8.90
C PHE D 350 -30.58 -38.25 -9.88
N THR D 351 -30.92 -38.27 -11.18
CA THR D 351 -30.13 -37.53 -12.15
C THR D 351 -30.36 -36.01 -12.03
N THR D 352 -31.52 -35.63 -11.52
CA THR D 352 -31.97 -34.24 -11.52
C THR D 352 -32.65 -33.97 -10.19
N PRO D 353 -31.88 -33.90 -9.11
CA PRO D 353 -32.47 -33.87 -7.76
C PRO D 353 -33.03 -32.54 -7.31
N THR D 354 -32.64 -31.42 -7.92
CA THR D 354 -33.06 -30.11 -7.41
C THR D 354 -34.33 -29.66 -8.12
N VAL D 355 -35.14 -28.89 -7.39
CA VAL D 355 -36.31 -28.27 -8.00
C VAL D 355 -35.90 -27.51 -9.25
N ASN D 356 -34.79 -26.77 -9.14
CA ASN D 356 -34.32 -25.85 -10.17
C ASN D 356 -33.83 -26.57 -11.42
N GLY D 357 -33.35 -27.81 -11.29
CA GLY D 357 -32.86 -28.55 -12.45
C GLY D 357 -33.93 -28.84 -13.48
N TYR D 358 -35.20 -28.83 -13.08
CA TYR D 358 -36.25 -29.12 -14.04
C TYR D 358 -36.50 -27.92 -14.94
N ARG D 359 -35.82 -26.80 -14.70
CA ARG D 359 -35.87 -25.74 -15.68
C ARG D 359 -35.31 -26.23 -17.02
N ARG D 360 -34.54 -27.33 -17.02
CA ARG D 360 -34.02 -27.86 -18.27
C ARG D 360 -34.99 -28.78 -19.01
N ARG D 361 -36.16 -29.09 -18.44
CA ARG D 361 -37.11 -30.02 -19.06
C ARG D 361 -38.05 -29.25 -19.98
N GLN D 362 -37.53 -28.89 -21.16
CA GLN D 362 -38.28 -28.13 -22.14
C GLN D 362 -37.65 -28.35 -23.50
N PRO D 363 -38.41 -28.22 -24.59
CA PRO D 363 -37.89 -28.54 -25.91
C PRO D 363 -37.01 -27.42 -26.46
N TYR D 364 -36.32 -27.75 -27.56
CA TYR D 364 -35.50 -26.78 -28.28
C TYR D 364 -34.47 -26.14 -27.36
N SER D 365 -33.91 -26.97 -26.48
CA SER D 365 -32.96 -26.57 -25.46
C SER D 365 -31.62 -27.27 -25.56
N LEU D 366 -31.51 -28.29 -26.41
CA LEU D 366 -30.37 -29.22 -26.39
C LEU D 366 -30.25 -29.93 -25.04
N ALA D 367 -31.36 -29.99 -24.31
CA ALA D 367 -31.55 -30.85 -23.16
C ALA D 367 -32.77 -31.72 -23.41
N PRO D 368 -32.87 -32.88 -22.78
CA PRO D 368 -33.95 -33.82 -23.12
C PRO D 368 -35.25 -33.48 -22.41
N ASP D 369 -36.35 -33.61 -23.14
CA ASP D 369 -37.67 -33.50 -22.56
C ASP D 369 -38.46 -34.81 -22.63
N ARG D 370 -37.92 -35.86 -23.25
CA ARG D 370 -38.63 -37.12 -23.38
C ARG D 370 -37.64 -38.28 -23.41
N ARG D 371 -38.17 -39.49 -23.26
CA ARG D 371 -37.37 -40.71 -23.23
C ARG D 371 -37.13 -41.21 -24.65
N ALA D 372 -36.22 -40.52 -25.35
CA ALA D 372 -35.87 -40.84 -26.72
C ALA D 372 -34.36 -41.01 -26.86
N TRP D 373 -33.94 -41.89 -27.77
CA TRP D 373 -32.53 -42.03 -28.09
C TRP D 373 -32.28 -41.73 -29.57
N ALA D 374 -31.06 -41.31 -29.85
CA ALA D 374 -30.69 -40.91 -31.23
C ALA D 374 -29.18 -40.90 -31.41
N LYS D 375 -28.72 -40.95 -32.66
CA LYS D 375 -27.27 -40.90 -32.98
C LYS D 375 -26.84 -39.46 -33.20
N ASP D 376 -25.98 -38.93 -32.32
CA ASP D 376 -25.42 -37.56 -32.41
C ASP D 376 -26.45 -36.42 -32.30
N ASN D 377 -27.72 -36.71 -32.04
CA ASN D 377 -28.74 -35.63 -32.04
C ASN D 377 -28.74 -35.15 -30.58
N LYS D 378 -28.41 -33.88 -30.35
CA LYS D 378 -28.31 -33.32 -28.99
C LYS D 378 -29.69 -32.96 -28.42
N ALA D 379 -30.76 -33.26 -29.15
CA ALA D 379 -32.08 -33.11 -28.56
C ALA D 379 -32.54 -34.34 -27.81
N ALA D 380 -31.80 -35.44 -27.90
CA ALA D 380 -32.22 -36.69 -27.30
C ALA D 380 -31.80 -36.78 -25.83
N MET D 381 -32.52 -37.63 -25.09
CA MET D 381 -32.08 -37.97 -23.74
C MET D 381 -30.85 -38.86 -23.80
N VAL D 382 -30.89 -39.89 -24.65
CA VAL D 382 -29.79 -40.81 -24.85
C VAL D 382 -29.21 -40.53 -26.23
N ARG D 383 -28.04 -39.89 -26.26
CA ARG D 383 -27.35 -39.57 -27.51
C ARG D 383 -26.19 -40.54 -27.68
N VAL D 384 -26.19 -41.29 -28.77
CA VAL D 384 -25.12 -42.24 -29.05
C VAL D 384 -24.02 -41.54 -29.84
N VAL D 385 -22.77 -41.73 -29.42
CA VAL D 385 -21.61 -41.26 -30.19
C VAL D 385 -20.74 -42.48 -30.47
N SER D 386 -20.62 -42.86 -31.74
CA SER D 386 -19.95 -44.12 -32.04
C SER D 386 -19.49 -44.14 -33.48
N ALA D 387 -18.61 -45.11 -33.76
CA ALA D 387 -18.15 -45.45 -35.10
C ALA D 387 -17.59 -46.86 -35.04
N THR D 388 -17.67 -47.57 -36.16
CA THR D 388 -17.20 -48.95 -36.21
C THR D 388 -15.77 -49.05 -35.71
N GLY D 389 -15.57 -49.93 -34.72
CA GLY D 389 -14.26 -50.16 -34.14
C GLY D 389 -13.71 -49.02 -33.32
N ASP D 390 -14.48 -47.98 -33.07
CA ASP D 390 -13.99 -46.80 -32.35
C ASP D 390 -14.18 -47.02 -30.85
N PRO D 391 -13.10 -47.10 -30.06
CA PRO D 391 -13.25 -47.29 -28.61
C PRO D 391 -13.84 -46.08 -27.89
N ALA D 392 -14.01 -44.94 -28.55
CA ALA D 392 -14.75 -43.83 -27.96
C ALA D 392 -16.26 -44.03 -28.04
N SER D 393 -16.72 -45.11 -28.67
CA SER D 393 -18.15 -45.36 -28.78
C SER D 393 -18.77 -45.44 -27.39
N ARG D 394 -19.90 -44.76 -27.23
CA ARG D 394 -20.44 -44.54 -25.90
C ARG D 394 -21.88 -44.04 -26.00
N ILE D 395 -22.55 -44.06 -24.84
CA ILE D 395 -23.85 -43.42 -24.65
C ILE D 395 -23.62 -42.15 -23.84
N GLU D 396 -24.24 -41.05 -24.25
CA GLU D 396 -24.27 -39.85 -23.45
C GLU D 396 -25.70 -39.62 -22.98
N ASN D 397 -25.90 -39.64 -21.67
CA ASN D 397 -27.20 -39.30 -21.10
C ASN D 397 -27.18 -37.82 -20.75
N ARG D 398 -28.01 -37.04 -21.42
CA ARG D 398 -27.99 -35.59 -21.27
C ARG D 398 -28.96 -35.08 -20.20
N ILE D 399 -29.53 -35.98 -19.41
CA ILE D 399 -30.61 -35.59 -18.50
C ILE D 399 -30.11 -34.96 -17.20
N GLY D 400 -28.88 -35.26 -16.79
CA GLY D 400 -28.42 -34.86 -15.47
C GLY D 400 -28.13 -33.37 -15.35
N GLU D 401 -28.15 -32.89 -14.10
CA GLU D 401 -27.79 -31.53 -13.76
C GLU D 401 -26.49 -31.51 -12.96
N PRO D 402 -25.70 -30.44 -13.09
CA PRO D 402 -24.39 -30.41 -12.43
C PRO D 402 -24.46 -30.58 -10.92
N GLY D 403 -25.56 -30.16 -10.29
CA GLY D 403 -25.68 -30.29 -8.85
C GLY D 403 -26.10 -31.66 -8.37
N ALA D 404 -26.16 -32.65 -9.27
CA ALA D 404 -26.54 -34.00 -8.87
C ALA D 404 -25.49 -34.60 -7.93
N ASN D 405 -25.97 -35.46 -7.05
CA ASN D 405 -25.09 -36.26 -6.22
C ASN D 405 -24.37 -37.27 -7.11
N PRO D 406 -23.03 -37.22 -7.22
CA PRO D 406 -22.36 -38.11 -8.18
C PRO D 406 -22.68 -39.58 -7.95
N TYR D 407 -22.79 -40.00 -6.68
CA TYR D 407 -23.07 -41.40 -6.40
C TYR D 407 -24.45 -41.80 -6.89
N LEU D 408 -25.46 -40.96 -6.65
CA LEU D 408 -26.81 -41.32 -7.05
C LEU D 408 -26.98 -41.24 -8.56
N TYR D 409 -26.39 -40.23 -9.20
CA TYR D 409 -26.44 -40.13 -10.65
C TYR D 409 -25.82 -41.36 -11.31
N MET D 410 -24.56 -41.63 -10.99
CA MET D 410 -23.86 -42.76 -11.62
C MET D 410 -24.54 -44.09 -11.27
N ALA D 411 -24.97 -44.27 -10.00
CA ALA D 411 -25.64 -45.52 -9.66
C ALA D 411 -26.96 -45.67 -10.39
N SER D 412 -27.70 -44.58 -10.58
CA SER D 412 -28.94 -44.68 -11.34
C SER D 412 -28.66 -45.11 -12.77
N GLN D 413 -27.56 -44.62 -13.34
CA GLN D 413 -27.21 -45.03 -14.70
C GLN D 413 -26.84 -46.50 -14.75
N ILE D 414 -26.01 -46.98 -13.84
CA ILE D 414 -25.57 -48.40 -13.88
C ILE D 414 -26.81 -49.29 -13.69
N VAL D 415 -27.66 -48.95 -12.74
CA VAL D 415 -28.85 -49.78 -12.41
C VAL D 415 -29.79 -49.84 -13.61
N SER D 416 -30.08 -48.68 -14.20
CA SER D 416 -31.01 -48.60 -15.34
C SER D 416 -30.45 -49.40 -16.53
N GLY D 417 -29.17 -49.24 -16.83
CA GLY D 417 -28.57 -49.90 -17.99
C GLY D 417 -28.39 -51.40 -17.80
N LEU D 418 -28.01 -51.83 -16.61
CA LEU D 418 -27.89 -53.28 -16.32
C LEU D 418 -29.27 -53.94 -16.40
N ASP D 419 -30.30 -53.25 -15.94
CA ASP D 419 -31.69 -53.77 -16.05
C ASP D 419 -32.00 -53.96 -17.53
N GLY D 420 -31.59 -53.03 -18.39
CA GLY D 420 -31.79 -53.20 -19.84
C GLY D 420 -31.11 -54.43 -20.40
N ILE D 421 -29.84 -54.62 -20.08
CA ILE D 421 -29.10 -55.82 -20.52
C ILE D 421 -29.82 -57.06 -20.00
N LYS D 422 -30.08 -57.14 -18.71
CA LYS D 422 -30.72 -58.33 -18.08
C LYS D 422 -32.05 -58.66 -18.77
N ASN D 423 -32.82 -57.65 -19.16
CA ASN D 423 -34.17 -57.88 -19.74
C ASN D 423 -34.13 -57.71 -21.26
N LYS D 424 -32.93 -57.68 -21.84
CA LYS D 424 -32.78 -57.48 -23.32
C LYS D 424 -33.74 -56.41 -23.81
N LYS D 425 -33.74 -55.23 -23.19
CA LYS D 425 -34.72 -54.17 -23.54
C LYS D 425 -34.42 -53.60 -24.92
N ASP D 426 -35.46 -53.36 -25.70
CA ASP D 426 -35.31 -52.76 -27.04
C ASP D 426 -35.54 -51.26 -26.91
N PRO D 427 -34.52 -50.43 -27.18
CA PRO D 427 -34.66 -48.98 -27.11
C PRO D 427 -35.59 -48.45 -28.20
N GLY D 428 -35.95 -49.29 -29.15
CA GLY D 428 -36.77 -48.80 -30.26
C GLY D 428 -35.91 -48.20 -31.34
N GLU D 429 -36.55 -47.54 -32.29
CA GLU D 429 -35.80 -46.96 -33.42
C GLU D 429 -35.13 -45.67 -32.97
N LEU D 430 -34.01 -45.36 -33.58
CA LEU D 430 -33.31 -44.09 -33.29
C LEU D 430 -34.20 -42.96 -33.78
N GLN D 431 -34.28 -41.89 -33.01
CA GLN D 431 -35.18 -40.77 -33.37
C GLN D 431 -34.42 -39.69 -34.16
N GLU D 432 -34.95 -39.32 -35.33
CA GLU D 432 -34.32 -38.26 -36.18
C GLU D 432 -34.71 -36.89 -35.65
N SER D 433 -35.93 -36.76 -35.11
CA SER D 433 -36.31 -35.47 -34.48
C SER D 433 -36.79 -35.74 -33.05
N PRO D 434 -35.88 -35.79 -32.05
CA PRO D 434 -36.26 -36.13 -30.67
C PRO D 434 -37.38 -35.27 -30.07
N TYR D 435 -37.45 -33.99 -30.43
CA TYR D 435 -38.51 -33.14 -29.92
C TYR D 435 -39.86 -33.38 -30.60
N ASP D 436 -39.91 -34.26 -31.59
CA ASP D 436 -41.16 -34.73 -32.16
C ASP D 436 -41.40 -36.21 -31.88
N ALA D 437 -40.54 -36.86 -31.12
CA ALA D 437 -40.64 -38.30 -30.91
C ALA D 437 -41.89 -38.63 -30.10
N GLN D 438 -42.64 -39.62 -30.57
CA GLN D 438 -43.84 -40.10 -29.89
C GLN D 438 -43.49 -41.09 -28.78
N VAL D 439 -42.79 -40.59 -27.78
CA VAL D 439 -42.36 -41.40 -26.64
C VAL D 439 -42.75 -40.70 -25.34
N PRO D 440 -42.71 -41.38 -24.20
CA PRO D 440 -43.13 -40.74 -22.95
C PRO D 440 -42.31 -39.51 -22.61
N MET D 441 -43.01 -38.48 -22.16
CA MET D 441 -42.35 -37.26 -21.71
C MET D 441 -41.62 -37.51 -20.38
N LEU D 442 -40.55 -36.76 -20.16
CA LEU D 442 -39.88 -36.85 -18.87
C LEU D 442 -40.61 -35.99 -17.84
N PRO D 443 -40.47 -36.31 -16.55
CA PRO D 443 -41.06 -35.45 -15.52
C PRO D 443 -40.63 -34.00 -15.73
N THR D 444 -41.59 -33.09 -15.58
CA THR D 444 -41.31 -31.67 -15.75
C THR D 444 -41.11 -30.93 -14.43
N THR D 445 -41.35 -31.58 -13.29
CA THR D 445 -41.11 -30.99 -11.98
C THR D 445 -40.55 -32.06 -11.06
N LEU D 446 -39.88 -31.62 -9.99
CA LEU D 446 -39.37 -32.56 -9.00
C LEU D 446 -40.49 -33.43 -8.45
N ALA D 447 -41.67 -32.84 -8.21
CA ALA D 447 -42.80 -33.62 -7.71
C ALA D 447 -43.18 -34.71 -8.70
N GLU D 448 -43.20 -34.39 -10.00
CA GLU D 448 -43.51 -35.40 -10.99
C GLU D 448 -42.46 -36.51 -10.98
N ALA D 449 -41.20 -36.17 -10.79
CA ALA D 449 -40.15 -37.18 -10.72
C ALA D 449 -40.33 -38.08 -9.50
N LEU D 450 -40.70 -37.51 -8.36
CA LEU D 450 -40.91 -38.32 -7.18
C LEU D 450 -42.13 -39.24 -7.34
N ASP D 451 -43.20 -38.73 -7.94
CA ASP D 451 -44.34 -39.57 -8.26
C ASP D 451 -43.94 -40.70 -9.19
N ALA D 452 -43.13 -40.39 -10.20
CA ALA D 452 -42.68 -41.41 -11.14
C ALA D 452 -41.90 -42.51 -10.43
N LEU D 453 -41.03 -42.12 -9.49
CA LEU D 453 -40.28 -43.13 -8.74
C LEU D 453 -41.20 -43.97 -7.88
N GLU D 454 -42.14 -43.33 -7.16
CA GLU D 454 -43.06 -44.06 -6.32
C GLU D 454 -43.90 -45.04 -7.14
N HIS D 455 -44.34 -44.63 -8.33
CA HIS D 455 -45.21 -45.47 -9.16
C HIS D 455 -44.47 -46.59 -9.89
N ASP D 456 -43.16 -46.54 -9.95
CA ASP D 456 -42.34 -47.53 -10.65
C ASP D 456 -41.05 -47.71 -9.84
N SER D 457 -41.20 -48.33 -8.66
CA SER D 457 -40.18 -48.33 -7.63
C SER D 457 -39.41 -49.64 -7.53
N GLU D 458 -39.83 -50.69 -8.22
CA GLU D 458 -39.31 -52.03 -7.96
C GLU D 458 -37.80 -52.09 -8.20
N LEU D 459 -37.34 -51.60 -9.35
CA LEU D 459 -35.92 -51.67 -9.67
C LEU D 459 -35.08 -50.90 -8.66
N PHE D 460 -35.48 -49.67 -8.36
CA PHE D 460 -34.65 -48.85 -7.47
C PHE D 460 -34.81 -49.27 -6.02
N ARG D 461 -35.97 -49.81 -5.62
CA ARG D 461 -36.03 -50.40 -4.28
C ARG D 461 -35.08 -51.58 -4.17
N SER D 462 -35.09 -52.47 -5.19
CA SER D 462 -34.24 -53.65 -5.12
C SER D 462 -32.75 -53.31 -5.16
N CYS D 463 -32.35 -52.27 -5.92
CA CYS D 463 -30.93 -51.97 -6.07
C CYS D 463 -30.41 -50.90 -5.12
N PHE D 464 -31.17 -49.82 -4.88
CA PHE D 464 -30.77 -48.82 -3.90
C PHE D 464 -31.14 -49.23 -2.49
N GLY D 465 -32.19 -50.02 -2.35
CA GLY D 465 -32.67 -50.49 -1.06
C GLY D 465 -34.00 -49.85 -0.70
N ASP D 466 -34.92 -50.66 -0.17
CA ASP D 466 -36.25 -50.18 0.16
C ASP D 466 -36.19 -49.05 1.19
N THR D 467 -35.34 -49.22 2.22
CA THR D 467 -35.24 -48.19 3.25
C THR D 467 -34.79 -46.86 2.66
N PHE D 468 -33.78 -46.90 1.78
CA PHE D 468 -33.32 -45.67 1.15
C PHE D 468 -34.42 -45.02 0.32
N ILE D 469 -35.20 -45.82 -0.42
CA ILE D 469 -36.22 -45.23 -1.29
C ILE D 469 -37.33 -44.59 -0.45
N LYS D 470 -37.77 -45.26 0.62
CA LYS D 470 -38.74 -44.64 1.53
C LYS D 470 -38.20 -43.34 2.09
N TYR D 471 -36.96 -43.35 2.60
CA TYR D 471 -36.33 -42.15 3.14
C TYR D 471 -36.27 -41.04 2.09
N TRP D 472 -35.82 -41.37 0.89
CA TRP D 472 -35.66 -40.40 -0.18
C TRP D 472 -36.98 -39.75 -0.53
N LEU D 473 -38.02 -40.57 -0.73
CA LEU D 473 -39.32 -40.04 -1.07
C LEU D 473 -39.81 -39.06 -0.01
N GLN D 474 -39.75 -39.47 1.27
CA GLN D 474 -40.23 -38.58 2.32
C GLN D 474 -39.47 -37.26 2.34
N LEU D 475 -38.13 -37.34 2.33
CA LEU D 475 -37.31 -36.13 2.39
C LEU D 475 -37.60 -35.19 1.22
N ARG D 476 -37.45 -35.69 -0.02
CA ARG D 476 -37.59 -34.80 -1.16
C ARG D 476 -39.01 -34.24 -1.24
N ARG D 477 -40.02 -35.03 -0.85
CA ARG D 477 -41.36 -34.50 -0.83
C ARG D 477 -41.50 -33.34 0.15
N SER D 478 -40.80 -33.43 1.30
CA SER D 478 -40.83 -32.29 2.23
C SER D 478 -40.24 -31.06 1.55
N GLU D 479 -39.16 -31.23 0.77
CA GLU D 479 -38.58 -30.07 0.09
C GLU D 479 -39.56 -29.49 -0.94
N TRP D 480 -40.19 -30.36 -1.73
CA TRP D 480 -41.16 -29.88 -2.71
C TRP D 480 -42.26 -29.10 -2.02
N ALA D 481 -42.74 -29.59 -0.87
CA ALA D 481 -43.79 -28.87 -0.15
C ALA D 481 -43.32 -27.48 0.27
N ARG D 482 -42.06 -27.37 0.71
CA ARG D 482 -41.54 -26.04 1.04
C ARG D 482 -41.57 -25.12 -0.17
N PHE D 483 -41.09 -25.61 -1.32
CA PHE D 483 -41.10 -24.79 -2.53
C PHE D 483 -42.51 -24.37 -2.89
N LEU D 484 -43.45 -25.33 -2.88
CA LEU D 484 -44.84 -25.05 -3.23
C LEU D 484 -45.43 -23.96 -2.33
N ASP D 485 -45.23 -24.06 -1.02
CA ASP D 485 -45.78 -23.03 -0.13
C ASP D 485 -45.12 -21.68 -0.38
N ALA D 486 -43.85 -21.67 -0.74
CA ALA D 486 -43.16 -20.39 -0.88
C ALA D 486 -43.45 -19.70 -2.22
N GLU D 487 -43.67 -20.44 -3.30
CA GLU D 487 -43.80 -19.84 -4.62
C GLU D 487 -45.09 -20.15 -5.37
N GLY D 488 -45.83 -21.20 -5.02
CA GLY D 488 -47.04 -21.55 -5.74
C GLY D 488 -46.77 -22.48 -6.91
N ALA D 489 -47.86 -23.16 -7.34
CA ALA D 489 -47.74 -24.22 -8.33
C ALA D 489 -47.38 -23.66 -9.73
N GLU D 490 -47.96 -22.52 -10.14
CA GLU D 490 -47.57 -21.95 -11.44
C GLU D 490 -46.09 -21.86 -11.62
N ALA D 491 -45.38 -21.53 -10.54
CA ALA D 491 -44.00 -21.17 -10.67
C ALA D 491 -43.14 -22.34 -11.06
N ALA D 492 -43.66 -23.56 -10.93
CA ALA D 492 -42.87 -24.75 -11.25
C ALA D 492 -42.73 -24.99 -12.75
N GLU D 493 -43.59 -24.37 -13.57
CA GLU D 493 -43.52 -24.54 -15.01
C GLU D 493 -42.09 -24.30 -15.48
N PRO D 494 -41.47 -25.28 -16.16
CA PRO D 494 -40.04 -25.15 -16.50
C PRO D 494 -39.67 -23.87 -17.22
N THR D 495 -40.54 -23.35 -18.10
CA THR D 495 -40.20 -22.13 -18.84
C THR D 495 -40.37 -20.87 -18.00
N GLY D 496 -40.93 -20.98 -16.80
CA GLY D 496 -41.06 -19.81 -15.95
C GLY D 496 -39.71 -19.31 -15.47
N ALA D 497 -39.70 -18.07 -14.99
CA ALA D 497 -38.47 -17.49 -14.47
C ALA D 497 -38.04 -18.22 -13.20
N VAL D 498 -36.72 -18.24 -12.97
CA VAL D 498 -36.20 -18.85 -11.74
C VAL D 498 -36.67 -18.05 -10.54
N THR D 499 -37.18 -18.76 -9.53
CA THR D 499 -37.75 -18.13 -8.35
C THR D 499 -36.66 -17.81 -7.33
N GLN D 500 -36.99 -16.89 -6.43
CA GLN D 500 -36.08 -16.60 -5.32
C GLN D 500 -35.90 -17.80 -4.40
N TRP D 501 -36.94 -18.62 -4.24
CA TRP D 501 -36.77 -19.83 -3.44
C TRP D 501 -35.64 -20.70 -3.99
N GLU D 502 -35.60 -20.88 -5.31
CA GLU D 502 -34.52 -21.68 -5.90
C GLU D 502 -33.15 -21.06 -5.62
N GLN D 503 -33.03 -19.75 -5.82
CA GLN D 503 -31.75 -19.09 -5.57
C GLN D 503 -31.31 -19.28 -4.13
N LYS D 504 -32.23 -19.11 -3.19
CA LYS D 504 -31.89 -19.19 -1.78
C LYS D 504 -31.79 -20.62 -1.27
N GLU D 505 -32.22 -21.59 -2.06
CA GLU D 505 -32.04 -23.00 -1.73
C GLU D 505 -30.71 -23.55 -2.25
N TYR D 506 -30.29 -23.16 -3.47
CA TYR D 506 -29.22 -23.87 -4.16
C TYR D 506 -27.97 -23.06 -4.47
N PHE D 507 -28.06 -21.73 -4.59
CA PHE D 507 -26.95 -20.96 -5.14
C PHE D 507 -25.69 -21.05 -4.26
N ASN D 508 -25.85 -20.92 -2.94
CA ASN D 508 -24.68 -20.87 -2.06
C ASN D 508 -23.99 -22.22 -1.95
N LEU D 509 -24.76 -23.30 -1.78
CA LEU D 509 -24.17 -24.58 -1.39
C LEU D 509 -23.86 -25.49 -2.57
N LEU D 510 -24.61 -25.39 -3.67
CA LEU D 510 -24.37 -26.27 -4.80
C LEU D 510 -23.31 -25.67 -5.71
N ASP E 21 11.86 -18.66 51.96
CA ASP E 21 11.33 -19.80 51.16
C ASP E 21 9.99 -20.27 51.73
N PHE E 22 8.92 -19.57 51.39
CA PHE E 22 7.54 -19.96 51.78
C PHE E 22 7.21 -21.34 51.24
N ILE E 23 7.61 -21.63 50.01
CA ILE E 23 7.19 -22.92 49.38
C ILE E 23 7.85 -24.08 50.12
N THR E 24 9.14 -23.96 50.41
CA THR E 24 9.88 -25.01 51.14
C THR E 24 9.35 -25.11 52.57
N LYS E 25 9.20 -23.98 53.26
CA LYS E 25 8.71 -23.95 54.66
C LYS E 25 7.39 -24.71 54.76
N ASN E 26 6.48 -24.49 53.81
CA ASN E 26 5.14 -25.11 53.88
C ASN E 26 5.04 -26.39 53.03
N ASN E 27 6.17 -26.88 52.52
CA ASN E 27 6.17 -28.15 51.81
C ASN E 27 5.12 -28.16 50.68
N LEU E 28 5.12 -27.08 49.90
CA LEU E 28 4.11 -26.88 48.87
C LEU E 28 4.48 -27.45 47.50
N TRP E 29 5.74 -27.86 47.34
CA TRP E 29 6.16 -28.48 46.07
C TRP E 29 6.55 -29.93 46.25
N THR E 30 6.05 -30.79 45.38
CA THR E 30 6.52 -32.20 45.40
C THR E 30 7.92 -32.20 44.79
N ASN E 31 8.58 -33.34 44.80
CA ASN E 31 9.94 -33.43 44.23
C ASN E 31 9.87 -33.30 42.71
N GLU E 32 8.74 -33.67 42.12
CA GLU E 32 8.54 -33.55 40.65
C GLU E 32 8.37 -32.06 40.31
N GLN E 33 7.61 -31.34 41.12
CA GLN E 33 7.44 -29.88 40.91
C GLN E 33 8.80 -29.18 41.07
N ARG E 34 9.65 -29.59 42.01
CA ARG E 34 10.95 -28.94 42.10
C ARG E 34 11.82 -29.24 40.87
N ASP E 35 11.83 -30.51 40.43
CA ASP E 35 12.54 -30.82 39.20
C ASP E 35 12.01 -30.00 38.02
N ALA E 36 10.68 -29.90 37.92
CA ALA E 36 10.06 -29.14 36.86
C ALA E 36 10.45 -27.67 36.93
N ALA E 37 10.57 -27.13 38.14
CA ALA E 37 10.99 -25.73 38.29
C ALA E 37 12.38 -25.52 37.71
N ASP E 38 13.30 -26.46 38.01
CA ASP E 38 14.63 -26.37 37.39
C ASP E 38 14.52 -26.33 35.88
N LYS E 39 13.75 -27.26 35.31
CA LYS E 39 13.63 -27.31 33.85
C LYS E 39 12.99 -26.05 33.30
N VAL E 40 12.00 -25.50 34.00
CA VAL E 40 11.33 -24.29 33.55
C VAL E 40 12.31 -23.12 33.48
N LEU E 41 13.13 -22.96 34.52
CA LEU E 41 14.11 -21.89 34.50
C LEU E 41 15.12 -22.07 33.36
N ALA E 42 15.55 -23.32 33.14
CA ALA E 42 16.49 -23.57 32.05
C ALA E 42 15.86 -23.23 30.71
N GLU E 43 14.58 -23.58 30.51
CA GLU E 43 13.91 -23.27 29.25
C GLU E 43 13.72 -21.77 29.09
N ILE E 44 13.37 -21.07 30.18
CA ILE E 44 13.22 -19.62 30.11
C ILE E 44 14.52 -18.98 29.62
N ASP E 45 15.65 -19.41 30.19
CA ASP E 45 16.92 -18.83 29.76
C ASP E 45 17.25 -19.22 28.33
N SER E 46 17.07 -20.49 27.99
CA SER E 46 17.42 -20.96 26.66
C SER E 46 16.63 -20.22 25.57
N LEU E 47 15.35 -19.97 25.80
CA LEU E 47 14.54 -19.28 24.81
C LEU E 47 14.65 -17.76 24.89
N GLY E 48 15.32 -17.22 25.89
CA GLY E 48 15.39 -15.77 26.03
C GLY E 48 14.05 -15.12 26.32
N LEU E 49 13.18 -15.80 27.06
CA LEU E 49 11.90 -15.20 27.42
C LEU E 49 12.13 -14.01 28.35
N GLU E 50 11.24 -13.02 28.25
CA GLU E 50 11.34 -11.80 29.05
C GLU E 50 10.24 -11.67 30.09
N MET E 51 9.07 -12.25 29.86
CA MET E 51 7.94 -12.20 30.77
C MET E 51 7.42 -13.61 30.98
N ILE E 52 6.91 -13.87 32.18
CA ILE E 52 6.19 -15.10 32.51
C ILE E 52 4.92 -14.70 33.24
N ARG E 53 3.78 -15.01 32.65
CA ARG E 53 2.52 -14.74 33.31
C ARG E 53 2.28 -15.76 34.42
N LEU E 54 1.86 -15.27 35.58
CA LEU E 54 1.42 -16.09 36.69
C LEU E 54 -0.07 -15.84 36.82
N SER E 55 -0.88 -16.88 36.58
CA SER E 55 -2.32 -16.72 36.54
C SER E 55 -3.01 -17.82 37.33
N TRP E 56 -4.28 -17.57 37.63
CA TRP E 56 -5.16 -18.51 38.31
C TRP E 56 -6.59 -18.19 37.91
N ALA E 57 -7.43 -19.22 37.87
CA ALA E 57 -8.82 -19.01 37.52
C ALA E 57 -9.59 -18.46 38.70
N ASP E 58 -10.41 -17.45 38.46
CA ASP E 58 -11.32 -16.95 39.49
C ASP E 58 -12.59 -17.79 39.50
N GLN E 59 -13.60 -17.35 40.25
CA GLN E 59 -14.81 -18.14 40.41
C GLN E 59 -15.54 -18.34 39.09
N TYR E 60 -15.35 -17.44 38.13
CA TYR E 60 -15.97 -17.53 36.82
C TYR E 60 -15.11 -18.28 35.80
N GLY E 61 -13.95 -18.79 36.21
CA GLY E 61 -13.06 -19.42 35.27
C GLY E 61 -12.18 -18.47 34.47
N LEU E 62 -12.16 -17.19 34.82
CA LEU E 62 -11.37 -16.20 34.08
C LEU E 62 -9.98 -16.09 34.69
N LEU E 63 -8.98 -15.93 33.84
CA LEU E 63 -7.60 -15.96 34.29
C LEU E 63 -7.21 -14.59 34.85
N ARG E 64 -6.81 -14.55 36.11
CA ARG E 64 -6.31 -13.35 36.76
C ARG E 64 -4.89 -13.58 37.26
N GLY E 65 -4.14 -12.50 37.41
CA GLY E 65 -2.81 -12.64 37.97
C GLY E 65 -1.90 -11.48 37.65
N LYS E 66 -0.63 -11.78 37.38
CA LYS E 66 0.34 -10.76 37.03
C LYS E 66 1.22 -11.28 35.90
N SER E 67 1.95 -10.36 35.27
CA SER E 67 3.05 -10.74 34.40
C SER E 67 4.35 -10.35 35.11
N LEU E 68 5.22 -11.35 35.28
CA LEU E 68 6.46 -11.19 36.01
C LEU E 68 7.62 -11.24 35.04
N THR E 69 8.73 -10.61 35.44
CA THR E 69 9.98 -10.75 34.70
C THR E 69 10.70 -12.02 35.14
N VAL E 70 11.78 -12.34 34.44
CA VAL E 70 12.56 -13.52 34.78
C VAL E 70 13.05 -13.44 36.23
N ALA E 71 13.59 -12.27 36.62
CA ALA E 71 14.09 -12.12 37.98
C ALA E 71 12.97 -12.26 39.01
N SER E 72 11.82 -11.65 38.74
CA SER E 72 10.69 -11.74 39.65
C SER E 72 10.16 -13.17 39.73
N LEU E 73 10.14 -13.89 38.60
CA LEU E 73 9.69 -15.27 38.65
C LEU E 73 10.64 -16.12 39.47
N LYS E 74 11.95 -15.90 39.33
CA LYS E 74 12.90 -16.63 40.15
C LYS E 74 12.65 -16.38 41.63
N SER E 75 12.35 -15.12 42.00
CA SER E 75 11.99 -14.86 43.40
C SER E 75 10.70 -15.57 43.79
N ALA E 76 9.70 -15.57 42.90
CA ALA E 76 8.42 -16.22 43.19
C ALA E 76 8.58 -17.72 43.37
N PHE E 77 9.61 -18.32 42.75
CA PHE E 77 9.85 -19.74 42.96
C PHE E 77 10.34 -20.05 44.38
N LYS E 78 10.60 -19.03 45.19
CA LYS E 78 10.88 -19.23 46.60
C LYS E 78 9.80 -18.66 47.50
N GLU E 79 9.42 -17.40 47.32
CA GLU E 79 8.50 -16.74 48.25
C GLU E 79 7.06 -16.66 47.73
N GLY E 80 6.80 -17.14 46.52
CA GLY E 80 5.49 -16.88 45.93
C GLY E 80 5.36 -15.42 45.55
N SER E 81 4.14 -15.05 45.14
CA SER E 81 3.86 -13.68 44.70
C SER E 81 2.57 -13.20 45.34
N GLU E 82 2.62 -12.07 46.03
CA GLU E 82 1.44 -11.60 46.77
C GLU E 82 0.39 -11.03 45.84
N VAL E 83 -0.88 -11.31 46.14
CA VAL E 83 -1.99 -10.75 45.38
C VAL E 83 -3.17 -10.59 46.33
N ALA E 84 -4.04 -9.63 46.03
CA ALA E 84 -5.25 -9.43 46.80
C ALA E 84 -6.36 -10.33 46.28
N ILE E 85 -7.30 -10.68 47.17
CA ILE E 85 -8.40 -11.57 46.78
C ILE E 85 -9.54 -10.84 46.09
N GLY E 86 -9.38 -9.54 45.82
CA GLY E 86 -10.40 -8.71 45.22
C GLY E 86 -11.33 -9.40 44.23
N PRO E 87 -10.76 -10.02 43.20
CA PRO E 87 -11.60 -10.64 42.15
C PRO E 87 -12.66 -11.59 42.70
N PHE E 88 -12.37 -12.30 43.79
CA PHE E 88 -13.36 -13.24 44.33
C PHE E 88 -14.57 -12.50 44.90
N PHE E 89 -14.39 -11.26 45.36
CA PHE E 89 -15.48 -10.50 45.97
C PHE E 89 -16.18 -9.59 44.97
N PHE E 90 -15.73 -9.57 43.72
CA PHE E 90 -16.35 -8.86 42.61
C PHE E 90 -17.16 -9.82 41.75
N ASP E 91 -18.24 -9.33 41.15
CA ASP E 91 -18.89 -10.07 40.08
C ASP E 91 -18.25 -9.65 38.75
N LEU E 92 -18.82 -10.11 37.62
CA LEU E 92 -18.16 -9.92 36.33
C LEU E 92 -18.01 -8.44 35.96
N VAL E 93 -18.83 -7.56 36.51
CA VAL E 93 -18.74 -6.14 36.26
C VAL E 93 -18.22 -5.39 37.48
N SER E 94 -17.65 -6.10 38.44
CA SER E 94 -17.06 -5.51 39.63
C SER E 94 -18.10 -4.83 40.51
N SER E 95 -19.32 -5.34 40.57
CA SER E 95 -20.13 -5.08 41.75
C SER E 95 -19.36 -5.57 42.97
N MET E 96 -19.35 -4.78 44.02
CA MET E 96 -18.71 -5.22 45.25
C MET E 96 -19.76 -6.02 46.03
N VAL E 97 -19.68 -7.34 45.91
CA VAL E 97 -20.70 -8.20 46.50
C VAL E 97 -20.40 -8.52 47.96
N PHE E 98 -19.12 -8.54 48.33
CA PHE E 98 -18.68 -8.69 49.71
C PHE E 98 -17.85 -7.48 50.07
N ASN E 99 -17.97 -7.02 51.31
CA ASN E 99 -17.34 -5.76 51.71
C ASN E 99 -15.84 -5.92 51.87
N LEU E 100 -15.08 -5.37 50.91
CA LEU E 100 -13.63 -5.45 50.95
C LEU E 100 -13.03 -4.58 52.05
N PHE E 101 -13.83 -3.71 52.67
CA PHE E 101 -13.27 -2.71 53.57
C PHE E 101 -13.36 -3.11 55.03
N THR E 102 -14.17 -4.09 55.40
CA THR E 102 -14.29 -4.47 56.80
C THR E 102 -13.41 -5.69 56.96
N THR E 103 -12.27 -5.54 57.64
CA THR E 103 -11.49 -6.70 58.05
C THR E 103 -12.30 -7.68 58.88
N ALA E 104 -12.32 -8.93 58.43
CA ALA E 104 -13.05 -10.00 59.08
C ALA E 104 -12.28 -10.51 60.30
N PHE E 107 -12.64 -15.13 58.87
CA PHE E 107 -12.88 -14.82 57.45
C PHE E 107 -13.94 -15.76 56.87
N GLU E 108 -13.79 -17.03 57.15
CA GLU E 108 -14.71 -18.03 56.58
C GLU E 108 -16.15 -17.87 57.12
N ASP E 109 -16.32 -17.25 58.28
CA ASP E 109 -17.70 -16.98 58.77
C ASP E 109 -18.17 -15.62 58.24
N GLU E 110 -17.26 -14.66 58.13
CA GLU E 110 -17.69 -13.28 57.76
C GLU E 110 -17.72 -13.04 56.23
N LEU E 111 -16.81 -13.62 55.47
CA LEU E 111 -16.72 -13.36 54.01
C LEU E 111 -16.69 -11.84 53.78
N SER E 112 -15.64 -11.20 54.29
CA SER E 112 -15.46 -9.74 54.12
C SER E 112 -13.97 -9.46 54.13
N GLY E 113 -13.58 -8.23 53.87
CA GLY E 113 -12.16 -7.87 53.97
C GLY E 113 -11.41 -8.02 52.65
N ASN E 114 -10.11 -7.77 52.69
CA ASN E 114 -9.26 -7.84 51.51
C ASN E 114 -7.88 -8.35 51.87
N PRO E 115 -7.79 -9.55 52.43
CA PRO E 115 -6.47 -10.07 52.83
C PRO E 115 -5.59 -10.34 51.63
N THR E 116 -4.28 -10.30 51.86
CA THR E 116 -3.29 -10.63 50.85
C THR E 116 -3.01 -12.13 50.92
N VAL E 117 -3.10 -12.80 49.77
CA VAL E 117 -2.75 -14.20 49.67
C VAL E 117 -1.52 -14.36 48.78
N VAL E 118 -0.98 -15.57 48.75
CA VAL E 118 0.26 -15.89 48.06
C VAL E 118 -0.08 -16.79 46.87
N MET E 119 0.22 -16.31 45.66
CA MET E 119 0.24 -17.16 44.49
C MET E 119 1.49 -18.01 44.53
N VAL E 120 1.31 -19.33 44.59
CA VAL E 120 2.41 -20.29 44.57
C VAL E 120 2.46 -20.90 43.18
N PRO E 121 3.48 -20.61 42.38
CA PRO E 121 3.52 -21.13 41.00
C PRO E 121 3.54 -22.65 40.99
N ASP E 122 2.84 -23.24 40.03
CA ASP E 122 2.89 -24.67 39.79
C ASP E 122 3.73 -24.91 38.55
N PRO E 123 5.00 -25.29 38.69
CA PRO E 123 5.90 -25.34 37.52
C PRO E 123 5.53 -26.41 36.51
N THR E 124 4.76 -27.43 36.90
CA THR E 124 4.35 -28.46 35.95
C THR E 124 3.41 -27.93 34.88
N THR E 125 2.90 -26.71 35.04
CA THR E 125 1.93 -26.14 34.12
C THR E 125 2.55 -25.18 33.10
N PHE E 126 3.88 -25.03 33.11
CA PHE E 126 4.53 -23.99 32.32
C PHE E 126 4.27 -24.17 30.82
N LYS E 127 4.01 -23.05 30.14
CA LYS E 127 3.85 -23.03 28.70
C LYS E 127 4.50 -21.77 28.13
N VAL E 128 4.97 -21.88 26.89
CA VAL E 128 5.36 -20.72 26.09
C VAL E 128 4.15 -20.32 25.24
N LEU E 129 3.73 -19.06 25.36
CA LEU E 129 2.55 -18.61 24.61
C LEU E 129 2.96 -18.22 23.18
N PRO E 130 2.53 -18.98 22.18
CA PRO E 130 3.05 -18.77 20.82
C PRO E 130 2.66 -17.43 20.20
N TRP E 131 1.54 -16.84 20.60
CA TRP E 131 1.03 -15.62 19.99
C TRP E 131 1.58 -14.35 20.64
N ALA E 132 2.39 -14.45 21.68
CA ALA E 132 2.90 -13.31 22.40
C ALA E 132 4.40 -13.17 22.22
N ASP E 133 4.92 -11.99 22.58
CA ASP E 133 6.34 -11.70 22.45
C ASP E 133 7.09 -12.24 23.68
N LYS E 134 7.93 -13.25 23.47
CA LYS E 134 8.87 -13.74 24.48
C LYS E 134 8.22 -13.89 25.85
N THR E 135 7.08 -14.59 25.89
CA THR E 135 6.26 -14.71 27.10
C THR E 135 5.97 -16.17 27.41
N GLY E 136 6.27 -16.56 28.66
CA GLY E 136 5.83 -17.83 29.21
C GLY E 136 4.58 -17.65 30.07
N TRP E 137 4.12 -18.77 30.64
CA TRP E 137 2.82 -18.80 31.29
C TRP E 137 2.78 -19.95 32.28
N MET E 138 2.15 -19.70 33.43
CA MET E 138 2.09 -20.69 34.51
C MET E 138 0.86 -20.42 35.35
N LEU E 139 0.28 -21.50 35.87
CA LEU E 139 -0.81 -21.39 36.83
C LEU E 139 -0.25 -21.32 38.25
N ALA E 140 -1.02 -20.72 39.15
CA ALA E 140 -0.62 -20.62 40.55
C ALA E 140 -1.76 -21.04 41.46
N ASP E 141 -1.40 -21.62 42.60
CA ASP E 141 -2.35 -21.97 43.65
C ASP E 141 -2.34 -20.90 44.73
N LEU E 142 -3.51 -20.54 45.24
CA LEU E 142 -3.62 -19.46 46.20
C LEU E 142 -3.56 -20.02 47.62
N HIS E 143 -2.68 -19.45 48.46
CA HIS E 143 -2.53 -19.89 49.84
C HIS E 143 -2.52 -18.69 50.77
N TRP E 144 -3.14 -18.84 51.94
CA TRP E 144 -2.94 -17.87 53.01
C TRP E 144 -1.44 -17.76 53.32
N LYS E 145 -1.06 -16.63 53.93
CA LYS E 145 0.32 -16.52 54.36
C LYS E 145 0.64 -17.49 55.50
N SER E 146 -0.39 -18.08 56.11
CA SER E 146 -0.16 -19.15 57.09
C SER E 146 0.27 -20.45 56.41
N GLY E 147 0.05 -20.57 55.11
CA GLY E 147 0.43 -21.75 54.34
C GLY E 147 -0.74 -22.60 53.92
N GLU E 148 -1.92 -22.38 54.51
CA GLU E 148 -3.08 -23.18 54.19
C GLU E 148 -3.66 -22.75 52.84
N PRO E 149 -4.27 -23.69 52.11
CA PRO E 149 -4.88 -23.32 50.83
C PRO E 149 -6.02 -22.33 51.04
N PHE E 150 -6.12 -21.38 50.11
CA PHE E 150 -7.22 -20.41 50.14
C PHE E 150 -8.52 -21.12 49.75
N PRO E 151 -9.56 -21.06 50.59
CA PRO E 151 -10.71 -21.97 50.42
C PRO E 151 -11.60 -21.66 49.23
N LEU E 152 -11.51 -20.47 48.63
CA LEU E 152 -12.39 -20.13 47.52
C LEU E 152 -11.77 -20.48 46.16
N CYS E 153 -10.55 -20.97 46.13
CA CYS E 153 -9.81 -21.17 44.90
C CYS E 153 -10.37 -22.36 44.14
N PRO E 154 -10.94 -22.18 42.94
CA PRO E 154 -11.59 -23.33 42.27
C PRO E 154 -10.63 -24.44 41.91
N ARG E 155 -9.39 -24.11 41.53
CA ARG E 155 -8.42 -25.18 41.25
C ARG E 155 -8.22 -26.06 42.48
N GLY E 156 -8.21 -25.45 43.67
CA GLY E 156 -8.12 -26.26 44.90
C GLY E 156 -9.31 -27.18 45.09
N ILE E 157 -10.50 -26.74 44.66
CA ILE E 157 -11.67 -27.61 44.74
C ILE E 157 -11.52 -28.79 43.80
N MET E 158 -11.03 -28.54 42.58
CA MET E 158 -10.70 -29.64 41.68
C MET E 158 -9.69 -30.58 42.32
N LYS E 159 -8.65 -30.03 42.95
CA LYS E 159 -7.65 -30.88 43.61
C LYS E 159 -8.28 -31.76 44.67
N LYS E 160 -9.19 -31.22 45.47
CA LYS E 160 -9.86 -32.02 46.49
C LYS E 160 -10.72 -33.11 45.87
N ALA E 161 -11.44 -32.79 44.80
CA ALA E 161 -12.22 -33.81 44.12
C ALA E 161 -11.32 -34.92 43.57
N VAL E 162 -10.21 -34.55 42.94
CA VAL E 162 -9.27 -35.53 42.40
C VAL E 162 -8.71 -36.42 43.50
N LYS E 163 -8.38 -35.83 44.64
CA LYS E 163 -7.83 -36.61 45.75
C LYS E 163 -8.90 -37.53 46.33
N SER E 164 -10.11 -37.01 46.52
CA SER E 164 -11.23 -37.84 46.97
C SER E 164 -11.43 -39.04 46.05
N LEU E 165 -11.36 -38.80 44.75
CA LEU E 165 -11.52 -39.86 43.77
C LEU E 165 -10.37 -40.87 43.84
N SER E 166 -9.14 -40.36 43.94
CA SER E 166 -7.96 -41.22 44.04
C SER E 166 -8.00 -42.11 45.29
N ASP E 167 -8.45 -41.55 46.41
CA ASP E 167 -8.55 -42.33 47.65
C ASP E 167 -9.45 -43.56 47.47
N GLU E 168 -10.37 -43.52 46.52
CA GLU E 168 -11.20 -44.67 46.19
C GLU E 168 -10.60 -45.55 45.11
N GLY E 169 -9.42 -45.21 44.61
CA GLY E 169 -8.72 -46.04 43.65
C GLY E 169 -8.90 -45.66 42.19
N TYR E 170 -9.41 -44.47 41.90
CA TYR E 170 -9.83 -44.13 40.54
C TYR E 170 -9.15 -42.86 40.05
N LEU E 171 -8.97 -42.79 38.73
CA LEU E 171 -8.53 -41.60 38.02
C LEU E 171 -9.64 -41.14 37.09
N PHE E 172 -9.78 -39.82 36.96
CA PHE E 172 -10.80 -39.20 36.14
C PHE E 172 -10.25 -38.97 34.73
N LYS E 173 -10.86 -39.61 33.72
CA LYS E 173 -10.50 -39.44 32.33
C LYS E 173 -11.59 -38.62 31.63
N CYS E 174 -11.19 -37.55 30.95
CA CYS E 174 -12.14 -36.56 30.45
C CYS E 174 -11.80 -36.17 29.03
N GLY E 175 -12.82 -36.22 28.17
CA GLY E 175 -12.71 -35.75 26.81
C GLY E 175 -13.40 -34.41 26.71
N ILE E 176 -12.61 -33.40 26.30
CA ILE E 176 -13.03 -32.00 26.23
C ILE E 176 -13.62 -31.75 24.85
N GLU E 177 -14.88 -31.35 24.82
CA GLU E 177 -15.58 -31.06 23.57
C GLU E 177 -16.22 -29.68 23.72
N LEU E 178 -15.64 -28.67 23.08
CA LEU E 178 -16.08 -27.30 23.27
C LEU E 178 -16.72 -26.76 22.00
N GLU E 179 -17.92 -26.22 22.14
CA GLU E 179 -18.54 -25.43 21.09
C GLU E 179 -18.37 -23.95 21.43
N TRP E 180 -18.22 -23.12 20.39
CA TRP E 180 -17.99 -21.70 20.63
C TRP E 180 -18.29 -20.93 19.35
N TYR E 181 -18.31 -19.60 19.45
CA TYR E 181 -18.58 -18.77 18.29
C TYR E 181 -17.32 -18.01 17.89
N LEU E 182 -17.10 -17.94 16.57
CA LEU E 182 -16.00 -17.21 15.96
C LEU E 182 -16.59 -16.05 15.17
N THR E 183 -16.25 -14.82 15.55
CA THR E 183 -16.81 -13.64 14.91
C THR E 183 -15.67 -12.68 14.58
N LYS E 184 -15.92 -11.76 13.64
CA LYS E 184 -14.93 -10.75 13.28
C LYS E 184 -15.27 -9.44 13.97
N ILE E 185 -14.27 -8.80 14.56
CA ILE E 185 -14.50 -7.58 15.33
C ILE E 185 -14.82 -6.43 14.38
N VAL E 186 -15.92 -5.73 14.66
CA VAL E 186 -16.29 -4.49 14.00
C VAL E 186 -15.91 -3.27 14.84
N ASP E 187 -16.12 -3.35 16.16
CA ASP E 187 -15.82 -2.24 17.06
C ASP E 187 -15.54 -2.80 18.45
N ARG E 188 -14.40 -2.46 19.01
CA ARG E 188 -14.01 -2.97 20.32
C ARG E 188 -14.68 -2.24 21.48
N SER E 189 -15.52 -1.24 21.20
CA SER E 189 -16.30 -0.55 22.24
C SER E 189 -15.39 0.03 23.32
N LEU E 190 -14.41 0.82 22.89
CA LEU E 190 -13.42 1.41 23.78
C LEU E 190 -13.66 2.90 24.07
N SER E 191 -14.71 3.49 23.50
CA SER E 191 -14.97 4.90 23.78
C SER E 191 -15.32 5.06 25.26
N PRO E 192 -14.90 6.17 25.89
CA PRO E 192 -15.16 6.33 27.33
C PRO E 192 -16.60 6.10 27.73
N GLU E 193 -17.56 6.55 26.89
CA GLU E 193 -18.98 6.37 27.21
C GLU E 193 -19.42 4.91 27.15
N SER E 194 -18.58 4.00 26.65
CA SER E 194 -18.93 2.57 26.58
C SER E 194 -18.35 1.76 27.73
N LEU E 195 -17.56 2.36 28.62
CA LEU E 195 -16.76 1.60 29.56
C LEU E 195 -17.53 1.17 30.81
N GLY E 196 -18.77 1.61 30.99
CA GLY E 196 -19.48 1.22 32.19
C GLY E 196 -18.87 1.81 33.45
N ALA E 197 -18.95 1.04 34.54
CA ALA E 197 -18.48 1.46 35.85
C ALA E 197 -18.59 0.26 36.79
N PRO E 198 -18.04 0.34 38.01
CA PRO E 198 -18.26 -0.74 38.97
C PRO E 198 -19.75 -1.01 39.12
N GLY E 199 -20.15 -2.26 38.89
CA GLY E 199 -21.55 -2.61 38.95
C GLY E 199 -22.37 -2.24 37.73
N VAL E 200 -21.74 -1.68 36.69
CA VAL E 200 -22.44 -1.22 35.49
C VAL E 200 -21.75 -1.86 34.29
N GLN E 201 -22.50 -2.65 33.52
CA GLN E 201 -21.93 -3.39 32.41
C GLN E 201 -21.40 -2.44 31.33
N PRO E 202 -20.21 -2.68 30.81
CA PRO E 202 -19.75 -1.93 29.64
C PRO E 202 -20.38 -2.47 28.36
N ASP E 203 -20.24 -1.71 27.28
CA ASP E 203 -20.82 -2.11 26.01
C ASP E 203 -20.20 -3.40 25.51
N ALA E 204 -21.03 -4.26 24.93
CA ALA E 204 -20.50 -5.43 24.24
C ALA E 204 -19.66 -5.01 23.04
N ILE E 205 -18.61 -5.79 22.77
CA ILE E 205 -17.90 -5.66 21.50
C ILE E 205 -18.89 -5.89 20.36
N GLN E 206 -18.75 -5.12 19.29
CA GLN E 206 -19.57 -5.30 18.10
C GLN E 206 -18.84 -6.21 17.12
N VAL E 207 -19.56 -7.17 16.55
CA VAL E 207 -18.94 -8.18 15.69
C VAL E 207 -19.81 -8.45 14.48
N GLN E 208 -19.25 -9.22 13.56
CA GLN E 208 -19.88 -9.71 12.35
C GLN E 208 -19.64 -11.21 12.24
N PRO E 209 -20.65 -11.99 11.86
CA PRO E 209 -20.43 -13.42 11.61
C PRO E 209 -19.39 -13.63 10.51
N VAL E 210 -18.74 -14.80 10.55
CA VAL E 210 -17.71 -15.14 9.57
C VAL E 210 -18.19 -16.13 8.52
N ALA E 211 -19.36 -16.73 8.69
CA ALA E 211 -19.85 -17.72 7.73
C ALA E 211 -21.32 -17.97 8.00
N GLN E 212 -22.05 -18.39 6.96
CA GLN E 212 -23.40 -18.86 7.17
C GLN E 212 -23.36 -20.24 7.84
N GLY E 213 -24.53 -20.76 8.19
CA GLY E 213 -24.63 -22.00 8.94
C GLY E 213 -25.85 -22.83 8.61
N TYR E 214 -26.36 -23.55 9.62
CA TYR E 214 -27.48 -24.48 9.49
C TYR E 214 -27.26 -25.45 8.32
N SER E 215 -25.99 -25.87 8.17
CA SER E 215 -25.52 -26.90 7.26
C SER E 215 -24.40 -27.61 8.02
N VAL E 216 -24.78 -28.52 8.92
CA VAL E 216 -23.85 -28.95 9.96
C VAL E 216 -22.72 -29.79 9.35
N LEU E 217 -21.52 -29.67 9.92
CA LEU E 217 -20.35 -30.45 9.52
C LEU E 217 -19.94 -30.23 8.06
N LEU E 218 -20.27 -29.07 7.49
CA LEU E 218 -19.98 -28.80 6.09
C LEU E 218 -18.50 -28.50 5.90
N GLU E 219 -17.82 -29.32 5.09
CA GLU E 219 -16.38 -29.13 4.87
C GLU E 219 -16.07 -27.74 4.31
N HIS E 220 -16.90 -27.24 3.40
CA HIS E 220 -16.64 -25.94 2.81
C HIS E 220 -16.65 -24.83 3.85
N HIS E 221 -17.43 -24.98 4.92
CA HIS E 221 -17.37 -24.03 6.04
C HIS E 221 -16.01 -24.06 6.72
N LEU E 222 -15.47 -25.26 6.95
CA LEU E 222 -14.13 -25.36 7.55
C LEU E 222 -13.10 -24.65 6.69
N ASP E 223 -13.16 -24.86 5.37
CA ASP E 223 -12.19 -24.20 4.52
C ASP E 223 -12.38 -22.68 4.52
N GLN E 224 -13.65 -22.23 4.51
CA GLN E 224 -13.91 -20.80 4.44
C GLN E 224 -13.33 -20.04 5.64
N VAL E 225 -13.28 -20.66 6.82
CA VAL E 225 -12.81 -19.98 8.01
C VAL E 225 -11.36 -20.32 8.35
N ASP E 226 -10.68 -21.07 7.49
CA ASP E 226 -9.39 -21.61 7.94
C ASP E 226 -8.24 -20.61 7.91
N ASP E 227 -8.38 -19.42 7.31
CA ASP E 227 -7.29 -18.45 7.45
C ASP E 227 -7.07 -18.07 8.91
N ILE E 228 -8.14 -17.93 9.70
CA ILE E 228 -7.99 -17.69 11.13
C ILE E 228 -7.97 -18.99 11.92
N MET E 229 -8.81 -19.95 11.55
CA MET E 229 -8.85 -21.20 12.29
C MET E 229 -7.52 -21.94 12.22
N SER E 230 -6.78 -21.80 11.12
CA SER E 230 -5.45 -22.39 11.04
C SER E 230 -4.52 -21.80 12.09
N LYS E 231 -4.66 -20.51 12.41
CA LYS E 231 -3.84 -19.92 13.46
C LYS E 231 -4.26 -20.44 14.84
N VAL E 232 -5.56 -20.57 15.05
CA VAL E 232 -6.03 -21.20 16.29
C VAL E 232 -5.46 -22.61 16.42
N ARG E 233 -5.57 -23.39 15.34
CA ARG E 233 -5.06 -24.76 15.30
C ARG E 233 -3.58 -24.81 15.64
N LYS E 234 -2.79 -23.98 14.98
CA LYS E 234 -1.34 -23.97 15.22
C LYS E 234 -1.02 -23.57 16.65
N GLY E 235 -1.73 -22.58 17.20
CA GLY E 235 -1.47 -22.17 18.57
C GLY E 235 -1.75 -23.28 19.56
N LEU E 236 -2.88 -23.97 19.39
CA LEU E 236 -3.18 -25.08 20.28
C LEU E 236 -2.17 -26.20 20.13
N LEU E 237 -1.76 -26.51 18.90
CA LEU E 237 -0.77 -27.56 18.69
C LEU E 237 0.57 -27.19 19.32
N GLU E 238 0.99 -25.93 19.17
CA GLU E 238 2.27 -25.48 19.72
C GLU E 238 2.23 -25.41 21.24
N LEU E 239 1.05 -25.29 21.84
CA LEU E 239 0.92 -25.41 23.28
C LEU E 239 0.98 -26.86 23.75
N ASN E 240 1.20 -27.80 22.82
CA ASN E 240 1.25 -29.23 23.13
C ASN E 240 -0.06 -29.73 23.74
N LEU E 241 -1.17 -29.13 23.33
CA LEU E 241 -2.50 -29.60 23.73
C LEU E 241 -2.97 -30.69 22.77
N PRO E 242 -3.63 -31.73 23.27
CA PRO E 242 -3.99 -32.89 22.42
C PRO E 242 -5.20 -32.60 21.53
N LEU E 243 -5.06 -31.60 20.67
CA LEU E 243 -6.13 -31.28 19.74
C LEU E 243 -6.53 -32.54 18.98
N ARG E 244 -7.83 -32.77 18.89
CA ARG E 244 -8.39 -33.95 18.24
C ARG E 244 -9.13 -33.61 16.97
N SER E 245 -10.03 -32.63 17.02
CA SER E 245 -10.78 -32.29 15.82
C SER E 245 -11.16 -30.81 15.84
N ILE E 246 -11.31 -30.26 14.64
CA ILE E 246 -11.99 -28.99 14.40
C ILE E 246 -13.18 -29.27 13.48
N GLU E 247 -14.35 -28.77 13.86
CA GLU E 247 -15.58 -29.13 13.19
C GLU E 247 -16.48 -27.92 13.02
N ASP E 248 -17.29 -27.96 11.97
CA ASP E 248 -18.29 -26.93 11.70
C ASP E 248 -19.57 -27.33 12.44
N GLU E 249 -19.90 -26.57 13.48
CA GLU E 249 -21.10 -26.85 14.25
C GLU E 249 -22.31 -26.28 13.54
N TRP E 250 -23.49 -26.49 14.12
CA TRP E 250 -24.74 -26.33 13.38
C TRP E 250 -24.98 -24.88 12.96
N ALA E 251 -24.85 -23.94 13.90
CA ALA E 251 -25.24 -22.56 13.65
C ALA E 251 -24.20 -21.81 12.81
N PRO E 252 -24.59 -20.70 12.19
CA PRO E 252 -23.62 -19.86 11.49
C PRO E 252 -22.50 -19.42 12.42
N SER E 253 -21.26 -19.60 11.96
CA SER E 253 -20.06 -19.20 12.69
C SER E 253 -19.86 -19.96 13.98
N GLN E 254 -20.64 -21.02 14.21
CA GLN E 254 -20.46 -21.87 15.38
C GLN E 254 -19.44 -22.95 15.07
N MET E 255 -18.43 -23.06 15.93
CA MET E 255 -17.32 -23.99 15.76
C MET E 255 -17.36 -25.01 16.89
N GLU E 256 -16.69 -26.13 16.64
CA GLU E 256 -16.48 -27.11 17.70
C GLU E 256 -15.03 -27.57 17.62
N THR E 257 -14.39 -27.68 18.77
CA THR E 257 -13.04 -28.20 18.87
C THR E 257 -13.02 -29.26 19.95
N THR E 258 -12.54 -30.45 19.61
CA THR E 258 -12.43 -31.53 20.57
C THR E 258 -10.97 -31.91 20.74
N PHE E 259 -10.72 -32.57 21.88
CA PHE E 259 -9.38 -32.94 22.32
C PHE E 259 -9.41 -34.38 22.79
N ASP E 260 -8.26 -35.03 22.65
CA ASP E 260 -8.13 -36.40 23.14
C ASP E 260 -8.17 -36.42 24.67
N VAL E 261 -8.36 -37.64 25.21
CA VAL E 261 -8.60 -37.81 26.63
C VAL E 261 -7.45 -37.25 27.46
N MET E 262 -7.80 -36.54 28.51
CA MET E 262 -6.84 -36.09 29.52
C MET E 262 -7.34 -36.50 30.89
N GLU E 263 -6.49 -36.31 31.90
CA GLU E 263 -6.71 -36.88 33.22
C GLU E 263 -6.79 -35.78 34.26
N GLY E 264 -7.86 -35.80 35.07
CA GLY E 264 -7.96 -35.02 36.29
C GLY E 264 -7.58 -33.55 36.19
N LEU E 265 -6.67 -33.15 37.10
CA LEU E 265 -6.26 -31.75 37.21
C LEU E 265 -5.67 -31.26 35.88
N GLU E 266 -4.87 -32.09 35.19
CA GLU E 266 -4.41 -31.70 33.85
C GLU E 266 -5.56 -31.34 32.94
N ALA E 267 -6.61 -32.16 33.00
CA ALA E 267 -7.71 -31.95 32.08
C ALA E 267 -8.37 -30.61 32.35
N ALA E 268 -8.57 -30.28 33.63
CA ALA E 268 -9.15 -28.99 33.96
C ALA E 268 -8.23 -27.84 33.54
N ASP E 269 -6.94 -27.93 33.88
CA ASP E 269 -5.97 -26.90 33.48
C ASP E 269 -5.96 -26.70 31.98
N ALA E 270 -6.03 -27.80 31.23
CA ALA E 270 -6.01 -27.74 29.78
C ALA E 270 -7.25 -27.06 29.24
N ALA E 271 -8.43 -27.41 29.76
CA ALA E 271 -9.64 -26.72 29.32
C ALA E 271 -9.52 -25.21 29.53
N LEU E 272 -8.98 -24.83 30.70
CA LEU E 272 -8.78 -23.40 30.98
C LEU E 272 -7.86 -22.75 29.96
N LEU E 273 -6.71 -23.38 29.71
CA LEU E 273 -5.75 -22.84 28.76
C LEU E 273 -6.32 -22.82 27.34
N ILE E 274 -7.09 -23.86 26.98
CA ILE E 274 -7.69 -23.93 25.65
C ILE E 274 -8.58 -22.73 25.40
N LYS E 275 -9.50 -22.46 26.34
CA LYS E 275 -10.41 -21.34 26.13
C LYS E 275 -9.63 -20.02 26.09
N SER E 276 -8.64 -19.86 26.98
CA SER E 276 -7.87 -18.62 26.98
C SER E 276 -7.10 -18.42 25.68
N ALA E 277 -6.49 -19.49 25.18
CA ALA E 277 -5.68 -19.40 23.96
C ALA E 277 -6.55 -19.11 22.75
N ILE E 278 -7.71 -19.76 22.65
CA ILE E 278 -8.61 -19.47 21.53
C ILE E 278 -8.99 -18.00 21.54
N LYS E 279 -9.38 -17.48 22.70
CA LYS E 279 -9.80 -16.08 22.76
C LYS E 279 -8.64 -15.14 22.42
N GLN E 280 -7.44 -15.40 22.95
CA GLN E 280 -6.33 -14.49 22.72
C GLN E 280 -5.86 -14.53 21.26
N ILE E 281 -5.71 -15.72 20.67
CA ILE E 281 -5.30 -15.79 19.27
C ILE E 281 -6.30 -15.04 18.39
N CYS E 282 -7.59 -15.28 18.62
CA CYS E 282 -8.60 -14.63 17.80
C CYS E 282 -8.53 -13.12 17.93
N SER E 283 -8.36 -12.62 19.16
CA SER E 283 -8.24 -11.18 19.38
C SER E 283 -6.98 -10.62 18.71
N ARG E 284 -5.87 -11.35 18.77
CA ARG E 284 -4.65 -10.90 18.12
C ARG E 284 -4.87 -10.68 16.64
N HIS E 285 -5.81 -11.40 16.04
CA HIS E 285 -6.02 -11.23 14.60
C HIS E 285 -7.32 -10.51 14.24
N GLY E 286 -7.89 -9.75 15.17
CA GLY E 286 -9.08 -8.97 14.86
C GLY E 286 -10.36 -9.78 14.87
N TYR E 287 -10.37 -10.92 15.54
CA TYR E 287 -11.55 -11.73 15.71
C TYR E 287 -11.90 -11.80 17.19
N HIS E 288 -13.15 -12.18 17.46
CA HIS E 288 -13.66 -12.37 18.81
C HIS E 288 -14.25 -13.77 18.91
N ALA E 289 -13.62 -14.60 19.75
CA ALA E 289 -14.18 -15.89 20.10
C ALA E 289 -14.99 -15.76 21.38
N THR E 290 -16.14 -16.41 21.42
CA THR E 290 -16.90 -16.38 22.67
C THR E 290 -17.46 -17.74 23.03
N PHE E 291 -17.34 -18.06 24.31
CA PHE E 291 -17.93 -19.23 24.94
C PHE E 291 -19.19 -18.88 25.69
N MET E 292 -19.70 -17.65 25.51
CA MET E 292 -21.05 -17.35 25.94
C MET E 292 -22.02 -18.30 25.27
N CYS E 293 -22.93 -18.86 26.06
CA CYS E 293 -23.75 -19.97 25.57
C CYS E 293 -24.56 -19.61 24.34
N LYS E 294 -25.29 -18.50 24.39
CA LYS E 294 -26.16 -18.08 23.29
C LYS E 294 -26.14 -16.56 23.16
N PRO E 295 -25.23 -16.02 22.35
CA PRO E 295 -25.13 -14.57 22.18
C PRO E 295 -26.42 -13.98 21.62
N ALA E 296 -26.62 -12.68 21.89
CA ALA E 296 -27.75 -11.94 21.34
C ALA E 296 -27.42 -11.46 19.91
N ILE E 297 -27.24 -12.43 19.03
CA ILE E 297 -26.98 -12.19 17.62
C ILE E 297 -27.93 -13.07 16.82
N ASN E 298 -28.70 -12.46 15.91
CA ASN E 298 -29.71 -13.20 15.17
C ASN E 298 -29.10 -14.41 14.50
N GLY E 299 -29.74 -15.57 14.66
CA GLY E 299 -29.31 -16.78 14.00
C GLY E 299 -28.36 -17.64 14.80
N PHE E 300 -27.84 -17.15 15.91
CA PHE E 300 -26.90 -17.90 16.73
C PHE E 300 -27.68 -18.85 17.62
N PHE E 301 -27.41 -20.15 17.50
CA PHE E 301 -28.00 -21.18 18.33
C PHE E 301 -27.12 -21.42 19.55
N ALA E 302 -27.72 -21.99 20.61
CA ALA E 302 -27.00 -22.17 21.86
C ALA E 302 -25.82 -23.13 21.67
N SER E 303 -24.72 -22.83 22.35
CA SER E 303 -23.54 -23.67 22.38
C SER E 303 -23.49 -24.51 23.65
N GLY E 304 -22.97 -25.73 23.52
CA GLY E 304 -22.88 -26.60 24.67
C GLY E 304 -21.47 -27.09 24.96
N TRP E 305 -21.25 -27.53 26.19
CA TRP E 305 -19.99 -28.18 26.60
C TRP E 305 -20.37 -29.55 27.17
N HIS E 306 -20.41 -30.55 26.29
CA HIS E 306 -20.64 -31.93 26.72
C HIS E 306 -19.35 -32.48 27.31
N MET E 307 -19.44 -33.09 28.49
CA MET E 307 -18.26 -33.56 29.21
C MET E 307 -18.19 -35.08 29.06
N HIS E 308 -17.19 -35.58 28.32
CA HIS E 308 -17.03 -37.02 28.21
C HIS E 308 -16.18 -37.51 29.39
N GLN E 309 -16.65 -38.55 30.07
CA GLN E 309 -16.08 -38.97 31.35
C GLN E 309 -16.01 -40.49 31.43
N SER E 310 -14.86 -40.96 31.90
CA SER E 310 -14.69 -42.35 32.31
C SER E 310 -13.81 -42.35 33.57
N LEU E 311 -13.91 -43.45 34.30
CA LEU E 311 -13.03 -43.70 35.44
C LEU E 311 -12.08 -44.83 35.09
N VAL E 312 -10.81 -44.65 35.39
CA VAL E 312 -9.81 -45.69 35.17
C VAL E 312 -9.28 -46.15 36.51
N ASP E 313 -8.95 -47.45 36.61
CA ASP E 313 -8.38 -47.98 37.82
C ASP E 313 -6.98 -47.41 38.04
N LYS E 314 -6.71 -46.87 39.22
CA LYS E 314 -5.41 -46.18 39.47
C LYS E 314 -4.21 -47.07 39.21
N ASP E 315 -4.33 -48.37 39.46
CA ASP E 315 -3.18 -49.30 39.31
C ASP E 315 -3.18 -49.96 37.94
N THR E 316 -4.30 -50.55 37.54
CA THR E 316 -4.38 -51.31 36.26
C THR E 316 -4.43 -50.39 35.05
N ARG E 317 -4.92 -49.17 35.23
CA ARG E 317 -5.03 -48.19 34.13
C ARG E 317 -6.09 -48.70 33.14
N LYS E 318 -7.03 -49.50 33.61
CA LYS E 318 -8.10 -50.00 32.72
C LYS E 318 -9.36 -49.14 32.90
N ASN E 319 -10.17 -49.01 31.85
CA ASN E 319 -11.44 -48.25 31.92
C ASN E 319 -12.45 -49.10 32.67
N LEU E 320 -12.88 -48.62 33.83
CA LEU E 320 -13.80 -49.38 34.69
C LEU E 320 -15.24 -49.20 34.26
N PHE E 321 -15.53 -48.42 33.22
CA PHE E 321 -16.89 -48.29 32.72
C PHE E 321 -17.24 -49.34 31.67
N ILE E 322 -16.25 -50.07 31.14
CA ILE E 322 -16.47 -50.92 29.97
C ILE E 322 -17.57 -51.92 30.28
N PRO E 323 -18.59 -52.02 29.43
CA PRO E 323 -19.71 -52.91 29.73
C PRO E 323 -19.49 -54.33 29.26
N SER E 324 -20.23 -55.20 29.91
CA SER E 324 -20.37 -56.55 29.39
C SER E 324 -21.51 -56.63 28.40
N GLU E 325 -21.62 -57.80 27.81
CA GLU E 325 -22.65 -58.06 26.84
C GLU E 325 -23.98 -58.09 27.62
N GLY E 326 -24.98 -57.40 27.07
CA GLY E 326 -26.22 -57.16 27.78
C GLY E 326 -26.22 -56.03 28.79
N GLU E 327 -25.19 -55.18 28.80
CA GLU E 327 -25.06 -53.99 29.64
C GLU E 327 -24.72 -52.83 28.72
N VAL E 328 -25.08 -51.61 29.12
CA VAL E 328 -24.54 -50.44 28.44
C VAL E 328 -23.33 -49.88 29.18
N LEU E 329 -23.22 -50.14 30.47
CA LEU E 329 -22.04 -49.79 31.25
C LEU E 329 -21.84 -50.86 32.31
N SER E 330 -20.60 -50.99 32.79
CA SER E 330 -20.36 -51.82 33.95
C SER E 330 -21.24 -51.34 35.09
N PRO E 331 -21.46 -52.18 36.11
CA PRO E 331 -22.20 -51.71 37.29
C PRO E 331 -21.64 -50.41 37.85
N LEU E 332 -20.32 -50.30 37.94
CA LEU E 332 -19.71 -49.08 38.47
C LEU E 332 -20.10 -47.86 37.64
N GLY E 333 -20.02 -47.97 36.32
CA GLY E 333 -20.42 -46.87 35.47
C GLY E 333 -21.89 -46.54 35.60
N ARG E 334 -22.73 -47.58 35.74
CA ARG E 334 -24.17 -47.33 35.90
C ARG E 334 -24.45 -46.56 37.19
N ALA E 335 -23.75 -46.91 38.28
CA ALA E 335 -23.92 -46.17 39.52
C ALA E 335 -23.37 -44.75 39.40
N TYR E 336 -22.25 -44.59 38.71
CA TYR E 336 -21.72 -43.24 38.45
C TYR E 336 -22.78 -42.40 37.74
N ALA E 337 -23.38 -42.94 36.68
CA ALA E 337 -24.46 -42.27 35.98
C ALA E 337 -25.62 -41.95 36.91
N GLY E 338 -25.99 -42.90 37.79
CA GLY E 338 -27.01 -42.61 38.77
C GLY E 338 -26.68 -41.40 39.63
N GLY E 339 -25.42 -41.30 40.06
CA GLY E 339 -25.00 -40.14 40.83
C GLY E 339 -25.06 -38.85 40.03
N LEU E 340 -24.67 -38.90 38.76
CA LEU E 340 -24.77 -37.73 37.90
C LEU E 340 -26.22 -37.25 37.80
N LEU E 341 -27.14 -38.17 37.57
CA LEU E 341 -28.56 -37.82 37.47
C LEU E 341 -29.09 -37.28 38.79
N ALA E 342 -28.81 -38.00 39.89
CA ALA E 342 -29.39 -37.64 41.19
C ALA E 342 -28.98 -36.24 41.61
N ASN E 343 -27.76 -35.83 41.27
CA ASN E 343 -27.22 -34.54 41.72
C ASN E 343 -27.27 -33.48 40.63
N GLY E 344 -27.92 -33.78 39.50
CA GLY E 344 -27.87 -32.86 38.37
C GLY E 344 -28.51 -31.51 38.64
N SER E 345 -29.54 -31.47 39.48
CA SER E 345 -30.15 -30.18 39.78
C SER E 345 -29.28 -29.37 40.73
N ALA E 346 -28.77 -30.02 41.79
CA ALA E 346 -27.90 -29.34 42.74
C ALA E 346 -26.61 -28.87 42.10
N ALA E 347 -26.10 -29.60 41.11
CA ALA E 347 -24.90 -29.24 40.39
C ALA E 347 -25.13 -28.23 39.28
N SER E 348 -26.38 -27.79 39.06
CA SER E 348 -26.70 -27.03 37.86
C SER E 348 -25.95 -25.70 37.82
N SER E 349 -25.79 -25.01 38.95
CA SER E 349 -25.09 -23.72 38.93
C SER E 349 -23.60 -23.89 38.62
N PHE E 350 -23.04 -25.09 38.84
CA PHE E 350 -21.63 -25.33 38.54
C PHE E 350 -21.39 -25.72 37.09
N THR E 351 -22.23 -26.62 36.54
CA THR E 351 -22.11 -26.98 35.13
C THR E 351 -22.63 -25.86 34.24
N THR E 352 -23.54 -25.05 34.77
CA THR E 352 -24.26 -24.04 33.98
C THR E 352 -24.35 -22.79 34.85
N PRO E 353 -23.22 -22.11 35.06
CA PRO E 353 -23.18 -21.00 36.03
C PRO E 353 -23.79 -19.72 35.53
N THR E 354 -23.98 -19.60 34.22
CA THR E 354 -24.38 -18.36 33.59
C THR E 354 -25.90 -18.26 33.50
N VAL E 355 -26.42 -17.04 33.67
CA VAL E 355 -27.85 -16.81 33.44
C VAL E 355 -28.23 -17.28 32.04
N ASN E 356 -27.39 -16.95 31.07
CA ASN E 356 -27.64 -17.19 29.66
C ASN E 356 -27.59 -18.68 29.31
N GLY E 357 -26.84 -19.47 30.08
CA GLY E 357 -26.76 -20.89 29.79
C GLY E 357 -28.09 -21.62 29.93
N TYR E 358 -29.01 -21.06 30.69
CA TYR E 358 -30.30 -21.72 30.86
C TYR E 358 -31.19 -21.54 29.64
N ARG E 359 -30.74 -20.76 28.65
CA ARG E 359 -31.44 -20.78 27.38
C ARG E 359 -31.42 -22.17 26.77
N ARG E 360 -30.49 -23.04 27.19
CA ARG E 360 -30.47 -24.40 26.68
C ARG E 360 -31.42 -25.35 27.40
N ARG E 361 -32.11 -24.91 28.46
CA ARG E 361 -32.97 -25.80 29.23
C ARG E 361 -34.36 -25.79 28.60
N GLN E 362 -34.48 -26.50 27.49
CA GLN E 362 -35.73 -26.59 26.75
C GLN E 362 -35.71 -27.86 25.89
N PRO E 363 -36.87 -28.40 25.55
CA PRO E 363 -36.92 -29.67 24.81
C PRO E 363 -36.65 -29.49 23.32
N TYR E 364 -36.48 -30.64 22.65
CA TYR E 364 -36.33 -30.68 21.20
C TYR E 364 -35.16 -29.81 20.74
N SER E 365 -34.09 -29.81 21.53
CA SER E 365 -32.95 -28.91 21.33
C SER E 365 -31.61 -29.62 21.13
N LEU E 366 -31.53 -30.94 21.31
CA LEU E 366 -30.28 -31.66 21.46
C LEU E 366 -29.51 -31.23 22.71
N ALA E 367 -30.21 -30.60 23.65
CA ALA E 367 -29.71 -30.30 24.98
C ALA E 367 -30.68 -30.86 26.02
N PRO E 368 -30.21 -31.12 27.24
CA PRO E 368 -31.07 -31.77 28.24
C PRO E 368 -32.00 -30.79 28.93
N ASP E 369 -33.24 -31.23 29.11
CA ASP E 369 -34.20 -30.51 29.94
C ASP E 369 -34.62 -31.32 31.16
N ARG E 370 -34.12 -32.55 31.31
CA ARG E 370 -34.50 -33.44 32.39
C ARG E 370 -33.32 -34.31 32.78
N ARG E 371 -33.44 -34.91 33.96
CA ARG E 371 -32.43 -35.82 34.49
C ARG E 371 -32.74 -37.23 34.00
N ALA E 372 -32.44 -37.47 32.74
CA ALA E 372 -32.66 -38.75 32.09
C ALA E 372 -31.36 -39.24 31.49
N TRP E 373 -31.18 -40.55 31.47
CA TRP E 373 -30.04 -41.15 30.80
C TRP E 373 -30.54 -42.05 29.67
N ALA E 374 -29.68 -42.24 28.67
CA ALA E 374 -30.07 -42.98 27.49
C ALA E 374 -28.82 -43.46 26.78
N LYS E 375 -28.98 -44.50 25.96
CA LYS E 375 -27.89 -45.04 25.16
C LYS E 375 -27.90 -44.31 23.81
N ASP E 376 -26.87 -43.52 23.55
CA ASP E 376 -26.71 -42.84 22.23
C ASP E 376 -27.93 -42.03 21.84
N ASN E 377 -28.54 -41.34 22.78
CA ASN E 377 -29.64 -40.42 22.42
C ASN E 377 -29.18 -39.03 22.85
N LYS E 378 -29.08 -38.09 21.90
CA LYS E 378 -28.53 -36.75 22.21
C LYS E 378 -29.62 -35.85 22.78
N ALA E 379 -30.75 -36.42 23.18
CA ALA E 379 -31.82 -35.65 23.86
C ALA E 379 -31.66 -35.81 25.38
N ALA E 380 -30.83 -36.74 25.81
CA ALA E 380 -30.67 -37.04 27.25
C ALA E 380 -29.59 -36.17 27.92
N MET E 381 -29.65 -36.09 29.26
CA MET E 381 -28.60 -35.39 30.02
C MET E 381 -27.38 -36.31 30.05
N VAL E 382 -27.62 -37.58 30.35
CA VAL E 382 -26.52 -38.53 30.46
C VAL E 382 -26.64 -39.49 29.29
N ARG E 383 -25.76 -39.33 28.31
CA ARG E 383 -25.74 -40.16 27.11
C ARG E 383 -24.60 -41.15 27.20
N VAL E 384 -24.92 -42.43 27.14
CA VAL E 384 -23.89 -43.48 27.19
C VAL E 384 -23.38 -43.74 25.79
N VAL E 385 -22.05 -43.77 25.64
CA VAL E 385 -21.43 -44.19 24.39
C VAL E 385 -20.54 -45.38 24.73
N SER E 386 -20.91 -46.56 24.26
CA SER E 386 -20.19 -47.76 24.66
C SER E 386 -20.47 -48.89 23.69
N ALA E 387 -19.65 -49.92 23.81
CA ALA E 387 -19.78 -51.18 23.11
C ALA E 387 -19.05 -52.22 23.94
N THR E 388 -19.50 -53.46 23.85
CA THR E 388 -18.90 -54.53 24.64
C THR E 388 -17.39 -54.55 24.46
N GLY E 389 -16.68 -54.51 25.59
CA GLY E 389 -15.23 -54.55 25.57
C GLY E 389 -14.56 -53.33 24.98
N ASP E 390 -15.31 -52.27 24.68
CA ASP E 390 -14.75 -51.10 24.01
C ASP E 390 -14.17 -50.13 25.04
N PRO E 391 -12.87 -49.88 25.04
CA PRO E 391 -12.28 -48.94 26.02
C PRO E 391 -12.68 -47.49 25.82
N ALA E 392 -13.35 -47.14 24.72
CA ALA E 392 -13.90 -45.81 24.59
C ALA E 392 -15.22 -45.64 25.34
N SER E 393 -15.73 -46.71 25.96
CA SER E 393 -17.00 -46.65 26.67
C SER E 393 -16.96 -45.59 27.75
N ARG E 394 -18.00 -44.78 27.81
CA ARG E 394 -17.95 -43.55 28.59
C ARG E 394 -19.35 -42.99 28.75
N ILE E 395 -19.47 -42.01 29.66
CA ILE E 395 -20.66 -41.19 29.82
C ILE E 395 -20.37 -39.81 29.24
N GLU E 396 -21.29 -39.28 28.47
CA GLU E 396 -21.25 -37.89 28.06
C GLU E 396 -22.36 -37.15 28.79
N ASN E 397 -21.98 -36.20 29.62
CA ASN E 397 -22.97 -35.35 30.27
C ASN E 397 -23.15 -34.11 29.41
N ARG E 398 -24.35 -33.94 28.85
CA ARG E 398 -24.60 -32.88 27.88
C ARG E 398 -25.11 -31.59 28.53
N ILE E 399 -25.08 -31.51 29.87
CA ILE E 399 -25.72 -30.40 30.57
C ILE E 399 -24.86 -29.13 30.57
N GLY E 400 -23.55 -29.25 30.44
CA GLY E 400 -22.68 -28.12 30.66
C GLY E 400 -22.76 -27.09 29.54
N GLU E 401 -22.35 -25.85 29.88
CA GLU E 401 -22.22 -24.76 28.93
C GLU E 401 -20.75 -24.39 28.73
N PRO E 402 -20.38 -23.91 27.54
CA PRO E 402 -18.95 -23.65 27.27
C PRO E 402 -18.33 -22.67 28.24
N GLY E 403 -19.11 -21.74 28.79
CA GLY E 403 -18.58 -20.77 29.72
C GLY E 403 -18.42 -21.24 31.14
N ALA E 404 -18.59 -22.54 31.39
CA ALA E 404 -18.43 -23.07 32.73
C ALA E 404 -16.98 -22.91 33.19
N ASN E 405 -16.82 -22.74 34.49
CA ASN E 405 -15.50 -22.79 35.10
C ASN E 405 -15.00 -24.22 34.98
N PRO E 406 -13.90 -24.49 34.29
CA PRO E 406 -13.50 -25.89 34.09
C PRO E 406 -13.35 -26.65 35.39
N TYR E 407 -12.81 -26.00 36.43
CA TYR E 407 -12.61 -26.67 37.70
C TYR E 407 -13.94 -27.02 38.37
N LEU E 408 -14.90 -26.10 38.35
CA LEU E 408 -16.16 -26.37 39.03
C LEU E 408 -16.99 -27.39 38.26
N TYR E 409 -17.00 -27.31 36.93
CA TYR E 409 -17.70 -28.30 36.11
C TYR E 409 -17.15 -29.70 36.36
N MET E 410 -15.83 -29.88 36.15
CA MET E 410 -15.26 -31.21 36.30
C MET E 410 -15.36 -31.72 37.73
N ALA E 411 -15.13 -30.86 38.74
CA ALA E 411 -15.25 -31.32 40.12
C ALA E 411 -16.68 -31.70 40.46
N SER E 412 -17.67 -30.96 39.93
CA SER E 412 -19.05 -31.33 40.17
C SER E 412 -19.33 -32.71 39.58
N GLN E 413 -18.73 -33.01 38.43
CA GLN E 413 -18.92 -34.33 37.83
C GLN E 413 -18.31 -35.42 38.70
N ILE E 414 -17.08 -35.21 39.14
CA ILE E 414 -16.42 -36.20 39.99
C ILE E 414 -17.24 -36.43 41.26
N VAL E 415 -17.68 -35.35 41.90
CA VAL E 415 -18.40 -35.48 43.18
C VAL E 415 -19.71 -36.22 42.97
N SER E 416 -20.45 -35.86 41.91
CA SER E 416 -21.73 -36.53 41.64
C SER E 416 -21.54 -38.01 41.35
N GLY E 417 -20.60 -38.34 40.45
CA GLY E 417 -20.40 -39.73 40.08
C GLY E 417 -19.92 -40.58 41.25
N LEU E 418 -19.01 -40.03 42.05
CA LEU E 418 -18.54 -40.75 43.22
C LEU E 418 -19.67 -40.96 44.22
N ASP E 419 -20.55 -39.96 44.37
CA ASP E 419 -21.70 -40.15 45.24
C ASP E 419 -22.58 -41.29 44.73
N GLY E 420 -22.77 -41.36 43.42
CA GLY E 420 -23.55 -42.46 42.86
C GLY E 420 -22.91 -43.81 43.13
N ILE E 421 -21.59 -43.89 42.99
CA ILE E 421 -20.90 -45.15 43.27
C ILE E 421 -21.08 -45.54 44.73
N LYS E 422 -20.77 -44.60 45.65
CA LYS E 422 -20.78 -44.90 47.07
C LYS E 422 -22.16 -45.34 47.55
N ASN E 423 -23.21 -44.69 47.07
CA ASN E 423 -24.56 -45.01 47.53
C ASN E 423 -25.29 -45.95 46.58
N LYS E 424 -24.56 -46.51 45.61
CA LYS E 424 -25.13 -47.46 44.65
C LYS E 424 -26.44 -46.94 44.07
N LYS E 425 -26.39 -45.68 43.60
CA LYS E 425 -27.59 -45.03 43.11
C LYS E 425 -27.98 -45.61 41.75
N ASP E 426 -29.28 -45.81 41.57
CA ASP E 426 -29.77 -46.46 40.37
C ASP E 426 -30.33 -45.42 39.42
N PRO E 427 -29.79 -45.31 38.19
CA PRO E 427 -30.29 -44.30 37.26
C PRO E 427 -31.69 -44.60 36.74
N GLY E 428 -32.21 -45.80 36.97
CA GLY E 428 -33.49 -46.18 36.42
C GLY E 428 -33.31 -46.69 34.99
N GLU E 429 -34.43 -46.74 34.27
CA GLU E 429 -34.42 -47.23 32.91
C GLU E 429 -34.00 -46.22 31.87
N LEU E 430 -33.26 -46.73 30.87
CA LEU E 430 -32.81 -45.96 29.73
C LEU E 430 -34.01 -45.43 28.96
N GLN E 431 -33.97 -44.15 28.62
CA GLN E 431 -35.08 -43.47 28.00
C GLN E 431 -34.89 -43.46 26.49
N GLU E 432 -35.84 -44.05 25.79
CA GLU E 432 -35.84 -44.04 24.33
C GLU E 432 -36.26 -42.69 23.80
N SER E 433 -37.09 -41.95 24.55
CA SER E 433 -37.55 -40.63 24.16
C SER E 433 -37.37 -39.71 25.36
N PRO E 434 -36.15 -39.20 25.55
CA PRO E 434 -35.88 -38.41 26.76
C PRO E 434 -36.79 -37.22 26.95
N TYR E 435 -37.28 -36.60 25.89
CA TYR E 435 -38.17 -35.46 26.04
C TYR E 435 -39.59 -35.85 26.44
N ASP E 436 -39.88 -37.14 26.55
CA ASP E 436 -41.13 -37.62 27.14
C ASP E 436 -40.91 -38.36 28.45
N ALA E 437 -39.68 -38.41 28.94
CA ALA E 437 -39.37 -39.21 30.11
C ALA E 437 -40.02 -38.66 31.39
N GLN E 438 -40.56 -39.61 32.18
CA GLN E 438 -41.13 -39.41 33.52
C GLN E 438 -40.01 -39.23 34.55
N VAL E 439 -39.23 -38.17 34.38
CA VAL E 439 -38.15 -37.98 35.36
C VAL E 439 -38.11 -36.53 35.81
N PRO E 440 -37.38 -36.20 36.89
CA PRO E 440 -37.38 -34.80 37.37
C PRO E 440 -36.81 -33.85 36.32
N MET E 441 -37.49 -32.72 36.16
CA MET E 441 -37.03 -31.66 35.26
C MET E 441 -35.82 -30.94 35.84
N LEU E 442 -34.98 -30.42 34.96
CA LEU E 442 -33.85 -29.62 35.37
C LEU E 442 -34.27 -28.18 35.62
N PRO E 443 -33.51 -27.46 36.45
CA PRO E 443 -33.75 -26.02 36.63
C PRO E 443 -33.83 -25.31 35.28
N THR E 444 -34.78 -24.39 35.16
CA THR E 444 -34.95 -23.59 33.94
C THR E 444 -34.37 -22.19 34.08
N THR E 445 -33.93 -21.79 35.26
CA THR E 445 -33.29 -20.51 35.49
C THR E 445 -32.15 -20.68 36.49
N LEU E 446 -31.21 -19.73 36.46
CA LEU E 446 -30.13 -19.75 37.44
C LEU E 446 -30.68 -19.72 38.87
N ALA E 447 -31.73 -18.95 39.11
CA ALA E 447 -32.31 -18.88 40.44
C ALA E 447 -32.80 -20.27 40.88
N GLU E 448 -33.44 -20.99 39.96
CA GLU E 448 -33.90 -22.34 40.29
C GLU E 448 -32.73 -23.26 40.62
N ALA E 449 -31.62 -23.12 39.90
CA ALA E 449 -30.43 -23.92 40.17
C ALA E 449 -29.85 -23.59 41.55
N LEU E 450 -29.83 -22.31 41.91
CA LEU E 450 -29.33 -21.94 43.22
C LEU E 450 -30.25 -22.46 44.32
N ASP E 451 -31.57 -22.43 44.09
CA ASP E 451 -32.49 -23.02 45.04
C ASP E 451 -32.24 -24.51 45.22
N ALA E 452 -32.03 -25.23 44.11
CA ALA E 452 -31.78 -26.67 44.20
C ALA E 452 -30.55 -26.94 45.05
N LEU E 453 -29.48 -26.16 44.82
CA LEU E 453 -28.28 -26.35 45.63
C LEU E 453 -28.53 -26.00 47.09
N GLU E 454 -29.21 -24.88 47.35
CA GLU E 454 -29.42 -24.44 48.72
C GLU E 454 -30.24 -25.44 49.52
N HIS E 455 -31.29 -25.99 48.92
CA HIS E 455 -32.14 -26.95 49.61
C HIS E 455 -31.58 -28.37 49.57
N ASP E 456 -30.50 -28.62 48.80
CA ASP E 456 -29.88 -29.95 48.76
C ASP E 456 -28.36 -29.77 48.66
N SER E 457 -27.74 -29.24 49.72
CA SER E 457 -26.37 -28.76 49.67
C SER E 457 -25.35 -29.69 50.34
N GLU E 458 -25.80 -30.77 51.00
CA GLU E 458 -24.90 -31.54 51.84
C GLU E 458 -23.72 -32.10 51.06
N LEU E 459 -23.97 -32.72 49.90
CA LEU E 459 -22.89 -33.34 49.14
C LEU E 459 -21.83 -32.31 48.72
N PHE E 460 -22.28 -31.19 48.15
CA PHE E 460 -21.32 -30.21 47.68
C PHE E 460 -20.71 -29.41 48.80
N ARG E 461 -21.42 -29.23 49.91
CA ARG E 461 -20.77 -28.68 51.10
C ARG E 461 -19.67 -29.62 51.57
N SER E 462 -19.94 -30.93 51.56
CA SER E 462 -18.95 -31.88 52.07
C SER E 462 -17.70 -31.91 51.21
N CYS E 463 -17.83 -31.81 49.89
CA CYS E 463 -16.61 -31.92 49.09
C CYS E 463 -16.00 -30.58 48.69
N PHE E 464 -16.81 -29.60 48.29
CA PHE E 464 -16.27 -28.29 47.93
C PHE E 464 -15.97 -27.45 49.15
N GLY E 465 -16.68 -27.68 50.25
CA GLY E 465 -16.50 -27.01 51.52
C GLY E 465 -17.64 -26.07 51.86
N ASP E 466 -18.05 -26.06 53.13
CA ASP E 466 -19.08 -25.12 53.54
C ASP E 466 -18.79 -23.69 53.16
N THR E 467 -17.57 -23.23 53.40
CA THR E 467 -17.37 -21.82 53.12
C THR E 467 -17.60 -21.53 51.66
N PHE E 468 -17.05 -22.36 50.80
CA PHE E 468 -17.20 -22.07 49.38
C PHE E 468 -18.66 -22.06 49.00
N ILE E 469 -19.45 -23.00 49.53
CA ILE E 469 -20.84 -23.06 49.13
C ILE E 469 -21.60 -21.83 49.61
N LYS E 470 -21.35 -21.40 50.84
CA LYS E 470 -21.96 -20.16 51.33
C LYS E 470 -21.58 -18.96 50.45
N TYR E 471 -20.29 -18.83 50.16
CA TYR E 471 -19.81 -17.76 49.29
C TYR E 471 -20.49 -17.82 47.92
N TRP E 472 -20.51 -19.02 47.32
CA TRP E 472 -21.06 -19.21 45.99
C TRP E 472 -22.52 -18.80 45.93
N LEU E 473 -23.31 -19.29 46.89
CA LEU E 473 -24.73 -18.95 46.92
C LEU E 473 -24.92 -17.43 46.99
N GLN E 474 -24.24 -16.77 47.94
CA GLN E 474 -24.40 -15.32 48.07
C GLN E 474 -24.04 -14.59 46.77
N LEU E 475 -22.88 -14.90 46.20
CA LEU E 475 -22.42 -14.23 44.97
C LEU E 475 -23.43 -14.41 43.83
N ARG E 476 -23.75 -15.67 43.51
CA ARG E 476 -24.60 -15.91 42.35
C ARG E 476 -25.99 -15.32 42.55
N ARG E 477 -26.50 -15.32 43.79
CA ARG E 477 -27.80 -14.70 44.01
C ARG E 477 -27.76 -13.20 43.75
N SER E 478 -26.67 -12.52 44.13
CA SER E 478 -26.59 -11.10 43.80
C SER E 478 -26.60 -10.90 42.28
N GLU E 479 -25.95 -11.81 41.54
CA GLU E 479 -25.97 -11.68 40.08
C GLU E 479 -27.39 -11.87 39.53
N TRP E 480 -28.10 -12.89 40.01
CA TRP E 480 -29.48 -13.09 39.58
C TRP E 480 -30.32 -11.85 39.89
N ALA E 481 -30.11 -11.24 41.05
CA ALA E 481 -30.87 -10.04 41.40
C ALA E 481 -30.63 -8.91 40.41
N ARG E 482 -29.37 -8.73 39.99
CA ARG E 482 -29.09 -7.73 38.96
C ARG E 482 -29.86 -8.04 37.67
N PHE E 483 -29.82 -9.29 37.23
CA PHE E 483 -30.53 -9.65 36.01
C PHE E 483 -32.02 -9.35 36.15
N LEU E 484 -32.63 -9.81 37.25
CA LEU E 484 -34.06 -9.61 37.48
C LEU E 484 -34.41 -8.13 37.45
N ASP E 485 -33.63 -7.29 38.15
CA ASP E 485 -33.93 -5.86 38.15
C ASP E 485 -33.79 -5.26 36.77
N ALA E 486 -32.86 -5.77 35.95
CA ALA E 486 -32.65 -5.16 34.64
C ALA E 486 -33.66 -5.62 33.59
N GLU E 487 -34.11 -6.87 33.65
CA GLU E 487 -34.93 -7.41 32.57
C GLU E 487 -36.29 -7.94 33.01
N GLY E 488 -36.50 -8.21 34.29
CA GLY E 488 -37.74 -8.76 34.78
C GLY E 488 -37.77 -10.28 34.71
N ALA E 489 -38.66 -10.87 35.50
CA ALA E 489 -38.70 -12.33 35.63
C ALA E 489 -39.17 -12.97 34.34
N GLU E 490 -40.10 -12.29 33.66
CA GLU E 490 -40.72 -12.76 32.43
C GLU E 490 -39.64 -13.11 31.41
N ALA E 491 -38.54 -12.37 31.41
CA ALA E 491 -37.44 -12.55 30.46
C ALA E 491 -36.63 -13.83 30.69
N ALA E 492 -36.74 -14.45 31.86
CA ALA E 492 -35.92 -15.62 32.14
C ALA E 492 -36.40 -16.88 31.44
N GLU E 493 -37.63 -16.92 30.96
CA GLU E 493 -38.15 -18.10 30.27
C GLU E 493 -37.16 -18.57 29.21
N PRO E 494 -36.69 -19.82 29.27
CA PRO E 494 -35.61 -20.24 28.36
C PRO E 494 -35.88 -19.98 26.89
N THR E 495 -37.12 -20.14 26.42
CA THR E 495 -37.41 -19.92 25.01
C THR E 495 -37.49 -18.45 24.65
N GLY E 496 -37.44 -17.55 25.63
CA GLY E 496 -37.47 -16.13 25.33
C GLY E 496 -36.20 -15.68 24.63
N ALA E 497 -36.28 -14.50 24.02
CA ALA E 497 -35.12 -13.95 23.33
C ALA E 497 -34.01 -13.63 24.32
N VAL E 498 -32.76 -13.74 23.85
CA VAL E 498 -31.62 -13.39 24.68
C VAL E 498 -31.66 -11.89 24.96
N THR E 499 -31.48 -11.53 26.23
CA THR E 499 -31.60 -10.14 26.64
C THR E 499 -30.28 -9.39 26.44
N GLN E 500 -30.39 -8.06 26.39
CA GLN E 500 -29.18 -7.24 26.35
C GLN E 500 -28.37 -7.39 27.63
N TRP E 501 -29.02 -7.64 28.76
CA TRP E 501 -28.26 -7.89 30.00
C TRP E 501 -27.31 -9.07 29.83
N GLU E 502 -27.79 -10.17 29.24
CA GLU E 502 -26.94 -11.33 29.02
C GLU E 502 -25.78 -10.98 28.10
N GLN E 503 -26.06 -10.29 26.99
CA GLN E 503 -25.00 -9.93 26.06
C GLN E 503 -23.93 -9.08 26.75
N LYS E 504 -24.36 -8.09 27.54
CA LYS E 504 -23.43 -7.18 28.19
C LYS E 504 -22.81 -7.76 29.45
N GLU E 505 -23.31 -8.90 29.93
CA GLU E 505 -22.68 -9.60 31.04
C GLU E 505 -21.61 -10.60 30.58
N TYR E 506 -21.85 -11.31 29.47
CA TYR E 506 -21.03 -12.48 29.15
C TYR E 506 -20.26 -12.39 27.83
N PHE E 507 -20.73 -11.61 26.85
CA PHE E 507 -20.18 -11.73 25.51
C PHE E 507 -18.70 -11.38 25.45
N ASN E 508 -18.28 -10.31 26.13
CA ASN E 508 -16.90 -9.84 26.01
C ASN E 508 -15.92 -10.78 26.69
N LEU E 509 -16.24 -11.21 27.91
CA LEU E 509 -15.26 -11.90 28.75
C LEU E 509 -15.31 -13.43 28.63
N LEU E 510 -16.49 -13.99 28.35
CA LEU E 510 -16.60 -15.44 28.24
C LEU E 510 -16.29 -15.85 26.80
N ASP F 21 19.49 -1.58 -53.09
CA ASP F 21 20.30 -0.72 -52.22
C ASP F 21 20.21 0.74 -52.67
N PHE F 22 19.14 1.41 -52.26
CA PHE F 22 18.94 2.85 -52.58
C PHE F 22 20.10 3.72 -52.08
N ILE F 23 20.63 3.42 -50.90
CA ILE F 23 21.67 4.31 -50.29
C ILE F 23 22.97 4.25 -51.09
N THR F 24 23.43 3.05 -51.42
CA THR F 24 24.70 2.88 -52.18
C THR F 24 24.53 3.48 -53.58
N LYS F 25 23.45 3.15 -54.27
CA LYS F 25 23.22 3.61 -55.65
C LYS F 25 23.24 5.14 -55.70
N ASN F 26 22.72 5.80 -54.66
CA ASN F 26 22.58 7.27 -54.69
C ASN F 26 23.71 7.93 -53.90
N ASN F 27 24.71 7.16 -53.51
CA ASN F 27 25.89 7.67 -52.74
C ASN F 27 25.44 8.56 -51.58
N LEU F 28 24.53 8.08 -50.73
CA LEU F 28 23.98 8.93 -49.64
C LEU F 28 24.72 8.64 -48.34
N TRP F 29 25.65 7.69 -48.35
CA TRP F 29 26.42 7.45 -47.12
C TRP F 29 27.92 7.67 -47.30
N THR F 30 28.51 8.46 -46.43
CA THR F 30 29.95 8.55 -46.37
C THR F 30 30.52 7.22 -45.87
N ASN F 31 31.82 7.02 -46.10
CA ASN F 31 32.51 5.84 -45.52
C ASN F 31 32.39 5.91 -44.00
N GLU F 32 32.42 7.12 -43.41
CA GLU F 32 32.26 7.31 -41.95
C GLU F 32 30.90 6.76 -41.54
N GLN F 33 29.87 7.14 -42.27
CA GLN F 33 28.49 6.66 -41.98
C GLN F 33 28.42 5.14 -42.13
N ARG F 34 29.03 4.57 -43.16
CA ARG F 34 28.90 3.11 -43.40
C ARG F 34 29.62 2.38 -42.26
N ASP F 35 30.74 2.94 -41.82
CA ASP F 35 31.47 2.34 -40.68
C ASP F 35 30.59 2.44 -39.43
N ALA F 36 29.96 3.59 -39.25
CA ALA F 36 29.10 3.79 -38.06
C ALA F 36 27.91 2.84 -38.11
N ALA F 37 27.39 2.55 -39.31
CA ALA F 37 26.27 1.62 -39.48
C ALA F 37 26.62 0.26 -38.91
N ASP F 38 27.81 -0.22 -39.24
CA ASP F 38 28.27 -1.52 -38.70
C ASP F 38 28.30 -1.40 -37.17
N LYS F 39 28.90 -0.32 -36.67
CA LYS F 39 28.99 -0.21 -35.21
C LYS F 39 27.60 -0.16 -34.57
N VAL F 40 26.66 0.54 -35.21
CA VAL F 40 25.31 0.66 -34.68
C VAL F 40 24.64 -0.70 -34.62
N LEU F 41 24.76 -1.48 -35.70
CA LEU F 41 24.16 -2.82 -35.70
C LEU F 41 24.79 -3.69 -34.62
N ALA F 42 26.11 -3.57 -34.45
CA ALA F 42 26.78 -4.35 -33.41
C ALA F 42 26.28 -3.97 -32.02
N GLU F 43 26.10 -2.68 -31.76
CA GLU F 43 25.60 -2.26 -30.46
C GLU F 43 24.16 -2.69 -30.26
N ILE F 44 23.35 -2.61 -31.31
CA ILE F 44 21.96 -3.06 -31.22
C ILE F 44 21.92 -4.51 -30.77
N ASP F 45 22.76 -5.36 -31.37
CA ASP F 45 22.76 -6.76 -30.97
C ASP F 45 23.32 -6.92 -29.56
N SER F 46 24.41 -6.21 -29.24
CA SER F 46 25.03 -6.35 -27.92
C SER F 46 24.07 -6.01 -26.81
N LEU F 47 23.30 -4.95 -26.97
CA LEU F 47 22.38 -4.52 -25.94
C LEU F 47 21.04 -5.26 -25.98
N GLY F 48 20.81 -6.06 -27.02
CA GLY F 48 19.52 -6.72 -27.09
C GLY F 48 18.37 -5.76 -27.31
N LEU F 49 18.62 -4.66 -28.02
CA LEU F 49 17.54 -3.73 -28.31
C LEU F 49 16.50 -4.40 -29.21
N GLU F 50 15.25 -3.99 -29.03
CA GLU F 50 14.14 -4.56 -29.80
C GLU F 50 13.52 -3.59 -30.78
N MET F 51 13.58 -2.28 -30.50
CA MET F 51 13.03 -1.25 -31.35
C MET F 51 14.10 -0.19 -31.60
N ILE F 52 14.05 0.42 -32.77
CA ILE F 52 14.87 1.58 -33.11
C ILE F 52 13.97 2.61 -33.75
N ARG F 53 13.81 3.75 -33.12
CA ARG F 53 13.04 4.83 -33.72
C ARG F 53 13.84 5.49 -34.84
N LEU F 54 13.18 5.71 -35.97
CA LEU F 54 13.72 6.46 -37.08
C LEU F 54 12.89 7.74 -37.17
N SER F 55 13.51 8.89 -36.91
CA SER F 55 12.78 10.15 -36.81
C SER F 55 13.46 11.26 -37.60
N TRP F 56 12.69 12.31 -37.85
CA TRP F 56 13.15 13.53 -38.50
C TRP F 56 12.27 14.66 -38.04
N ALA F 57 12.84 15.86 -37.96
CA ALA F 57 12.09 17.03 -37.53
C ALA F 57 11.22 17.57 -38.66
N ASP F 58 9.97 17.89 -38.36
CA ASP F 58 9.12 18.55 -39.34
C ASP F 58 9.38 20.06 -39.29
N GLN F 59 8.53 20.83 -39.97
CA GLN F 59 8.77 22.27 -40.09
C GLN F 59 8.76 22.97 -38.75
N TYR F 60 8.05 22.40 -37.77
CA TYR F 60 7.94 22.94 -36.42
C TYR F 60 9.03 22.44 -35.48
N GLY F 61 9.95 21.60 -35.95
CA GLY F 61 10.92 20.98 -35.06
C GLY F 61 10.43 19.78 -34.29
N LEU F 62 9.25 19.25 -34.63
CA LEU F 62 8.68 18.11 -33.91
C LEU F 62 9.11 16.81 -34.57
N LEU F 63 9.39 15.80 -33.74
CA LEU F 63 9.97 14.57 -34.25
C LEU F 63 8.87 13.66 -34.80
N ARG F 64 8.97 13.33 -36.09
CA ARG F 64 8.06 12.40 -36.74
C ARG F 64 8.83 11.20 -37.25
N GLY F 65 8.14 10.09 -37.41
CA GLY F 65 8.79 8.94 -38.00
C GLY F 65 8.10 7.63 -37.70
N LYS F 66 8.92 6.59 -37.51
CA LYS F 66 8.39 5.27 -37.20
C LYS F 66 9.28 4.65 -36.13
N SER F 67 8.78 3.59 -35.51
CA SER F 67 9.62 2.71 -34.71
C SER F 67 9.76 1.40 -35.46
N LEU F 68 11.00 1.00 -35.72
CA LEU F 68 11.31 -0.18 -36.50
C LEU F 68 11.84 -1.27 -35.59
N THR F 69 11.69 -2.51 -36.00
CA THR F 69 12.34 -3.61 -35.32
C THR F 69 13.78 -3.75 -35.83
N VAL F 70 14.54 -4.63 -35.18
CA VAL F 70 15.93 -4.83 -35.60
C VAL F 70 15.98 -5.26 -37.07
N ALA F 71 15.13 -6.22 -37.45
CA ALA F 71 15.13 -6.70 -38.83
C ALA F 71 14.78 -5.59 -39.81
N SER F 72 13.74 -4.81 -39.48
CA SER F 72 13.32 -3.72 -40.35
C SER F 72 14.39 -2.64 -40.44
N LEU F 73 15.08 -2.36 -39.34
CA LEU F 73 16.15 -1.36 -39.41
C LEU F 73 17.29 -1.85 -40.29
N LYS F 74 17.62 -3.13 -40.20
CA LYS F 74 18.63 -3.67 -41.10
C LYS F 74 18.20 -3.48 -42.56
N SER F 75 16.92 -3.70 -42.87
CA SER F 75 16.47 -3.44 -44.25
C SER F 75 16.58 -1.96 -44.60
N ALA F 76 16.21 -1.08 -43.66
CA ALA F 76 16.28 0.36 -43.90
C ALA F 76 17.70 0.84 -44.14
N PHE F 77 18.68 0.10 -43.61
CA PHE F 77 20.08 0.45 -43.88
C PHE F 77 20.48 0.18 -45.33
N LYS F 78 19.60 -0.43 -46.11
CA LYS F 78 19.80 -0.58 -47.55
C LYS F 78 18.80 0.23 -48.37
N GLU F 79 17.50 0.06 -48.12
CA GLU F 79 16.48 0.66 -48.96
C GLU F 79 15.89 1.93 -48.39
N GLY F 80 16.31 2.35 -47.19
CA GLY F 80 15.59 3.40 -46.53
C GLY F 80 14.23 2.90 -46.08
N SER F 81 13.40 3.82 -45.60
CA SER F 81 12.07 3.48 -45.12
C SER F 81 11.08 4.50 -45.68
N GLU F 82 10.04 4.00 -46.37
CA GLU F 82 9.12 4.91 -47.05
C GLU F 82 8.22 5.62 -46.04
N VAL F 83 7.97 6.90 -46.30
CA VAL F 83 7.07 7.68 -45.46
C VAL F 83 6.38 8.73 -46.32
N ALA F 84 5.19 9.13 -45.91
CA ALA F 84 4.43 10.16 -46.60
C ALA F 84 4.86 11.53 -46.09
N ILE F 85 4.68 12.55 -46.94
CA ILE F 85 5.06 13.92 -46.57
C ILE F 85 3.99 14.63 -45.75
N GLY F 86 2.90 13.95 -45.41
CA GLY F 86 1.77 14.52 -44.72
C GLY F 86 2.07 15.64 -43.72
N PRO F 87 2.92 15.36 -42.73
CA PRO F 87 3.19 16.38 -41.70
C PRO F 87 3.59 17.73 -42.26
N PHE F 88 4.31 17.78 -43.39
CA PHE F 88 4.73 19.05 -43.94
C PHE F 88 3.54 19.89 -44.43
N PHE F 89 2.46 19.23 -44.84
CA PHE F 89 1.28 19.93 -45.36
C PHE F 89 0.21 20.14 -44.31
N PHE F 90 0.43 19.69 -43.09
CA PHE F 90 -0.42 19.94 -41.93
C PHE F 90 0.20 21.04 -41.07
N ASP F 91 -0.65 21.81 -40.40
CA ASP F 91 -0.16 22.67 -39.32
C ASP F 91 -0.23 21.87 -38.02
N LEU F 92 0.01 22.52 -36.87
CA LEU F 92 0.15 21.80 -35.62
C LEU F 92 -1.12 21.06 -35.22
N VAL F 93 -2.29 21.47 -35.72
CA VAL F 93 -3.55 20.82 -35.40
C VAL F 93 -4.11 20.07 -36.59
N SER F 94 -3.30 19.85 -37.61
CA SER F 94 -3.69 19.10 -38.82
C SER F 94 -4.77 19.81 -39.63
N SER F 95 -4.77 21.14 -39.62
CA SER F 95 -5.37 21.84 -40.75
C SER F 95 -4.68 21.38 -42.02
N MET F 96 -5.44 21.11 -43.06
CA MET F 96 -4.83 20.76 -44.34
C MET F 96 -4.55 22.06 -45.08
N VAL F 97 -3.30 22.50 -45.02
CA VAL F 97 -2.96 23.81 -45.59
C VAL F 97 -2.63 23.68 -47.07
N PHE F 98 -2.13 22.53 -47.50
CA PHE F 98 -1.89 22.25 -48.90
C PHE F 98 -2.66 20.99 -49.29
N ASN F 99 -3.16 20.96 -50.52
CA ASN F 99 -4.09 19.91 -50.95
C ASN F 99 -3.34 18.59 -51.15
N LEU F 100 -3.53 17.66 -50.21
CA LEU F 100 -2.89 16.35 -50.31
C LEU F 100 -3.48 15.50 -51.42
N PHE F 101 -4.61 15.90 -52.00
CA PHE F 101 -5.36 15.06 -52.93
C PHE F 101 -5.12 15.37 -54.39
N THR F 102 -4.57 16.55 -54.75
CA THR F 102 -4.41 16.89 -56.16
C THR F 102 -2.95 16.51 -56.45
N THR F 103 -2.74 15.45 -57.21
CA THR F 103 -1.36 15.00 -57.40
C THR F 103 -0.62 16.06 -58.26
N ALA F 104 0.53 16.56 -57.81
CA ALA F 104 1.21 17.60 -58.57
C ALA F 104 2.00 17.04 -59.75
N PHE F 107 5.85 19.78 -58.56
CA PHE F 107 5.55 19.77 -57.11
C PHE F 107 6.10 21.03 -56.48
N GLU F 108 7.38 21.30 -56.72
CA GLU F 108 8.02 22.52 -56.16
C GLU F 108 7.25 23.75 -56.63
N ASP F 109 6.63 23.68 -57.82
CA ASP F 109 5.82 24.81 -58.35
C ASP F 109 4.43 24.82 -57.73
N GLU F 110 3.85 23.65 -57.48
CA GLU F 110 2.43 23.63 -57.04
C GLU F 110 2.25 23.35 -55.54
N LEU F 111 3.18 22.64 -54.92
CA LEU F 111 3.10 22.26 -53.47
C LEU F 111 1.74 21.63 -53.21
N SER F 112 1.54 20.45 -53.78
CA SER F 112 0.27 19.71 -53.61
C SER F 112 0.60 18.21 -53.65
N GLY F 113 -0.35 17.35 -53.29
CA GLY F 113 -0.13 15.90 -53.40
C GLY F 113 0.35 15.24 -52.11
N ASN F 114 0.44 13.91 -52.11
CA ASN F 114 0.99 13.15 -50.96
C ASN F 114 2.09 12.21 -51.47
N PRO F 115 3.21 12.68 -52.11
CA PRO F 115 4.20 11.75 -52.59
C PRO F 115 4.90 10.96 -51.49
N THR F 116 5.37 9.76 -51.82
CA THR F 116 6.17 8.98 -50.89
C THR F 116 7.64 9.37 -51.01
N VAL F 117 8.26 9.66 -49.88
CA VAL F 117 9.70 9.90 -49.83
C VAL F 117 10.35 8.79 -49.00
N VAL F 118 11.69 8.77 -49.02
CA VAL F 118 12.49 7.75 -48.36
C VAL F 118 13.22 8.40 -47.20
N MET F 119 12.96 7.90 -45.99
CA MET F 119 13.81 8.20 -44.84
C MET F 119 15.10 7.38 -44.98
N VAL F 120 16.23 8.06 -45.10
CA VAL F 120 17.53 7.40 -45.15
C VAL F 120 18.19 7.61 -43.78
N PRO F 121 18.35 6.56 -42.98
CA PRO F 121 18.91 6.74 -41.64
C PRO F 121 20.32 7.31 -41.70
N ASP F 122 20.62 8.18 -40.74
CA ASP F 122 21.98 8.70 -40.57
C ASP F 122 22.59 8.00 -39.37
N PRO F 123 23.44 6.98 -39.58
CA PRO F 123 23.89 6.16 -38.45
C PRO F 123 24.75 6.91 -37.45
N THR F 124 25.35 8.05 -37.83
CA THR F 124 26.15 8.81 -36.89
C THR F 124 25.32 9.43 -35.77
N THR F 125 23.99 9.41 -35.87
CA THR F 125 23.11 10.03 -34.89
C THR F 125 22.54 9.05 -33.87
N PHE F 126 22.97 7.78 -33.91
CA PHE F 126 22.33 6.73 -33.11
C PHE F 126 22.47 7.00 -31.61
N LYS F 127 21.39 6.76 -30.88
CA LYS F 127 21.38 6.83 -29.42
C LYS F 127 20.52 5.70 -28.85
N VAL F 128 20.87 5.26 -27.65
CA VAL F 128 20.01 4.39 -26.86
C VAL F 128 19.20 5.29 -25.94
N LEU F 129 17.87 5.15 -25.99
CA LEU F 129 17.01 6.03 -25.18
C LEU F 129 16.88 5.46 -23.77
N PRO F 130 17.44 6.16 -22.77
CA PRO F 130 17.50 5.57 -21.42
C PRO F 130 16.15 5.36 -20.76
N TRP F 131 15.14 6.16 -21.08
CA TRP F 131 13.86 6.10 -20.39
C TRP F 131 12.89 5.09 -21.00
N ALA F 132 13.27 4.44 -22.10
CA ALA F 132 12.38 3.53 -22.82
C ALA F 132 12.90 2.11 -22.70
N ASP F 133 12.02 1.17 -23.01
CA ASP F 133 12.35 -0.26 -22.92
C ASP F 133 13.06 -0.69 -24.20
N LYS F 134 14.35 -1.05 -24.08
CA LYS F 134 15.12 -1.66 -25.15
C LYS F 134 14.91 -0.97 -26.49
N THR F 135 15.11 0.36 -26.50
CA THR F 135 14.82 1.19 -27.65
C THR F 135 16.01 2.07 -28.02
N GLY F 136 16.41 2.00 -29.29
CA GLY F 136 17.37 2.92 -29.87
C GLY F 136 16.67 4.03 -30.64
N TRP F 137 17.47 4.92 -31.22
CA TRP F 137 16.92 6.14 -31.78
C TRP F 137 17.88 6.68 -32.83
N MET F 138 17.32 7.20 -33.92
CA MET F 138 18.26 7.62 -34.96
C MET F 138 17.51 8.63 -35.84
N LEU F 139 18.25 9.62 -36.35
CA LEU F 139 17.64 10.60 -37.25
C LEU F 139 17.72 10.11 -38.69
N ALA F 140 16.81 10.61 -39.52
CA ALA F 140 16.79 10.26 -40.94
C ALA F 140 16.71 11.51 -41.81
N ASP F 141 17.32 11.43 -42.99
CA ASP F 141 17.20 12.48 -44.00
C ASP F 141 16.17 12.06 -45.05
N LEU F 142 15.35 13.01 -45.49
CA LEU F 142 14.28 12.71 -46.43
C LEU F 142 14.75 12.92 -47.86
N HIS F 143 14.55 11.92 -48.72
CA HIS F 143 14.95 12.01 -50.11
C HIS F 143 13.81 11.54 -51.01
N TRP F 144 13.63 12.21 -52.14
CA TRP F 144 12.80 11.64 -53.18
C TRP F 144 13.32 10.26 -53.54
N LYS F 145 12.44 9.41 -54.08
CA LYS F 145 12.90 8.12 -54.55
C LYS F 145 13.83 8.26 -55.75
N SER F 146 13.85 9.45 -56.37
CA SER F 146 14.84 9.73 -57.41
C SER F 146 16.25 9.95 -56.85
N GLY F 147 16.37 10.21 -55.53
CA GLY F 147 17.66 10.34 -54.86
C GLY F 147 18.02 11.73 -54.41
N GLU F 148 17.30 12.74 -54.89
CA GLU F 148 17.42 14.17 -54.62
C GLU F 148 16.90 14.43 -53.20
N PRO F 149 17.55 15.31 -52.43
CA PRO F 149 17.03 15.60 -51.09
C PRO F 149 15.67 16.25 -51.19
N PHE F 150 14.79 15.90 -50.25
CA PHE F 150 13.46 16.52 -50.23
C PHE F 150 13.59 17.98 -49.82
N PRO F 151 13.09 18.93 -50.62
CA PRO F 151 13.45 20.35 -50.43
C PRO F 151 12.86 21.00 -49.19
N LEU F 152 11.85 20.41 -48.54
CA LEU F 152 11.27 21.05 -47.36
C LEU F 152 11.90 20.57 -46.05
N CYS F 153 12.84 19.64 -46.09
CA CYS F 153 13.34 19.00 -44.91
C CYS F 153 14.28 19.96 -44.16
N PRO F 154 13.96 20.37 -42.91
CA PRO F 154 14.79 21.43 -42.25
C PRO F 154 16.21 21.00 -41.97
N ARG F 155 16.43 19.73 -41.63
CA ARG F 155 17.80 19.27 -41.44
C ARG F 155 18.63 19.46 -42.71
N GLY F 156 18.02 19.24 -43.88
CA GLY F 156 18.71 19.52 -45.12
C GLY F 156 19.05 20.97 -45.30
N ILE F 157 18.19 21.87 -44.80
CA ILE F 157 18.49 23.30 -44.87
C ILE F 157 19.69 23.63 -43.99
N MET F 158 19.74 23.05 -42.79
CA MET F 158 20.92 23.18 -41.95
C MET F 158 22.16 22.66 -42.67
N LYS F 159 22.05 21.51 -43.33
CA LYS F 159 23.19 20.96 -44.08
C LYS F 159 23.67 21.95 -45.14
N LYS F 160 22.74 22.60 -45.85
CA LYS F 160 23.12 23.56 -46.88
C LYS F 160 23.84 24.77 -46.26
N ALA F 161 23.33 25.26 -45.12
CA ALA F 161 24.00 26.38 -44.45
C ALA F 161 25.40 25.98 -44.00
N VAL F 162 25.53 24.80 -43.40
CA VAL F 162 26.84 24.31 -42.96
C VAL F 162 27.80 24.22 -44.13
N LYS F 163 27.31 23.76 -45.28
CA LYS F 163 28.18 23.63 -46.44
C LYS F 163 28.61 25.00 -46.97
N SER F 164 27.69 25.95 -47.06
CA SER F 164 28.06 27.31 -47.46
C SER F 164 29.15 27.87 -46.55
N LEU F 165 28.95 27.70 -45.24
CA LEU F 165 29.92 28.21 -44.28
C LEU F 165 31.27 27.53 -44.47
N SER F 166 31.27 26.21 -44.63
CA SER F 166 32.51 25.48 -44.88
C SER F 166 33.18 25.98 -46.16
N ASP F 167 32.39 26.23 -47.21
CA ASP F 167 32.91 26.75 -48.47
C ASP F 167 33.60 28.10 -48.28
N GLU F 168 33.22 28.86 -47.25
CA GLU F 168 33.96 30.08 -46.95
C GLU F 168 35.10 29.84 -45.94
N GLY F 169 35.29 28.62 -45.48
CA GLY F 169 36.40 28.28 -44.61
C GLY F 169 36.11 28.21 -43.13
N TYR F 170 34.83 28.16 -42.72
CA TYR F 170 34.44 28.32 -41.33
C TYR F 170 33.60 27.15 -40.84
N LEU F 171 33.69 26.91 -39.53
CA LEU F 171 32.82 26.00 -38.80
C LEU F 171 32.01 26.79 -37.78
N PHE F 172 30.75 26.40 -37.61
CA PHE F 172 29.81 27.06 -36.72
C PHE F 172 29.87 26.41 -35.34
N LYS F 173 30.27 27.18 -34.32
CA LYS F 173 30.35 26.70 -32.96
C LYS F 173 29.21 27.35 -32.17
N CYS F 174 28.43 26.52 -31.47
CA CYS F 174 27.17 26.96 -30.87
C CYS F 174 27.04 26.39 -29.48
N GLY F 175 26.73 27.29 -28.52
CA GLY F 175 26.43 26.91 -27.16
C GLY F 175 24.93 26.96 -26.94
N ILE F 176 24.37 25.82 -26.56
CA ILE F 176 22.93 25.67 -26.42
C ILE F 176 22.52 26.07 -25.00
N GLU F 177 21.67 27.09 -24.89
CA GLU F 177 21.16 27.59 -23.62
C GLU F 177 19.64 27.65 -23.72
N LEU F 178 18.95 26.72 -23.06
CA LEU F 178 17.50 26.58 -23.18
C LEU F 178 16.81 26.90 -21.87
N GLU F 179 15.81 27.78 -21.93
CA GLU F 179 14.88 27.99 -20.82
C GLU F 179 13.60 27.23 -21.13
N TRP F 180 12.95 26.72 -20.09
CA TRP F 180 11.73 25.94 -20.29
C TRP F 180 10.96 25.85 -18.98
N TYR F 181 9.77 25.28 -19.05
CA TYR F 181 8.94 25.17 -17.83
C TYR F 181 8.75 23.71 -17.41
N LEU F 182 8.84 23.47 -16.12
CA LEU F 182 8.66 22.14 -15.53
C LEU F 182 7.35 22.21 -14.73
N THR F 183 6.36 21.41 -15.11
CA THR F 183 5.04 21.43 -14.47
C THR F 183 4.62 20.00 -14.14
N LYS F 184 3.77 19.83 -13.13
CA LYS F 184 3.26 18.49 -12.75
C LYS F 184 1.90 18.27 -13.40
N ILE F 185 1.69 17.12 -13.99
CA ILE F 185 0.43 16.85 -14.74
C ILE F 185 -0.75 16.63 -13.78
N VAL F 186 -1.82 17.38 -13.98
CA VAL F 186 -3.08 17.19 -13.21
C VAL F 186 -4.05 16.38 -14.08
N ASP F 187 -4.11 16.66 -15.40
CA ASP F 187 -5.04 15.95 -16.29
C ASP F 187 -4.49 15.98 -17.70
N ARG F 188 -4.35 14.80 -18.31
CA ARG F 188 -3.79 14.71 -19.64
C ARG F 188 -4.79 15.05 -20.74
N SER F 189 -6.01 15.41 -20.38
CA SER F 189 -7.02 15.88 -21.35
C SER F 189 -7.24 14.84 -22.44
N LEU F 190 -7.56 13.60 -22.04
CA LEU F 190 -7.74 12.49 -22.96
C LEU F 190 -9.20 12.15 -23.22
N SER F 191 -10.15 12.84 -22.59
CA SER F 191 -11.55 12.53 -22.84
C SER F 191 -11.91 12.83 -24.30
N PRO F 192 -12.78 12.02 -24.91
CA PRO F 192 -13.11 12.25 -26.34
C PRO F 192 -13.50 13.68 -26.65
N GLU F 193 -14.24 14.34 -25.75
CA GLU F 193 -14.67 15.72 -25.98
C GLU F 193 -13.49 16.70 -25.96
N SER F 194 -12.31 16.28 -25.54
CA SER F 194 -11.14 17.14 -25.48
C SER F 194 -10.22 16.97 -26.68
N LEU F 195 -10.53 16.06 -27.59
CA LEU F 195 -9.58 15.65 -28.61
C LEU F 195 -9.52 16.58 -29.82
N GLY F 196 -10.42 17.56 -29.91
CA GLY F 196 -10.37 18.42 -31.08
C GLY F 196 -10.73 17.67 -32.36
N ALA F 197 -10.11 18.08 -33.46
CA ALA F 197 -10.35 17.51 -34.78
C ALA F 197 -9.34 18.12 -35.74
N PRO F 198 -9.20 17.60 -36.97
CA PRO F 198 -8.34 18.28 -37.95
C PRO F 198 -8.73 19.75 -38.04
N GLY F 199 -7.77 20.64 -37.80
CA GLY F 199 -8.04 22.06 -37.81
C GLY F 199 -8.68 22.60 -36.54
N VAL F 200 -8.87 21.76 -35.53
CA VAL F 200 -9.53 22.17 -34.29
C VAL F 200 -8.61 21.79 -33.13
N GLN F 201 -8.15 22.78 -32.38
CA GLN F 201 -7.20 22.52 -31.31
C GLN F 201 -7.80 21.61 -30.24
N PRO F 202 -7.07 20.61 -29.78
CA PRO F 202 -7.51 19.83 -28.62
C PRO F 202 -7.19 20.60 -27.33
N ASP F 203 -7.77 20.12 -26.23
CA ASP F 203 -7.59 20.78 -24.94
C ASP F 203 -6.14 20.73 -24.50
N ALA F 204 -5.67 21.83 -23.90
CA ALA F 204 -4.37 21.81 -23.26
C ALA F 204 -4.38 20.82 -22.10
N ILE F 205 -3.23 20.17 -21.90
CA ILE F 205 -3.00 19.42 -20.66
C ILE F 205 -3.11 20.37 -19.48
N GLN F 206 -3.72 19.90 -18.40
CA GLN F 206 -3.82 20.67 -17.15
C GLN F 206 -2.64 20.35 -16.27
N VAL F 207 -2.03 21.37 -15.69
CA VAL F 207 -0.80 21.19 -14.91
C VAL F 207 -0.83 22.07 -13.66
N GLN F 208 0.15 21.83 -12.79
CA GLN F 208 0.39 22.59 -11.57
C GLN F 208 1.87 22.96 -11.51
N PRO F 209 2.21 24.19 -11.13
CA PRO F 209 3.62 24.54 -10.95
C PRO F 209 4.28 23.66 -9.90
N VAL F 210 5.60 23.53 -10.00
CA VAL F 210 6.37 22.69 -9.07
C VAL F 210 7.14 23.50 -8.04
N ALA F 211 7.21 24.81 -8.18
CA ALA F 211 7.96 25.64 -7.25
C ALA F 211 7.57 27.09 -7.44
N GLN F 212 7.71 27.88 -6.38
CA GLN F 212 7.59 29.33 -6.53
C GLN F 212 8.84 29.87 -7.22
N GLY F 213 8.82 31.17 -7.52
CA GLY F 213 9.88 31.78 -8.29
C GLY F 213 10.17 33.22 -7.96
N TYR F 214 10.58 33.96 -8.98
CA TYR F 214 11.01 35.36 -8.86
C TYR F 214 12.03 35.54 -7.74
N SER F 215 12.93 34.53 -7.64
CA SER F 215 14.10 34.50 -6.78
C SER F 215 15.16 33.78 -7.62
N VAL F 216 15.81 34.52 -8.53
CA VAL F 216 16.54 33.88 -9.61
C VAL F 216 17.78 33.17 -9.07
N LEU F 217 18.13 32.05 -9.71
CA LEU F 217 19.33 31.28 -9.38
C LEU F 217 19.34 30.77 -7.93
N LEU F 218 18.16 30.61 -7.32
CA LEU F 218 18.09 30.22 -5.92
C LEU F 218 18.43 28.73 -5.77
N GLU F 219 19.49 28.42 -5.03
CA GLU F 219 19.92 27.03 -4.87
C GLU F 219 18.81 26.16 -4.29
N HIS F 220 18.08 26.68 -3.29
CA HIS F 220 17.04 25.87 -2.68
C HIS F 220 15.96 25.49 -3.68
N HIS F 221 15.74 26.32 -4.71
CA HIS F 221 14.84 25.91 -5.79
C HIS F 221 15.39 24.72 -6.54
N LEU F 222 16.69 24.72 -6.83
CA LEU F 222 17.29 23.56 -7.48
C LEU F 222 17.06 22.30 -6.66
N ASP F 223 17.26 22.39 -5.34
CA ASP F 223 17.06 21.20 -4.52
C ASP F 223 15.60 20.77 -4.48
N GLN F 224 14.68 21.73 -4.38
CA GLN F 224 13.27 21.39 -4.27
C GLN F 224 12.76 20.61 -5.47
N VAL F 225 13.30 20.86 -6.67
CA VAL F 225 12.81 20.19 -7.86
C VAL F 225 13.69 19.02 -8.29
N ASP F 226 14.71 18.67 -7.50
CA ASP F 226 15.69 17.73 -8.03
C ASP F 226 15.23 16.28 -8.02
N ASP F 227 14.10 15.94 -7.39
CA ASP F 227 13.62 14.57 -7.51
C ASP F 227 13.32 14.22 -8.96
N ILE F 228 12.73 15.15 -9.71
CA ILE F 228 12.52 14.93 -11.15
C ILE F 228 13.70 15.44 -11.98
N MET F 229 14.25 16.60 -11.61
CA MET F 229 15.34 17.16 -12.40
C MET F 229 16.56 16.25 -12.41
N SER F 230 16.81 15.50 -11.33
CA SER F 230 17.90 14.54 -11.34
C SER F 230 17.69 13.46 -12.41
N LYS F 231 16.44 13.08 -12.67
CA LYS F 231 16.17 12.12 -13.72
C LYS F 231 16.38 12.73 -15.09
N VAL F 232 15.97 13.98 -15.28
CA VAL F 232 16.28 14.68 -16.53
C VAL F 232 17.79 14.75 -16.73
N ARG F 233 18.52 15.12 -15.66
CA ARG F 233 19.98 15.22 -15.68
C ARG F 233 20.62 13.90 -16.10
N LYS F 234 20.21 12.81 -15.45
CA LYS F 234 20.78 11.51 -15.76
C LYS F 234 20.47 11.10 -17.19
N GLY F 235 19.25 11.38 -17.67
CA GLY F 235 18.93 11.02 -19.05
C GLY F 235 19.78 11.76 -20.05
N LEU F 236 19.99 13.06 -19.84
CA LEU F 236 20.83 13.82 -20.74
C LEU F 236 22.28 13.34 -20.69
N LEU F 237 22.78 13.03 -19.48
CA LEU F 237 24.15 12.54 -19.35
C LEU F 237 24.31 11.18 -20.04
N GLU F 238 23.34 10.29 -19.88
CA GLU F 238 23.43 8.96 -20.47
C GLU F 238 23.30 8.99 -21.98
N LEU F 239 22.67 10.03 -22.54
CA LEU F 239 22.68 10.24 -23.98
C LEU F 239 23.99 10.82 -24.47
N ASN F 240 24.97 10.98 -23.58
CA ASN F 240 26.28 11.56 -23.90
C ASN F 240 26.16 12.98 -24.45
N LEU F 241 25.16 13.72 -23.98
CA LEU F 241 25.09 15.13 -24.36
C LEU F 241 25.95 15.96 -23.41
N PRO F 242 26.64 16.99 -23.92
CA PRO F 242 27.58 17.75 -23.06
C PRO F 242 26.86 18.72 -22.14
N LEU F 243 26.02 18.17 -21.25
CA LEU F 243 25.34 18.99 -20.26
C LEU F 243 26.36 19.82 -19.50
N ARG F 244 26.06 21.10 -19.35
CA ARG F 244 26.97 22.06 -18.71
C ARG F 244 26.42 22.59 -17.40
N SER F 245 25.17 23.02 -17.39
CA SER F 245 24.58 23.58 -16.17
C SER F 245 23.09 23.28 -16.14
N ILE F 246 22.58 23.17 -14.92
CA ILE F 246 21.16 23.23 -14.62
C ILE F 246 20.96 24.39 -13.66
N GLU F 247 20.00 25.27 -13.95
CA GLU F 247 19.87 26.52 -13.22
C GLU F 247 18.42 26.85 -12.93
N ASP F 248 18.21 27.59 -11.84
CA ASP F 248 16.88 28.08 -11.49
C ASP F 248 16.67 29.42 -12.20
N GLU F 249 15.79 29.43 -13.20
CA GLU F 249 15.53 30.66 -13.93
C GLU F 249 14.55 31.52 -13.14
N TRP F 250 14.26 32.70 -13.68
CA TRP F 250 13.63 33.75 -12.88
C TRP F 250 12.22 33.36 -12.43
N ALA F 251 11.39 32.90 -13.34
CA ALA F 251 9.98 32.70 -13.04
C ALA F 251 9.74 31.41 -12.26
N PRO F 252 8.59 31.31 -11.58
CA PRO F 252 8.25 30.07 -10.87
C PRO F 252 8.26 28.88 -11.82
N SER F 253 8.96 27.82 -11.41
CA SER F 253 9.04 26.57 -12.17
C SER F 253 9.73 26.74 -13.51
N GLN F 254 10.36 27.87 -13.75
CA GLN F 254 11.14 28.09 -14.95
C GLN F 254 12.57 27.58 -14.73
N MET F 255 13.03 26.72 -15.62
CA MET F 255 14.33 26.10 -15.53
C MET F 255 15.21 26.58 -16.68
N GLU F 256 16.51 26.42 -16.51
CA GLU F 256 17.45 26.63 -17.60
C GLU F 256 18.46 25.51 -17.62
N THR F 257 18.75 25.00 -18.81
CA THR F 257 19.79 24.00 -19.02
C THR F 257 20.70 24.46 -20.15
N THR F 258 22.00 24.51 -19.88
CA THR F 258 22.99 24.89 -20.87
C THR F 258 23.91 23.72 -21.16
N PHE F 259 24.59 23.81 -22.29
CA PHE F 259 25.43 22.74 -22.80
C PHE F 259 26.74 23.35 -23.29
N ASP F 260 27.80 22.56 -23.23
CA ASP F 260 29.07 23.02 -23.77
C ASP F 260 28.99 23.10 -25.30
N VAL F 261 29.98 23.77 -25.89
CA VAL F 261 29.96 24.08 -27.32
C VAL F 261 29.87 22.81 -28.15
N MET F 262 29.02 22.85 -29.17
CA MET F 262 28.94 21.81 -30.20
C MET F 262 29.05 22.49 -31.57
N GLU F 263 29.14 21.68 -32.62
CA GLU F 263 29.50 22.16 -33.94
C GLU F 263 28.39 21.86 -34.96
N GLY F 264 27.98 22.89 -35.69
CA GLY F 264 27.16 22.74 -36.88
C GLY F 264 25.97 21.79 -36.76
N LEU F 265 25.90 20.86 -37.71
CA LEU F 265 24.77 19.93 -37.76
C LEU F 265 24.65 19.15 -36.46
N GLU F 266 25.79 18.76 -35.88
CA GLU F 266 25.75 18.03 -34.62
C GLU F 266 25.08 18.86 -33.53
N ALA F 267 25.35 20.16 -33.52
CA ALA F 267 24.71 21.04 -32.56
C ALA F 267 23.20 21.10 -32.78
N ALA F 268 22.77 21.21 -34.04
CA ALA F 268 21.32 21.24 -34.30
C ALA F 268 20.65 19.93 -33.87
N ASP F 269 21.25 18.80 -34.26
CA ASP F 269 20.72 17.50 -33.84
C ASP F 269 20.65 17.39 -32.33
N ALA F 270 21.67 17.90 -31.63
CA ALA F 270 21.69 17.83 -30.18
C ALA F 270 20.57 18.64 -29.57
N ALA F 271 20.37 19.87 -30.04
CA ALA F 271 19.25 20.66 -29.53
C ALA F 271 17.92 19.93 -29.71
N LEU F 272 17.72 19.33 -30.89
CA LEU F 272 16.49 18.59 -31.15
C LEU F 272 16.31 17.45 -30.15
N LEU F 273 17.37 16.65 -29.97
CA LEU F 273 17.29 15.52 -29.06
C LEU F 273 17.12 15.98 -27.62
N ILE F 274 17.77 17.08 -27.24
CA ILE F 274 17.67 17.59 -25.87
C ILE F 274 16.23 17.93 -25.54
N LYS F 275 15.57 18.68 -26.42
CA LYS F 275 14.19 19.05 -26.11
C LYS F 275 13.30 17.81 -26.07
N SER F 276 13.49 16.88 -27.02
CA SER F 276 12.67 15.67 -27.02
C SER F 276 12.89 14.83 -25.75
N ALA F 277 14.14 14.70 -25.33
CA ALA F 277 14.44 13.88 -24.16
C ALA F 277 13.89 14.50 -22.88
N ILE F 278 14.01 15.82 -22.74
CA ILE F 278 13.45 16.48 -21.57
C ILE F 278 11.95 16.22 -21.50
N LYS F 279 11.25 16.41 -22.62
CA LYS F 279 9.80 16.24 -22.61
C LYS F 279 9.41 14.80 -22.30
N GLN F 280 10.10 13.83 -22.92
CA GLN F 280 9.72 12.43 -22.71
C GLN F 280 10.02 11.96 -21.29
N ILE F 281 11.19 12.31 -20.74
CA ILE F 281 11.52 11.92 -19.37
C ILE F 281 10.47 12.48 -18.40
N CYS F 282 10.16 13.78 -18.56
CA CYS F 282 9.21 14.41 -17.67
C CYS F 282 7.85 13.73 -17.74
N SER F 283 7.41 13.42 -18.95
CA SER F 283 6.14 12.74 -19.11
C SER F 283 6.15 11.33 -18.53
N ARG F 284 7.28 10.63 -18.67
CA ARG F 284 7.37 9.30 -18.09
C ARG F 284 7.13 9.37 -16.59
N HIS F 285 7.46 10.48 -15.96
CA HIS F 285 7.27 10.55 -14.51
C HIS F 285 6.11 11.44 -14.08
N GLY F 286 5.14 11.71 -14.95
CA GLY F 286 3.97 12.48 -14.58
C GLY F 286 4.17 13.98 -14.56
N TYR F 287 5.20 14.47 -15.24
CA TYR F 287 5.43 15.91 -15.38
C TYR F 287 5.29 16.28 -16.85
N HIS F 288 5.08 17.56 -17.09
CA HIS F 288 4.99 18.14 -18.42
C HIS F 288 6.03 19.24 -18.52
N ALA F 289 7.01 19.05 -19.39
CA ALA F 289 7.96 20.09 -19.74
C ALA F 289 7.46 20.79 -20.99
N THR F 290 7.58 22.11 -21.02
CA THR F 290 7.18 22.82 -22.23
C THR F 290 8.19 23.89 -22.62
N PHE F 291 8.45 23.94 -23.92
CA PHE F 291 9.24 24.98 -24.55
C PHE F 291 8.38 26.03 -25.22
N MET F 292 7.07 26.00 -24.96
CA MET F 292 6.22 27.12 -25.31
C MET F 292 6.76 28.38 -24.64
N CYS F 293 6.87 29.46 -25.41
CA CYS F 293 7.58 30.65 -24.93
C CYS F 293 6.97 31.20 -23.65
N LYS F 294 5.66 31.41 -23.65
CA LYS F 294 4.99 32.02 -22.50
C LYS F 294 3.62 31.37 -22.30
N PRO F 295 3.55 30.32 -21.49
CA PRO F 295 2.27 29.64 -21.24
C PRO F 295 1.24 30.57 -20.63
N ALA F 296 -0.03 30.25 -20.88
CA ALA F 296 -1.14 30.99 -20.27
C ALA F 296 -1.39 30.44 -18.86
N ILE F 297 -0.39 30.64 -18.00
CA ILE F 297 -0.45 30.25 -16.60
C ILE F 297 0.01 31.45 -15.78
N ASN F 298 -0.81 31.86 -14.82
CA ASN F 298 -0.50 33.04 -14.04
C ASN F 298 0.88 32.91 -13.41
N GLY F 299 1.69 33.95 -13.51
CA GLY F 299 3.00 33.99 -12.91
C GLY F 299 4.13 33.53 -13.81
N PHE F 300 3.83 32.95 -14.97
CA PHE F 300 4.85 32.45 -15.88
C PHE F 300 5.34 33.59 -16.75
N PHE F 301 6.66 33.85 -16.68
CA PHE F 301 7.32 34.85 -17.50
C PHE F 301 7.82 34.18 -18.78
N ALA F 302 8.05 35.00 -19.81
CA ALA F 302 8.43 34.45 -21.11
C ALA F 302 9.79 33.74 -21.02
N SER F 303 9.91 32.64 -21.75
CA SER F 303 11.16 31.90 -21.86
C SER F 303 11.88 32.25 -23.16
N GLY F 304 13.21 32.27 -23.09
CA GLY F 304 14.02 32.55 -24.27
C GLY F 304 15.00 31.45 -24.63
N TRP F 305 15.46 31.46 -25.89
CA TRP F 305 16.54 30.60 -26.37
C TRP F 305 17.63 31.51 -26.94
N HIS F 306 18.56 31.91 -26.09
CA HIS F 306 19.70 32.71 -26.55
C HIS F 306 20.71 31.80 -27.24
N MET F 307 21.16 32.19 -28.42
CA MET F 307 22.05 31.37 -29.23
C MET F 307 23.45 31.95 -29.18
N HIS F 308 24.36 31.25 -28.48
CA HIS F 308 25.76 31.63 -28.43
C HIS F 308 26.49 31.03 -29.63
N GLN F 309 27.24 31.86 -30.35
CA GLN F 309 27.82 31.53 -31.64
C GLN F 309 29.22 32.09 -31.76
N SER F 310 30.12 31.27 -32.30
CA SER F 310 31.42 31.70 -32.78
C SER F 310 31.72 30.95 -34.07
N LEU F 311 32.62 31.51 -34.86
CA LEU F 311 33.13 30.83 -36.05
C LEU F 311 34.57 30.42 -35.81
N VAL F 312 34.91 29.19 -36.18
CA VAL F 312 36.30 28.73 -36.10
C VAL F 312 36.82 28.45 -37.49
N ASP F 313 38.12 28.65 -37.67
CA ASP F 313 38.77 28.29 -38.92
C ASP F 313 38.77 26.78 -39.07
N LYS F 314 38.20 26.29 -40.18
CA LYS F 314 38.07 24.85 -40.37
C LYS F 314 39.43 24.16 -40.42
N ASP F 315 40.48 24.89 -40.77
CA ASP F 315 41.81 24.30 -40.87
C ASP F 315 42.57 24.37 -39.53
N THR F 316 42.58 25.53 -38.86
CA THR F 316 43.34 25.70 -37.59
C THR F 316 42.50 25.38 -36.35
N ARG F 317 41.18 25.43 -36.47
CA ARG F 317 40.24 25.18 -35.35
C ARG F 317 40.33 26.31 -34.32
N LYS F 318 40.80 27.48 -34.75
CA LYS F 318 40.93 28.63 -33.84
C LYS F 318 39.70 29.52 -33.96
N ASN F 319 39.29 30.12 -32.85
CA ASN F 319 38.10 31.01 -32.82
C ASN F 319 38.44 32.32 -33.52
N LEU F 320 37.80 32.58 -34.65
CA LEU F 320 38.12 33.78 -35.45
C LEU F 320 37.38 35.00 -34.96
N PHE F 321 36.60 34.89 -33.87
CA PHE F 321 35.95 36.06 -33.29
C PHE F 321 36.82 36.78 -32.26
N ILE F 322 37.90 36.16 -31.81
CA ILE F 322 38.65 36.69 -30.66
C ILE F 322 39.11 38.11 -30.95
N PRO F 323 38.82 39.07 -30.07
CA PRO F 323 39.23 40.46 -30.32
C PRO F 323 40.63 40.78 -29.82
N SER F 324 41.22 41.79 -30.45
CA SER F 324 42.41 42.42 -29.94
C SER F 324 42.03 43.54 -28.97
N GLU F 325 43.02 44.15 -28.33
CA GLU F 325 42.73 45.26 -27.43
C GLU F 325 42.11 46.40 -28.21
N GLY F 326 41.12 47.05 -27.61
CA GLY F 326 40.40 48.11 -28.31
C GLY F 326 39.33 47.62 -29.27
N GLU F 327 39.03 46.32 -29.24
CA GLU F 327 37.98 45.72 -30.03
C GLU F 327 37.11 44.91 -29.08
N VAL F 328 35.83 44.76 -29.42
CA VAL F 328 35.00 43.77 -28.73
C VAL F 328 34.93 42.47 -29.52
N LEU F 329 35.16 42.52 -30.83
CA LEU F 329 35.28 41.34 -31.65
C LEU F 329 36.31 41.62 -32.74
N SER F 330 36.87 40.56 -33.29
CA SER F 330 37.68 40.71 -34.49
C SER F 330 36.84 41.39 -35.57
N PRO F 331 37.48 41.93 -36.61
CA PRO F 331 36.69 42.44 -37.74
C PRO F 331 35.72 41.41 -38.28
N LEU F 332 36.14 40.14 -38.41
CA LEU F 332 35.24 39.11 -38.92
C LEU F 332 34.02 38.96 -38.02
N GLY F 333 34.23 38.89 -36.71
CA GLY F 333 33.10 38.79 -35.79
C GLY F 333 32.19 40.00 -35.86
N ARG F 334 32.79 41.19 -36.01
CA ARG F 334 31.99 42.40 -36.12
C ARG F 334 31.10 42.37 -37.35
N ALA F 335 31.64 41.89 -38.48
CA ALA F 335 30.85 41.78 -39.69
C ALA F 335 29.77 40.71 -39.55
N TYR F 336 30.09 39.61 -38.86
CA TYR F 336 29.08 38.59 -38.56
C TYR F 336 27.92 39.20 -37.78
N ALA F 337 28.23 39.95 -36.72
CA ALA F 337 27.20 40.65 -35.94
C ALA F 337 26.40 41.59 -36.82
N GLY F 338 27.07 42.33 -37.71
CA GLY F 338 26.35 43.17 -38.65
C GLY F 338 25.35 42.39 -39.48
N GLY F 339 25.75 41.20 -39.92
CA GLY F 339 24.83 40.35 -40.67
C GLY F 339 23.66 39.89 -39.84
N LEU F 340 23.91 39.52 -38.58
CA LEU F 340 22.81 39.12 -37.70
C LEU F 340 21.81 40.25 -37.55
N LEU F 341 22.31 41.47 -37.31
CA LEU F 341 21.43 42.61 -37.12
C LEU F 341 20.64 42.94 -38.39
N ALA F 342 21.33 43.04 -39.54
CA ALA F 342 20.65 43.46 -40.75
C ALA F 342 19.52 42.52 -41.14
N ASN F 343 19.67 41.22 -40.84
CA ASN F 343 18.70 40.22 -41.27
C ASN F 343 17.77 39.79 -40.15
N GLY F 344 17.83 40.47 -39.00
CA GLY F 344 17.07 40.03 -37.84
C GLY F 344 15.57 40.06 -38.03
N SER F 345 15.07 41.01 -38.83
CA SER F 345 13.63 41.07 -39.06
C SER F 345 13.19 40.00 -40.06
N ALA F 346 13.91 39.86 -41.17
CA ALA F 346 13.58 38.83 -42.15
C ALA F 346 13.72 37.43 -41.58
N ALA F 347 14.66 37.23 -40.65
CA ALA F 347 14.86 35.92 -40.01
C ALA F 347 13.94 35.69 -38.82
N SER F 348 13.09 36.65 -38.47
CA SER F 348 12.36 36.58 -37.21
C SER F 348 11.44 35.35 -37.15
N SER F 349 10.80 35.01 -38.26
CA SER F 349 9.91 33.86 -38.25
C SER F 349 10.67 32.55 -38.06
N PHE F 350 11.96 32.54 -38.34
CA PHE F 350 12.76 31.34 -38.12
C PHE F 350 13.30 31.26 -36.70
N THR F 351 13.78 32.38 -36.15
CA THR F 351 14.23 32.38 -34.75
C THR F 351 13.05 32.34 -33.79
N THR F 352 11.89 32.82 -34.23
CA THR F 352 10.72 33.00 -33.37
C THR F 352 9.48 32.60 -34.16
N PRO F 353 9.29 31.30 -34.37
CA PRO F 353 8.22 30.85 -35.29
C PRO F 353 6.81 30.87 -34.72
N THR F 354 6.63 30.88 -33.40
CA THR F 354 5.28 30.76 -32.84
C THR F 354 4.65 32.13 -32.63
N VAL F 355 3.32 32.19 -32.76
CA VAL F 355 2.60 33.40 -32.42
C VAL F 355 2.97 33.85 -31.02
N ASN F 356 3.08 32.89 -30.11
CA ASN F 356 3.30 33.16 -28.69
C ASN F 356 4.69 33.72 -28.41
N GLY F 357 5.68 33.41 -29.26
CA GLY F 357 7.03 33.90 -29.05
C GLY F 357 7.15 35.40 -29.12
N TYR F 358 6.23 36.07 -29.81
CA TYR F 358 6.32 37.51 -29.90
C TYR F 358 5.87 38.20 -28.63
N ARG F 359 5.40 37.43 -27.65
CA ARG F 359 5.19 38.04 -26.34
C ARG F 359 6.49 38.57 -25.77
N ARG F 360 7.64 38.09 -26.28
CA ARG F 360 8.92 38.62 -25.81
C ARG F 360 9.35 39.91 -26.53
N ARG F 361 8.60 40.38 -27.53
CA ARG F 361 9.02 41.56 -28.31
C ARG F 361 8.49 42.80 -27.61
N GLN F 362 9.15 43.17 -26.52
CA GLN F 362 8.76 44.32 -25.72
C GLN F 362 9.96 44.77 -24.91
N PRO F 363 9.99 46.03 -24.50
CA PRO F 363 11.17 46.56 -23.80
C PRO F 363 11.19 46.17 -22.32
N TYR F 364 12.34 46.43 -21.70
CA TYR F 364 12.54 46.26 -20.27
C TYR F 364 12.23 44.82 -19.83
N SER F 365 12.60 43.86 -20.68
CA SER F 365 12.30 42.45 -20.47
C SER F 365 13.52 41.56 -20.39
N LEU F 366 14.72 42.09 -20.66
CA LEU F 366 15.92 41.28 -20.91
C LEU F 366 15.77 40.40 -22.13
N ALA F 367 14.86 40.76 -23.03
CA ALA F 367 14.74 40.24 -24.37
C ALA F 367 14.77 41.38 -25.38
N PRO F 368 15.14 41.12 -26.63
CA PRO F 368 15.33 42.22 -27.58
C PRO F 368 14.02 42.67 -28.22
N ASP F 369 13.87 43.99 -28.36
CA ASP F 369 12.77 44.59 -29.12
C ASP F 369 13.24 45.33 -30.35
N ARG F 370 14.55 45.43 -30.58
CA ARG F 370 15.09 46.13 -31.73
C ARG F 370 16.42 45.48 -32.11
N ARG F 371 16.89 45.83 -33.30
CA ARG F 371 18.12 45.27 -33.86
C ARG F 371 19.32 46.10 -33.40
N ALA F 372 19.72 45.87 -32.16
CA ALA F 372 20.85 46.57 -31.57
C ALA F 372 21.87 45.56 -31.06
N TRP F 373 23.14 45.94 -31.10
CA TRP F 373 24.19 45.13 -30.50
C TRP F 373 24.88 45.92 -29.40
N ALA F 374 25.44 45.20 -28.45
CA ALA F 374 26.03 45.83 -27.27
C ALA F 374 27.00 44.85 -26.64
N LYS F 375 27.93 45.39 -25.85
CA LYS F 375 28.89 44.57 -25.12
C LYS F 375 28.32 44.24 -23.75
N ASP F 376 28.04 42.95 -23.51
CA ASP F 376 27.65 42.47 -22.19
C ASP F 376 26.42 43.18 -21.65
N ASN F 377 25.45 43.48 -22.52
CA ASN F 377 24.21 44.12 -22.09
C ASN F 377 23.05 43.22 -22.49
N LYS F 378 22.28 42.79 -21.51
CA LYS F 378 21.24 41.79 -21.76
C LYS F 378 19.94 42.40 -22.29
N ALA F 379 19.94 43.69 -22.60
CA ALA F 379 18.82 44.31 -23.28
C ALA F 379 18.95 44.28 -24.80
N ALA F 380 20.11 43.91 -25.32
CA ALA F 380 20.38 43.96 -26.76
C ALA F 380 19.92 42.67 -27.45
N MET F 381 19.73 42.77 -28.76
CA MET F 381 19.50 41.57 -29.56
C MET F 381 20.79 40.78 -29.68
N VAL F 382 21.88 41.45 -30.03
CA VAL F 382 23.19 40.85 -30.22
C VAL F 382 24.09 41.32 -29.08
N ARG F 383 24.33 40.43 -28.12
CA ARG F 383 25.16 40.72 -26.96
C ARG F 383 26.52 40.06 -27.14
N VAL F 384 27.58 40.86 -27.10
CA VAL F 384 28.94 40.35 -27.25
C VAL F 384 29.46 39.93 -25.89
N VAL F 385 30.04 38.73 -25.81
CA VAL F 385 30.74 38.30 -24.61
C VAL F 385 32.16 37.99 -25.04
N SER F 386 33.12 38.80 -24.59
CA SER F 386 34.48 38.66 -25.11
C SER F 386 35.46 39.31 -24.16
N ALA F 387 36.73 38.96 -24.38
CA ALA F 387 37.87 39.56 -23.70
C ALA F 387 39.07 39.37 -24.60
N THR F 388 40.03 40.28 -24.51
CA THR F 388 41.20 40.21 -25.38
C THR F 388 41.83 38.81 -25.28
N GLY F 389 41.99 38.17 -26.43
CA GLY F 389 42.60 36.85 -26.46
C GLY F 389 41.78 35.74 -25.84
N ASP F 390 40.52 35.99 -25.48
CA ASP F 390 39.71 34.98 -24.81
C ASP F 390 39.01 34.11 -25.85
N PRO F 391 39.31 32.80 -25.90
CA PRO F 391 38.64 31.93 -26.88
C PRO F 391 37.16 31.70 -26.60
N ALA F 392 36.64 32.14 -25.47
CA ALA F 392 35.20 32.11 -25.26
C ALA F 392 34.48 33.27 -25.94
N SER F 393 35.23 34.19 -26.55
CA SER F 393 34.64 35.35 -27.19
C SER F 393 33.63 34.91 -28.24
N ARG F 394 32.46 35.54 -28.24
CA ARG F 394 31.34 35.02 -28.99
C ARG F 394 30.24 36.08 -29.05
N ILE F 395 29.25 35.81 -29.90
CA ILE F 395 28.01 36.57 -29.96
C ILE F 395 26.91 35.72 -29.35
N GLU F 396 26.09 36.34 -28.51
CA GLU F 396 24.85 35.72 -28.05
C GLU F 396 23.71 36.48 -28.70
N ASN F 397 22.93 35.79 -29.53
CA ASN F 397 21.71 36.35 -30.11
C ASN F 397 20.55 35.97 -29.22
N ARG F 398 19.94 36.97 -28.59
CA ARG F 398 18.91 36.73 -27.59
C ARG F 398 17.50 36.69 -28.17
N ILE F 399 17.37 36.67 -29.51
CA ILE F 399 16.07 36.81 -30.13
C ILE F 399 15.27 35.51 -30.14
N GLY F 400 15.92 34.36 -30.05
CA GLY F 400 15.23 33.11 -30.25
C GLY F 400 14.31 32.75 -29.11
N GLU F 401 13.32 31.90 -29.43
CA GLU F 401 12.42 31.32 -28.45
C GLU F 401 12.68 29.83 -28.30
N PRO F 402 12.44 29.25 -27.13
CA PRO F 402 12.80 27.84 -26.92
C PRO F 402 12.10 26.90 -27.88
N GLY F 403 10.91 27.24 -28.36
CA GLY F 403 10.19 26.38 -29.28
C GLY F 403 10.63 26.48 -30.73
N ALA F 404 11.72 27.18 -31.00
CA ALA F 404 12.20 27.28 -32.37
C ALA F 404 12.62 25.91 -32.88
N ASN F 405 12.46 25.72 -34.18
CA ASN F 405 13.01 24.55 -34.86
C ASN F 405 14.53 24.68 -34.84
N PRO F 406 15.27 23.76 -34.19
CA PRO F 406 16.72 24.00 -34.08
C PRO F 406 17.41 24.19 -35.42
N TYR F 407 16.97 23.45 -36.44
CA TYR F 407 17.61 23.57 -37.75
C TYR F 407 17.39 24.94 -38.36
N LEU F 408 16.15 25.46 -38.28
CA LEU F 408 15.89 26.75 -38.91
C LEU F 408 16.51 27.89 -38.13
N TYR F 409 16.50 27.81 -36.80
CA TYR F 409 17.16 28.82 -35.99
C TYR F 409 18.65 28.89 -36.31
N MET F 410 19.34 27.75 -36.19
CA MET F 410 20.79 27.76 -36.41
C MET F 410 21.14 28.12 -37.86
N ALA F 411 20.38 27.61 -38.83
CA ALA F 411 20.68 27.94 -40.22
C ALA F 411 20.44 29.43 -40.48
N SER F 412 19.41 30.02 -39.88
CA SER F 412 19.20 31.45 -40.05
C SER F 412 20.37 32.23 -39.48
N GLN F 413 20.94 31.76 -38.36
CA GLN F 413 22.10 32.45 -37.81
C GLN F 413 23.30 32.36 -38.74
N ILE F 414 23.58 31.16 -39.24
CA ILE F 414 24.71 31.00 -40.17
C ILE F 414 24.53 31.89 -41.39
N VAL F 415 23.34 31.86 -41.99
CA VAL F 415 23.11 32.61 -43.23
C VAL F 415 23.23 34.10 -42.99
N SER F 416 22.66 34.60 -41.89
CA SER F 416 22.75 36.03 -41.57
C SER F 416 24.19 36.45 -41.35
N GLY F 417 24.91 35.71 -40.50
CA GLY F 417 26.28 36.10 -40.19
C GLY F 417 27.18 36.03 -41.40
N LEU F 418 27.01 35.00 -42.22
CA LEU F 418 27.79 34.91 -43.44
C LEU F 418 27.46 36.06 -44.39
N ASP F 419 26.19 36.47 -44.43
CA ASP F 419 25.83 37.63 -45.25
C ASP F 419 26.56 38.88 -44.76
N GLY F 420 26.64 39.05 -43.43
CA GLY F 420 27.38 40.17 -42.90
C GLY F 420 28.86 40.11 -43.27
N ILE F 421 29.46 38.93 -43.22
CA ILE F 421 30.87 38.80 -43.58
C ILE F 421 31.08 39.14 -45.05
N LYS F 422 30.31 38.49 -45.93
CA LYS F 422 30.53 38.65 -47.37
C LYS F 422 30.32 40.09 -47.81
N ASN F 423 29.33 40.77 -47.25
CA ASN F 423 29.01 42.14 -47.63
C ASN F 423 29.61 43.16 -46.69
N LYS F 424 30.50 42.74 -45.79
CA LYS F 424 31.20 43.62 -44.86
C LYS F 424 30.24 44.58 -44.17
N LYS F 425 29.15 44.03 -43.64
CA LYS F 425 28.12 44.85 -43.03
C LYS F 425 28.58 45.36 -41.67
N ASP F 426 28.25 46.62 -41.39
CA ASP F 426 28.70 47.31 -40.19
C ASP F 426 27.57 47.34 -39.17
N PRO F 427 27.77 46.80 -37.96
CA PRO F 427 26.69 46.81 -36.97
C PRO F 427 26.40 48.20 -36.40
N GLY F 428 27.25 49.20 -36.63
CA GLY F 428 27.08 50.49 -36.01
C GLY F 428 27.68 50.54 -34.62
N GLU F 429 27.27 51.54 -33.86
CA GLU F 429 27.86 51.77 -32.54
C GLU F 429 27.27 50.80 -31.52
N LEU F 430 28.11 50.35 -30.60
CA LEU F 430 27.62 49.57 -29.47
C LEU F 430 26.67 50.42 -28.64
N GLN F 431 25.53 49.85 -28.28
CA GLN F 431 24.48 50.59 -27.59
C GLN F 431 24.56 50.37 -26.08
N GLU F 432 24.74 51.45 -25.33
CA GLU F 432 24.80 51.38 -23.87
C GLU F 432 23.42 51.17 -23.25
N SER F 433 22.36 51.64 -23.92
CA SER F 433 20.99 51.44 -23.46
C SER F 433 20.17 51.01 -24.66
N PRO F 434 20.18 49.69 -25.03
CA PRO F 434 19.40 49.20 -26.16
C PRO F 434 17.93 49.64 -26.25
N TYR F 435 17.26 49.83 -25.12
CA TYR F 435 15.81 50.16 -25.18
C TYR F 435 15.59 51.63 -25.56
N ASP F 436 16.67 52.40 -25.70
CA ASP F 436 16.57 53.81 -26.16
C ASP F 436 17.29 53.94 -27.50
N ALA F 437 17.82 52.83 -28.01
CA ALA F 437 18.62 52.87 -29.25
C ALA F 437 17.78 53.25 -30.47
N GLN F 438 18.31 54.15 -31.28
CA GLN F 438 17.63 54.57 -32.54
C GLN F 438 18.10 53.63 -33.64
N VAL F 439 17.62 52.39 -33.60
CA VAL F 439 18.01 51.36 -34.60
C VAL F 439 16.71 50.67 -35.01
N PRO F 440 16.67 49.89 -36.11
CA PRO F 440 15.41 49.31 -36.55
C PRO F 440 14.70 48.39 -35.54
N MET F 441 13.42 48.63 -35.30
CA MET F 441 12.62 47.81 -34.37
C MET F 441 12.37 46.42 -34.96
N LEU F 442 12.26 45.41 -34.10
CA LEU F 442 11.95 44.06 -34.54
C LEU F 442 10.44 43.88 -34.72
N PRO F 443 10.04 42.92 -35.55
CA PRO F 443 8.61 42.59 -35.65
C PRO F 443 7.99 42.29 -34.29
N THR F 444 6.77 42.79 -34.08
CA THR F 444 6.04 42.55 -32.84
C THR F 444 4.97 41.46 -32.97
N THR F 445 4.72 40.95 -34.18
CA THR F 445 3.80 39.85 -34.39
C THR F 445 4.37 38.92 -35.45
N LEU F 446 3.88 37.68 -35.44
CA LEU F 446 4.28 36.73 -36.47
C LEU F 446 3.98 37.27 -37.86
N ALA F 447 2.83 37.93 -38.02
CA ALA F 447 2.47 38.50 -39.32
C ALA F 447 3.49 39.53 -39.76
N GLU F 448 3.94 40.39 -38.84
CA GLU F 448 4.97 41.36 -39.19
C GLU F 448 6.27 40.68 -39.61
N ALA F 449 6.62 39.58 -38.93
CA ALA F 449 7.82 38.84 -39.30
C ALA F 449 7.69 38.26 -40.70
N LEU F 450 6.52 37.73 -41.04
CA LEU F 450 6.30 37.18 -42.37
C LEU F 450 6.34 38.28 -43.42
N ASP F 451 5.79 39.44 -43.12
CA ASP F 451 5.90 40.58 -44.03
C ASP F 451 7.35 40.95 -44.28
N ALA F 452 8.15 41.01 -43.21
CA ALA F 452 9.56 41.36 -43.38
C ALA F 452 10.26 40.36 -44.28
N LEU F 453 9.99 39.07 -44.08
CA LEU F 453 10.61 38.07 -44.94
C LEU F 453 10.13 38.18 -46.39
N GLU F 454 8.82 38.35 -46.59
CA GLU F 454 8.28 38.41 -47.95
C GLU F 454 8.86 39.58 -48.72
N HIS F 455 8.97 40.75 -48.08
CA HIS F 455 9.49 41.93 -48.77
C HIS F 455 11.01 42.00 -48.78
N ASP F 456 11.71 41.07 -48.12
CA ASP F 456 13.19 40.99 -48.13
C ASP F 456 13.58 39.51 -48.09
N SER F 457 13.30 38.78 -49.18
CA SER F 457 13.46 37.31 -49.20
C SER F 457 14.70 36.79 -49.90
N GLU F 458 15.44 37.63 -50.60
CA GLU F 458 16.54 37.13 -51.45
C GLU F 458 17.55 36.26 -50.70
N LEU F 459 18.02 36.70 -49.54
CA LEU F 459 19.09 35.93 -48.84
C LEU F 459 18.57 34.54 -48.43
N PHE F 460 17.39 34.50 -47.84
CA PHE F 460 16.87 33.20 -47.35
C PHE F 460 16.42 32.34 -48.55
N ARG F 461 15.92 32.97 -49.62
CA ARG F 461 15.58 32.19 -50.83
C ARG F 461 16.88 31.60 -51.39
N SER F 462 17.95 32.38 -51.40
CA SER F 462 19.20 31.89 -51.97
C SER F 462 19.79 30.76 -51.17
N CYS F 463 19.64 30.80 -49.85
CA CYS F 463 20.27 29.77 -49.02
C CYS F 463 19.31 28.65 -48.62
N PHE F 464 18.09 28.97 -48.20
CA PHE F 464 17.11 27.95 -47.84
C PHE F 464 16.40 27.36 -49.06
N GLY F 465 16.29 28.11 -50.14
CA GLY F 465 15.64 27.61 -51.35
C GLY F 465 14.32 28.31 -51.63
N ASP F 466 14.07 28.58 -52.93
CA ASP F 466 12.84 29.25 -53.33
C ASP F 466 11.60 28.47 -52.90
N THR F 467 11.61 27.16 -53.16
CA THR F 467 10.45 26.33 -52.84
C THR F 467 10.17 26.35 -51.35
N PHE F 468 11.20 26.21 -50.52
CA PHE F 468 10.97 26.23 -49.07
C PHE F 468 10.38 27.57 -48.63
N ILE F 469 10.86 28.68 -49.17
CA ILE F 469 10.37 29.98 -48.71
C ILE F 469 8.92 30.18 -49.11
N LYS F 470 8.57 29.81 -50.35
CA LYS F 470 7.16 29.87 -50.76
C LYS F 470 6.29 29.02 -49.83
N TYR F 471 6.73 27.78 -49.58
CA TYR F 471 5.99 26.90 -48.68
C TYR F 471 5.85 27.51 -47.29
N TRP F 472 6.96 28.00 -46.74
CA TRP F 472 6.98 28.55 -45.39
C TRP F 472 6.02 29.71 -45.26
N LEU F 473 6.09 30.65 -46.20
CA LEU F 473 5.22 31.81 -46.17
C LEU F 473 3.75 31.39 -46.20
N GLN F 474 3.37 30.52 -47.14
CA GLN F 474 1.97 30.10 -47.22
C GLN F 474 1.52 29.45 -45.91
N LEU F 475 2.31 28.49 -45.41
CA LEU F 475 1.95 27.77 -44.18
C LEU F 475 1.78 28.72 -42.99
N ARG F 476 2.82 29.50 -42.69
CA ARG F 476 2.76 30.34 -41.49
C ARG F 476 1.66 31.38 -41.61
N ARG F 477 1.39 31.89 -42.82
CA ARG F 477 0.30 32.83 -42.97
C ARG F 477 -1.06 32.17 -42.66
N SER F 478 -1.23 30.91 -43.07
CA SER F 478 -2.49 30.24 -42.70
C SER F 478 -2.63 30.14 -41.18
N GLU F 479 -1.50 29.90 -40.50
CA GLU F 479 -1.58 29.82 -39.04
C GLU F 479 -1.95 31.18 -38.42
N TRP F 480 -1.32 32.25 -38.91
CA TRP F 480 -1.68 33.58 -38.40
C TRP F 480 -3.14 33.88 -38.65
N ALA F 481 -3.66 33.50 -39.81
CA ALA F 481 -5.08 33.73 -40.09
C ALA F 481 -5.97 32.99 -39.08
N ARG F 482 -5.59 31.76 -38.73
CA ARG F 482 -6.34 31.05 -37.69
C ARG F 482 -6.32 31.82 -36.36
N PHE F 483 -5.14 32.29 -35.96
CA PHE F 483 -5.05 33.04 -34.70
C PHE F 483 -5.94 34.28 -34.76
N LEU F 484 -5.84 35.04 -35.85
CA LEU F 484 -6.63 36.25 -36.01
C LEU F 484 -8.12 35.95 -35.91
N ASP F 485 -8.57 34.89 -36.58
CA ASP F 485 -9.98 34.54 -36.53
C ASP F 485 -10.42 34.16 -35.11
N ALA F 486 -9.53 33.51 -34.35
CA ALA F 486 -9.95 33.05 -33.03
C ALA F 486 -9.87 34.13 -31.95
N GLU F 487 -8.92 35.06 -32.03
CA GLU F 487 -8.69 35.99 -30.94
C GLU F 487 -8.78 37.47 -31.30
N GLY F 488 -8.70 37.82 -32.58
CA GLY F 488 -8.73 39.21 -32.99
C GLY F 488 -7.35 39.87 -32.97
N ALA F 489 -7.25 40.96 -33.71
CA ALA F 489 -5.95 41.62 -33.89
C ALA F 489 -5.46 42.26 -32.59
N GLU F 490 -6.36 42.88 -31.84
CA GLU F 490 -5.94 43.56 -30.61
C GLU F 490 -5.19 42.62 -29.69
N ALA F 491 -5.56 41.33 -29.66
CA ALA F 491 -4.94 40.37 -28.76
C ALA F 491 -3.49 40.09 -29.12
N ALA F 492 -3.06 40.41 -30.33
CA ALA F 492 -1.68 40.10 -30.73
C ALA F 492 -0.66 41.06 -30.10
N GLU F 493 -1.10 42.20 -29.57
CA GLU F 493 -0.21 43.15 -28.92
C GLU F 493 0.70 42.43 -27.92
N PRO F 494 2.03 42.55 -28.05
CA PRO F 494 2.93 41.73 -27.22
C PRO F 494 2.69 41.82 -25.71
N THR F 495 2.34 42.99 -25.18
CA THR F 495 2.12 43.10 -23.74
C THR F 495 0.78 42.54 -23.29
N GLY F 496 -0.08 42.16 -24.24
CA GLY F 496 -1.37 41.59 -23.88
C GLY F 496 -1.24 40.23 -23.22
N ALA F 497 -2.32 39.81 -22.58
CA ALA F 497 -2.35 38.51 -21.93
C ALA F 497 -2.26 37.39 -22.95
N VAL F 498 -1.66 36.27 -22.53
CA VAL F 498 -1.59 35.10 -23.39
C VAL F 498 -2.99 34.56 -23.62
N THR F 499 -3.33 34.31 -24.88
CA THR F 499 -4.67 33.88 -25.25
C THR F 499 -4.81 32.36 -25.13
N GLN F 500 -6.06 31.91 -25.03
CA GLN F 500 -6.32 30.47 -25.04
C GLN F 500 -5.88 29.83 -26.35
N TRP F 501 -5.96 30.55 -27.47
CA TRP F 501 -5.49 29.99 -28.74
C TRP F 501 -4.03 29.60 -28.65
N GLU F 502 -3.19 30.48 -28.07
CA GLU F 502 -1.77 30.16 -27.92
C GLU F 502 -1.56 28.93 -27.05
N GLN F 503 -2.25 28.86 -25.91
CA GLN F 503 -2.12 27.70 -25.04
C GLN F 503 -2.51 26.41 -25.76
N LYS F 504 -3.62 26.44 -26.50
CA LYS F 504 -4.11 25.23 -27.16
C LYS F 504 -3.38 24.93 -28.45
N GLU F 505 -2.56 25.86 -28.95
CA GLU F 505 -1.71 25.60 -30.10
C GLU F 505 -0.36 25.02 -29.71
N TYR F 506 0.25 25.52 -28.62
CA TYR F 506 1.66 25.26 -28.36
C TYR F 506 1.97 24.48 -27.07
N PHE F 507 1.10 24.54 -26.05
CA PHE F 507 1.50 24.04 -24.73
C PHE F 507 1.78 22.54 -24.76
N ASN F 508 0.94 21.75 -25.42
CA ASN F 508 1.09 20.28 -25.37
C ASN F 508 2.31 19.79 -26.15
N LEU F 509 2.52 20.32 -27.36
CA LEU F 509 3.49 19.73 -28.28
C LEU F 509 4.87 20.37 -28.22
N LEU F 510 4.96 21.65 -27.88
CA LEU F 510 6.25 22.32 -27.83
C LEU F 510 6.85 22.18 -26.44
#